data_7N28
#
_entry.id   7N28
#
_cell.length_a   1.00
_cell.length_b   1.00
_cell.length_c   1.00
_cell.angle_alpha   90.00
_cell.angle_beta   90.00
_cell.angle_gamma   90.00
#
_symmetry.space_group_name_H-M   'P 1'
#
loop_
_entity.id
_entity.type
_entity.pdbx_description
1 polymer 'Envelope glycoprotein gp120'
2 polymer '3BNC117 antibody heavy chain'
3 polymer '3BNC117 antibody light chain'
4 polymer 'J033 antibody heavy chain'
5 polymer 'J033 antibody light chain'
6 polymer 'Envelope glycoprotein gp41'
7 branched 2-acetamido-2-deoxy-beta-D-glucopyranose-(1-4)-2-acetamido-2-deoxy-beta-D-glucopyranose
8 branched alpha-D-mannopyranose-(1-2)-alpha-D-mannopyranose-(1-2)-alpha-D-mannopyranose-(1-3)-[alpha-D-mannopyranose-(1-3)-alpha-D-mannopyranose-(1-6)]beta-D-mannopyranose-(1-4)-2-acetamido-2-deoxy-beta-D-glucopyranose-(1-4)-2-acetamido-2-deoxy-beta-D-glucopyranose
9 branched alpha-D-mannopyranose-(1-3)-[alpha-D-mannopyranose-(1-6)]alpha-D-mannopyranose-(1-6)-[alpha-D-mannopyranose-(1-3)]beta-D-mannopyranose-(1-4)-2-acetamido-2-deoxy-beta-D-glucopyranose-(1-4)-2-acetamido-2-deoxy-beta-D-glucopyranose
10 branched beta-D-mannopyranose-(1-4)-2-acetamido-2-deoxy-beta-D-glucopyranose-(1-4)-2-acetamido-2-deoxy-beta-D-glucopyranose
11 branched alpha-D-mannopyranose-(1-6)-beta-D-mannopyranose-(1-4)-2-acetamido-2-deoxy-beta-D-glucopyranose-(1-4)-2-acetamido-2-deoxy-beta-D-glucopyranose
12 branched alpha-D-mannopyranose-(1-6)-alpha-D-mannopyranose-(1-6)-[alpha-D-mannopyranose-(1-3)]beta-D-mannopyranose-(1-4)-2-acetamido-2-deoxy-beta-D-glucopyranose-(1-4)-2-acetamido-2-deoxy-beta-D-glucopyranose
13 branched alpha-D-mannopyranose-(1-2)-alpha-D-mannopyranose-(1-3)-[alpha-D-mannopyranose-(1-6)]beta-D-mannopyranose-(1-4)-2-acetamido-2-deoxy-beta-D-glucopyranose-(1-4)-2-acetamido-2-deoxy-beta-D-glucopyranose
14 branched alpha-D-mannopyranose-(1-3)-beta-D-mannopyranose-(1-4)-2-acetamido-2-deoxy-beta-D-glucopyranose-(1-4)-2-acetamido-2-deoxy-beta-D-glucopyranose
15 non-polymer 2-acetamido-2-deoxy-beta-D-glucopyranose
16 non-polymer 'PHOSPHATE ION'
17 non-polymer alpha-D-mannopyranose
#
loop_
_entity_poly.entity_id
_entity_poly.type
_entity_poly.pdbx_seq_one_letter_code
_entity_poly.pdbx_strand_id
1 'polypeptide(L)'
;AENLWVTVYYGVPVWKDADTTLFCASDAKAHETEAHNIWATHACVPTDPNPQEIYMENVTENFNMWKNNMVEQMQEDIIS
LWDQSLKPCVKLTPLCVTLSCTNVTLTNVNYTNNFPNIGNITDEVRNCSFNVTTEIRDKKQKVYALFYKLDIVQMENKNS
YRLINCNTSVCKQACPKISFDPIPIHYCTPAGYAILKCNEKNFNGTGPCKNVSSVQCTHGIKPVVSTQLLLNGSLAEGEI
IIRSENLTNNAKTIIVHLNKSVEINCTRPSNNTRTSVTIGPGQVFYRTGDIIGDIRKAYCEINGTKWNETLKQVVGKLKE
HFPNKTISFQPPSGGDLEITMHHFNCRGEFFYCNTTQLFNSTWINSTTIKEYNDTIIYLPCKIKQIINMWQGVGQCMYAP
PIRGKINCVSNITGILLTRDGGDANATNDTETFRPGGGNIKDNWRSELYKYKVVQIEPLGIAPTKCKRRVVERRRRRR
;
A,F,G
2 'polypeptide(L)'
;QVQLLQSGAAVTKPGASVRVSCEASGYNIRDYFIHWWRQAPGQGLQWVGWINPKTGQPNNPRQFQGRVSLTRHASWDFDT
YSFYMDLKALRSDDTAVYFCARQRSDYWDFDVWGSGTQVTVSSASTKGPSVFPLAPSSKSTSGGTAALGCLVKDYFPEPV
TVSWNSGALTSGVHTFPAVLQSSGLYSLSSVVTVPSSSLGTQTYICNVNHKPSNTKVDKKVEPKSC
;
C,J,S
3 'polypeptide(L)'
;DIQMTQSPSSLSASVGDTVTITCQANGYLNWYQQRRGKAPKLLIYDGSKLERGVPSRFSGRRWGQEYNLTINNLQPEDIA
TYFCQVYEFVVPGTRLDLKRTVAAPSVFIFPPSDEQLKSGTASVVCLLNNFYPREAKVQWKVDNALQSGNSQESVTEQDS
KDSTYSLSSTLTLSKADYEKHKVYACEVTHQGLSSPVTKSFNRGEC
;
D,K,U
4 'polypeptide(L)'
;QIHLQESGPGLVRPSETLSLTCDVSGGAFNDAYCSWIRRLPGGSLEWIGRISGRDGYVESNPSLTGRVTMSIDATWKKIV
LRLTSVTASDTATYFCAGETPEDDFGYYQPYFKSWGQGLLVTVSSASTKGPSVFPLAPSSKSTSGGTAALGCLVKDYFPE
PVTVSWNSGALTSGVHTFPAVLQSSGLYSLSSVVTVPSSSLGTQTYICNVNHKPSNTKVDKKVEPKSCDK
;
X
5 'polypeptide(L)'
;DIQLIQSPSSVSASVGDRVTITCRSTQAIGTDLAWYQATPGTAPKLLIYHSFARHEGVPSRFSAGGSGSEFSLTITGLQP
EDFATFFCQHYKRLPLTFGGGTKVEVKRTVAAPSVFIFPPSDEQLKSGTASVVCLLNNFYPREAKVQWKVDNALQSGNSQ
ESVTEQDSKDSTYSLSSTLTLSKADYEKHKVYACEVTHQGLSSPVTKSFNRGEC
;
Y
6 'polypeptide(L)'
;AVGIGAMIFGFLGAAGSTMGAASNTLTVQARQLLSGIVQQQSNLPRAPEAQQHLLQLTVWGIKQLQARVLAVERYLEVQK
FLGLWGCSGKIICCTAVPWNSTWSNKSFEQIWNNMTWIEWEREISNYTSQIYDILTESQFQQDINEVDLLELDGSAPTKA
KRRVVQREKR
;
M,B,N
#
loop_
_chem_comp.id
_chem_comp.type
_chem_comp.name
_chem_comp.formula
BMA D-saccharide, beta linking beta-D-mannopyranose 'C6 H12 O6'
MAN D-saccharide, alpha linking alpha-D-mannopyranose 'C6 H12 O6'
NAG D-saccharide, beta linking 2-acetamido-2-deoxy-beta-D-glucopyranose 'C8 H15 N O6'
PO4 non-polymer 'PHOSPHATE ION' 'O4 P -3'
#
# COMPACT_ATOMS: atom_id res chain seq x y z
N ALA A 1 36.33 -29.05 58.05
CA ALA A 1 35.97 -27.63 58.10
C ALA A 1 36.85 -26.82 57.15
N GLU A 2 38.16 -26.83 57.41
CA GLU A 2 39.10 -26.09 56.58
C GLU A 2 39.13 -26.59 55.15
N ASN A 3 38.64 -27.79 54.91
CA ASN A 3 38.63 -28.39 53.58
C ASN A 3 37.31 -28.16 52.84
N LEU A 4 36.67 -27.03 53.07
CA LEU A 4 35.43 -26.68 52.36
C LEU A 4 35.78 -25.84 51.15
N TRP A 5 35.56 -26.38 49.95
CA TRP A 5 35.87 -25.70 48.70
C TRP A 5 34.67 -25.73 47.78
N VAL A 6 34.56 -24.69 46.95
CA VAL A 6 33.42 -24.56 46.06
C VAL A 6 33.40 -25.69 45.06
N THR A 7 32.20 -26.20 44.77
CA THR A 7 32.02 -27.32 43.85
C THR A 7 30.82 -27.01 42.96
N VAL A 8 31.10 -26.47 41.77
CA VAL A 8 30.03 -26.09 40.86
C VAL A 8 29.39 -27.33 40.26
N TYR A 9 28.07 -27.30 40.10
CA TYR A 9 27.32 -28.40 39.51
C TYR A 9 26.80 -27.98 38.14
N TYR A 10 26.08 -28.90 37.50
CA TYR A 10 25.44 -28.62 36.23
C TYR A 10 24.28 -29.60 36.06
N GLY A 11 23.09 -29.07 35.80
CA GLY A 11 21.90 -29.89 35.73
C GLY A 11 21.12 -29.97 37.02
N VAL A 12 21.36 -29.06 37.95
CA VAL A 12 20.61 -29.09 39.22
C VAL A 12 19.15 -28.80 38.93
N PRO A 13 18.21 -29.47 39.60
CA PRO A 13 16.78 -29.14 39.40
C PRO A 13 16.32 -27.93 40.20
N VAL A 14 16.69 -26.75 39.71
CA VAL A 14 16.34 -25.49 40.35
C VAL A 14 15.68 -24.58 39.32
N TRP A 15 14.52 -24.03 39.67
CA TRP A 15 13.78 -23.15 38.78
C TRP A 15 13.51 -21.81 39.46
N LYS A 16 13.35 -20.78 38.64
CA LYS A 16 12.91 -19.47 39.10
C LYS A 16 11.82 -18.97 38.17
N ASP A 17 10.84 -18.26 38.73
CA ASP A 17 9.73 -17.77 37.94
C ASP A 17 10.20 -16.71 36.95
N ALA A 18 9.54 -16.69 35.79
CA ALA A 18 9.85 -15.74 34.73
C ALA A 18 8.70 -15.77 33.72
N ASP A 19 8.88 -15.02 32.64
CA ASP A 19 7.92 -14.99 31.54
C ASP A 19 8.65 -15.23 30.23
N THR A 20 8.03 -16.02 29.36
CA THR A 20 8.63 -16.41 28.10
C THR A 20 7.57 -16.31 27.00
N THR A 21 7.91 -16.81 25.81
CA THR A 21 7.00 -16.83 24.69
C THR A 21 6.80 -18.28 24.23
N LEU A 22 5.56 -18.62 23.91
CA LEU A 22 5.19 -19.98 23.55
C LEU A 22 4.91 -20.07 22.06
N PHE A 23 4.43 -21.23 21.62
CA PHE A 23 4.09 -21.43 20.22
C PHE A 23 3.04 -22.54 20.11
N CYS A 24 2.30 -22.49 19.02
CA CYS A 24 1.24 -23.48 18.78
C CYS A 24 1.84 -24.86 18.51
N ALA A 25 1.07 -25.89 18.88
CA ALA A 25 1.43 -27.27 18.56
C ALA A 25 0.11 -28.04 18.40
N SER A 26 -0.36 -28.12 17.17
CA SER A 26 -1.65 -28.75 16.91
C SER A 26 -1.53 -30.27 16.96
N ASP A 27 -2.68 -30.92 17.17
CA ASP A 27 -2.72 -32.38 17.18
C ASP A 27 -2.47 -32.92 15.77
N ALA A 28 -1.81 -34.08 15.72
CA ALA A 28 -1.48 -34.68 14.43
C ALA A 28 -2.72 -35.11 13.67
N LYS A 29 -3.60 -35.86 14.33
CA LYS A 29 -4.82 -36.33 13.66
C LYS A 29 -5.78 -35.18 13.36
N ALA A 30 -5.87 -34.22 14.28
CA ALA A 30 -6.78 -33.09 14.10
C ALA A 30 -6.32 -32.12 13.03
N HIS A 31 -5.14 -32.32 12.46
CA HIS A 31 -4.58 -31.45 11.44
C HIS A 31 -4.56 -32.20 10.10
N GLU A 32 -4.28 -31.46 9.02
CA GLU A 32 -4.20 -31.99 7.66
C GLU A 32 -5.55 -32.56 7.22
N THR A 33 -6.55 -31.68 7.19
CA THR A 33 -7.88 -32.00 6.70
C THR A 33 -8.32 -31.08 5.57
N GLU A 34 -7.42 -30.26 5.03
CA GLU A 34 -7.73 -29.30 3.98
C GLU A 34 -8.89 -28.40 4.38
N ALA A 35 -8.86 -27.94 5.63
CA ALA A 35 -9.92 -27.10 6.17
C ALA A 35 -9.59 -25.61 6.12
N HIS A 36 -8.30 -25.26 6.18
CA HIS A 36 -7.87 -23.86 6.21
C HIS A 36 -8.50 -23.12 7.39
N ASN A 37 -8.33 -23.68 8.58
CA ASN A 37 -8.91 -23.11 9.79
C ASN A 37 -8.26 -21.76 10.10
N ILE A 38 -8.85 -21.05 11.06
CA ILE A 38 -8.34 -19.75 11.45
C ILE A 38 -7.34 -19.84 12.61
N TRP A 39 -7.71 -20.53 13.69
CA TRP A 39 -6.82 -20.58 14.85
C TRP A 39 -5.64 -21.52 14.60
N ALA A 40 -5.92 -22.80 14.46
CA ALA A 40 -4.86 -23.81 14.35
C ALA A 40 -4.53 -24.06 12.88
N THR A 41 -3.90 -23.04 12.28
CA THR A 41 -3.55 -23.10 10.88
C THR A 41 -2.50 -24.18 10.64
N HIS A 42 -2.10 -24.33 9.39
CA HIS A 42 -1.14 -25.35 9.00
C HIS A 42 0.27 -25.07 9.50
N ALA A 43 0.52 -23.89 10.06
CA ALA A 43 1.88 -23.49 10.45
C ALA A 43 2.30 -24.04 11.81
N CYS A 44 1.42 -24.73 12.52
CA CYS A 44 1.79 -25.25 13.83
C CYS A 44 2.71 -26.46 13.69
N VAL A 45 3.66 -26.56 14.61
CA VAL A 45 4.52 -27.75 14.68
C VAL A 45 3.71 -28.93 15.19
N PRO A 46 3.87 -30.14 14.64
CA PRO A 46 3.14 -31.30 15.17
C PRO A 46 3.49 -31.54 16.63
N THR A 47 2.49 -31.94 17.40
CA THR A 47 2.66 -32.14 18.83
C THR A 47 3.38 -33.45 19.11
N ASP A 48 3.81 -33.60 20.36
CA ASP A 48 4.40 -34.85 20.81
C ASP A 48 3.29 -35.84 21.14
N PRO A 49 3.24 -37.02 20.50
CA PRO A 49 2.20 -37.98 20.84
C PRO A 49 2.28 -38.52 22.26
N ASN A 50 3.43 -38.40 22.91
CA ASN A 50 3.65 -38.96 24.23
C ASN A 50 4.15 -37.87 25.17
N PRO A 51 3.26 -37.00 25.66
CA PRO A 51 3.66 -36.02 26.66
C PRO A 51 4.00 -36.70 27.97
N GLN A 52 4.95 -36.11 28.68
CA GLN A 52 5.40 -36.64 29.96
C GLN A 52 4.76 -35.87 31.10
N GLU A 53 4.09 -36.59 31.99
CA GLU A 53 3.49 -36.01 33.19
C GLU A 53 4.36 -36.47 34.36
N ILE A 54 5.43 -35.72 34.61
CA ILE A 54 6.41 -36.09 35.63
C ILE A 54 5.95 -35.51 36.95
N TYR A 55 5.89 -36.36 37.96
CA TYR A 55 5.25 -36.03 39.23
C TYR A 55 6.32 -35.61 40.23
N MET A 56 6.47 -34.30 40.43
CA MET A 56 7.31 -33.77 41.51
C MET A 56 6.45 -33.72 42.75
N GLU A 57 6.61 -34.72 43.62
CA GLU A 57 5.72 -34.87 44.76
C GLU A 57 6.03 -33.86 45.85
N ASN A 58 7.28 -33.81 46.28
CA ASN A 58 7.59 -33.65 47.68
C ASN A 58 7.94 -32.20 47.96
N VAL A 59 7.10 -31.30 47.43
CA VAL A 59 7.48 -29.93 47.11
C VAL A 59 6.24 -29.04 47.22
N THR A 60 6.45 -27.73 47.02
CA THR A 60 5.37 -26.75 47.11
C THR A 60 5.73 -25.54 46.25
N GLU A 61 4.78 -25.06 45.45
CA GLU A 61 4.95 -23.87 44.63
C GLU A 61 3.70 -22.99 44.74
N ASN A 62 3.89 -21.68 44.66
CA ASN A 62 2.82 -20.70 44.82
C ASN A 62 2.27 -20.32 43.45
N PHE A 63 1.09 -20.84 43.11
CA PHE A 63 0.41 -20.46 41.88
C PHE A 63 -0.36 -19.17 42.08
N ASN A 64 -0.92 -18.66 40.97
CA ASN A 64 -1.75 -17.46 41.02
C ASN A 64 -2.52 -17.26 39.71
N MET A 65 -3.83 -17.04 39.83
CA MET A 65 -4.60 -16.55 38.70
C MET A 65 -4.61 -15.02 38.72
N TRP A 66 -5.30 -14.43 37.74
CA TRP A 66 -5.45 -12.98 37.60
C TRP A 66 -4.10 -12.30 37.35
N LYS A 67 -3.03 -13.08 37.36
CA LYS A 67 -1.70 -12.59 37.04
C LYS A 67 -0.90 -13.55 36.19
N ASN A 68 -1.49 -14.68 35.77
CA ASN A 68 -0.79 -15.61 34.91
C ASN A 68 -0.53 -14.97 33.56
N ASN A 69 0.75 -14.73 33.26
CA ASN A 69 1.12 -14.00 32.06
C ASN A 69 0.69 -14.69 30.78
N MET A 70 0.41 -16.00 30.84
CA MET A 70 0.11 -16.74 29.62
C MET A 70 -1.15 -16.26 28.94
N VAL A 71 -2.08 -15.66 29.69
CA VAL A 71 -3.34 -15.23 29.07
C VAL A 71 -3.09 -14.12 28.07
N GLU A 72 -2.16 -13.22 28.36
CA GLU A 72 -1.91 -12.09 27.46
C GLU A 72 -1.33 -12.57 26.13
N GLN A 73 -0.34 -13.47 26.17
CA GLN A 73 0.28 -13.94 24.94
C GLN A 73 -0.76 -14.60 24.02
N MET A 74 -1.58 -15.49 24.58
CA MET A 74 -2.51 -16.21 23.74
C MET A 74 -3.69 -15.33 23.33
N GLN A 75 -4.04 -14.34 24.14
CA GLN A 75 -5.04 -13.36 23.71
C GLN A 75 -4.54 -12.57 22.51
N GLU A 76 -3.29 -12.10 22.57
CA GLU A 76 -2.72 -11.39 21.43
C GLU A 76 -2.62 -12.32 20.23
N ASP A 77 -2.32 -13.59 20.46
CA ASP A 77 -2.27 -14.55 19.36
C ASP A 77 -3.63 -14.70 18.69
N ILE A 78 -4.69 -14.82 19.48
CA ILE A 78 -6.03 -14.95 18.92
C ILE A 78 -6.40 -13.70 18.14
N ILE A 79 -6.08 -12.53 18.68
CA ILE A 79 -6.36 -11.29 17.98
C ILE A 79 -5.63 -11.24 16.64
N SER A 80 -4.35 -11.62 16.64
CA SER A 80 -3.56 -11.58 15.40
C SER A 80 -4.08 -12.57 14.38
N LEU A 81 -4.43 -13.79 14.81
CA LEU A 81 -5.00 -14.75 13.88
C LEU A 81 -6.31 -14.24 13.28
N TRP A 82 -7.18 -13.68 14.12
CA TRP A 82 -8.45 -13.15 13.62
C TRP A 82 -8.21 -12.01 12.64
N ASP A 83 -7.21 -11.17 12.91
CA ASP A 83 -6.96 -10.04 12.03
C ASP A 83 -6.38 -10.47 10.70
N GLN A 84 -5.40 -11.39 10.70
CA GLN A 84 -4.81 -11.81 9.44
C GLN A 84 -5.72 -12.74 8.65
N SER A 85 -6.67 -13.40 9.30
CA SER A 85 -7.61 -14.25 8.58
C SER A 85 -8.59 -13.46 7.73
N LEU A 86 -8.63 -12.13 7.87
CA LEU A 86 -9.50 -11.29 7.07
C LEU A 86 -8.76 -10.47 6.03
N LYS A 87 -7.43 -10.39 6.11
CA LYS A 87 -6.68 -9.62 5.13
C LYS A 87 -6.87 -10.10 3.70
N PRO A 88 -6.76 -11.40 3.39
CA PRO A 88 -6.97 -11.83 2.00
C PRO A 88 -8.39 -11.60 1.50
N CYS A 89 -9.37 -11.46 2.39
CA CYS A 89 -10.75 -11.36 1.98
C CYS A 89 -11.05 -9.98 1.42
N VAL A 90 -12.27 -9.83 0.89
CA VAL A 90 -12.67 -8.62 0.17
C VAL A 90 -13.33 -7.65 1.15
N LYS A 91 -13.25 -6.36 0.83
CA LYS A 91 -13.86 -5.31 1.62
C LYS A 91 -15.35 -5.19 1.29
N LEU A 92 -16.02 -4.25 1.96
CA LEU A 92 -17.43 -3.97 1.69
C LEU A 92 -17.70 -2.48 1.61
N THR A 93 -16.71 -1.71 1.18
CA THR A 93 -16.85 -0.26 1.12
C THR A 93 -17.86 0.25 0.09
N PRO A 94 -18.16 -0.45 -1.01
CA PRO A 94 -19.21 0.06 -1.91
C PRO A 94 -20.63 -0.11 -1.38
N LEU A 95 -20.81 -0.77 -0.24
CA LEU A 95 -22.15 -1.03 0.28
C LEU A 95 -22.69 0.11 1.14
N CYS A 96 -21.85 1.06 1.54
CA CYS A 96 -22.32 2.16 2.38
C CYS A 96 -23.11 3.17 1.56
N VAL A 97 -24.29 2.76 1.10
CA VAL A 97 -25.19 3.62 0.34
C VAL A 97 -26.57 3.50 0.96
N THR A 98 -27.40 4.51 0.72
CA THR A 98 -28.74 4.51 1.26
C THR A 98 -29.55 3.36 0.68
N LEU A 99 -30.44 2.80 1.51
CA LEU A 99 -31.27 1.67 1.13
C LEU A 99 -32.72 2.10 1.05
N SER A 100 -33.48 1.36 0.23
CA SER A 100 -34.93 1.53 0.11
C SER A 100 -35.56 0.20 0.51
N CYS A 101 -35.76 0.02 1.81
CA CYS A 101 -36.22 -1.25 2.33
C CYS A 101 -37.74 -1.36 2.20
N THR A 102 -38.24 -2.55 2.49
CA THR A 102 -39.67 -2.79 2.60
C THR A 102 -39.89 -4.03 3.45
N ASN A 103 -40.92 -3.99 4.29
CA ASN A 103 -41.26 -5.15 5.09
C ASN A 103 -41.84 -6.26 4.23
N VAL A 104 -41.60 -7.50 4.68
CA VAL A 104 -41.51 -8.65 3.79
C VAL A 104 -42.90 -9.11 3.36
N THR A 105 -43.05 -9.37 2.05
CA THR A 105 -44.22 -10.03 1.49
C THR A 105 -43.73 -11.23 0.67
N LEU A 106 -44.31 -12.39 0.91
CA LEU A 106 -43.86 -13.60 0.22
C LEU A 106 -44.96 -14.66 0.29
N THR A 107 -44.95 -15.56 -0.68
CA THR A 107 -45.87 -16.71 -0.70
C THR A 107 -45.14 -17.91 -0.11
N ASN A 108 -45.03 -17.90 1.21
CA ASN A 108 -44.35 -18.96 1.95
C ASN A 108 -45.35 -19.96 2.52
N VAL A 109 -44.82 -21.05 3.07
CA VAL A 109 -45.67 -22.10 3.60
C VAL A 109 -46.39 -21.60 4.85
N ASN A 110 -47.56 -22.18 5.12
CA ASN A 110 -48.36 -21.82 6.29
C ASN A 110 -48.46 -22.93 7.33
N TYR A 111 -48.14 -24.17 6.98
CA TYR A 111 -48.12 -25.24 7.98
C TYR A 111 -47.06 -24.98 9.05
N THR A 112 -45.87 -24.56 8.63
CA THR A 112 -44.78 -24.09 9.50
C THR A 112 -44.28 -25.14 10.47
N ASN A 113 -44.86 -26.35 10.44
CA ASN A 113 -44.50 -27.42 11.37
C ASN A 113 -44.50 -26.90 12.81
N ASN A 114 -45.62 -26.31 13.21
CA ASN A 114 -45.67 -25.51 14.42
C ASN A 114 -45.64 -26.35 15.68
N PHE A 115 -44.53 -27.06 15.91
CA PHE A 115 -44.30 -27.71 17.20
C PHE A 115 -43.71 -26.72 18.21
N PRO A 116 -42.68 -25.93 17.87
CA PRO A 116 -42.20 -24.92 18.83
C PRO A 116 -43.27 -23.92 19.22
N ASN A 117 -44.15 -23.56 18.30
CA ASN A 117 -45.21 -22.57 18.50
C ASN A 117 -44.72 -21.38 19.33
N ILE A 118 -43.64 -20.77 18.87
CA ILE A 118 -43.09 -19.58 19.47
C ILE A 118 -43.29 -18.37 18.58
N GLY A 119 -43.04 -18.51 17.28
CA GLY A 119 -43.23 -17.42 16.35
C GLY A 119 -42.38 -17.51 15.10
N ASN A 120 -43.02 -17.23 13.97
CA ASN A 120 -42.39 -17.16 12.67
C ASN A 120 -41.66 -15.82 12.51
N ILE A 121 -40.85 -15.72 11.45
CA ILE A 121 -39.77 -14.73 11.43
C ILE A 121 -40.18 -13.47 10.70
N THR A 122 -41.48 -13.22 10.59
CA THR A 122 -41.95 -11.94 10.10
C THR A 122 -41.45 -10.82 11.01
N ASP A 123 -41.12 -9.68 10.40
CA ASP A 123 -40.59 -8.48 11.05
C ASP A 123 -39.18 -8.69 11.57
N GLU A 124 -38.63 -9.90 11.50
CA GLU A 124 -37.26 -10.14 11.93
C GLU A 124 -36.25 -9.92 10.82
N VAL A 125 -36.70 -9.89 9.57
CA VAL A 125 -35.86 -9.60 8.42
C VAL A 125 -36.56 -8.50 7.61
N ARG A 126 -35.76 -7.80 6.81
CA ARG A 126 -36.27 -6.72 5.98
C ARG A 126 -35.81 -6.92 4.55
N ASN A 127 -36.77 -6.95 3.63
CA ASN A 127 -36.48 -6.98 2.21
C ASN A 127 -36.01 -5.61 1.76
N CYS A 128 -34.71 -5.46 1.55
CA CYS A 128 -34.10 -4.19 1.16
C CYS A 128 -33.47 -4.35 -0.21
N SER A 129 -33.93 -3.56 -1.17
CA SER A 129 -33.40 -3.58 -2.53
C SER A 129 -32.59 -2.30 -2.74
N PHE A 130 -31.27 -2.41 -2.66
CA PHE A 130 -30.39 -1.29 -2.82
C PHE A 130 -29.90 -1.21 -4.27
N ASN A 131 -28.91 -0.36 -4.52
CA ASN A 131 -28.52 0.01 -5.88
C ASN A 131 -27.05 0.39 -5.89
N VAL A 132 -26.22 -0.52 -6.43
CA VAL A 132 -24.77 -0.39 -6.44
C VAL A 132 -24.28 -0.73 -7.84
N THR A 133 -23.06 -0.28 -8.14
CA THR A 133 -22.49 -0.41 -9.47
C THR A 133 -22.04 -1.84 -9.77
N THR A 134 -21.91 -2.12 -11.06
CA THR A 134 -21.39 -3.39 -11.56
C THR A 134 -19.88 -3.25 -11.81
N GLU A 135 -19.30 -4.20 -12.56
CA GLU A 135 -17.86 -4.18 -12.81
C GLU A 135 -17.42 -2.87 -13.42
N ILE A 136 -18.08 -2.44 -14.49
CA ILE A 136 -17.78 -1.14 -15.10
C ILE A 136 -18.30 -0.05 -14.20
N ARG A 137 -17.40 0.88 -13.81
CA ARG A 137 -17.77 1.85 -12.79
C ARG A 137 -18.77 2.89 -13.28
N ASP A 138 -18.98 3.00 -14.60
CA ASP A 138 -19.92 3.98 -15.13
C ASP A 138 -21.36 3.51 -15.10
N LYS A 139 -21.62 2.25 -14.76
CA LYS A 139 -22.96 1.69 -14.78
C LYS A 139 -23.33 1.16 -13.40
N LYS A 140 -24.54 1.44 -12.98
CA LYS A 140 -25.10 0.96 -11.72
C LYS A 140 -26.36 0.16 -11.99
N GLN A 141 -26.62 -0.84 -11.16
CA GLN A 141 -27.77 -1.71 -11.33
C GLN A 141 -28.45 -1.91 -9.98
N LYS A 142 -29.76 -2.19 -10.03
CA LYS A 142 -30.55 -2.43 -8.84
C LYS A 142 -30.52 -3.90 -8.49
N VAL A 143 -30.06 -4.22 -7.29
CA VAL A 143 -30.04 -5.59 -6.77
C VAL A 143 -30.74 -5.61 -5.42
N TYR A 144 -31.57 -6.62 -5.22
CA TYR A 144 -32.28 -6.78 -3.96
C TYR A 144 -31.60 -7.83 -3.10
N ALA A 145 -31.72 -7.66 -1.78
CA ALA A 145 -31.10 -8.57 -0.83
C ALA A 145 -31.93 -8.61 0.44
N LEU A 146 -31.75 -9.66 1.22
CA LEU A 146 -32.45 -9.83 2.48
C LEU A 146 -31.46 -9.67 3.63
N PHE A 147 -31.75 -8.74 4.53
CA PHE A 147 -30.90 -8.47 5.68
C PHE A 147 -31.71 -8.57 6.96
N TYR A 148 -31.04 -8.97 8.03
CA TYR A 148 -31.68 -8.96 9.34
C TYR A 148 -31.74 -7.53 9.87
N LYS A 149 -32.70 -7.30 10.78
CA LYS A 149 -32.90 -5.95 11.31
C LYS A 149 -31.74 -5.47 12.17
N LEU A 150 -30.96 -6.38 12.74
CA LEU A 150 -29.84 -5.97 13.57
C LEU A 150 -28.72 -5.32 12.77
N ASP A 151 -28.66 -5.57 11.47
CA ASP A 151 -27.63 -5.01 10.61
C ASP A 151 -28.04 -3.70 9.96
N ILE A 152 -29.24 -3.20 10.23
CA ILE A 152 -29.80 -2.06 9.52
C ILE A 152 -30.23 -1.00 10.52
N VAL A 153 -29.92 0.26 10.22
CA VAL A 153 -30.35 1.39 11.03
C VAL A 153 -30.89 2.47 10.10
N GLN A 154 -31.63 3.41 10.69
CA GLN A 154 -32.21 4.53 9.95
C GLN A 154 -31.61 5.82 10.46
N MET A 155 -31.08 6.64 9.53
CA MET A 155 -30.52 7.93 9.93
C MET A 155 -31.63 8.97 10.06
N GLU A 156 -32.44 9.10 9.02
CA GLU A 156 -33.60 10.00 8.96
C GLU A 156 -34.46 9.50 7.80
N ASN A 157 -35.55 10.23 7.52
CA ASN A 157 -36.35 10.01 6.33
C ASN A 157 -36.81 8.55 6.23
N LYS A 158 -37.71 8.20 7.15
CA LYS A 158 -38.29 6.86 7.24
C LYS A 158 -38.67 6.34 5.86
N ASN A 159 -38.60 5.02 5.67
CA ASN A 159 -38.64 4.35 4.36
C ASN A 159 -37.35 4.56 3.59
N SER A 160 -36.24 4.72 4.31
CA SER A 160 -34.92 4.80 3.70
C SER A 160 -33.90 4.46 4.78
N TYR A 161 -33.22 3.32 4.63
CA TYR A 161 -32.36 2.77 5.66
C TYR A 161 -30.91 2.74 5.17
N ARG A 162 -30.03 2.20 6.00
CA ARG A 162 -28.63 2.04 5.65
C ARG A 162 -28.01 0.98 6.55
N LEU A 163 -26.81 0.55 6.17
CA LEU A 163 -26.05 -0.40 6.97
C LEU A 163 -25.61 0.24 8.28
N ILE A 164 -25.53 -0.59 9.33
CA ILE A 164 -25.24 -0.08 10.67
C ILE A 164 -23.79 0.38 10.78
N ASN A 165 -22.86 -0.39 10.22
CA ASN A 165 -21.44 -0.17 10.47
C ASN A 165 -20.87 1.05 9.76
N CYS A 166 -21.60 1.66 8.85
CA CYS A 166 -21.01 2.63 7.95
C CYS A 166 -20.68 3.97 8.59
N ASN A 167 -20.74 4.10 9.93
CA ASN A 167 -20.24 5.31 10.56
C ASN A 167 -19.12 5.01 11.56
N THR A 168 -18.63 3.79 11.60
CA THR A 168 -17.54 3.47 12.52
C THR A 168 -16.34 2.82 11.84
N SER A 169 -16.57 1.98 10.83
CA SER A 169 -15.49 1.25 10.17
C SER A 169 -16.08 0.56 8.94
N VAL A 170 -15.26 -0.23 8.26
CA VAL A 170 -15.70 -1.07 7.14
C VAL A 170 -15.36 -2.51 7.49
N CYS A 171 -16.33 -3.40 7.29
CA CYS A 171 -16.24 -4.78 7.76
C CYS A 171 -16.03 -5.69 6.56
N LYS A 172 -14.81 -6.23 6.42
CA LYS A 172 -14.54 -7.20 5.38
C LYS A 172 -15.30 -8.48 5.64
N GLN A 173 -15.90 -9.03 4.60
CA GLN A 173 -16.64 -10.28 4.76
C GLN A 173 -15.67 -11.46 4.83
N ALA A 174 -16.09 -12.50 5.53
CA ALA A 174 -15.26 -13.70 5.64
C ALA A 174 -15.14 -14.38 4.29
N CYS A 175 -13.95 -14.89 4.01
CA CYS A 175 -13.78 -15.75 2.85
C CYS A 175 -14.56 -17.04 3.07
N PRO A 176 -15.40 -17.46 2.11
CA PRO A 176 -16.29 -18.59 2.38
C PRO A 176 -15.58 -19.91 2.61
N LYS A 177 -14.32 -20.03 2.22
CA LYS A 177 -13.61 -21.31 2.29
C LYS A 177 -12.92 -21.55 3.61
N ILE A 178 -12.98 -20.61 4.56
CA ILE A 178 -12.37 -20.76 5.88
C ILE A 178 -13.46 -20.88 6.92
N SER A 179 -13.29 -21.82 7.84
CA SER A 179 -14.27 -22.09 8.88
C SER A 179 -13.74 -21.70 10.25
N PHE A 180 -14.65 -21.59 11.21
CA PHE A 180 -14.32 -21.24 12.59
C PHE A 180 -14.34 -22.44 13.51
N ASP A 181 -14.02 -23.62 13.01
CA ASP A 181 -14.05 -24.82 13.82
C ASP A 181 -13.01 -24.73 14.93
N PRO A 182 -13.39 -24.83 16.20
CA PRO A 182 -12.40 -24.75 17.27
C PRO A 182 -11.54 -26.01 17.33
N ILE A 183 -10.31 -25.91 16.87
CA ILE A 183 -9.37 -27.02 16.90
C ILE A 183 -8.59 -26.94 18.21
N PRO A 184 -8.40 -28.05 18.92
CA PRO A 184 -7.59 -28.00 20.14
C PRO A 184 -6.19 -27.51 19.82
N ILE A 185 -5.67 -26.65 20.71
CA ILE A 185 -4.35 -26.06 20.55
C ILE A 185 -3.54 -26.40 21.79
N HIS A 186 -2.33 -26.93 21.57
CA HIS A 186 -1.42 -27.27 22.66
C HIS A 186 -0.31 -26.23 22.68
N TYR A 187 -0.29 -25.42 23.73
CA TYR A 187 0.75 -24.41 23.89
C TYR A 187 1.98 -25.07 24.49
N CYS A 188 3.11 -24.99 23.77
CA CYS A 188 4.34 -25.63 24.21
C CYS A 188 5.46 -24.62 24.30
N THR A 189 6.19 -24.66 25.41
CA THR A 189 7.29 -23.76 25.70
C THR A 189 8.57 -24.19 24.97
N PRO A 190 9.43 -23.24 24.61
CA PRO A 190 10.70 -23.61 23.99
C PRO A 190 11.59 -24.36 24.96
N ALA A 191 12.46 -25.21 24.40
CA ALA A 191 13.37 -25.98 25.23
C ALA A 191 14.24 -25.06 26.07
N GLY A 192 14.35 -25.38 27.36
CA GLY A 192 15.03 -24.54 28.33
C GLY A 192 14.12 -24.07 29.45
N TYR A 193 12.82 -23.96 29.17
CA TYR A 193 11.81 -23.61 30.15
C TYR A 193 10.97 -24.85 30.48
N ALA A 194 9.98 -24.65 31.32
CA ALA A 194 9.09 -25.73 31.72
C ALA A 194 7.78 -25.13 32.19
N ILE A 195 6.74 -25.97 32.21
CA ILE A 195 5.41 -25.57 32.63
C ILE A 195 5.00 -26.44 33.81
N LEU A 196 4.63 -25.79 34.90
CA LEU A 196 4.21 -26.48 36.12
C LEU A 196 2.69 -26.49 36.19
N LYS A 197 2.12 -27.65 36.50
CA LYS A 197 0.69 -27.84 36.55
C LYS A 197 0.29 -28.29 37.95
N CYS A 198 -0.56 -27.50 38.61
CA CYS A 198 -1.05 -27.87 39.93
C CYS A 198 -2.13 -28.92 39.80
N ASN A 199 -1.85 -30.11 40.32
CA ASN A 199 -2.65 -31.29 40.05
C ASN A 199 -3.78 -31.47 41.08
N GLU A 200 -3.87 -30.57 42.06
CA GLU A 200 -4.91 -30.70 43.07
C GLU A 200 -6.30 -30.64 42.44
N LYS A 201 -7.24 -31.40 43.01
CA LYS A 201 -8.60 -31.44 42.50
C LYS A 201 -9.41 -30.24 43.00
N ASN A 202 -9.53 -30.10 44.32
CA ASN A 202 -10.30 -29.00 44.88
C ASN A 202 -9.46 -27.73 44.92
N PHE A 203 -8.96 -27.29 43.76
CA PHE A 203 -8.02 -26.18 43.72
C PHE A 203 -8.79 -24.87 43.69
N ASN A 204 -8.67 -24.10 44.75
CA ASN A 204 -9.16 -22.74 44.78
C ASN A 204 -8.20 -21.82 44.02
N GLY A 205 -8.70 -20.63 43.67
CA GLY A 205 -8.15 -19.90 42.53
C GLY A 205 -6.69 -19.51 42.68
N THR A 206 -6.32 -19.03 43.86
CA THR A 206 -4.95 -18.58 44.09
C THR A 206 -4.39 -19.29 45.32
N GLY A 207 -3.19 -18.91 45.75
CA GLY A 207 -2.59 -19.50 46.92
C GLY A 207 -1.71 -20.68 46.59
N PRO A 208 -0.95 -21.16 47.58
CA PRO A 208 -0.01 -22.26 47.34
C PRO A 208 -0.71 -23.54 46.93
N CYS A 209 0.00 -24.34 46.14
CA CYS A 209 -0.44 -25.67 45.74
C CYS A 209 0.65 -26.66 46.13
N LYS A 210 0.23 -27.80 46.68
CA LYS A 210 1.17 -28.76 47.26
C LYS A 210 1.16 -30.11 46.53
N ASN A 211 0.71 -30.13 45.27
CA ASN A 211 0.67 -31.35 44.48
C ASN A 211 1.09 -31.05 43.05
N VAL A 212 2.19 -30.32 42.89
CA VAL A 212 2.60 -29.85 41.57
C VAL A 212 3.00 -31.03 40.69
N SER A 213 2.54 -31.00 39.44
CA SER A 213 2.96 -31.97 38.43
C SER A 213 3.52 -31.20 37.24
N SER A 214 4.67 -31.65 36.74
CA SER A 214 5.35 -30.97 35.64
C SER A 214 5.14 -31.71 34.34
N VAL A 215 4.92 -30.95 33.26
CA VAL A 215 4.78 -31.48 31.92
C VAL A 215 5.66 -30.66 30.98
N GLN A 216 6.00 -31.27 29.85
CA GLN A 216 6.74 -30.53 28.83
C GLN A 216 5.89 -29.41 28.25
N CYS A 217 4.60 -29.66 28.04
CA CYS A 217 3.68 -28.59 27.68
C CYS A 217 2.24 -29.06 27.88
N THR A 218 1.32 -28.08 27.82
CA THR A 218 -0.05 -28.29 28.23
C THR A 218 -0.80 -29.15 27.22
N HIS A 219 -2.03 -29.49 27.58
CA HIS A 219 -2.92 -30.27 26.72
C HIS A 219 -3.63 -29.34 25.75
N GLY A 220 -4.61 -29.87 25.02
CA GLY A 220 -5.34 -29.06 24.05
C GLY A 220 -6.17 -28.00 24.73
N ILE A 221 -6.21 -26.82 24.12
CA ILE A 221 -6.98 -25.69 24.60
C ILE A 221 -7.97 -25.31 23.52
N LYS A 222 -9.26 -25.30 23.86
CA LYS A 222 -10.27 -24.94 22.89
C LYS A 222 -10.32 -23.42 22.74
N PRO A 223 -10.19 -22.89 21.52
CA PRO A 223 -10.20 -21.44 21.34
C PRO A 223 -11.59 -20.86 21.20
N VAL A 224 -12.60 -21.61 21.62
CA VAL A 224 -13.99 -21.17 21.48
C VAL A 224 -14.19 -19.84 22.17
N VAL A 225 -15.04 -19.00 21.58
CA VAL A 225 -15.36 -17.68 22.12
C VAL A 225 -16.84 -17.65 22.52
N SER A 226 -17.11 -17.05 23.67
CA SER A 226 -18.47 -16.94 24.18
C SER A 226 -18.52 -15.76 25.14
N THR A 227 -19.73 -15.34 25.48
CA THR A 227 -19.93 -14.15 26.30
C THR A 227 -20.52 -14.46 27.67
N GLN A 228 -21.69 -15.11 27.72
CA GLN A 228 -22.38 -15.31 28.98
C GLN A 228 -22.18 -16.70 29.58
N LEU A 229 -21.85 -17.69 28.76
CA LEU A 229 -21.65 -19.04 29.25
C LEU A 229 -20.45 -19.67 28.55
N LEU A 230 -19.65 -20.40 29.32
CA LEU A 230 -18.55 -21.15 28.73
C LEU A 230 -19.11 -22.28 27.86
N LEU A 231 -18.42 -22.56 26.77
CA LEU A 231 -18.83 -23.60 25.84
C LEU A 231 -17.67 -24.56 25.61
N ASN A 232 -17.96 -25.85 25.69
CA ASN A 232 -17.00 -26.91 25.38
C ASN A 232 -15.75 -26.79 26.25
N GLY A 233 -15.92 -26.37 27.49
CA GLY A 233 -14.81 -26.23 28.41
C GLY A 233 -14.40 -27.56 29.01
N SER A 234 -13.41 -27.48 29.91
CA SER A 234 -12.89 -28.66 30.60
C SER A 234 -13.42 -28.64 32.04
N LEU A 235 -14.23 -29.64 32.37
CA LEU A 235 -14.86 -29.70 33.69
C LEU A 235 -13.82 -30.02 34.76
N ALA A 236 -14.06 -29.46 35.95
CA ALA A 236 -13.25 -29.80 37.11
C ALA A 236 -13.64 -31.18 37.62
N GLU A 237 -12.71 -31.82 38.34
CA GLU A 237 -12.90 -33.19 38.80
C GLU A 237 -13.33 -33.29 40.25
N GLY A 238 -12.87 -32.38 41.11
CA GLY A 238 -13.20 -32.46 42.52
C GLY A 238 -14.65 -32.15 42.82
N GLU A 239 -15.04 -30.90 42.62
CA GLU A 239 -16.39 -30.43 42.87
C GLU A 239 -16.52 -29.04 42.25
N ILE A 240 -17.71 -28.44 42.38
CA ILE A 240 -17.93 -27.11 41.82
C ILE A 240 -17.02 -26.11 42.52
N ILE A 241 -16.32 -25.30 41.73
CA ILE A 241 -15.36 -24.34 42.24
C ILE A 241 -15.89 -22.93 41.97
N ILE A 242 -15.72 -22.06 42.97
CA ILE A 242 -16.08 -20.65 42.86
C ILE A 242 -14.79 -19.87 42.94
N ARG A 243 -14.41 -19.22 41.84
CA ARG A 243 -13.09 -18.62 41.70
C ARG A 243 -13.20 -17.10 41.69
N SER A 244 -12.38 -16.46 42.51
CA SER A 244 -12.40 -15.01 42.68
C SER A 244 -11.17 -14.61 43.49
N GLU A 245 -10.55 -13.50 43.10
CA GLU A 245 -9.45 -12.93 43.87
C GLU A 245 -9.96 -12.18 45.09
N ASN A 246 -11.13 -11.56 44.98
CA ASN A 246 -11.83 -10.97 46.11
C ASN A 246 -13.34 -11.13 45.92
N LEU A 247 -13.89 -12.14 46.59
CA LEU A 247 -15.34 -12.28 46.63
C LEU A 247 -16.00 -11.08 47.28
N THR A 248 -15.34 -10.48 48.28
CA THR A 248 -15.88 -9.27 48.90
C THR A 248 -15.98 -8.13 47.89
N ASN A 249 -14.95 -7.96 47.07
CA ASN A 249 -14.99 -6.95 46.03
C ASN A 249 -16.00 -7.36 44.95
N ASN A 250 -16.75 -6.37 44.45
CA ASN A 250 -17.72 -6.59 43.40
C ASN A 250 -17.32 -5.91 42.09
N ALA A 251 -16.10 -5.40 42.00
CA ALA A 251 -15.65 -4.69 40.81
C ALA A 251 -15.32 -5.61 39.66
N LYS A 252 -15.29 -6.93 39.87
CA LYS A 252 -14.89 -7.85 38.82
C LYS A 252 -15.91 -8.95 38.63
N THR A 253 -15.62 -9.89 37.75
CA THR A 253 -16.49 -11.03 37.49
C THR A 253 -16.22 -12.14 38.51
N ILE A 254 -17.02 -13.20 38.42
CA ILE A 254 -16.87 -14.38 39.24
C ILE A 254 -17.01 -15.59 38.32
N ILE A 255 -16.00 -16.46 38.34
CA ILE A 255 -15.98 -17.63 37.47
C ILE A 255 -16.56 -18.82 38.23
N VAL A 256 -17.61 -19.42 37.68
CA VAL A 256 -18.21 -20.62 38.23
C VAL A 256 -17.86 -21.79 37.31
N HIS A 257 -17.30 -22.84 37.88
CA HIS A 257 -16.84 -23.99 37.12
C HIS A 257 -17.56 -25.22 37.63
N LEU A 258 -18.12 -26.01 36.73
CA LEU A 258 -18.93 -27.15 37.11
C LEU A 258 -18.17 -28.46 36.91
N ASN A 259 -18.60 -29.46 37.67
CA ASN A 259 -18.12 -30.83 37.59
C ASN A 259 -19.15 -31.79 37.04
N LYS A 260 -20.37 -31.33 36.77
CA LYS A 260 -21.35 -32.08 36.01
C LYS A 260 -21.76 -31.25 34.80
N SER A 261 -21.65 -31.84 33.61
CA SER A 261 -21.91 -31.11 32.38
C SER A 261 -23.41 -30.89 32.17
N VAL A 262 -23.72 -29.94 31.28
CA VAL A 262 -25.08 -29.67 30.82
C VAL A 262 -25.05 -29.47 29.32
N GLU A 263 -25.92 -30.17 28.60
CA GLU A 263 -25.93 -30.14 27.15
C GLU A 263 -26.90 -29.08 26.64
N ILE A 264 -26.43 -28.23 25.73
CA ILE A 264 -27.31 -27.27 25.06
C ILE A 264 -27.61 -27.79 23.67
N ASN A 265 -28.79 -27.45 23.16
CA ASN A 265 -29.27 -27.97 21.89
C ASN A 265 -29.95 -26.83 21.16
N CYS A 266 -29.19 -26.14 20.30
CA CYS A 266 -29.65 -24.96 19.61
C CYS A 266 -29.44 -25.11 18.11
N THR A 267 -30.42 -24.70 17.33
CA THR A 267 -30.40 -24.92 15.89
C THR A 267 -31.20 -23.85 15.18
N ARG A 268 -30.97 -23.74 13.88
CA ARG A 268 -31.70 -22.80 13.02
C ARG A 268 -32.47 -23.60 11.98
N PRO A 269 -33.80 -23.68 12.07
CA PRO A 269 -34.54 -24.65 11.24
C PRO A 269 -34.89 -24.18 9.85
N SER A 270 -34.65 -22.91 9.51
CA SER A 270 -35.06 -22.36 8.23
C SER A 270 -33.88 -22.31 7.26
N ASN A 271 -34.17 -22.54 5.98
CA ASN A 271 -33.15 -22.29 4.96
C ASN A 271 -33.02 -20.83 4.60
N ASN A 272 -31.79 -20.44 4.27
CA ASN A 272 -31.47 -19.28 3.47
C ASN A 272 -30.83 -19.79 2.19
N THR A 273 -30.91 -19.00 1.13
CA THR A 273 -30.31 -19.37 -0.15
C THR A 273 -29.15 -18.43 -0.43
N ARG A 274 -28.06 -18.99 -0.95
CA ARG A 274 -26.86 -18.23 -1.26
C ARG A 274 -26.89 -17.81 -2.72
N THR A 275 -26.92 -16.51 -2.97
CA THR A 275 -26.85 -15.95 -4.30
C THR A 275 -25.74 -14.91 -4.33
N SER A 276 -24.89 -14.99 -5.33
CA SER A 276 -23.71 -14.15 -5.41
C SER A 276 -23.95 -13.01 -6.40
N VAL A 277 -23.65 -11.79 -5.97
CA VAL A 277 -23.79 -10.60 -6.80
C VAL A 277 -22.46 -9.87 -6.80
N THR A 278 -21.92 -9.64 -7.99
CA THR A 278 -20.67 -8.88 -8.12
C THR A 278 -20.91 -7.42 -7.75
N ILE A 279 -19.86 -6.77 -7.25
CA ILE A 279 -19.96 -5.38 -6.82
C ILE A 279 -18.99 -4.54 -7.63
N GLY A 280 -17.90 -5.13 -8.09
CA GLY A 280 -16.90 -4.41 -8.83
C GLY A 280 -15.90 -5.32 -9.52
N PRO A 281 -14.69 -4.81 -9.75
CA PRO A 281 -13.68 -5.62 -10.44
C PRO A 281 -13.13 -6.72 -9.54
N GLY A 282 -13.55 -7.97 -9.81
CA GLY A 282 -13.04 -9.10 -9.07
C GLY A 282 -13.57 -9.24 -7.65
N GLN A 283 -14.56 -8.44 -7.27
CA GLN A 283 -15.12 -8.47 -5.93
C GLN A 283 -16.53 -9.03 -6.00
N VAL A 284 -16.84 -9.98 -5.10
CA VAL A 284 -18.12 -10.66 -5.10
C VAL A 284 -18.74 -10.53 -3.72
N PHE A 285 -20.07 -10.59 -3.68
CA PHE A 285 -20.83 -10.46 -2.44
C PHE A 285 -21.83 -11.60 -2.34
N TYR A 286 -21.88 -12.23 -1.19
CA TYR A 286 -22.84 -13.31 -0.91
C TYR A 286 -23.96 -12.76 -0.06
N ARG A 287 -25.19 -12.87 -0.55
CA ARG A 287 -26.36 -12.32 0.11
C ARG A 287 -27.41 -13.41 0.31
N THR A 288 -28.18 -13.29 1.37
CA THR A 288 -29.36 -14.13 1.58
C THR A 288 -30.40 -13.73 0.54
N GLY A 289 -30.60 -14.56 -0.47
CA GLY A 289 -31.48 -14.21 -1.56
C GLY A 289 -32.94 -14.12 -1.16
N ASP A 290 -33.54 -15.26 -0.86
CA ASP A 290 -34.96 -15.33 -0.51
C ASP A 290 -35.21 -16.61 0.26
N ILE A 291 -35.68 -16.49 1.51
CA ILE A 291 -35.99 -17.67 2.30
C ILE A 291 -37.20 -18.38 1.72
N ILE A 292 -37.11 -19.71 1.67
CA ILE A 292 -38.21 -20.54 1.17
C ILE A 292 -38.41 -21.70 2.12
N GLY A 293 -39.66 -22.12 2.26
CA GLY A 293 -39.97 -23.30 3.06
C GLY A 293 -40.17 -22.95 4.52
N ASP A 294 -39.53 -23.74 5.40
CA ASP A 294 -39.71 -23.60 6.84
C ASP A 294 -39.32 -22.20 7.30
N ILE A 295 -40.13 -21.62 8.18
CA ILE A 295 -39.86 -20.32 8.77
C ILE A 295 -40.08 -20.42 10.28
N ARG A 296 -39.00 -20.34 11.05
CA ARG A 296 -39.07 -20.36 12.50
C ARG A 296 -37.82 -19.68 13.06
N LYS A 297 -38.00 -18.95 14.15
CA LYS A 297 -36.85 -18.34 14.84
C LYS A 297 -35.95 -19.42 15.39
N ALA A 298 -34.64 -19.22 15.26
CA ALA A 298 -33.68 -20.16 15.81
C ALA A 298 -33.84 -20.26 17.32
N TYR A 299 -33.89 -21.48 17.84
CA TYR A 299 -34.19 -21.72 19.23
C TYR A 299 -33.17 -22.69 19.81
N CYS A 300 -33.02 -22.64 21.13
CA CYS A 300 -32.12 -23.54 21.85
C CYS A 300 -32.94 -24.36 22.85
N GLU A 301 -32.62 -25.64 22.95
CA GLU A 301 -33.31 -26.55 23.85
C GLU A 301 -32.34 -27.02 24.93
N ILE A 302 -32.77 -26.91 26.19
CA ILE A 302 -31.95 -27.30 27.34
C ILE A 302 -32.81 -28.11 28.31
N ASN A 303 -32.28 -29.23 28.77
CA ASN A 303 -32.94 -30.04 29.78
C ASN A 303 -33.18 -29.23 31.05
N GLY A 304 -34.45 -28.98 31.37
CA GLY A 304 -34.77 -28.11 32.49
C GLY A 304 -34.32 -28.67 33.82
N THR A 305 -34.60 -29.95 34.07
CA THR A 305 -34.29 -30.53 35.38
C THR A 305 -32.80 -30.52 35.66
N LYS A 306 -31.98 -30.70 34.61
CA LYS A 306 -30.54 -30.57 34.79
C LYS A 306 -30.16 -29.16 35.21
N TRP A 307 -30.81 -28.15 34.62
CA TRP A 307 -30.56 -26.77 35.03
C TRP A 307 -30.95 -26.55 36.48
N ASN A 308 -32.09 -27.09 36.90
CA ASN A 308 -32.51 -26.95 38.28
C ASN A 308 -31.51 -27.61 39.23
N GLU A 309 -31.02 -28.79 38.88
CA GLU A 309 -30.04 -29.47 39.72
C GLU A 309 -28.75 -28.67 39.83
N THR A 310 -28.26 -28.17 38.69
CA THR A 310 -27.02 -27.39 38.71
C THR A 310 -27.19 -26.10 39.49
N LEU A 311 -28.34 -25.44 39.35
CA LEU A 311 -28.58 -24.24 40.13
C LEU A 311 -28.62 -24.55 41.62
N LYS A 312 -29.26 -25.66 42.00
CA LYS A 312 -29.25 -26.07 43.40
C LYS A 312 -27.83 -26.28 43.90
N GLN A 313 -27.00 -26.94 43.11
CA GLN A 313 -25.64 -27.23 43.52
C GLN A 313 -24.82 -25.94 43.70
N VAL A 314 -24.92 -25.03 42.73
CA VAL A 314 -24.12 -23.81 42.82
C VAL A 314 -24.63 -22.93 43.96
N VAL A 315 -25.94 -22.91 44.20
CA VAL A 315 -26.46 -22.19 45.35
C VAL A 315 -25.92 -22.78 46.64
N GLY A 316 -25.90 -24.10 46.73
CA GLY A 316 -25.32 -24.75 47.91
C GLY A 316 -23.87 -24.38 48.12
N LYS A 317 -23.11 -24.28 47.03
CA LYS A 317 -21.69 -23.93 47.16
C LYS A 317 -21.51 -22.48 47.57
N LEU A 318 -22.27 -21.56 46.96
CA LEU A 318 -22.19 -20.16 47.38
C LEU A 318 -22.78 -19.93 48.77
N LYS A 319 -23.50 -20.91 49.32
CA LYS A 319 -24.05 -20.75 50.66
C LYS A 319 -23.00 -20.69 51.74
N GLU A 320 -21.75 -21.04 51.47
CA GLU A 320 -20.72 -20.97 52.50
C GLU A 320 -20.00 -19.63 52.52
N HIS A 321 -19.82 -18.99 51.36
CA HIS A 321 -19.18 -17.69 51.32
C HIS A 321 -20.12 -16.56 51.74
N PHE A 322 -21.43 -16.82 51.76
CA PHE A 322 -22.44 -15.86 52.22
C PHE A 322 -23.30 -16.62 53.22
N PRO A 323 -22.81 -16.77 54.46
CA PRO A 323 -23.38 -17.79 55.37
C PRO A 323 -24.86 -17.63 55.64
N ASN A 324 -25.37 -16.40 55.69
CA ASN A 324 -26.74 -16.16 56.13
C ASN A 324 -27.57 -15.45 55.08
N LYS A 325 -26.98 -15.09 53.94
CA LYS A 325 -27.68 -14.26 52.98
C LYS A 325 -28.66 -15.10 52.16
N THR A 326 -29.52 -14.40 51.42
CA THR A 326 -30.44 -15.02 50.49
C THR A 326 -29.94 -14.77 49.08
N ILE A 327 -29.84 -15.84 48.29
CA ILE A 327 -29.26 -15.77 46.94
C ILE A 327 -30.39 -15.89 45.93
N SER A 328 -30.41 -14.97 44.97
CA SER A 328 -31.38 -15.01 43.88
C SER A 328 -30.72 -14.48 42.62
N PHE A 329 -31.25 -14.88 41.48
CA PHE A 329 -30.70 -14.51 40.18
C PHE A 329 -31.66 -13.57 39.46
N GLN A 330 -31.09 -12.76 38.58
CA GLN A 330 -31.84 -11.81 37.78
C GLN A 330 -31.24 -11.77 36.38
N PRO A 331 -32.02 -11.40 35.38
CA PRO A 331 -31.47 -11.28 34.02
C PRO A 331 -30.48 -10.14 33.94
N PRO A 332 -29.71 -10.04 32.87
CA PRO A 332 -28.77 -8.92 32.74
C PRO A 332 -29.50 -7.58 32.82
N SER A 333 -28.85 -6.61 33.45
CA SER A 333 -29.50 -5.35 33.77
C SER A 333 -29.36 -4.30 32.68
N GLY A 334 -28.78 -4.63 31.54
CA GLY A 334 -28.68 -3.71 30.44
C GLY A 334 -27.27 -3.64 29.93
N GLY A 335 -27.03 -2.70 29.01
CA GLY A 335 -25.72 -2.50 28.42
C GLY A 335 -25.72 -2.85 26.94
N ASP A 336 -24.55 -3.27 26.47
CA ASP A 336 -24.40 -3.60 25.06
C ASP A 336 -24.95 -4.99 24.78
N LEU A 337 -24.97 -5.38 23.51
CA LEU A 337 -25.73 -6.55 23.08
C LEU A 337 -25.19 -7.84 23.68
N GLU A 338 -23.87 -8.03 23.69
CA GLU A 338 -23.32 -9.31 24.11
C GLU A 338 -23.66 -9.63 25.56
N ILE A 339 -23.48 -8.68 26.47
CA ILE A 339 -23.76 -8.93 27.88
C ILE A 339 -25.23 -9.22 28.11
N THR A 340 -26.11 -8.45 27.47
CA THR A 340 -27.55 -8.67 27.58
C THR A 340 -28.02 -9.88 26.81
N MET A 341 -27.10 -10.73 26.34
CA MET A 341 -27.45 -11.84 25.47
C MET A 341 -26.56 -13.01 25.79
N HIS A 342 -26.76 -14.10 25.06
CA HIS A 342 -25.84 -15.22 25.01
C HIS A 342 -25.24 -15.24 23.61
N HIS A 343 -23.91 -15.13 23.52
CA HIS A 343 -23.23 -15.04 22.24
C HIS A 343 -22.35 -16.26 22.05
N PHE A 344 -22.50 -16.92 20.91
CA PHE A 344 -21.64 -18.04 20.55
C PHE A 344 -21.74 -18.29 19.06
N ASN A 345 -20.61 -18.61 18.44
CA ASN A 345 -20.51 -18.78 17.00
C ASN A 345 -20.47 -20.26 16.67
N CYS A 346 -21.35 -20.69 15.77
CA CYS A 346 -21.37 -22.08 15.32
C CYS A 346 -21.54 -22.13 13.81
N ARG A 347 -20.72 -22.97 13.17
CA ARG A 347 -20.84 -23.27 11.75
C ARG A 347 -20.82 -22.01 10.90
N GLY A 348 -19.97 -21.06 11.28
CA GLY A 348 -19.88 -19.83 10.53
C GLY A 348 -21.06 -18.90 10.69
N GLU A 349 -21.81 -19.02 11.78
CA GLU A 349 -22.94 -18.15 12.04
C GLU A 349 -22.95 -17.75 13.50
N PHE A 350 -23.24 -16.48 13.76
CA PHE A 350 -23.24 -15.92 15.11
C PHE A 350 -24.65 -15.90 15.66
N PHE A 351 -24.78 -16.21 16.95
CA PHE A 351 -26.06 -16.32 17.62
C PHE A 351 -26.11 -15.37 18.80
N TYR A 352 -27.31 -14.84 19.07
CA TYR A 352 -27.56 -13.95 20.19
C TYR A 352 -28.83 -14.46 20.87
N CYS A 353 -28.68 -15.38 21.81
CA CYS A 353 -29.80 -16.07 22.43
C CYS A 353 -30.19 -15.35 23.72
N ASN A 354 -31.47 -15.00 23.84
CA ASN A 354 -31.97 -14.22 24.96
C ASN A 354 -31.61 -14.84 26.31
N THR A 355 -32.04 -16.08 26.54
CA THR A 355 -31.74 -16.83 27.76
C THR A 355 -32.08 -16.02 29.01
N THR A 356 -33.29 -15.44 29.01
CA THR A 356 -33.78 -14.75 30.20
C THR A 356 -34.38 -15.72 31.21
N GLN A 357 -35.25 -16.62 30.75
CA GLN A 357 -35.96 -17.52 31.67
C GLN A 357 -35.04 -18.52 32.36
N LEU A 358 -33.74 -18.49 32.10
CA LEU A 358 -32.80 -19.36 32.79
C LEU A 358 -32.29 -18.77 34.09
N PHE A 359 -32.65 -17.53 34.42
CA PHE A 359 -32.08 -16.85 35.57
C PHE A 359 -33.17 -16.16 36.38
N ASN A 360 -34.24 -16.88 36.65
CA ASN A 360 -35.41 -16.39 37.38
C ASN A 360 -35.70 -17.36 38.52
N SER A 361 -35.06 -17.14 39.67
CA SER A 361 -35.16 -18.06 40.79
C SER A 361 -34.81 -17.33 42.07
N THR A 362 -35.23 -17.91 43.19
CA THR A 362 -34.93 -17.38 44.52
C THR A 362 -34.85 -18.56 45.47
N TRP A 363 -33.66 -18.77 46.05
CA TRP A 363 -33.41 -19.88 46.95
C TRP A 363 -33.26 -19.32 48.36
N ILE A 364 -34.08 -19.83 49.29
CA ILE A 364 -34.14 -19.26 50.63
C ILE A 364 -33.33 -20.10 51.64
N ASN A 365 -33.74 -21.35 51.86
CA ASN A 365 -33.05 -22.19 52.84
C ASN A 365 -32.95 -23.64 52.38
N SER A 366 -33.31 -23.94 51.12
CA SER A 366 -33.44 -25.31 50.64
C SER A 366 -34.43 -26.11 51.49
N THR A 367 -35.41 -25.42 52.07
CA THR A 367 -36.40 -26.08 52.91
C THR A 367 -37.37 -26.91 52.07
N THR A 368 -37.83 -26.35 50.95
CA THR A 368 -38.75 -27.04 50.06
C THR A 368 -38.04 -27.36 48.74
N ILE A 369 -38.37 -28.52 48.19
CA ILE A 369 -37.77 -28.99 46.96
C ILE A 369 -38.57 -28.45 45.77
N LYS A 370 -37.87 -28.01 44.74
CA LYS A 370 -38.51 -27.51 43.52
C LYS A 370 -38.90 -28.70 42.63
N GLU A 371 -39.81 -29.51 43.16
CA GLU A 371 -40.22 -30.74 42.51
C GLU A 371 -41.13 -30.42 41.33
N TYR A 372 -40.62 -30.64 40.13
CA TYR A 372 -41.40 -30.48 38.91
C TYR A 372 -40.97 -31.58 37.95
N ASN A 373 -41.72 -31.78 36.87
CA ASN A 373 -41.36 -32.84 35.94
C ASN A 373 -40.67 -32.28 34.70
N ASP A 374 -40.08 -33.19 33.94
CA ASP A 374 -39.17 -32.85 32.85
C ASP A 374 -39.86 -32.13 31.70
N THR A 375 -39.71 -30.81 31.65
CA THR A 375 -40.12 -30.01 30.51
C THR A 375 -38.89 -29.30 29.96
N ILE A 376 -38.65 -29.44 28.65
CA ILE A 376 -37.50 -28.81 28.03
C ILE A 376 -37.68 -27.31 27.97
N ILE A 377 -36.60 -26.56 28.15
CA ILE A 377 -36.63 -25.10 28.13
C ILE A 377 -36.27 -24.63 26.73
N TYR A 378 -37.17 -23.88 26.11
CA TYR A 378 -36.96 -23.33 24.78
C TYR A 378 -36.80 -21.82 24.90
N LEU A 379 -35.75 -21.29 24.27
CA LEU A 379 -35.47 -19.87 24.35
C LEU A 379 -35.17 -19.31 22.97
N PRO A 380 -35.62 -18.10 22.68
CA PRO A 380 -35.39 -17.51 21.36
C PRO A 380 -33.94 -17.10 21.18
N CYS A 381 -33.56 -16.90 19.91
CA CYS A 381 -32.19 -16.52 19.58
C CYS A 381 -32.20 -15.83 18.23
N LYS A 382 -31.84 -14.55 18.20
CA LYS A 382 -31.71 -13.81 16.96
C LYS A 382 -30.49 -14.30 16.18
N ILE A 383 -30.31 -13.74 14.98
CA ILE A 383 -29.14 -14.03 14.16
C ILE A 383 -28.61 -12.70 13.62
N LYS A 384 -27.31 -12.49 13.76
CA LYS A 384 -26.65 -11.25 13.38
C LYS A 384 -25.52 -11.57 12.41
N GLN A 385 -25.34 -10.72 11.41
CA GLN A 385 -24.36 -11.00 10.35
C GLN A 385 -23.21 -10.01 10.30
N ILE A 386 -23.40 -8.77 10.71
CA ILE A 386 -22.31 -7.79 10.80
C ILE A 386 -21.81 -7.87 12.23
N ILE A 387 -20.80 -8.70 12.46
CA ILE A 387 -20.34 -9.01 13.80
C ILE A 387 -19.21 -8.06 14.18
N ASN A 388 -19.14 -7.76 15.47
CA ASN A 388 -18.02 -7.01 16.06
C ASN A 388 -17.66 -7.72 17.35
N MET A 389 -16.78 -8.71 17.26
CA MET A 389 -16.45 -9.53 18.42
C MET A 389 -15.64 -8.76 19.45
N TRP A 390 -14.91 -7.73 19.03
CA TRP A 390 -14.14 -6.89 19.93
C TRP A 390 -14.48 -5.43 19.69
N GLN A 391 -14.36 -4.64 20.75
CA GLN A 391 -14.80 -3.25 20.69
C GLN A 391 -14.03 -2.46 19.64
N GLY A 392 -12.72 -2.31 19.84
CA GLY A 392 -11.92 -1.52 18.93
C GLY A 392 -10.54 -2.10 18.63
N VAL A 393 -10.24 -3.25 19.21
CA VAL A 393 -8.96 -3.89 18.95
C VAL A 393 -9.04 -4.84 17.75
N GLY A 394 -10.18 -5.49 17.55
CA GLY A 394 -10.37 -6.38 16.42
C GLY A 394 -10.86 -5.65 15.18
N GLN A 395 -11.11 -6.43 14.14
CA GLN A 395 -11.64 -5.92 12.88
C GLN A 395 -13.10 -6.33 12.75
N CYS A 396 -13.97 -5.36 12.46
CA CYS A 396 -15.37 -5.67 12.23
C CYS A 396 -15.50 -6.63 11.05
N MET A 397 -16.41 -7.58 11.17
CA MET A 397 -16.45 -8.72 10.27
C MET A 397 -17.89 -9.04 9.90
N TYR A 398 -18.08 -9.56 8.69
CA TYR A 398 -19.38 -9.90 8.17
C TYR A 398 -19.36 -11.36 7.74
N ALA A 399 -19.99 -12.23 8.53
CA ALA A 399 -20.04 -13.64 8.18
C ALA A 399 -20.89 -13.82 6.92
N PRO A 400 -20.44 -14.66 5.98
CA PRO A 400 -21.25 -14.91 4.79
C PRO A 400 -22.46 -15.74 5.15
N PRO A 401 -23.55 -15.62 4.39
CA PRO A 401 -24.72 -16.48 4.64
C PRO A 401 -24.36 -17.94 4.43
N ILE A 402 -24.93 -18.79 5.27
CA ILE A 402 -24.76 -20.23 5.17
C ILE A 402 -26.11 -20.86 4.85
N ARG A 403 -26.14 -21.69 3.82
CA ARG A 403 -27.38 -22.25 3.32
C ARG A 403 -27.71 -23.57 3.99
N GLY A 404 -28.95 -24.00 3.84
CA GLY A 404 -29.38 -25.28 4.35
C GLY A 404 -29.92 -25.18 5.76
N LYS A 405 -29.44 -26.06 6.63
CA LYS A 405 -29.89 -26.13 8.01
C LYS A 405 -28.69 -26.22 8.92
N ILE A 406 -28.73 -25.48 10.03
CA ILE A 406 -27.64 -25.43 11.00
C ILE A 406 -28.10 -26.13 12.27
N ASN A 407 -27.37 -27.17 12.66
CA ASN A 407 -27.71 -27.93 13.87
C ASN A 407 -26.42 -28.39 14.52
N CYS A 408 -26.04 -27.74 15.62
CA CYS A 408 -24.90 -28.14 16.41
C CYS A 408 -25.29 -28.12 17.88
N VAL A 409 -24.71 -29.03 18.64
CA VAL A 409 -24.96 -29.13 20.08
C VAL A 409 -23.71 -28.73 20.83
N SER A 410 -23.88 -27.86 21.82
CA SER A 410 -22.85 -27.57 22.79
C SER A 410 -23.30 -28.10 24.14
N ASN A 411 -22.37 -28.14 25.07
CA ASN A 411 -22.42 -29.08 26.17
C ASN A 411 -21.61 -28.45 27.30
N ILE A 412 -22.32 -27.70 28.15
CA ILE A 412 -21.84 -26.47 28.78
C ILE A 412 -21.06 -26.79 30.04
N THR A 413 -20.08 -25.94 30.36
CA THR A 413 -19.16 -26.13 31.46
C THR A 413 -19.20 -25.02 32.50
N GLY A 414 -19.12 -23.76 32.09
CA GLY A 414 -18.91 -22.65 33.02
C GLY A 414 -19.92 -21.53 32.87
N ILE A 415 -20.19 -20.86 33.99
CA ILE A 415 -21.15 -19.77 34.06
C ILE A 415 -20.48 -18.54 34.63
N LEU A 416 -20.71 -17.38 34.03
CA LEU A 416 -20.15 -16.12 34.49
C LEU A 416 -21.17 -15.38 35.35
N LEU A 417 -20.74 -14.91 36.51
CA LEU A 417 -21.60 -14.20 37.45
C LEU A 417 -21.00 -12.83 37.77
N THR A 418 -21.74 -12.06 38.56
CA THR A 418 -21.29 -10.73 38.99
C THR A 418 -22.11 -10.33 40.20
N ARG A 419 -21.45 -10.04 41.31
CA ARG A 419 -22.16 -9.65 42.51
C ARG A 419 -22.73 -8.25 42.37
N ASP A 420 -23.61 -7.87 43.29
CA ASP A 420 -24.24 -6.56 43.31
C ASP A 420 -24.04 -5.92 44.67
N GLY A 421 -23.73 -4.63 44.67
CA GLY A 421 -23.46 -3.91 45.89
C GLY A 421 -24.71 -3.72 46.73
N GLY A 422 -24.49 -3.17 47.92
CA GLY A 422 -25.59 -2.93 48.83
C GLY A 422 -25.09 -2.31 50.12
N ASP A 423 -26.04 -2.07 51.03
CA ASP A 423 -25.76 -1.45 52.31
C ASP A 423 -25.72 -2.51 53.41
N ALA A 424 -25.61 -2.08 54.65
CA ALA A 424 -25.55 -2.98 55.80
C ALA A 424 -26.94 -3.33 56.33
N ASN A 425 -27.76 -2.32 56.62
CA ASN A 425 -29.10 -2.54 57.14
C ASN A 425 -30.16 -2.52 56.05
N ALA A 426 -29.91 -1.82 54.95
CA ALA A 426 -30.89 -1.74 53.87
C ALA A 426 -31.15 -3.11 53.26
N THR A 427 -30.09 -3.91 53.09
CA THR A 427 -30.24 -5.23 52.51
C THR A 427 -31.14 -6.11 53.37
N ASN A 428 -32.01 -6.87 52.72
CA ASN A 428 -32.90 -7.81 53.41
C ASN A 428 -32.26 -9.19 53.50
N ASP A 429 -31.02 -9.23 54.00
CA ASP A 429 -30.25 -10.48 54.09
C ASP A 429 -30.21 -11.18 52.75
N THR A 430 -30.05 -10.41 51.68
CA THR A 430 -30.19 -10.92 50.32
C THR A 430 -29.08 -10.38 49.44
N GLU A 431 -28.53 -11.26 48.61
CA GLU A 431 -27.56 -10.89 47.59
C GLU A 431 -28.01 -11.45 46.25
N THR A 432 -28.05 -10.60 45.23
CA THR A 432 -28.54 -10.96 43.91
C THR A 432 -27.39 -10.98 42.92
N PHE A 433 -27.37 -11.98 42.05
CA PHE A 433 -26.34 -12.14 41.04
C PHE A 433 -26.95 -12.03 39.65
N ARG A 434 -26.19 -11.44 38.73
CA ARG A 434 -26.63 -11.28 37.36
C ARG A 434 -25.59 -11.90 36.44
N PRO A 435 -25.98 -12.75 35.51
CA PRO A 435 -25.01 -13.35 34.59
C PRO A 435 -24.56 -12.35 33.54
N GLY A 436 -23.82 -12.83 32.56
CA GLY A 436 -23.30 -11.95 31.53
C GLY A 436 -22.05 -11.23 31.99
N GLY A 437 -21.58 -10.33 31.14
CA GLY A 437 -20.38 -9.59 31.43
C GLY A 437 -19.14 -10.42 31.17
N GLY A 438 -18.01 -9.87 31.59
CA GLY A 438 -16.74 -10.55 31.41
C GLY A 438 -16.17 -10.32 30.03
N ASN A 439 -14.89 -10.00 29.97
CA ASN A 439 -14.21 -9.80 28.69
C ASN A 439 -13.87 -11.17 28.10
N ILE A 440 -13.09 -11.17 27.02
CA ILE A 440 -12.66 -12.43 26.44
C ILE A 440 -11.65 -13.12 27.36
N LYS A 441 -10.83 -12.33 28.05
CA LYS A 441 -9.83 -12.89 28.95
C LYS A 441 -10.47 -13.71 30.06
N ASP A 442 -11.67 -13.33 30.52
CA ASP A 442 -12.33 -14.08 31.57
C ASP A 442 -12.69 -15.49 31.12
N ASN A 443 -12.95 -15.68 29.82
CA ASN A 443 -13.16 -17.04 29.32
C ASN A 443 -11.91 -17.88 29.46
N TRP A 444 -10.76 -17.32 29.08
CA TRP A 444 -9.52 -18.08 29.06
C TRP A 444 -8.92 -18.30 30.45
N ARG A 445 -9.18 -17.40 31.39
CA ARG A 445 -8.68 -17.61 32.74
C ARG A 445 -9.36 -18.77 33.45
N SER A 446 -10.44 -19.30 32.89
CA SER A 446 -11.08 -20.49 33.41
C SER A 446 -10.45 -21.78 32.89
N GLU A 447 -9.49 -21.68 31.99
CA GLU A 447 -8.81 -22.84 31.42
C GLU A 447 -7.32 -22.87 31.70
N LEU A 448 -6.65 -21.71 31.68
CA LEU A 448 -5.23 -21.62 31.97
C LEU A 448 -4.95 -21.34 33.44
N TYR A 449 -5.80 -21.86 34.32
CA TYR A 449 -5.69 -21.61 35.75
C TYR A 449 -4.82 -22.62 36.47
N LYS A 450 -4.17 -23.53 35.75
CA LYS A 450 -3.36 -24.56 36.38
C LYS A 450 -1.89 -24.50 36.00
N TYR A 451 -1.49 -23.66 35.06
CA TYR A 451 -0.14 -23.67 34.53
C TYR A 451 0.58 -22.37 34.83
N LYS A 452 1.91 -22.48 35.00
CA LYS A 452 2.76 -21.33 35.28
C LYS A 452 4.13 -21.60 34.70
N VAL A 453 4.56 -20.76 33.76
CA VAL A 453 5.85 -20.95 33.11
C VAL A 453 6.98 -20.67 34.10
N VAL A 454 8.01 -21.51 34.05
CA VAL A 454 9.19 -21.34 34.88
C VAL A 454 10.42 -21.51 34.00
N GLN A 455 11.54 -20.97 34.49
CA GLN A 455 12.81 -21.04 33.77
C GLN A 455 13.80 -21.86 34.59
N ILE A 456 14.54 -22.71 33.90
CA ILE A 456 15.50 -23.58 34.57
C ILE A 456 16.80 -22.84 34.79
N GLU A 457 17.43 -23.06 35.95
CA GLU A 457 18.74 -22.51 36.28
C GLU A 457 19.64 -23.67 36.70
N PRO A 458 20.20 -24.40 35.73
CA PRO A 458 20.96 -25.61 36.07
C PRO A 458 22.31 -25.35 36.71
N LEU A 459 22.66 -24.11 37.03
CA LEU A 459 23.93 -23.81 37.68
C LEU A 459 23.76 -23.92 39.19
N GLY A 460 24.04 -25.10 39.72
CA GLY A 460 24.09 -25.26 41.15
C GLY A 460 25.47 -24.99 41.70
N ILE A 461 25.55 -24.74 43.00
CA ILE A 461 26.82 -24.45 43.64
C ILE A 461 26.70 -24.71 45.14
N ALA A 462 27.69 -25.41 45.70
CA ALA A 462 27.64 -25.81 47.10
C ALA A 462 29.01 -26.27 47.58
N PRO A 463 29.35 -26.04 48.84
CA PRO A 463 30.67 -26.47 49.34
C PRO A 463 30.80 -27.98 49.39
N THR A 464 32.03 -28.45 49.19
CA THR A 464 32.35 -29.87 49.23
C THR A 464 33.79 -29.96 49.75
N LYS A 465 34.43 -31.12 49.57
CA LYS A 465 35.79 -31.34 50.06
C LYS A 465 36.82 -31.48 48.96
N CYS A 466 36.48 -31.15 47.71
CA CYS A 466 37.43 -31.25 46.62
C CYS A 466 38.63 -30.32 46.81
N LYS A 467 39.64 -30.57 45.99
CA LYS A 467 40.72 -29.62 45.76
C LYS A 467 41.35 -30.00 44.43
N ARG A 468 41.16 -29.17 43.40
CA ARG A 468 41.67 -29.51 42.08
C ARG A 468 43.18 -29.70 42.11
N ARG A 469 43.65 -30.76 41.47
CA ARG A 469 45.07 -31.09 41.50
C ARG A 469 45.87 -30.03 40.76
N VAL A 470 47.14 -29.93 41.14
CA VAL A 470 48.07 -28.98 40.52
C VAL A 470 48.88 -29.73 39.47
N VAL A 471 49.36 -28.98 38.48
CA VAL A 471 50.17 -29.53 37.39
C VAL A 471 51.61 -29.12 37.63
N GLU A 472 52.50 -30.11 37.69
CA GLU A 472 53.92 -29.84 37.93
C GLU A 472 54.69 -29.78 36.61
N GLN B 1 -6.14 17.98 32.51
CA GLN B 1 -6.13 17.07 31.38
C GLN B 1 -7.35 16.16 31.39
N VAL B 2 -7.58 15.49 32.53
CA VAL B 2 -8.72 14.59 32.65
C VAL B 2 -10.03 15.38 32.53
N GLN B 3 -10.12 16.49 33.24
CA GLN B 3 -11.21 17.48 33.13
C GLN B 3 -12.59 16.81 33.03
N LEU B 4 -12.92 16.06 34.06
CA LEU B 4 -14.24 15.43 34.14
C LEU B 4 -15.31 16.45 34.45
N LEU B 5 -15.78 17.18 33.43
CA LEU B 5 -16.80 18.18 33.63
C LEU B 5 -18.19 17.55 33.52
N GLN B 6 -19.21 18.34 33.86
CA GLN B 6 -20.59 17.88 33.88
C GLN B 6 -21.48 18.94 33.25
N SER B 7 -22.78 18.79 33.46
CA SER B 7 -23.79 19.71 32.95
C SER B 7 -24.29 20.61 34.06
N GLY B 8 -25.16 21.55 33.69
CA GLY B 8 -25.71 22.50 34.62
C GLY B 8 -26.83 21.91 35.47
N ALA B 9 -27.30 22.73 36.40
CA ALA B 9 -28.34 22.30 37.32
C ALA B 9 -29.66 22.06 36.59
N ALA B 10 -30.46 21.14 37.13
CA ALA B 10 -31.76 20.83 36.57
C ALA B 10 -32.78 20.73 37.70
N VAL B 11 -34.02 21.08 37.39
CA VAL B 11 -35.13 21.02 38.32
C VAL B 11 -36.34 20.44 37.59
N THR B 12 -37.03 19.51 38.26
CA THR B 12 -38.21 18.87 37.68
C THR B 12 -39.23 18.58 38.77
N LYS B 13 -40.50 18.57 38.37
CA LYS B 13 -41.57 18.18 39.27
C LYS B 13 -41.56 16.66 39.46
N PRO B 14 -42.15 16.17 40.55
CA PRO B 14 -42.10 14.72 40.81
C PRO B 14 -42.73 13.92 39.69
N GLY B 15 -42.11 12.77 39.38
CA GLY B 15 -42.56 11.90 38.32
C GLY B 15 -41.93 12.15 36.97
N ALA B 16 -41.12 13.20 36.83
CA ALA B 16 -40.48 13.50 35.56
C ALA B 16 -39.23 12.64 35.40
N SER B 17 -38.45 12.93 34.36
CA SER B 17 -37.19 12.23 34.12
C SER B 17 -36.11 13.26 33.80
N VAL B 18 -34.92 13.06 34.37
CA VAL B 18 -33.80 13.97 34.20
C VAL B 18 -32.59 13.18 33.74
N ARG B 19 -31.81 13.77 32.84
CA ARG B 19 -30.56 13.20 32.36
C ARG B 19 -29.44 14.19 32.58
N VAL B 20 -28.37 13.74 33.26
CA VAL B 20 -27.20 14.56 33.49
C VAL B 20 -26.01 13.89 32.80
N SER B 21 -25.02 14.71 32.46
CA SER B 21 -23.93 14.26 31.60
C SER B 21 -22.61 14.21 32.36
N CYS B 22 -21.62 13.63 31.69
CA CYS B 22 -20.26 13.52 32.23
C CYS B 22 -19.34 13.18 31.07
N GLU B 23 -18.29 13.97 30.88
CA GLU B 23 -17.38 13.83 29.75
C GLU B 23 -15.96 13.64 30.25
N ALA B 24 -15.25 12.68 29.67
CA ALA B 24 -13.87 12.39 30.01
C ALA B 24 -13.05 12.34 28.72
N SER B 25 -11.94 13.09 28.68
CA SER B 25 -11.09 13.14 27.51
C SER B 25 -9.65 12.72 27.78
N GLY B 26 -9.04 13.21 28.85
CA GLY B 26 -7.61 13.18 28.98
C GLY B 26 -6.98 11.93 29.57
N TYR B 27 -7.39 10.75 29.10
CA TYR B 27 -6.72 9.50 29.45
C TYR B 27 -7.36 8.38 28.63
N ASN B 28 -6.74 7.20 28.71
CA ASN B 28 -7.25 6.02 28.04
C ASN B 28 -8.49 5.55 28.80
N ILE B 29 -9.66 5.83 28.24
CA ILE B 29 -10.90 5.67 28.98
C ILE B 29 -11.27 4.19 29.13
N ARG B 30 -10.68 3.32 28.31
CA ARG B 30 -11.22 1.98 28.10
C ARG B 30 -11.23 1.16 29.39
N ASP B 31 -10.09 1.07 30.07
CA ASP B 31 -9.93 0.15 31.18
C ASP B 31 -9.98 0.81 32.55
N TYR B 32 -10.55 2.01 32.66
CA TYR B 32 -10.91 2.60 33.93
C TYR B 32 -12.43 2.71 34.03
N PHE B 33 -12.97 2.24 35.14
CA PHE B 33 -14.41 2.24 35.35
C PHE B 33 -14.91 3.67 35.64
N ILE B 34 -16.21 3.77 35.86
CA ILE B 34 -16.86 5.02 36.24
C ILE B 34 -17.89 4.70 37.31
N HIS B 35 -17.87 5.46 38.40
CA HIS B 35 -18.79 5.27 39.51
C HIS B 35 -19.48 6.58 39.80
N TRP B 36 -20.79 6.52 40.06
CA TRP B 36 -21.60 7.70 40.30
C TRP B 36 -22.02 7.76 41.76
N TRP B 37 -21.98 8.97 42.32
CA TRP B 37 -22.26 9.16 43.73
C TRP B 37 -23.24 10.32 43.90
N ARG B 38 -24.07 10.22 44.93
CA ARG B 38 -25.03 11.25 45.27
C ARG B 38 -24.85 11.63 46.74
N GLN B 39 -25.18 12.87 47.05
CA GLN B 39 -24.99 13.41 48.41
C GLN B 39 -26.25 14.17 48.81
N ALA B 40 -27.13 13.50 49.54
CA ALA B 40 -28.28 14.20 50.10
C ALA B 40 -27.79 15.26 51.10
N PRO B 41 -28.34 16.47 51.05
CA PRO B 41 -27.86 17.54 51.93
C PRO B 41 -27.99 17.15 53.40
N GLY B 42 -26.96 17.48 54.17
CA GLY B 42 -26.95 17.15 55.58
C GLY B 42 -26.72 15.69 55.90
N GLN B 43 -26.30 14.89 54.93
CA GLN B 43 -26.08 13.47 55.13
C GLN B 43 -24.83 13.03 54.39
N GLY B 44 -24.33 11.86 54.76
CA GLY B 44 -23.11 11.33 54.19
C GLY B 44 -23.29 10.91 52.75
N LEU B 45 -22.15 10.61 52.11
CA LEU B 45 -22.16 10.21 50.71
C LEU B 45 -22.78 8.83 50.54
N GLN B 46 -23.19 8.54 49.31
CA GLN B 46 -23.81 7.26 48.99
C GLN B 46 -23.35 6.81 47.62
N TRP B 47 -23.45 5.51 47.39
CA TRP B 47 -23.09 4.92 46.11
C TRP B 47 -24.34 4.71 45.27
N VAL B 48 -24.25 5.01 43.98
CA VAL B 48 -25.36 4.87 43.06
C VAL B 48 -25.17 3.67 42.14
N GLY B 49 -23.96 3.47 41.63
CA GLY B 49 -23.71 2.35 40.75
C GLY B 49 -22.33 2.48 40.11
N TRP B 50 -22.12 1.67 39.08
CA TRP B 50 -20.87 1.72 38.33
C TRP B 50 -21.11 1.18 36.93
N ILE B 51 -20.41 1.77 35.96
CA ILE B 51 -20.56 1.41 34.55
C ILE B 51 -19.18 1.12 33.98
N ASN B 52 -19.15 0.24 32.99
CA ASN B 52 -17.92 -0.11 32.30
C ASN B 52 -17.92 0.55 30.94
N PRO B 53 -17.00 1.49 30.67
CA PRO B 53 -17.04 2.18 29.36
C PRO B 53 -16.76 1.26 28.19
N LYS B 54 -16.12 0.11 28.41
CA LYS B 54 -15.87 -0.81 27.30
C LYS B 54 -17.18 -1.38 26.76
N THR B 55 -18.05 -1.86 27.65
CA THR B 55 -19.25 -2.57 27.24
C THR B 55 -20.54 -1.92 27.73
N GLY B 56 -20.47 -0.84 28.49
CA GLY B 56 -21.68 -0.19 28.96
C GLY B 56 -22.48 -0.97 29.95
N GLN B 57 -21.87 -1.94 30.62
CA GLN B 57 -22.61 -2.76 31.58
C GLN B 57 -22.87 -1.98 32.86
N PRO B 58 -24.12 -1.82 33.28
CA PRO B 58 -24.41 -1.14 34.53
C PRO B 58 -24.53 -2.13 35.69
N ASN B 59 -24.61 -1.57 36.90
CA ASN B 59 -24.86 -2.34 38.10
C ASN B 59 -25.20 -1.39 39.24
N ASN B 60 -26.32 -1.64 39.92
CA ASN B 60 -26.80 -0.75 40.97
C ASN B 60 -27.34 -1.59 42.12
N PRO B 61 -27.38 -1.01 43.33
CA PRO B 61 -27.92 -1.76 44.47
C PRO B 61 -29.42 -2.00 44.36
N ARG B 62 -29.99 -2.63 45.39
CA ARG B 62 -31.40 -3.01 45.34
C ARG B 62 -32.32 -1.79 45.35
N GLN B 63 -32.06 -0.82 46.23
CA GLN B 63 -32.96 0.30 46.39
C GLN B 63 -33.03 1.16 45.13
N PHE B 64 -31.90 1.37 44.47
CA PHE B 64 -31.84 2.17 43.26
C PHE B 64 -32.06 1.35 42.00
N GLN B 65 -32.39 0.07 42.14
CA GLN B 65 -32.56 -0.79 40.98
C GLN B 65 -33.81 -0.42 40.19
N GLY B 66 -33.74 -0.60 38.88
CA GLY B 66 -34.87 -0.37 38.00
C GLY B 66 -34.94 1.02 37.41
N ARG B 67 -35.28 2.01 38.24
CA ARG B 67 -35.43 3.37 37.72
C ARG B 67 -34.11 3.93 37.22
N VAL B 68 -33.01 3.65 37.93
CA VAL B 68 -31.70 4.11 37.49
C VAL B 68 -31.35 3.48 36.16
N SER B 69 -30.86 4.29 35.23
CA SER B 69 -30.52 3.82 33.88
C SER B 69 -29.21 4.47 33.45
N LEU B 70 -28.13 3.72 33.53
CA LEU B 70 -26.82 4.21 33.12
C LEU B 70 -26.52 3.78 31.69
N THR B 71 -25.78 4.62 30.99
CA THR B 71 -25.40 4.32 29.61
C THR B 71 -24.18 5.17 29.25
N ARG B 72 -23.53 4.79 28.15
CA ARG B 72 -22.40 5.51 27.63
C ARG B 72 -22.57 5.68 26.12
N HIS B 73 -21.96 6.75 25.60
CA HIS B 73 -21.99 7.04 24.18
C HIS B 73 -20.57 7.11 23.66
N ALA B 74 -20.29 6.39 22.57
CA ALA B 74 -18.95 6.27 22.03
C ALA B 74 -18.69 7.32 20.96
N SER B 75 -17.48 7.86 20.95
CA SER B 75 -17.06 8.76 19.89
C SER B 75 -16.57 7.95 18.70
N TRP B 76 -16.32 8.66 17.59
CA TRP B 76 -15.91 7.97 16.37
C TRP B 76 -14.52 7.36 16.51
N ASP B 77 -13.60 8.05 17.20
CA ASP B 77 -12.23 7.60 17.33
C ASP B 77 -11.91 6.96 18.68
N PHE B 78 -12.85 6.96 19.62
CA PHE B 78 -12.70 6.27 20.90
C PHE B 78 -11.63 6.93 21.77
N ASP B 79 -11.76 8.24 21.98
CA ASP B 79 -10.91 8.95 22.95
C ASP B 79 -11.70 9.73 23.98
N THR B 80 -12.78 10.40 23.60
CA THR B 80 -13.63 11.15 24.52
C THR B 80 -15.02 10.54 24.49
N TYR B 81 -15.50 10.09 25.63
CA TYR B 81 -16.78 9.43 25.73
C TYR B 81 -17.84 10.39 26.25
N SER B 82 -19.06 9.87 26.41
CA SER B 82 -20.14 10.59 27.05
C SER B 82 -20.84 9.64 28.01
N PHE B 83 -21.27 10.17 29.16
CA PHE B 83 -21.95 9.38 30.16
C PHE B 83 -23.25 10.07 30.54
N TYR B 84 -24.27 9.26 30.83
CA TYR B 84 -25.60 9.78 31.11
C TYR B 84 -26.19 9.13 32.35
N MET B 85 -27.08 9.85 33.01
CA MET B 85 -27.85 9.36 34.15
C MET B 85 -29.32 9.52 33.79
N ASP B 86 -29.87 8.52 33.11
CA ASP B 86 -31.28 8.55 32.72
C ASP B 86 -32.13 8.15 33.93
N LEU B 87 -32.20 9.08 34.89
CA LEU B 87 -32.97 8.84 36.09
C LEU B 87 -34.45 8.85 35.78
N LYS B 88 -35.19 7.88 36.31
CA LYS B 88 -36.57 7.64 35.93
C LYS B 88 -37.48 7.77 37.15
N ALA B 89 -38.62 8.43 36.96
CA ALA B 89 -39.65 8.55 37.98
C ALA B 89 -39.10 9.14 39.28
N LEU B 90 -38.67 10.40 39.16
CA LEU B 90 -38.03 11.07 40.28
C LEU B 90 -38.97 11.12 41.48
N ARG B 91 -38.44 10.74 42.64
CA ARG B 91 -39.22 10.65 43.86
C ARG B 91 -39.17 11.97 44.63
N SER B 92 -39.59 11.94 45.89
CA SER B 92 -39.66 13.16 46.68
C SER B 92 -38.27 13.67 47.03
N ASP B 93 -37.52 12.89 47.82
CA ASP B 93 -36.20 13.31 48.29
C ASP B 93 -35.13 12.65 47.43
N ASP B 94 -34.90 13.23 46.26
CA ASP B 94 -33.74 12.92 45.45
C ASP B 94 -32.89 14.15 45.18
N THR B 95 -33.27 15.30 45.74
CA THR B 95 -32.49 16.52 45.58
C THR B 95 -31.10 16.36 46.21
N ALA B 96 -30.07 16.38 45.39
CA ALA B 96 -28.72 16.12 45.84
C ALA B 96 -27.76 16.57 44.74
N VAL B 97 -26.48 16.28 44.93
CA VAL B 97 -25.44 16.58 43.95
C VAL B 97 -24.89 15.25 43.45
N TYR B 98 -24.82 15.10 42.13
CA TYR B 98 -24.46 13.83 41.51
C TYR B 98 -23.08 13.97 40.88
N PHE B 99 -22.08 13.37 41.53
CA PHE B 99 -20.72 13.36 41.00
C PHE B 99 -20.49 12.11 40.16
N CYS B 100 -19.71 12.28 39.09
CA CYS B 100 -19.21 11.16 38.31
C CYS B 100 -17.71 11.05 38.54
N ALA B 101 -17.26 9.91 39.04
CA ALA B 101 -15.89 9.74 39.47
C ALA B 101 -15.21 8.62 38.71
N ARG B 102 -13.91 8.78 38.50
CA ARG B 102 -13.07 7.78 37.85
C ARG B 102 -12.41 6.91 38.91
N GLN B 103 -12.19 5.65 38.56
CA GLN B 103 -11.51 4.70 39.44
C GLN B 103 -10.13 4.39 38.85
N ARG B 104 -9.09 4.58 39.66
CA ARG B 104 -7.73 4.42 39.15
C ARG B 104 -7.37 2.96 39.00
N SER B 105 -7.51 2.17 40.08
CA SER B 105 -7.09 0.78 40.08
C SER B 105 -8.11 -0.03 40.87
N ASP B 106 -7.74 -1.27 41.18
CA ASP B 106 -8.57 -2.14 41.99
C ASP B 106 -8.71 -1.59 43.41
N TYR B 107 -7.85 -0.66 43.80
CA TYR B 107 -7.85 -0.12 45.16
C TYR B 107 -9.10 0.69 45.47
N TRP B 108 -9.96 0.92 44.48
CA TRP B 108 -11.12 1.79 44.59
C TRP B 108 -10.70 3.19 45.05
N ASP B 109 -9.63 3.70 44.44
CA ASP B 109 -9.14 5.05 44.68
C ASP B 109 -9.65 5.96 43.58
N PHE B 110 -10.38 7.01 43.95
CA PHE B 110 -11.01 7.91 43.01
C PHE B 110 -10.20 9.20 42.98
N ASP B 111 -9.26 9.29 42.04
CA ASP B 111 -8.41 10.47 41.94
C ASP B 111 -9.18 11.68 41.41
N VAL B 112 -9.95 11.49 40.34
CA VAL B 112 -10.61 12.57 39.65
C VAL B 112 -12.10 12.54 39.95
N TRP B 113 -12.67 13.71 40.24
CA TRP B 113 -14.09 13.86 40.47
C TRP B 113 -14.64 14.97 39.61
N GLY B 114 -15.94 14.89 39.34
CA GLY B 114 -16.59 15.92 38.56
C GLY B 114 -16.88 17.17 39.37
N SER B 115 -17.37 18.18 38.66
CA SER B 115 -17.67 19.46 39.30
C SER B 115 -18.79 19.33 40.32
N GLY B 116 -19.85 18.60 39.97
CA GLY B 116 -20.99 18.46 40.84
C GLY B 116 -22.24 19.12 40.30
N THR B 117 -23.24 18.31 39.95
CA THR B 117 -24.47 18.80 39.33
C THR B 117 -25.61 18.73 40.34
N GLN B 118 -26.37 19.81 40.44
CA GLN B 118 -27.50 19.89 41.36
C GLN B 118 -28.78 19.48 40.65
N VAL B 119 -29.51 18.55 41.23
CA VAL B 119 -30.76 18.05 40.67
C VAL B 119 -31.81 18.15 41.77
N THR B 120 -32.54 19.26 41.80
CA THR B 120 -33.55 19.51 42.82
C THR B 120 -34.93 19.12 42.29
N VAL B 121 -35.69 18.40 43.13
CA VAL B 121 -37.01 17.92 42.76
C VAL B 121 -38.03 18.70 43.57
N SER B 122 -38.85 19.50 42.89
CA SER B 122 -39.86 20.30 43.59
C SER B 122 -40.95 20.71 42.62
N SER B 123 -42.13 20.99 43.18
CA SER B 123 -43.19 21.67 42.47
C SER B 123 -43.08 23.17 42.74
N ALA B 124 -44.13 23.94 42.42
CA ALA B 124 -44.21 25.36 42.76
C ALA B 124 -43.05 26.15 42.13
N SER B 125 -43.14 26.28 40.81
CA SER B 125 -42.09 26.91 40.01
C SER B 125 -41.83 28.36 40.41
N THR B 126 -40.87 28.99 39.72
CA THR B 126 -40.20 30.19 40.21
C THR B 126 -41.19 31.27 40.66
N LYS B 127 -40.75 32.03 41.66
CA LYS B 127 -41.53 33.11 42.24
C LYS B 127 -40.57 34.06 42.93
N GLY B 128 -41.02 35.32 43.10
CA GLY B 128 -40.17 36.34 43.68
C GLY B 128 -40.10 36.24 45.19
N PRO B 129 -39.37 37.19 45.79
CA PRO B 129 -39.22 37.18 47.24
C PRO B 129 -40.30 37.98 47.97
N SER B 130 -40.93 37.35 48.96
CA SER B 130 -41.90 38.04 49.83
C SER B 130 -41.14 38.60 51.02
N VAL B 131 -40.54 39.77 50.81
CA VAL B 131 -39.59 40.33 51.77
C VAL B 131 -40.33 40.94 52.95
N PHE B 132 -39.74 40.78 54.13
CA PHE B 132 -40.22 41.36 55.38
C PHE B 132 -39.04 41.90 56.16
N PRO B 133 -39.23 42.97 56.94
CA PRO B 133 -38.08 43.65 57.56
C PRO B 133 -37.59 43.03 58.86
N LEU B 134 -36.61 43.69 59.48
CA LEU B 134 -36.12 43.34 60.83
C LEU B 134 -35.87 44.66 61.55
N ALA B 135 -36.83 45.06 62.40
CA ALA B 135 -36.71 46.29 63.15
C ALA B 135 -37.09 46.06 64.61
N PRO B 136 -36.44 46.76 65.55
CA PRO B 136 -36.79 46.61 66.97
C PRO B 136 -38.03 47.41 67.31
N SER B 137 -39.14 46.71 67.51
CA SER B 137 -40.41 47.34 67.86
C SER B 137 -41.39 46.31 68.44
N THR B 145 -30.32 48.93 70.13
CA THR B 145 -30.26 47.84 71.09
C THR B 145 -30.60 46.50 70.43
N ALA B 146 -30.45 46.46 69.11
CA ALA B 146 -30.78 45.26 68.33
C ALA B 146 -29.99 45.32 67.02
N ALA B 147 -30.36 44.47 66.07
CA ALA B 147 -29.76 44.44 64.75
C ALA B 147 -30.82 44.74 63.70
N LEU B 148 -30.39 45.41 62.63
CA LEU B 148 -31.28 45.88 61.58
C LEU B 148 -31.04 45.06 60.32
N GLY B 149 -32.11 44.47 59.79
CA GLY B 149 -31.97 43.61 58.64
C GLY B 149 -33.29 43.36 57.93
N CYS B 150 -33.32 42.27 57.17
CA CYS B 150 -34.49 41.89 56.39
C CYS B 150 -34.76 40.40 56.57
N LEU B 151 -36.02 40.01 56.38
CA LEU B 151 -36.45 38.61 56.47
C LEU B 151 -37.11 38.25 55.14
N VAL B 152 -36.31 37.76 54.20
CA VAL B 152 -36.82 37.34 52.90
C VAL B 152 -37.40 35.94 53.03
N LYS B 153 -38.55 35.71 52.39
CA LYS B 153 -39.25 34.44 52.50
C LYS B 153 -39.85 34.06 51.15
N ASP B 154 -39.99 32.74 50.96
CA ASP B 154 -40.78 32.17 49.86
C ASP B 154 -40.25 32.61 48.49
N TYR B 155 -39.03 32.17 48.20
CA TYR B 155 -38.42 32.42 46.90
C TYR B 155 -37.94 31.10 46.31
N PHE B 156 -37.89 31.05 44.98
CA PHE B 156 -37.43 29.90 44.22
C PHE B 156 -37.19 30.30 42.78
N PRO B 157 -36.13 29.81 42.13
CA PRO B 157 -35.08 29.00 42.72
C PRO B 157 -33.80 29.79 43.01
N GLU B 158 -32.77 29.09 43.48
CA GLU B 158 -31.47 29.69 43.74
C GLU B 158 -30.75 29.96 42.42
N PRO B 159 -29.71 30.83 42.43
CA PRO B 159 -29.12 31.59 43.52
C PRO B 159 -29.53 33.06 43.58
N VAL B 160 -29.60 33.60 44.79
CA VAL B 160 -29.87 35.01 45.02
C VAL B 160 -28.71 35.60 45.80
N THR B 161 -28.40 36.86 45.53
CA THR B 161 -27.31 37.58 46.20
C THR B 161 -27.93 38.81 46.87
N VAL B 162 -28.42 38.63 48.09
CA VAL B 162 -28.93 39.76 48.85
C VAL B 162 -27.78 40.70 49.17
N SER B 163 -27.97 41.98 48.89
CA SER B 163 -26.92 42.98 49.04
C SER B 163 -27.34 44.03 50.06
N TRP B 164 -26.33 44.69 50.62
CA TRP B 164 -26.53 45.70 51.64
C TRP B 164 -25.88 47.01 51.21
N ASN B 165 -26.65 48.10 51.27
CA ASN B 165 -26.21 49.40 50.78
C ASN B 165 -25.75 49.31 49.33
N SER B 166 -26.43 48.46 48.55
CA SER B 166 -26.09 48.21 47.15
C SER B 166 -24.64 47.76 46.99
N GLY B 167 -24.18 46.94 47.93
CA GLY B 167 -22.83 46.41 47.89
C GLY B 167 -21.77 47.27 48.56
N ALA B 168 -22.13 48.44 49.07
CA ALA B 168 -21.18 49.33 49.72
C ALA B 168 -20.94 48.98 51.18
N LEU B 169 -21.61 47.95 51.70
CA LEU B 169 -21.48 47.55 53.10
C LEU B 169 -20.77 46.20 53.18
N THR B 170 -19.71 46.15 53.98
CA THR B 170 -18.94 44.93 54.19
C THR B 170 -18.61 44.68 55.65
N SER B 171 -19.19 45.45 56.57
CA SER B 171 -18.96 45.29 58.00
C SER B 171 -20.18 44.64 58.62
N GLY B 172 -19.98 43.49 59.28
CA GLY B 172 -21.06 42.81 59.95
C GLY B 172 -22.02 42.07 59.04
N VAL B 173 -21.68 41.90 57.76
CA VAL B 173 -22.59 41.22 56.83
C VAL B 173 -22.75 39.77 57.25
N HIS B 174 -23.99 39.33 57.39
CA HIS B 174 -24.29 37.97 57.78
C HIS B 174 -25.62 37.55 57.15
N THR B 175 -25.60 36.42 56.45
CA THR B 175 -26.80 35.89 55.83
C THR B 175 -26.70 34.37 55.73
N PHE B 176 -27.76 33.69 56.12
CA PHE B 176 -27.82 32.25 56.05
C PHE B 176 -28.11 31.80 54.61
N PRO B 177 -27.56 30.66 54.19
CA PRO B 177 -27.86 30.15 52.85
C PRO B 177 -29.31 29.74 52.66
N ALA B 178 -29.65 29.23 51.48
CA ALA B 178 -31.02 28.85 51.21
C ALA B 178 -31.43 27.64 52.04
N VAL B 179 -32.61 27.73 52.66
CA VAL B 179 -33.21 26.61 53.39
C VAL B 179 -34.47 26.19 52.66
N LEU B 180 -34.70 24.89 52.60
CA LEU B 180 -35.80 24.32 51.82
C LEU B 180 -37.08 24.39 52.65
N GLN B 181 -37.94 25.37 52.32
CA GLN B 181 -39.24 25.45 52.97
C GLN B 181 -40.14 24.34 52.47
N SER B 182 -40.98 23.81 53.37
CA SER B 182 -41.86 22.71 53.02
C SER B 182 -42.90 23.09 51.97
N SER B 183 -43.18 24.38 51.81
CA SER B 183 -44.15 24.82 50.81
C SER B 183 -43.67 24.48 49.40
N GLY B 184 -42.38 24.66 49.14
CA GLY B 184 -41.84 24.43 47.81
C GLY B 184 -40.92 25.55 47.38
N LEU B 185 -40.76 26.53 48.26
CA LEU B 185 -39.90 27.69 48.02
C LEU B 185 -38.79 27.71 49.07
N TYR B 186 -38.04 28.80 49.11
CA TYR B 186 -36.92 28.94 50.03
C TYR B 186 -37.05 30.26 50.79
N SER B 187 -36.26 30.37 51.86
CA SER B 187 -36.24 31.57 52.68
C SER B 187 -34.88 31.66 53.38
N LEU B 188 -34.59 32.83 53.91
CA LEU B 188 -33.37 33.06 54.69
C LEU B 188 -33.49 34.41 55.37
N SER B 189 -32.42 34.82 56.04
CA SER B 189 -32.38 36.09 56.74
C SER B 189 -31.14 36.87 56.35
N SER B 190 -31.21 38.19 56.51
CA SER B 190 -30.10 39.09 56.19
C SER B 190 -29.94 40.05 57.36
N VAL B 191 -28.82 39.93 58.07
CA VAL B 191 -28.60 40.69 59.31
C VAL B 191 -27.19 41.25 59.30
N VAL B 192 -27.07 42.52 59.68
CA VAL B 192 -25.78 43.19 59.80
C VAL B 192 -25.65 43.72 61.22
N THR B 193 -24.49 43.47 61.84
CA THR B 193 -24.26 43.93 63.21
C THR B 193 -24.26 45.45 63.26
N VAL B 194 -24.82 45.99 64.34
CA VAL B 194 -24.94 47.43 64.52
C VAL B 194 -24.97 47.72 66.02
N PRO B 195 -24.30 48.79 66.48
CA PRO B 195 -24.30 49.10 67.91
C PRO B 195 -25.70 49.37 68.44
N SER B 196 -25.78 49.46 69.77
CA SER B 196 -27.08 49.61 70.43
C SER B 196 -27.65 51.01 70.23
N SER B 197 -26.82 52.04 70.40
CA SER B 197 -27.30 53.42 70.34
C SER B 197 -27.27 54.02 68.95
N SER B 198 -26.60 53.36 67.98
CA SER B 198 -26.56 53.90 66.63
C SER B 198 -27.90 53.81 65.93
N LEU B 199 -28.83 53.00 66.44
CA LEU B 199 -30.16 52.87 65.84
C LEU B 199 -31.08 53.97 66.37
N GLY B 200 -31.94 54.48 65.48
CA GLY B 200 -32.81 55.58 65.78
C GLY B 200 -32.33 56.91 65.23
N THR B 201 -31.05 57.03 64.89
CA THR B 201 -30.50 58.21 64.26
C THR B 201 -29.99 57.97 62.86
N GLN B 202 -29.87 56.72 62.42
CA GLN B 202 -29.38 56.38 61.11
C GLN B 202 -30.31 55.37 60.47
N THR B 203 -30.40 55.42 59.14
CA THR B 203 -31.24 54.49 58.38
C THR B 203 -30.36 53.67 57.45
N TYR B 204 -30.65 52.38 57.37
CA TYR B 204 -29.91 51.45 56.52
C TYR B 204 -30.81 50.94 55.41
N ILE B 205 -30.33 51.04 54.18
CA ILE B 205 -31.08 50.57 53.01
C ILE B 205 -30.80 49.09 52.81
N CYS B 206 -31.85 48.29 52.79
CA CYS B 206 -31.76 46.85 52.62
C CYS B 206 -32.13 46.51 51.18
N ASN B 207 -31.23 45.82 50.48
CA ASN B 207 -31.38 45.55 49.06
C ASN B 207 -31.65 44.06 48.85
N VAL B 208 -32.57 43.76 47.94
CA VAL B 208 -32.95 42.39 47.62
C VAL B 208 -32.80 42.19 46.12
N ASN B 209 -32.13 41.11 45.73
CA ASN B 209 -31.86 40.80 44.34
C ASN B 209 -32.24 39.35 44.05
N HIS B 210 -32.84 39.12 42.88
CA HIS B 210 -33.16 37.77 42.43
C HIS B 210 -32.99 37.77 40.91
N LYS B 211 -31.81 37.35 40.45
CA LYS B 211 -31.49 37.40 39.03
C LYS B 211 -32.41 36.54 38.16
N PRO B 212 -32.70 35.28 38.49
CA PRO B 212 -33.55 34.48 37.58
C PRO B 212 -34.92 35.07 37.34
N SER B 213 -35.54 35.67 38.36
CA SER B 213 -36.87 36.23 38.24
C SER B 213 -36.87 37.69 37.81
N ASN B 214 -35.69 38.33 37.76
CA ASN B 214 -35.58 39.75 37.46
C ASN B 214 -36.41 40.61 38.40
N THR B 215 -36.56 40.15 39.64
CA THR B 215 -37.36 40.83 40.66
C THR B 215 -36.42 41.45 41.67
N LYS B 216 -36.32 42.78 41.66
CA LYS B 216 -35.45 43.51 42.57
C LYS B 216 -36.25 44.61 43.26
N VAL B 217 -36.19 44.64 44.59
CA VAL B 217 -36.85 45.67 45.38
C VAL B 217 -35.94 46.04 46.55
N ASP B 218 -35.72 47.34 46.75
CA ASP B 218 -34.96 47.84 47.88
C ASP B 218 -35.90 48.27 49.01
N LYS B 219 -35.44 48.11 50.25
CA LYS B 219 -36.24 48.44 51.41
C LYS B 219 -35.49 49.38 52.34
N LYS B 220 -36.26 50.13 53.13
CA LYS B 220 -35.74 50.98 54.20
C LYS B 220 -36.41 50.52 55.49
N VAL B 221 -35.63 49.96 56.41
CA VAL B 221 -36.16 49.39 57.64
C VAL B 221 -36.03 50.43 58.75
N GLU B 222 -37.14 50.72 59.42
CA GLU B 222 -37.17 51.64 60.55
C GLU B 222 -37.94 50.99 61.69
N PRO B 223 -37.63 51.35 62.94
CA PRO B 223 -38.34 50.78 64.09
C PRO B 223 -39.81 51.20 64.15
N ASP C 1 -21.34 -6.12 54.30
CA ASP C 1 -21.08 -6.79 55.56
C ASP C 1 -19.86 -6.20 56.27
N ILE C 2 -19.11 -5.35 55.56
CA ILE C 2 -17.94 -4.71 56.15
C ILE C 2 -18.37 -3.87 57.33
N GLN C 3 -17.87 -4.20 58.52
CA GLN C 3 -18.22 -3.45 59.72
C GLN C 3 -17.69 -2.03 59.62
N MET C 4 -18.46 -1.09 60.16
CA MET C 4 -18.12 0.32 60.08
C MET C 4 -18.24 0.99 61.44
N THR C 5 -17.26 1.83 61.75
CA THR C 5 -17.26 2.66 62.95
C THR C 5 -16.68 4.02 62.58
N GLN C 6 -16.63 4.91 63.56
CA GLN C 6 -16.06 6.23 63.34
C GLN C 6 -15.73 6.86 64.69
N SER C 7 -14.74 7.76 64.68
CA SER C 7 -14.36 8.53 65.85
C SER C 7 -15.53 9.41 66.28
N PRO C 8 -15.44 10.11 67.42
CA PRO C 8 -16.51 11.05 67.81
C PRO C 8 -16.98 11.97 66.70
N SER C 9 -16.16 12.15 65.67
CA SER C 9 -16.46 12.90 64.44
C SER C 9 -16.68 14.38 64.69
N SER C 10 -16.62 14.84 65.94
CA SER C 10 -16.76 16.24 66.27
C SER C 10 -15.67 16.58 67.28
N LEU C 11 -14.68 17.34 66.85
CA LEU C 11 -13.57 17.69 67.72
C LEU C 11 -13.05 19.06 67.30
N SER C 12 -12.35 19.72 68.21
CA SER C 12 -11.87 21.07 67.99
C SER C 12 -10.40 21.18 68.36
N ALA C 13 -9.66 21.93 67.56
CA ALA C 13 -8.23 22.09 67.77
C ALA C 13 -7.79 23.45 67.24
N SER C 14 -6.65 23.92 67.73
CA SER C 14 -6.12 25.21 67.36
C SER C 14 -5.29 25.08 66.07
N VAL C 15 -4.56 26.15 65.73
CA VAL C 15 -3.68 26.16 64.57
C VAL C 15 -2.32 25.62 64.98
N GLY C 16 -1.66 24.93 64.06
CA GLY C 16 -0.35 24.37 64.35
C GLY C 16 -0.37 23.27 65.39
N ASP C 17 -1.33 22.34 65.29
CA ASP C 17 -1.47 21.28 66.28
C ASP C 17 -1.50 19.91 65.62
N THR C 18 -1.86 18.88 66.38
CA THR C 18 -2.01 17.53 65.87
C THR C 18 -3.46 17.08 65.99
N VAL C 19 -3.84 16.14 65.14
CA VAL C 19 -5.21 15.63 65.12
C VAL C 19 -5.18 14.17 64.66
N THR C 20 -6.09 13.36 65.20
CA THR C 20 -6.13 11.93 64.92
C THR C 20 -7.57 11.46 64.87
N ILE C 21 -7.86 10.56 63.93
CA ILE C 21 -9.16 9.93 63.80
C ILE C 21 -8.98 8.44 63.54
N THR C 22 -10.01 7.67 63.85
CA THR C 22 -9.97 6.22 63.78
C THR C 22 -11.07 5.68 62.87
N CYS C 23 -10.74 4.65 62.11
CA CYS C 23 -11.71 3.93 61.29
C CYS C 23 -11.36 2.45 61.32
N GLN C 24 -12.22 1.65 61.94
CA GLN C 24 -12.05 0.19 61.94
C GLN C 24 -12.60 -0.35 60.62
N ALA C 25 -11.72 -0.52 59.63
CA ALA C 25 -12.09 -1.05 58.33
C ALA C 25 -11.24 -2.27 58.04
N ASN C 26 -11.87 -3.35 57.61
CA ASN C 26 -11.19 -4.61 57.31
C ASN C 26 -11.03 -4.84 55.81
N GLY C 27 -10.82 -3.75 55.07
CA GLY C 27 -10.56 -3.85 53.64
C GLY C 27 -9.68 -2.70 53.19
N TYR C 28 -9.53 -2.54 51.88
CA TYR C 28 -8.77 -1.39 51.37
C TYR C 28 -9.46 -0.11 51.81
N LEU C 29 -8.68 0.80 52.42
CA LEU C 29 -9.22 2.00 53.02
C LEU C 29 -8.60 3.23 52.37
N ASN C 30 -9.44 4.16 51.94
CA ASN C 30 -9.00 5.42 51.38
C ASN C 30 -9.58 6.58 52.18
N TRP C 31 -8.84 7.68 52.21
CA TRP C 31 -9.26 8.87 52.92
C TRP C 31 -9.69 9.95 51.93
N TYR C 32 -10.41 10.94 52.44
CA TYR C 32 -10.95 11.98 51.58
C TYR C 32 -11.04 13.29 52.37
N GLN C 33 -10.83 14.39 51.65
CA GLN C 33 -10.95 15.74 52.20
C GLN C 33 -12.00 16.49 51.41
N GLN C 34 -13.19 16.65 52.00
CA GLN C 34 -14.31 17.27 51.33
C GLN C 34 -14.48 18.71 51.82
N ARG C 35 -14.49 19.65 50.88
CA ARG C 35 -14.75 21.04 51.20
C ARG C 35 -16.25 21.29 51.31
N ARG C 36 -16.60 22.45 51.84
CA ARG C 36 -18.01 22.82 52.02
C ARG C 36 -18.64 23.02 50.66
N GLY C 37 -19.51 22.09 50.26
CA GLY C 37 -20.17 22.19 48.97
C GLY C 37 -19.23 22.10 47.79
N LYS C 38 -18.27 21.18 47.82
CA LYS C 38 -17.31 21.03 46.74
C LYS C 38 -16.95 19.56 46.59
N ALA C 39 -16.38 19.23 45.44
CA ALA C 39 -16.06 17.84 45.13
C ALA C 39 -14.98 17.32 46.06
N PRO C 40 -15.21 16.23 46.79
CA PRO C 40 -14.16 15.68 47.66
C PRO C 40 -12.96 15.20 46.86
N LYS C 41 -11.79 15.27 47.50
CA LYS C 41 -10.53 14.88 46.89
C LYS C 41 -9.86 13.80 47.71
N LEU C 42 -9.20 12.87 47.04
CA LEU C 42 -8.49 11.80 47.72
C LEU C 42 -7.23 12.32 48.39
N LEU C 43 -6.91 11.77 49.54
CA LEU C 43 -5.66 12.09 50.24
C LEU C 43 -4.76 10.88 50.44
N ILE C 44 -5.28 9.81 51.02
CA ILE C 44 -4.50 8.61 51.32
C ILE C 44 -5.30 7.39 50.89
N TYR C 45 -4.61 6.40 50.34
CA TYR C 45 -5.17 5.07 50.11
C TYR C 45 -4.31 4.03 50.82
N ASP C 46 -4.97 3.02 51.39
CA ASP C 46 -4.42 1.99 52.27
C ASP C 46 -4.02 2.53 53.64
N GLY C 47 -4.15 3.83 53.88
CA GLY C 47 -3.71 4.41 55.13
C GLY C 47 -2.23 4.63 55.23
N SER C 48 -1.44 4.16 54.27
CA SER C 48 0.01 4.27 54.31
C SER C 48 0.57 5.04 53.13
N LYS C 49 0.18 4.68 51.91
CA LYS C 49 0.73 5.33 50.73
C LYS C 49 0.17 6.73 50.56
N LEU C 50 0.92 7.56 49.84
CA LEU C 50 0.52 8.92 49.53
C LEU C 50 0.61 9.14 48.03
N GLU C 51 -0.17 10.11 47.55
CA GLU C 51 -0.17 10.46 46.14
C GLU C 51 0.46 11.84 45.95
N ARG C 52 0.74 12.16 44.69
CA ARG C 52 1.37 13.43 44.35
C ARG C 52 0.39 14.57 44.58
N GLY C 53 0.93 15.78 44.64
CA GLY C 53 0.12 16.95 44.90
C GLY C 53 -0.50 16.96 46.29
N VAL C 54 0.23 16.46 47.28
CA VAL C 54 -0.27 16.37 48.64
C VAL C 54 0.81 16.90 49.60
N PRO C 55 0.47 17.84 50.49
CA PRO C 55 1.46 18.31 51.47
C PRO C 55 1.94 17.17 52.36
N SER C 56 3.22 17.21 52.70
CA SER C 56 3.83 16.14 53.48
C SER C 56 3.41 16.14 54.94
N ARG C 57 2.50 17.03 55.34
CA ARG C 57 1.95 17.01 56.69
C ARG C 57 0.85 15.97 56.86
N PHE C 58 0.51 15.25 55.79
CA PHE C 58 -0.57 14.28 55.79
C PHE C 58 0.03 12.89 55.97
N SER C 59 -0.37 12.21 57.04
CA SER C 59 0.25 10.93 57.38
C SER C 59 -0.80 9.99 57.96
N GLY C 60 -0.56 8.69 57.80
CA GLY C 60 -1.43 7.68 58.37
C GLY C 60 -0.65 6.41 58.65
N ARG C 61 -1.09 5.68 59.67
CA ARG C 61 -0.46 4.42 60.05
C ARG C 61 -1.54 3.38 60.29
N ARG C 62 -1.37 2.20 59.71
CA ARG C 62 -2.31 1.09 59.87
C ARG C 62 -1.81 0.14 60.94
N TRP C 63 -2.71 -0.21 61.86
CA TRP C 63 -2.40 -1.19 62.91
C TRP C 63 -3.64 -2.02 63.17
N GLY C 64 -3.57 -3.31 62.86
CA GLY C 64 -4.70 -4.18 63.09
C GLY C 64 -5.88 -3.82 62.21
N GLN C 65 -7.08 -3.95 62.77
CA GLN C 65 -8.30 -3.71 62.02
C GLN C 65 -8.63 -2.22 61.88
N GLU C 66 -8.01 -1.36 62.68
CA GLU C 66 -8.33 0.05 62.66
C GLU C 66 -7.21 0.86 62.01
N TYR C 67 -7.60 1.92 61.31
CA TYR C 67 -6.68 2.84 60.67
C TYR C 67 -6.71 4.16 61.41
N ASN C 68 -5.77 5.05 61.07
CA ASN C 68 -5.48 6.15 61.98
C ASN C 68 -4.81 7.27 61.19
N LEU C 69 -5.47 8.42 61.16
CA LEU C 69 -5.04 9.54 60.31
C LEU C 69 -4.45 10.64 61.20
N THR C 70 -3.14 10.82 61.12
CA THR C 70 -2.43 11.79 61.94
C THR C 70 -2.08 12.99 61.07
N ILE C 71 -2.51 14.18 61.49
CA ILE C 71 -2.20 15.41 60.78
C ILE C 71 -1.52 16.36 61.76
N ASN C 72 -0.37 16.90 61.37
CA ASN C 72 0.41 17.77 62.23
C ASN C 72 0.37 19.21 61.73
N ASN C 73 0.67 20.13 62.64
CA ASN C 73 0.70 21.57 62.41
C ASN C 73 -0.50 22.01 61.55
N LEU C 74 -1.69 21.81 62.12
CA LEU C 74 -2.94 22.07 61.41
C LEU C 74 -2.99 23.49 60.89
N GLN C 75 -2.91 23.66 59.56
CA GLN C 75 -3.01 24.98 58.96
C GLN C 75 -4.46 25.38 58.76
N PRO C 76 -4.75 26.68 58.76
CA PRO C 76 -6.14 27.12 58.52
C PRO C 76 -6.68 26.68 57.18
N GLU C 77 -5.84 26.60 56.15
CA GLU C 77 -6.32 26.24 54.80
C GLU C 77 -6.78 24.79 54.71
N ASP C 78 -6.48 23.96 55.70
CA ASP C 78 -6.87 22.56 55.69
C ASP C 78 -8.18 22.30 56.42
N ILE C 79 -8.94 23.35 56.76
CA ILE C 79 -10.22 23.17 57.42
C ILE C 79 -11.20 22.52 56.43
N ALA C 80 -11.70 21.35 56.78
CA ALA C 80 -12.59 20.57 55.92
C ALA C 80 -13.18 19.45 56.77
N THR C 81 -13.84 18.51 56.09
CA THR C 81 -14.33 17.30 56.74
C THR C 81 -13.73 16.09 56.03
N TYR C 82 -13.55 15.01 56.79
CA TYR C 82 -12.90 13.81 56.28
C TYR C 82 -13.74 12.58 56.61
N PHE C 83 -13.86 11.69 55.63
CA PHE C 83 -14.53 10.40 55.81
C PHE C 83 -13.66 9.31 55.21
N CYS C 84 -13.70 8.13 55.83
CA CYS C 84 -12.93 6.99 55.37
C CYS C 84 -13.80 6.11 54.48
N GLN C 85 -13.31 5.83 53.27
CA GLN C 85 -14.08 5.14 52.24
C GLN C 85 -13.47 3.78 51.94
N VAL C 86 -14.33 2.77 51.83
CA VAL C 86 -13.92 1.41 51.51
C VAL C 86 -14.66 1.02 50.23
N TYR C 87 -14.57 -0.24 49.80
CA TYR C 87 -15.14 -0.73 48.56
C TYR C 87 -16.49 -0.11 48.24
N GLU C 88 -17.44 -0.20 49.17
CA GLU C 88 -18.80 0.26 48.91
C GLU C 88 -19.28 1.30 49.90
N PHE C 89 -19.13 1.05 51.19
CA PHE C 89 -19.71 1.89 52.23
C PHE C 89 -18.85 3.13 52.44
N VAL C 90 -19.50 4.21 52.88
CA VAL C 90 -18.81 5.45 53.22
C VAL C 90 -19.40 5.97 54.52
N VAL C 91 -18.54 6.31 55.47
CA VAL C 91 -18.96 6.82 56.76
C VAL C 91 -19.44 8.26 56.61
N PRO C 92 -20.27 8.78 57.52
CA PRO C 92 -20.73 10.16 57.38
C PRO C 92 -19.60 11.19 57.32
N GLY C 93 -18.54 10.98 58.08
CA GLY C 93 -17.40 11.87 58.08
C GLY C 93 -17.12 12.45 59.45
N THR C 94 -16.04 13.24 59.50
CA THR C 94 -15.56 13.84 60.74
C THR C 94 -15.53 15.36 60.58
N ARG C 95 -16.09 16.06 61.55
CA ARG C 95 -16.13 17.51 61.51
C ARG C 95 -14.80 18.11 61.96
N LEU C 96 -14.63 19.41 61.69
CA LEU C 96 -13.44 20.13 62.07
C LEU C 96 -13.79 21.60 62.26
N ASP C 97 -12.94 22.31 63.01
CA ASP C 97 -13.12 23.73 63.28
C ASP C 97 -11.86 24.25 63.95
N LEU C 98 -11.90 25.53 64.35
CA LEU C 98 -10.81 26.15 65.08
C LEU C 98 -11.05 26.03 66.58
N LYS C 99 -10.29 26.80 67.37
CA LYS C 99 -10.32 26.69 68.83
C LYS C 99 -10.43 28.06 69.48
N ARG C 100 -10.26 28.10 70.81
CA ARG C 100 -10.04 29.27 71.67
C ARG C 100 -11.16 30.31 71.61
N THR C 101 -12.21 30.06 70.85
CA THR C 101 -13.35 30.98 70.81
C THR C 101 -14.48 30.48 71.71
N VAL C 102 -14.16 30.31 72.99
CA VAL C 102 -15.19 29.93 73.95
C VAL C 102 -15.89 31.21 74.42
N ALA C 103 -16.95 31.59 73.71
CA ALA C 103 -17.66 32.83 73.98
C ALA C 103 -19.16 32.57 74.00
N ALA C 104 -19.84 33.20 74.94
CA ALA C 104 -21.30 33.11 75.00
C ALA C 104 -21.93 33.84 73.81
N PRO C 105 -23.03 33.32 73.28
CA PRO C 105 -23.68 33.98 72.14
C PRO C 105 -24.30 35.31 72.55
N SER C 106 -24.51 36.14 71.53
CA SER C 106 -25.24 37.40 71.68
C SER C 106 -26.65 37.20 71.14
N VAL C 107 -27.64 37.30 72.01
CA VAL C 107 -29.03 37.01 71.66
C VAL C 107 -29.74 38.31 71.33
N PHE C 108 -30.75 38.21 70.46
CA PHE C 108 -31.57 39.35 70.09
C PHE C 108 -33.04 38.94 70.04
N ILE C 109 -33.88 39.79 69.47
CA ILE C 109 -35.31 39.52 69.35
C ILE C 109 -35.82 40.23 68.09
N PHE C 110 -37.02 39.85 67.66
CA PHE C 110 -37.63 40.46 66.49
C PHE C 110 -39.15 40.32 66.56
N PRO C 111 -39.88 41.43 66.56
CA PRO C 111 -41.35 41.35 66.56
C PRO C 111 -41.85 40.89 65.20
N PRO C 112 -43.06 40.33 65.12
CA PRO C 112 -43.62 39.97 63.82
C PRO C 112 -43.91 41.23 63.02
N SER C 113 -43.24 41.39 61.88
CA SER C 113 -43.35 42.61 61.09
C SER C 113 -44.80 42.83 60.68
N ASP C 114 -45.28 44.06 60.87
CA ASP C 114 -46.70 44.36 60.70
C ASP C 114 -47.15 44.13 59.26
N GLU C 115 -46.26 44.35 58.29
CA GLU C 115 -46.64 44.08 56.90
C GLU C 115 -46.73 42.59 56.63
N GLN C 116 -46.09 41.76 57.44
CA GLN C 116 -46.25 40.32 57.30
C GLN C 116 -47.64 39.87 57.74
N LEU C 117 -48.14 40.45 58.84
CA LEU C 117 -49.42 40.02 59.37
C LEU C 117 -50.56 40.31 58.40
N LYS C 118 -50.53 41.47 57.75
CA LYS C 118 -51.56 41.79 56.77
C LYS C 118 -51.53 40.87 55.56
N SER C 119 -50.39 40.21 55.32
CA SER C 119 -50.30 39.22 54.26
C SER C 119 -50.82 37.85 54.68
N GLY C 120 -51.14 37.67 55.96
CA GLY C 120 -51.74 36.43 56.43
C GLY C 120 -50.81 35.45 57.12
N THR C 121 -49.55 35.82 57.35
CA THR C 121 -48.59 34.94 58.00
C THR C 121 -47.83 35.71 59.07
N ALA C 122 -47.26 34.96 60.01
CA ALA C 122 -46.53 35.54 61.13
C ALA C 122 -45.24 34.77 61.37
N SER C 123 -44.21 35.49 61.80
CA SER C 123 -42.94 34.86 62.11
C SER C 123 -42.19 35.71 63.14
N VAL C 124 -41.65 35.05 64.16
CA VAL C 124 -40.82 35.69 65.17
C VAL C 124 -39.51 34.94 65.26
N VAL C 125 -38.40 35.66 65.23
CA VAL C 125 -37.07 35.07 65.30
C VAL C 125 -36.26 35.79 66.36
N CYS C 126 -35.57 35.02 67.20
CA CYS C 126 -34.55 35.54 68.09
C CYS C 126 -33.21 34.94 67.66
N LEU C 127 -32.23 35.80 67.43
CA LEU C 127 -30.98 35.40 66.80
C LEU C 127 -29.92 35.07 67.83
N LEU C 128 -28.93 34.30 67.37
CA LEU C 128 -27.66 34.15 68.07
C LEU C 128 -26.56 34.60 67.11
N ASN C 129 -25.72 35.52 67.55
CA ASN C 129 -24.66 36.07 66.72
C ASN C 129 -23.32 35.85 67.40
N ASN C 130 -22.34 35.37 66.63
CA ASN C 130 -20.94 35.28 67.05
C ASN C 130 -20.80 34.38 68.29
N PHE C 131 -21.09 33.10 68.09
CA PHE C 131 -20.94 32.11 69.14
C PHE C 131 -20.16 30.90 68.62
N TYR C 132 -19.52 30.20 69.54
CA TYR C 132 -18.72 29.02 69.26
C TYR C 132 -18.66 28.17 70.51
N PRO C 133 -18.75 26.84 70.40
CA PRO C 133 -18.83 26.08 69.16
C PRO C 133 -20.24 25.85 68.63
N ARG C 134 -20.39 24.89 67.72
CA ARG C 134 -21.67 24.63 67.09
C ARG C 134 -22.71 24.15 68.10
N GLU C 135 -22.28 23.39 69.11
CA GLU C 135 -23.22 22.74 70.02
C GLU C 135 -23.91 23.81 70.87
N ALA C 136 -25.10 24.20 70.46
CA ALA C 136 -25.90 25.18 71.17
C ALA C 136 -27.34 25.04 70.71
N LYS C 137 -28.27 25.08 71.66
CA LYS C 137 -29.68 24.89 71.37
C LYS C 137 -30.47 26.04 71.95
N VAL C 138 -31.41 26.56 71.15
CA VAL C 138 -32.39 27.54 71.61
C VAL C 138 -33.78 26.99 71.32
N GLN C 139 -34.61 26.95 72.35
CA GLN C 139 -35.97 26.46 72.22
C GLN C 139 -36.92 27.48 72.84
N TRP C 140 -38.13 27.54 72.31
CA TRP C 140 -39.11 28.52 72.72
C TRP C 140 -39.93 27.98 73.89
N LYS C 141 -39.80 28.61 75.05
CA LYS C 141 -40.69 28.37 76.18
C LYS C 141 -41.87 29.34 76.15
N VAL C 142 -42.54 29.38 75.00
CA VAL C 142 -43.59 30.35 74.75
C VAL C 142 -44.79 30.00 75.64
N ASP C 143 -45.01 30.81 76.67
CA ASP C 143 -46.04 30.56 77.69
C ASP C 143 -45.90 29.15 78.26
N ASN C 144 -44.65 28.72 78.43
CA ASN C 144 -44.30 27.37 78.87
C ASN C 144 -44.96 26.35 77.92
N ALA C 145 -44.46 26.35 76.69
CA ALA C 145 -44.93 25.42 75.67
C ALA C 145 -43.84 25.26 74.63
N LEU C 146 -43.53 24.02 74.27
CA LEU C 146 -42.51 23.72 73.27
C LEU C 146 -43.18 23.48 71.93
N GLN C 147 -42.55 23.95 70.86
CA GLN C 147 -43.09 23.88 69.51
C GLN C 147 -42.29 22.90 68.69
N SER C 148 -42.97 21.96 68.04
CA SER C 148 -42.35 20.90 67.28
C SER C 148 -42.88 20.90 65.84
N GLY C 149 -41.98 20.67 64.89
CA GLY C 149 -42.36 20.60 63.49
C GLY C 149 -42.84 21.91 62.89
N ASN C 150 -42.50 23.04 63.51
CA ASN C 150 -42.96 24.33 63.02
C ASN C 150 -41.88 25.40 63.06
N SER C 151 -40.61 25.03 63.22
CA SER C 151 -39.52 26.00 63.22
C SER C 151 -38.25 25.32 62.73
N GLN C 152 -37.31 26.13 62.27
CA GLN C 152 -36.03 25.64 61.77
C GLN C 152 -34.89 26.47 62.34
N GLU C 153 -33.80 25.81 62.67
CA GLU C 153 -32.59 26.46 63.16
C GLU C 153 -31.56 26.52 62.04
N SER C 154 -31.02 27.71 61.79
CA SER C 154 -30.16 27.96 60.66
C SER C 154 -28.76 28.29 61.17
N VAL C 155 -27.81 27.39 60.92
CA VAL C 155 -26.42 27.58 61.33
C VAL C 155 -25.63 27.98 60.09
N THR C 156 -25.12 29.21 60.07
CA THR C 156 -24.37 29.69 58.93
C THR C 156 -23.01 29.00 58.86
N GLU C 157 -22.32 29.22 57.74
CA GLU C 157 -20.99 28.65 57.56
C GLU C 157 -20.02 29.25 58.58
N GLN C 158 -19.11 28.41 59.06
CA GLN C 158 -18.20 28.81 60.13
C GLN C 158 -17.25 29.90 59.65
N ASP C 159 -17.21 31.02 60.38
CA ASP C 159 -16.44 32.18 59.98
C ASP C 159 -14.95 31.95 60.17
N SER C 160 -14.14 32.88 59.66
CA SER C 160 -12.69 32.77 59.73
C SER C 160 -12.09 33.63 60.84
N LYS C 161 -12.34 34.95 60.81
CA LYS C 161 -11.72 35.85 61.78
C LYS C 161 -12.12 35.51 63.20
N ASP C 162 -13.41 35.68 63.52
CA ASP C 162 -13.88 35.32 64.84
C ASP C 162 -14.12 33.83 64.99
N SER C 163 -14.16 33.09 63.89
CA SER C 163 -14.36 31.64 63.85
C SER C 163 -15.64 31.21 64.55
N THR C 164 -16.55 32.13 64.82
CA THR C 164 -17.76 31.85 65.57
C THR C 164 -18.85 31.34 64.64
N TYR C 165 -20.08 31.27 65.16
CA TYR C 165 -21.24 30.86 64.39
C TYR C 165 -22.36 31.87 64.63
N SER C 166 -23.32 31.89 63.71
CA SER C 166 -24.53 32.70 63.84
C SER C 166 -25.73 31.80 63.63
N LEU C 167 -26.63 31.77 64.61
CA LEU C 167 -27.83 30.96 64.55
C LEU C 167 -29.03 31.86 64.36
N SER C 168 -29.78 31.63 63.28
CA SER C 168 -30.99 32.38 62.97
C SER C 168 -32.14 31.36 62.91
N SER C 169 -32.74 31.08 64.06
CA SER C 169 -33.82 30.11 64.15
C SER C 169 -35.15 30.87 64.29
N THR C 170 -35.98 30.80 63.25
CA THR C 170 -37.26 31.48 63.23
C THR C 170 -38.38 30.46 63.49
N LEU C 171 -39.33 30.84 64.33
CA LEU C 171 -40.56 30.06 64.48
C LEU C 171 -41.56 30.56 63.46
N THR C 172 -42.18 29.63 62.74
CA THR C 172 -43.13 29.95 61.69
C THR C 172 -44.51 29.47 62.10
N LEU C 173 -45.52 30.33 61.93
CA LEU C 173 -46.87 30.01 62.34
C LEU C 173 -47.84 30.89 61.55
N SER C 174 -49.10 30.47 61.54
CA SER C 174 -50.13 31.23 60.83
C SER C 174 -50.43 32.53 61.58
N LYS C 175 -51.10 33.45 60.88
CA LYS C 175 -51.46 34.72 61.48
C LYS C 175 -52.42 34.52 62.65
N ALA C 176 -53.39 33.63 62.50
CA ALA C 176 -54.36 33.39 63.57
C ALA C 176 -53.67 32.80 64.81
N ASP C 177 -52.70 31.92 64.60
CA ASP C 177 -52.02 31.26 65.72
C ASP C 177 -51.29 32.27 66.60
N TYR C 178 -50.63 33.26 65.98
CA TYR C 178 -49.89 34.25 66.75
C TYR C 178 -50.80 35.11 67.61
N GLU C 179 -52.07 35.24 67.23
CA GLU C 179 -53.01 36.10 67.93
C GLU C 179 -53.41 35.56 69.30
N LYS C 180 -53.02 34.33 69.63
CA LYS C 180 -53.42 33.73 70.90
C LYS C 180 -52.44 34.04 72.02
N HIS C 181 -51.14 33.87 71.78
CA HIS C 181 -50.14 34.09 72.80
C HIS C 181 -49.89 35.58 73.02
N LYS C 182 -49.34 35.90 74.19
CA LYS C 182 -48.88 37.24 74.50
C LYS C 182 -47.38 37.31 74.75
N VAL C 183 -46.77 36.25 75.28
CA VAL C 183 -45.34 36.21 75.55
C VAL C 183 -44.71 35.16 74.64
N TYR C 184 -43.58 35.51 74.03
CA TYR C 184 -42.83 34.62 73.15
C TYR C 184 -41.40 34.58 73.66
N ALA C 185 -41.08 33.56 74.46
CA ALA C 185 -39.80 33.47 75.14
C ALA C 185 -38.97 32.34 74.55
N CYS C 186 -37.73 32.64 74.19
CA CYS C 186 -36.78 31.65 73.69
C CYS C 186 -35.55 31.65 74.59
N GLU C 187 -35.21 30.46 75.10
CA GLU C 187 -34.09 30.27 76.00
C GLU C 187 -32.90 29.71 75.23
N VAL C 188 -31.69 30.12 75.65
CA VAL C 188 -30.47 29.81 74.94
C VAL C 188 -29.61 28.88 75.79
N THR C 189 -29.12 27.80 75.18
CA THR C 189 -28.25 26.83 75.84
C THR C 189 -26.90 26.80 75.14
N HIS C 190 -25.83 26.85 75.92
CA HIS C 190 -24.48 26.80 75.37
C HIS C 190 -23.51 26.44 76.48
N GLN C 191 -22.53 25.60 76.16
CA GLN C 191 -21.51 25.23 77.13
C GLN C 191 -20.65 26.44 77.49
N GLY C 192 -20.29 27.25 76.50
CA GLY C 192 -19.56 28.48 76.75
C GLY C 192 -20.39 29.60 77.32
N LEU C 193 -21.72 29.43 77.35
CA LEU C 193 -22.59 30.43 77.93
C LEU C 193 -22.32 30.57 79.42
N SER C 194 -22.33 31.82 79.91
CA SER C 194 -22.12 32.05 81.33
C SER C 194 -23.24 31.44 82.16
N SER C 195 -24.49 31.59 81.71
CA SER C 195 -25.64 31.03 82.41
C SER C 195 -26.83 31.01 81.46
N PRO C 196 -27.67 29.98 81.52
CA PRO C 196 -28.85 29.94 80.65
C PRO C 196 -29.78 31.13 80.91
N VAL C 197 -30.13 31.83 79.83
CA VAL C 197 -30.98 33.01 79.91
C VAL C 197 -32.04 32.93 78.82
N THR C 198 -33.10 33.72 79.00
CA THR C 198 -34.22 33.78 78.06
C THR C 198 -34.48 35.23 77.69
N LYS C 199 -34.60 35.49 76.38
CA LYS C 199 -34.92 36.82 75.86
C LYS C 199 -36.27 36.76 75.18
N SER C 200 -37.22 37.58 75.67
CA SER C 200 -38.57 37.61 75.14
C SER C 200 -39.00 39.06 74.94
N PHE C 201 -39.87 39.26 73.94
CA PHE C 201 -40.39 40.58 73.61
C PHE C 201 -41.91 40.60 73.77
N ASN C 202 -42.47 41.80 73.63
CA ASN C 202 -43.91 42.00 73.62
C ASN C 202 -44.29 42.79 72.38
N ARG C 203 -45.47 42.50 71.84
CA ARG C 203 -45.93 43.17 70.64
C ARG C 203 -46.20 44.64 70.92
N GLY C 204 -45.69 45.51 70.07
CA GLY C 204 -45.86 46.94 70.23
C GLY C 204 -44.57 47.73 70.11
N ALA D 1 38.73 -60.39 21.87
CA ALA D 1 39.26 -59.26 22.63
C ALA D 1 38.12 -58.41 23.20
N GLU D 2 37.58 -58.85 24.34
CA GLU D 2 36.49 -58.14 24.99
C GLU D 2 36.91 -56.78 25.55
N ASN D 3 38.20 -56.50 25.60
CA ASN D 3 38.75 -55.27 26.18
C ASN D 3 38.49 -54.03 25.33
N LEU D 4 37.69 -54.10 24.27
CA LEU D 4 37.41 -52.92 23.46
C LEU D 4 36.57 -51.92 24.25
N TRP D 5 36.72 -50.65 23.91
CA TRP D 5 35.92 -49.57 24.49
C TRP D 5 35.50 -48.62 23.38
N VAL D 6 34.36 -47.96 23.58
CA VAL D 6 33.86 -47.05 22.55
C VAL D 6 34.80 -45.86 22.42
N THR D 7 34.73 -45.21 21.26
CA THR D 7 35.62 -44.09 20.95
C THR D 7 34.86 -43.18 19.98
N VAL D 8 34.34 -42.07 20.50
CA VAL D 8 33.61 -41.15 19.64
C VAL D 8 34.58 -40.47 18.68
N TYR D 9 34.03 -39.98 17.58
CA TYR D 9 34.83 -39.31 16.56
C TYR D 9 34.12 -38.02 16.15
N TYR D 10 34.90 -37.06 15.67
CA TYR D 10 34.38 -35.78 15.23
C TYR D 10 34.70 -35.56 13.76
N GLY D 11 33.80 -34.87 13.08
CA GLY D 11 33.98 -34.61 11.66
C GLY D 11 33.95 -35.86 10.80
N VAL D 12 33.17 -36.85 11.19
CA VAL D 12 33.11 -38.09 10.42
C VAL D 12 32.39 -37.83 9.10
N PRO D 13 32.85 -38.39 7.98
CA PRO D 13 32.17 -38.15 6.69
C PRO D 13 30.93 -39.01 6.46
N VAL D 14 29.85 -38.66 7.15
CA VAL D 14 28.58 -39.36 7.01
C VAL D 14 27.46 -38.34 6.93
N TRP D 15 26.52 -38.56 6.01
CA TRP D 15 25.38 -37.67 5.83
C TRP D 15 24.10 -38.48 5.80
N LYS D 16 22.98 -37.77 5.71
CA LYS D 16 21.68 -38.38 5.54
C LYS D 16 20.76 -37.37 4.85
N ASP D 17 19.77 -37.88 4.14
CA ASP D 17 18.85 -37.00 3.42
C ASP D 17 18.03 -36.15 4.40
N ALA D 18 17.61 -34.99 3.93
CA ALA D 18 16.83 -34.05 4.74
C ALA D 18 16.30 -32.96 3.81
N ASP D 19 15.57 -32.02 4.39
CA ASP D 19 15.04 -30.86 3.68
C ASP D 19 15.44 -29.61 4.44
N THR D 20 15.99 -28.62 3.71
CA THR D 20 16.52 -27.43 4.35
C THR D 20 16.28 -26.22 3.46
N THR D 21 16.03 -25.08 4.10
CA THR D 21 15.86 -23.83 3.38
C THR D 21 17.19 -23.38 2.77
N LEU D 22 17.10 -22.74 1.60
CA LEU D 22 18.26 -22.30 0.85
C LEU D 22 18.17 -20.80 0.59
N PHE D 23 19.33 -20.14 0.55
CA PHE D 23 19.39 -18.71 0.31
C PHE D 23 19.99 -18.44 -1.06
N CYS D 24 19.56 -17.34 -1.67
CA CYS D 24 20.06 -16.96 -2.98
C CYS D 24 21.51 -16.47 -2.89
N ALA D 25 22.20 -16.56 -4.03
CA ALA D 25 23.56 -16.02 -4.13
C ALA D 25 23.77 -15.67 -5.60
N SER D 26 23.66 -14.38 -5.93
CA SER D 26 23.76 -13.94 -7.30
C SER D 26 25.20 -13.55 -7.64
N ASP D 27 25.50 -13.55 -8.93
CA ASP D 27 26.83 -13.21 -9.40
C ASP D 27 27.07 -11.70 -9.27
N ALA D 28 28.32 -11.34 -8.96
CA ALA D 28 28.68 -9.94 -8.84
C ALA D 28 28.86 -9.28 -10.21
N LYS D 29 29.22 -10.06 -11.23
CA LYS D 29 29.52 -9.47 -12.54
C LYS D 29 28.28 -8.95 -13.24
N ALA D 30 27.10 -9.50 -12.92
CA ALA D 30 25.87 -9.11 -13.57
C ALA D 30 24.95 -8.25 -12.70
N HIS D 31 25.21 -8.16 -11.40
CA HIS D 31 24.38 -7.41 -10.49
C HIS D 31 24.81 -5.95 -10.46
N GLU D 32 24.32 -5.20 -9.46
CA GLU D 32 24.63 -3.79 -9.23
C GLU D 32 24.44 -2.93 -10.48
N THR D 33 23.60 -3.38 -11.41
CA THR D 33 23.28 -2.64 -12.61
C THR D 33 22.13 -1.66 -12.41
N GLU D 34 21.56 -1.59 -11.20
CA GLU D 34 20.46 -0.72 -10.82
C GLU D 34 19.16 -1.04 -11.54
N ALA D 35 19.14 -2.07 -12.40
CA ALA D 35 17.90 -2.43 -13.08
C ALA D 35 16.89 -3.03 -12.11
N HIS D 36 17.36 -3.61 -11.01
CA HIS D 36 16.51 -4.22 -9.98
C HIS D 36 15.63 -5.32 -10.58
N ASN D 37 16.32 -6.37 -11.02
CA ASN D 37 15.65 -7.48 -11.66
C ASN D 37 14.61 -8.09 -10.73
N ILE D 38 13.48 -8.50 -11.32
CA ILE D 38 12.39 -9.09 -10.54
C ILE D 38 12.86 -10.39 -9.89
N TRP D 39 13.52 -11.24 -10.66
CA TRP D 39 13.88 -12.57 -10.15
C TRP D 39 14.97 -12.47 -9.09
N ALA D 40 16.15 -12.00 -9.48
CA ALA D 40 17.31 -11.92 -8.57
C ALA D 40 17.46 -10.48 -8.09
N THR D 41 16.74 -10.15 -7.03
CA THR D 41 16.76 -8.79 -6.50
C THR D 41 18.09 -8.53 -5.79
N HIS D 42 18.19 -7.34 -5.18
CA HIS D 42 19.42 -6.88 -4.56
C HIS D 42 19.76 -7.62 -3.26
N ALA D 43 18.85 -8.46 -2.76
CA ALA D 43 19.05 -9.09 -1.45
C ALA D 43 19.94 -10.32 -1.51
N CYS D 44 20.37 -10.75 -2.68
CA CYS D 44 21.21 -11.94 -2.77
C CYS D 44 22.62 -11.64 -2.27
N VAL D 45 23.21 -12.59 -1.56
CA VAL D 45 24.57 -12.46 -1.04
C VAL D 45 25.55 -12.56 -2.20
N PRO D 46 26.75 -11.96 -2.08
CA PRO D 46 27.74 -12.12 -3.15
C PRO D 46 28.27 -13.54 -3.21
N THR D 47 28.28 -14.10 -4.41
CA THR D 47 28.76 -15.47 -4.60
C THR D 47 30.26 -15.55 -4.36
N ASP D 48 30.70 -16.75 -3.97
CA ASP D 48 32.13 -16.99 -3.80
C ASP D 48 32.84 -16.89 -5.15
N PRO D 49 33.99 -16.21 -5.21
CA PRO D 49 34.69 -16.08 -6.50
C PRO D 49 35.10 -17.41 -7.11
N ASN D 50 35.41 -18.41 -6.29
CA ASN D 50 35.92 -19.70 -6.78
C ASN D 50 35.11 -20.83 -6.17
N PRO D 51 33.95 -21.14 -6.75
CA PRO D 51 33.21 -22.32 -6.31
C PRO D 51 34.05 -23.58 -6.52
N GLN D 52 33.97 -24.48 -5.55
CA GLN D 52 34.82 -25.66 -5.51
C GLN D 52 34.04 -26.90 -5.92
N GLU D 53 34.77 -28.00 -6.07
CA GLU D 53 34.17 -29.29 -6.41
C GLU D 53 35.12 -30.39 -5.98
N ILE D 54 34.69 -31.22 -5.04
CA ILE D 54 35.50 -32.28 -4.47
C ILE D 54 34.97 -33.60 -4.99
N TYR D 55 35.77 -34.28 -5.81
CA TYR D 55 35.34 -35.54 -6.38
C TYR D 55 35.26 -36.62 -5.31
N MET D 56 34.22 -37.44 -5.40
CA MET D 56 34.04 -38.58 -4.51
C MET D 56 34.11 -39.85 -5.34
N GLU D 57 34.95 -40.80 -4.91
CA GLU D 57 35.31 -41.92 -5.78
C GLU D 57 34.44 -43.15 -5.49
N ASN D 58 34.46 -43.63 -4.25
CA ASN D 58 33.81 -44.90 -3.90
C ASN D 58 32.48 -44.64 -3.22
N VAL D 59 31.56 -44.02 -3.95
CA VAL D 59 30.28 -43.60 -3.39
C VAL D 59 29.14 -43.96 -4.33
N THR D 60 28.07 -44.49 -3.77
CA THR D 60 26.81 -44.72 -4.49
C THR D 60 25.68 -44.12 -3.68
N GLU D 61 24.87 -43.28 -4.32
CA GLU D 61 23.75 -42.62 -3.66
C GLU D 61 22.50 -42.79 -4.51
N ASN D 62 21.39 -43.12 -3.86
CA ASN D 62 20.13 -43.36 -4.56
C ASN D 62 19.42 -42.03 -4.79
N PHE D 63 19.82 -41.36 -5.87
CA PHE D 63 19.18 -40.11 -6.24
C PHE D 63 17.73 -40.34 -6.63
N ASN D 64 17.02 -39.23 -6.83
CA ASN D 64 15.62 -39.31 -7.22
C ASN D 64 15.27 -38.09 -8.06
N MET D 65 14.19 -38.23 -8.82
CA MET D 65 13.68 -37.19 -9.69
C MET D 65 12.19 -37.02 -9.42
N TRP D 66 11.68 -35.82 -9.64
CA TRP D 66 10.31 -35.43 -9.36
C TRP D 66 9.98 -35.47 -7.87
N LYS D 67 10.95 -35.80 -7.01
CA LYS D 67 10.74 -35.82 -5.57
C LYS D 67 11.60 -34.80 -4.84
N ASN D 68 12.38 -33.99 -5.54
CA ASN D 68 13.26 -33.04 -4.90
C ASN D 68 12.45 -31.98 -4.16
N ASN D 69 12.80 -31.74 -2.91
CA ASN D 69 12.21 -30.61 -2.18
C ASN D 69 12.76 -29.28 -2.64
N MET D 70 13.89 -29.27 -3.35
CA MET D 70 14.48 -28.02 -3.80
C MET D 70 13.58 -27.31 -4.80
N VAL D 71 12.88 -28.07 -5.65
CA VAL D 71 12.04 -27.45 -6.67
C VAL D 71 10.87 -26.71 -6.04
N GLU D 72 10.32 -27.24 -4.95
CA GLU D 72 9.24 -26.55 -4.25
C GLU D 72 9.75 -25.26 -3.61
N GLN D 73 10.94 -25.30 -3.02
CA GLN D 73 11.51 -24.12 -2.40
C GLN D 73 11.69 -23.01 -3.42
N MET D 74 12.25 -23.35 -4.58
CA MET D 74 12.50 -22.32 -5.59
C MET D 74 11.23 -21.89 -6.29
N GLN D 75 10.23 -22.77 -6.38
CA GLN D 75 8.91 -22.37 -6.85
C GLN D 75 8.30 -21.32 -5.93
N GLU D 76 8.35 -21.56 -4.62
CA GLU D 76 7.86 -20.57 -3.67
C GLU D 76 8.67 -19.28 -3.78
N ASP D 77 9.98 -19.40 -3.98
CA ASP D 77 10.82 -18.23 -4.19
C ASP D 77 10.34 -17.40 -5.37
N ILE D 78 10.10 -18.05 -6.51
CA ILE D 78 9.71 -17.32 -7.71
C ILE D 78 8.33 -16.68 -7.52
N ILE D 79 7.39 -17.42 -6.92
CA ILE D 79 6.07 -16.86 -6.68
C ILE D 79 6.17 -15.61 -5.80
N SER D 80 6.95 -15.70 -4.71
CA SER D 80 7.06 -14.57 -3.80
C SER D 80 7.74 -13.38 -4.46
N LEU D 81 8.79 -13.63 -5.26
CA LEU D 81 9.44 -12.53 -5.96
C LEU D 81 8.50 -11.86 -6.96
N TRP D 82 7.75 -12.66 -7.72
CA TRP D 82 6.82 -12.08 -8.68
C TRP D 82 5.74 -11.28 -7.98
N ASP D 83 5.31 -11.73 -6.80
CA ASP D 83 4.31 -10.97 -6.05
C ASP D 83 4.88 -9.67 -5.52
N GLN D 84 6.05 -9.72 -4.89
CA GLN D 84 6.61 -8.54 -4.24
C GLN D 84 7.04 -7.49 -5.25
N SER D 85 7.56 -7.92 -6.40
CA SER D 85 8.01 -6.97 -7.40
C SER D 85 6.86 -6.19 -8.05
N LEU D 86 5.62 -6.60 -7.82
CA LEU D 86 4.47 -5.95 -8.42
C LEU D 86 3.65 -5.11 -7.46
N LYS D 87 3.79 -5.32 -6.15
CA LYS D 87 2.99 -4.59 -5.18
C LYS D 87 3.16 -3.07 -5.27
N PRO D 88 4.37 -2.51 -5.38
CA PRO D 88 4.50 -1.05 -5.46
C PRO D 88 4.13 -0.45 -6.80
N CYS D 89 3.49 -1.19 -7.69
CA CYS D 89 3.11 -0.67 -9.00
C CYS D 89 1.65 -0.22 -8.98
N VAL D 90 1.21 0.36 -10.10
CA VAL D 90 -0.08 1.01 -10.22
C VAL D 90 -1.15 -0.02 -10.58
N LYS D 91 -2.35 0.19 -10.07
CA LYS D 91 -3.50 -0.64 -10.41
C LYS D 91 -4.14 -0.16 -11.72
N LEU D 92 -5.12 -0.93 -12.19
CA LEU D 92 -5.85 -0.59 -13.41
C LEU D 92 -7.35 -0.76 -13.21
N THR D 93 -7.84 -0.54 -12.00
CA THR D 93 -9.28 -0.53 -11.77
C THR D 93 -10.02 0.50 -12.62
N PRO D 94 -9.53 1.75 -12.84
CA PRO D 94 -10.32 2.70 -13.63
C PRO D 94 -10.35 2.39 -15.12
N LEU D 95 -9.88 1.21 -15.51
CA LEU D 95 -9.95 0.78 -16.90
C LEU D 95 -11.18 -0.06 -17.21
N CYS D 96 -12.00 -0.40 -16.21
CA CYS D 96 -13.27 -1.07 -16.46
C CYS D 96 -14.24 -0.05 -17.05
N VAL D 97 -14.07 0.22 -18.34
CA VAL D 97 -14.85 1.23 -19.05
C VAL D 97 -15.39 0.61 -20.32
N THR D 98 -16.60 1.00 -20.70
CA THR D 98 -17.21 0.52 -21.94
C THR D 98 -16.51 1.12 -23.15
N LEU D 99 -15.55 0.39 -23.70
CA LEU D 99 -14.77 0.90 -24.82
C LEU D 99 -15.58 0.84 -26.11
N SER D 100 -15.60 1.96 -26.85
CA SER D 100 -16.21 2.02 -28.17
C SER D 100 -15.12 1.75 -29.20
N CYS D 101 -15.23 0.62 -29.90
CA CYS D 101 -14.13 0.05 -30.64
C CYS D 101 -14.47 -0.09 -32.12
N THR D 102 -13.53 0.32 -32.97
CA THR D 102 -13.62 0.20 -34.42
C THR D 102 -12.32 -0.38 -34.97
N ASN D 103 -12.33 -0.69 -36.27
CA ASN D 103 -11.18 -1.29 -36.92
C ASN D 103 -10.04 -0.27 -37.05
N VAL D 104 -8.97 -0.72 -37.72
CA VAL D 104 -7.77 0.08 -37.94
C VAL D 104 -7.62 0.32 -39.43
N THR D 105 -7.22 1.54 -39.79
CA THR D 105 -6.86 1.90 -41.15
C THR D 105 -5.47 2.52 -41.12
N LEU D 106 -4.48 1.80 -41.61
CA LEU D 106 -3.09 2.24 -41.57
C LEU D 106 -2.55 2.33 -43.00
N THR D 107 -1.98 3.49 -43.34
CA THR D 107 -1.34 3.71 -44.63
C THR D 107 0.14 3.94 -44.41
N ASN D 108 0.96 3.23 -45.19
CA ASN D 108 2.42 3.28 -45.07
C ASN D 108 3.01 2.80 -46.38
N VAL D 109 4.31 2.50 -46.36
CA VAL D 109 4.94 1.87 -47.52
C VAL D 109 4.28 0.52 -47.76
N ASN D 110 3.79 0.30 -48.98
CA ASN D 110 3.05 -0.91 -49.27
C ASN D 110 3.98 -2.12 -49.37
N TYR D 111 5.18 -1.93 -49.92
CA TYR D 111 6.12 -3.05 -50.03
C TYR D 111 6.59 -3.52 -48.65
N THR D 112 6.82 -2.58 -47.74
CA THR D 112 7.22 -2.81 -46.34
C THR D 112 8.36 -3.83 -46.21
N ASN D 113 9.15 -3.99 -47.28
CA ASN D 113 10.28 -4.92 -47.30
C ASN D 113 9.87 -6.31 -46.83
N ASN D 114 8.74 -6.79 -47.35
CA ASN D 114 8.14 -8.05 -46.89
C ASN D 114 8.95 -9.22 -47.45
N PHE D 115 9.90 -9.69 -46.65
CA PHE D 115 10.59 -10.93 -46.96
C PHE D 115 9.72 -12.14 -46.59
N PRO D 116 9.21 -12.24 -45.36
CA PRO D 116 8.37 -13.41 -45.02
C PRO D 116 7.01 -13.38 -45.69
N ASN D 117 6.41 -12.20 -45.87
CA ASN D 117 5.09 -12.04 -46.48
C ASN D 117 4.01 -12.80 -45.70
N ILE D 118 4.20 -12.92 -44.38
CA ILE D 118 3.24 -13.67 -43.56
C ILE D 118 1.90 -12.95 -43.51
N GLY D 119 1.92 -11.64 -43.28
CA GLY D 119 0.68 -10.89 -43.17
C GLY D 119 0.91 -9.54 -42.55
N ASN D 120 -0.14 -9.02 -41.90
CA ASN D 120 -0.05 -7.72 -41.25
C ASN D 120 -1.00 -7.69 -40.06
N ILE D 121 -0.76 -6.72 -39.17
CA ILE D 121 -1.54 -6.58 -37.96
C ILE D 121 -3.00 -6.23 -38.25
N THR D 122 -3.30 -5.73 -39.44
CA THR D 122 -4.66 -5.31 -39.76
C THR D 122 -5.65 -6.46 -39.57
N ASP D 123 -6.83 -6.12 -39.08
CA ASP D 123 -7.88 -7.08 -38.73
C ASP D 123 -7.41 -8.07 -37.66
N GLU D 124 -6.49 -7.63 -36.81
CA GLU D 124 -6.13 -8.37 -35.59
C GLU D 124 -6.10 -7.50 -34.35
N VAL D 125 -6.02 -6.18 -34.49
CA VAL D 125 -6.14 -5.26 -33.38
C VAL D 125 -7.35 -4.36 -33.63
N ARG D 126 -7.87 -3.82 -32.53
CA ARG D 126 -9.16 -3.13 -32.51
C ARG D 126 -8.94 -1.73 -31.93
N ASN D 127 -8.94 -0.72 -32.79
CA ASN D 127 -8.59 0.63 -32.35
C ASN D 127 -9.74 1.22 -31.55
N CYS D 128 -9.54 1.32 -30.23
CA CYS D 128 -10.61 1.53 -29.27
C CYS D 128 -10.53 2.92 -28.64
N SER D 129 -11.68 3.43 -28.22
CA SER D 129 -11.79 4.71 -27.54
C SER D 129 -12.87 4.61 -26.46
N PHE D 130 -12.77 5.46 -25.45
CA PHE D 130 -13.73 5.48 -24.36
C PHE D 130 -13.91 6.91 -23.89
N ASN D 131 -15.11 7.20 -23.38
CA ASN D 131 -15.40 8.55 -22.89
C ASN D 131 -14.57 8.90 -21.66
N VAL D 132 -14.33 10.20 -21.50
CA VAL D 132 -13.75 10.79 -20.30
C VAL D 132 -14.59 11.99 -19.92
N THR D 133 -14.78 12.19 -18.62
CA THR D 133 -15.67 13.24 -18.14
C THR D 133 -15.10 14.62 -18.44
N THR D 134 -15.99 15.62 -18.44
CA THR D 134 -15.60 16.99 -18.72
C THR D 134 -16.50 17.91 -17.90
N GLU D 135 -16.04 19.15 -17.73
CA GLU D 135 -16.76 20.10 -16.86
C GLU D 135 -18.16 20.39 -17.39
N ILE D 136 -18.30 20.56 -18.71
CA ILE D 136 -19.60 20.93 -19.27
C ILE D 136 -20.59 19.79 -19.07
N ARG D 137 -21.87 20.15 -18.93
CA ARG D 137 -22.91 19.17 -18.65
C ARG D 137 -23.16 18.29 -19.87
N ASP D 138 -22.97 16.98 -19.70
CA ASP D 138 -23.20 15.99 -20.75
C ASP D 138 -22.35 16.30 -21.99
N LYS D 139 -21.03 16.28 -21.79
CA LYS D 139 -20.09 16.48 -22.88
C LYS D 139 -18.87 15.64 -22.59
N LYS D 140 -18.52 14.74 -23.50
CA LYS D 140 -17.43 13.80 -23.28
C LYS D 140 -16.52 13.77 -24.50
N GLN D 141 -15.25 13.43 -24.27
CA GLN D 141 -14.24 13.35 -25.31
C GLN D 141 -13.85 11.90 -25.55
N LYS D 142 -12.92 11.71 -26.48
CA LYS D 142 -12.38 10.39 -26.80
C LYS D 142 -10.89 10.38 -26.49
N VAL D 143 -10.47 9.40 -25.68
CA VAL D 143 -9.05 9.18 -25.44
C VAL D 143 -8.66 7.89 -26.15
N TYR D 144 -8.21 8.01 -27.39
CA TYR D 144 -8.01 6.84 -28.23
C TYR D 144 -6.81 6.02 -27.76
N ALA D 145 -6.85 4.73 -28.09
CA ALA D 145 -5.76 3.82 -27.78
C ALA D 145 -5.89 2.61 -28.69
N LEU D 146 -4.80 1.85 -28.79
CA LEU D 146 -4.76 0.63 -29.59
C LEU D 146 -4.59 -0.57 -28.67
N PHE D 147 -5.49 -1.54 -28.79
CA PHE D 147 -5.46 -2.74 -27.97
C PHE D 147 -5.59 -3.97 -28.86
N TYR D 148 -4.91 -5.05 -28.46
CA TYR D 148 -5.01 -6.29 -29.21
C TYR D 148 -6.34 -6.97 -28.93
N LYS D 149 -6.81 -7.76 -29.91
CA LYS D 149 -8.11 -8.41 -29.78
C LYS D 149 -8.15 -9.41 -28.63
N LEU D 150 -7.00 -9.89 -28.17
CA LEU D 150 -6.98 -10.85 -27.08
C LEU D 150 -7.27 -10.23 -25.73
N ASP D 151 -7.33 -8.90 -25.63
CA ASP D 151 -7.59 -8.22 -24.37
C ASP D 151 -8.91 -7.47 -24.35
N ILE D 152 -9.80 -7.73 -25.32
CA ILE D 152 -11.12 -7.12 -25.34
C ILE D 152 -12.13 -8.18 -25.73
N VAL D 153 -13.31 -8.12 -25.10
CA VAL D 153 -14.44 -8.98 -25.44
C VAL D 153 -15.71 -8.13 -25.49
N GLN D 154 -16.71 -8.66 -26.18
CA GLN D 154 -18.02 -8.04 -26.29
C GLN D 154 -19.05 -8.91 -25.59
N MET D 155 -19.83 -8.30 -24.70
CA MET D 155 -20.87 -9.03 -23.97
C MET D 155 -22.24 -8.84 -24.59
N GLU D 156 -22.70 -7.59 -24.71
CA GLU D 156 -23.92 -7.22 -25.41
C GLU D 156 -23.71 -5.83 -25.98
N ASN D 157 -24.80 -5.20 -26.42
CA ASN D 157 -24.77 -3.81 -26.88
C ASN D 157 -23.72 -3.62 -27.98
N LYS D 158 -24.02 -4.23 -29.12
CA LYS D 158 -23.08 -4.33 -30.25
C LYS D 158 -22.32 -3.03 -30.46
N ASN D 159 -21.04 -3.17 -30.81
CA ASN D 159 -20.08 -2.07 -30.86
C ASN D 159 -19.82 -1.49 -29.46
N SER D 160 -19.40 -2.39 -28.57
CA SER D 160 -18.99 -2.00 -27.22
C SER D 160 -18.21 -3.16 -26.61
N TYR D 161 -17.01 -2.87 -26.12
CA TYR D 161 -16.13 -3.89 -25.56
C TYR D 161 -15.60 -3.45 -24.20
N ARG D 162 -14.90 -4.36 -23.54
CA ARG D 162 -14.25 -4.08 -22.26
C ARG D 162 -13.09 -5.06 -22.09
N LEU D 163 -12.23 -4.76 -21.13
CA LEU D 163 -11.08 -5.62 -20.88
C LEU D 163 -11.53 -6.99 -20.40
N ILE D 164 -10.79 -8.02 -20.84
CA ILE D 164 -11.18 -9.39 -20.52
C ILE D 164 -11.01 -9.68 -19.04
N ASN D 165 -9.98 -9.13 -18.40
CA ASN D 165 -9.65 -9.45 -17.03
C ASN D 165 -10.03 -8.35 -16.04
N CYS D 166 -10.59 -7.24 -16.51
CA CYS D 166 -10.98 -6.17 -15.60
C CYS D 166 -12.14 -6.58 -14.71
N ASN D 167 -12.89 -7.62 -15.09
CA ASN D 167 -14.05 -8.08 -14.35
C ASN D 167 -13.77 -9.31 -13.49
N THR D 168 -12.88 -10.20 -13.93
CA THR D 168 -12.61 -11.42 -13.18
C THR D 168 -11.82 -11.13 -11.92
N SER D 169 -10.80 -10.29 -12.01
CA SER D 169 -9.96 -9.97 -10.86
C SER D 169 -9.34 -8.60 -11.09
N VAL D 170 -8.36 -8.26 -10.26
CA VAL D 170 -7.68 -6.98 -10.33
C VAL D 170 -6.41 -7.14 -11.16
N CYS D 171 -6.11 -6.14 -11.98
CA CYS D 171 -4.92 -6.15 -12.83
C CYS D 171 -4.08 -4.91 -12.54
N LYS D 172 -2.77 -5.11 -12.49
CA LYS D 172 -1.82 -4.04 -12.25
C LYS D 172 -0.91 -3.87 -13.46
N GLN D 173 -0.38 -2.65 -13.60
CA GLN D 173 0.59 -2.34 -14.64
C GLN D 173 1.98 -2.35 -14.02
N ALA D 174 2.83 -3.24 -14.48
CA ALA D 174 4.18 -3.33 -13.96
C ALA D 174 4.95 -2.04 -14.22
N CYS D 175 5.63 -1.53 -13.20
CA CYS D 175 6.42 -0.33 -13.36
C CYS D 175 7.57 -0.60 -14.34
N PRO D 176 7.85 0.32 -15.27
CA PRO D 176 8.88 0.06 -16.28
C PRO D 176 10.28 -0.08 -15.71
N LYS D 177 10.53 0.40 -14.48
CA LYS D 177 11.87 0.34 -13.92
C LYS D 177 12.32 -1.10 -13.72
N ILE D 178 11.43 -1.96 -13.21
CA ILE D 178 11.80 -3.35 -12.97
C ILE D 178 11.90 -4.10 -14.29
N SER D 179 12.91 -4.95 -14.41
CA SER D 179 13.21 -5.65 -15.65
C SER D 179 12.93 -7.14 -15.49
N PHE D 180 12.44 -7.74 -16.57
CA PHE D 180 12.12 -9.16 -16.61
C PHE D 180 13.28 -10.03 -17.07
N ASP D 181 14.46 -9.43 -17.27
CA ASP D 181 15.61 -10.18 -17.76
C ASP D 181 16.03 -11.24 -16.74
N PRO D 182 16.06 -12.51 -17.10
CA PRO D 182 16.45 -13.55 -16.13
C PRO D 182 17.95 -13.54 -15.85
N ILE D 183 18.32 -13.08 -14.66
CA ILE D 183 19.71 -13.07 -14.23
C ILE D 183 20.04 -14.43 -13.60
N PRO D 184 21.18 -15.04 -13.93
CA PRO D 184 21.51 -16.34 -13.34
C PRO D 184 21.57 -16.25 -11.83
N ILE D 185 21.13 -17.32 -11.17
CA ILE D 185 21.08 -17.42 -9.72
C ILE D 185 21.86 -18.66 -9.31
N HIS D 186 22.59 -18.55 -8.20
CA HIS D 186 23.27 -19.68 -7.60
C HIS D 186 22.64 -19.95 -6.23
N TYR D 187 21.96 -21.09 -6.10
CA TYR D 187 21.40 -21.48 -4.82
C TYR D 187 22.48 -22.08 -3.94
N CYS D 188 22.52 -21.67 -2.67
CA CYS D 188 23.59 -22.07 -1.80
C CYS D 188 23.03 -22.36 -0.41
N THR D 189 23.35 -23.53 0.12
CA THR D 189 22.80 -24.01 1.38
C THR D 189 23.54 -23.42 2.58
N PRO D 190 22.90 -23.36 3.74
CA PRO D 190 23.59 -22.87 4.94
C PRO D 190 24.68 -23.85 5.37
N ALA D 191 25.66 -23.32 6.10
CA ALA D 191 26.76 -24.14 6.57
C ALA D 191 26.24 -25.31 7.40
N GLY D 192 26.82 -26.48 7.17
CA GLY D 192 26.35 -27.71 7.77
C GLY D 192 25.56 -28.61 6.83
N TYR D 193 25.42 -28.21 5.56
CA TYR D 193 24.70 -29.00 4.58
C TYR D 193 25.51 -29.06 3.29
N ALA D 194 25.50 -30.21 2.65
CA ALA D 194 26.26 -30.44 1.43
C ALA D 194 25.32 -30.71 0.27
N ILE D 195 25.73 -30.30 -0.91
CA ILE D 195 24.98 -30.51 -2.14
C ILE D 195 25.71 -31.56 -2.97
N LEU D 196 25.00 -32.62 -3.31
CA LEU D 196 25.57 -33.71 -4.11
C LEU D 196 25.18 -33.49 -5.57
N LYS D 197 26.17 -33.59 -6.47
CA LYS D 197 25.98 -33.30 -7.88
C LYS D 197 26.45 -34.50 -8.69
N CYS D 198 25.54 -35.14 -9.40
CA CYS D 198 25.89 -36.29 -10.23
C CYS D 198 26.50 -35.80 -11.55
N ASN D 199 27.75 -36.18 -11.79
CA ASN D 199 28.44 -35.78 -13.01
C ASN D 199 28.37 -36.87 -14.08
N GLU D 200 27.59 -37.91 -13.86
CA GLU D 200 27.39 -38.94 -14.87
C GLU D 200 26.63 -38.34 -16.05
N LYS D 201 27.02 -38.72 -17.27
CA LYS D 201 26.45 -38.10 -18.46
C LYS D 201 25.08 -38.69 -18.78
N ASN D 202 25.02 -40.00 -19.01
CA ASN D 202 23.77 -40.65 -19.40
C ASN D 202 22.95 -41.02 -18.15
N PHE D 203 22.55 -39.99 -17.43
CA PHE D 203 21.76 -40.15 -16.20
C PHE D 203 20.33 -39.72 -16.47
N ASN D 204 19.40 -40.66 -16.43
CA ASN D 204 17.98 -40.37 -16.53
C ASN D 204 17.46 -39.99 -15.15
N GLY D 205 16.13 -40.01 -14.98
CA GLY D 205 15.48 -39.54 -13.77
C GLY D 205 16.08 -40.01 -12.46
N THR D 206 16.01 -41.30 -12.16
CA THR D 206 16.51 -41.84 -10.91
C THR D 206 17.54 -42.94 -11.20
N GLY D 207 17.92 -43.65 -10.15
CA GLY D 207 18.94 -44.67 -10.26
C GLY D 207 20.25 -44.22 -9.67
N PRO D 208 21.00 -45.16 -9.08
CA PRO D 208 22.26 -44.78 -8.43
C PRO D 208 23.24 -44.14 -9.40
N CYS D 209 23.95 -43.12 -8.91
CA CYS D 209 24.98 -42.43 -9.67
C CYS D 209 26.32 -42.69 -8.99
N LYS D 210 27.26 -43.25 -9.74
CA LYS D 210 28.55 -43.65 -9.21
C LYS D 210 29.67 -42.68 -9.58
N ASN D 211 29.32 -41.49 -10.06
CA ASN D 211 30.28 -40.48 -10.49
C ASN D 211 30.00 -39.15 -9.81
N VAL D 212 29.21 -39.18 -8.73
CA VAL D 212 28.77 -37.95 -8.08
C VAL D 212 29.93 -37.29 -7.36
N SER D 213 29.99 -35.96 -7.47
CA SER D 213 30.98 -35.15 -6.77
C SER D 213 30.26 -34.11 -5.94
N SER D 214 30.78 -33.84 -4.75
CA SER D 214 30.12 -32.95 -3.81
C SER D 214 30.67 -31.53 -3.96
N VAL D 215 29.77 -30.57 -4.10
CA VAL D 215 30.14 -29.16 -4.15
C VAL D 215 29.47 -28.46 -2.98
N GLN D 216 30.00 -27.27 -2.65
CA GLN D 216 29.37 -26.48 -1.59
C GLN D 216 27.97 -26.05 -1.98
N CYS D 217 27.78 -25.61 -3.22
CA CYS D 217 26.46 -25.19 -3.67
C CYS D 217 26.45 -25.08 -5.20
N THR D 218 25.24 -24.96 -5.74
CA THR D 218 24.99 -25.20 -7.15
C THR D 218 25.60 -24.12 -8.03
N HIS D 219 25.64 -24.42 -9.32
CA HIS D 219 26.09 -23.47 -10.33
C HIS D 219 24.94 -22.53 -10.68
N GLY D 220 25.12 -21.73 -11.73
CA GLY D 220 24.07 -20.81 -12.14
C GLY D 220 22.82 -21.53 -12.62
N ILE D 221 21.68 -20.89 -12.42
CA ILE D 221 20.40 -21.38 -12.89
C ILE D 221 19.66 -20.22 -13.55
N LYS D 222 18.93 -20.49 -14.61
CA LYS D 222 18.17 -19.46 -15.30
C LYS D 222 16.70 -19.58 -14.94
N PRO D 223 16.08 -18.54 -14.41
CA PRO D 223 14.66 -18.64 -14.01
C PRO D 223 13.70 -18.42 -15.15
N VAL D 224 14.17 -18.57 -16.39
CA VAL D 224 13.38 -18.28 -17.59
C VAL D 224 12.07 -19.06 -17.60
N VAL D 225 11.06 -18.53 -18.28
CA VAL D 225 9.71 -19.09 -18.29
C VAL D 225 9.34 -19.48 -19.71
N SER D 226 8.72 -20.65 -19.85
CA SER D 226 8.24 -21.11 -21.14
C SER D 226 7.18 -22.18 -20.90
N THR D 227 6.45 -22.53 -21.96
CA THR D 227 5.38 -23.51 -21.86
C THR D 227 5.62 -24.74 -22.70
N GLN D 228 5.90 -24.58 -23.99
CA GLN D 228 6.06 -25.72 -24.89
C GLN D 228 7.51 -26.12 -25.11
N LEU D 229 8.40 -25.15 -25.28
CA LEU D 229 9.81 -25.43 -25.55
C LEU D 229 10.67 -24.73 -24.51
N LEU D 230 11.61 -25.47 -23.92
CA LEU D 230 12.52 -24.88 -22.95
C LEU D 230 13.54 -23.99 -23.67
N LEU D 231 13.88 -22.88 -23.04
CA LEU D 231 14.78 -21.89 -23.61
C LEU D 231 15.93 -21.61 -22.65
N ASN D 232 17.06 -21.22 -23.22
CA ASN D 232 18.22 -20.75 -22.47
C ASN D 232 18.79 -21.80 -21.53
N GLY D 233 18.38 -23.07 -21.67
CA GLY D 233 18.78 -24.09 -20.74
C GLY D 233 20.21 -24.56 -20.94
N SER D 234 20.62 -25.50 -20.09
CA SER D 234 21.96 -26.07 -20.12
C SER D 234 21.90 -27.40 -20.87
N LEU D 235 22.71 -27.53 -21.92
CA LEU D 235 22.70 -28.72 -22.74
C LEU D 235 23.21 -29.92 -21.96
N ALA D 236 22.60 -31.08 -22.19
CA ALA D 236 23.08 -32.31 -21.58
C ALA D 236 24.43 -32.68 -22.19
N GLU D 237 25.40 -32.99 -21.33
CA GLU D 237 26.77 -33.21 -21.79
C GLU D 237 26.88 -34.48 -22.64
N GLY D 238 26.29 -35.57 -22.16
CA GLY D 238 26.48 -36.86 -22.79
C GLY D 238 25.83 -37.02 -24.15
N GLU D 239 24.50 -37.05 -24.17
CA GLU D 239 23.76 -37.28 -25.40
C GLU D 239 22.31 -36.87 -25.18
N ILE D 240 21.55 -36.87 -26.27
CA ILE D 240 20.12 -36.61 -26.19
C ILE D 240 19.46 -37.71 -25.36
N ILE D 241 18.85 -37.33 -24.24
CA ILE D 241 18.30 -38.28 -23.30
C ILE D 241 16.84 -37.93 -23.03
N ILE D 242 16.08 -38.94 -22.61
CA ILE D 242 14.66 -38.80 -22.35
C ILE D 242 14.41 -39.05 -20.87
N ARG D 243 13.53 -38.26 -20.26
CA ARG D 243 13.27 -38.33 -18.84
C ARG D 243 11.77 -38.33 -18.57
N SER D 244 11.35 -39.10 -17.58
CA SER D 244 9.96 -39.14 -17.16
C SER D 244 9.88 -39.77 -15.77
N GLU D 245 8.76 -39.52 -15.10
CA GLU D 245 8.51 -40.23 -13.85
C GLU D 245 8.05 -41.66 -14.12
N ASN D 246 7.28 -41.86 -15.18
CA ASN D 246 6.92 -43.21 -15.61
C ASN D 246 6.50 -43.15 -17.06
N LEU D 247 7.23 -43.87 -17.93
CA LEU D 247 6.97 -43.81 -19.35
C LEU D 247 5.59 -44.37 -19.70
N THR D 248 5.27 -45.56 -19.18
CA THR D 248 4.01 -46.20 -19.53
C THR D 248 2.81 -45.40 -19.02
N ASN D 249 2.95 -44.73 -17.88
CA ASN D 249 1.89 -43.87 -17.36
C ASN D 249 1.85 -42.60 -18.19
N ASN D 250 0.85 -42.48 -19.06
CA ASN D 250 0.75 -41.33 -19.95
C ASN D 250 0.45 -40.04 -19.20
N ALA D 251 -0.08 -40.12 -17.99
CA ALA D 251 -0.47 -38.91 -17.27
C ALA D 251 0.73 -38.01 -17.02
N LYS D 252 1.86 -38.58 -16.61
CA LYS D 252 3.04 -37.78 -16.36
C LYS D 252 3.63 -37.26 -17.65
N THR D 253 4.22 -36.07 -17.57
CA THR D 253 4.82 -35.46 -18.75
C THR D 253 6.14 -36.16 -19.10
N ILE D 254 6.62 -35.87 -20.30
CA ILE D 254 7.89 -36.40 -20.78
C ILE D 254 8.73 -35.22 -21.28
N ILE D 255 9.97 -35.14 -20.82
CA ILE D 255 10.86 -34.02 -21.09
C ILE D 255 12.00 -34.50 -21.98
N VAL D 256 12.23 -33.79 -23.07
CA VAL D 256 13.33 -34.07 -23.98
C VAL D 256 14.48 -33.13 -23.65
N HIS D 257 15.69 -33.67 -23.52
CA HIS D 257 16.87 -32.88 -23.23
C HIS D 257 17.89 -33.15 -24.32
N LEU D 258 18.40 -32.09 -24.94
CA LEU D 258 19.28 -32.19 -26.09
C LEU D 258 20.74 -31.96 -25.69
N ASN D 259 21.65 -32.34 -26.60
CA ASN D 259 23.06 -32.05 -26.42
C ASN D 259 23.59 -30.99 -27.37
N LYS D 260 22.93 -30.75 -28.49
CA LYS D 260 23.27 -29.66 -29.40
C LYS D 260 22.08 -28.72 -29.50
N SER D 261 22.30 -27.46 -29.18
CA SER D 261 21.21 -26.50 -29.16
C SER D 261 20.80 -26.09 -30.57
N VAL D 262 19.61 -25.51 -30.67
CA VAL D 262 19.10 -24.92 -31.89
C VAL D 262 18.75 -23.47 -31.59
N GLU D 263 19.30 -22.55 -32.37
CA GLU D 263 19.11 -21.13 -32.11
C GLU D 263 17.78 -20.66 -32.67
N ILE D 264 17.02 -19.96 -31.84
CA ILE D 264 15.79 -19.29 -32.26
C ILE D 264 16.01 -17.79 -32.18
N ASN D 265 15.64 -17.09 -33.24
CA ASN D 265 15.88 -15.64 -33.34
C ASN D 265 14.69 -15.03 -34.05
N CYS D 266 13.88 -14.27 -33.33
CA CYS D 266 12.77 -13.59 -33.98
C CYS D 266 12.39 -12.34 -33.21
N THR D 267 11.67 -11.46 -33.89
CA THR D 267 11.51 -10.08 -33.47
C THR D 267 10.13 -9.57 -33.85
N ARG D 268 9.73 -8.47 -33.22
CA ARG D 268 8.55 -7.73 -33.62
C ARG D 268 8.94 -6.65 -34.60
N PRO D 269 8.48 -6.70 -35.86
CA PRO D 269 8.87 -5.65 -36.81
C PRO D 269 8.04 -4.38 -36.69
N SER D 270 7.03 -4.36 -35.83
CA SER D 270 6.16 -3.20 -35.72
C SER D 270 6.91 -2.02 -35.12
N ASN D 271 6.31 -0.85 -35.28
CA ASN D 271 6.86 0.41 -34.77
C ASN D 271 5.82 1.04 -33.85
N ASN D 272 6.21 1.35 -32.62
CA ASN D 272 5.26 1.84 -31.63
C ASN D 272 5.87 2.99 -30.85
N THR D 273 4.99 3.84 -30.34
CA THR D 273 5.35 4.94 -29.44
C THR D 273 4.51 4.83 -28.17
N ARG D 274 5.15 5.07 -27.03
CA ARG D 274 4.48 4.95 -25.74
C ARG D 274 3.84 6.28 -25.39
N THR D 275 2.52 6.38 -25.56
CA THR D 275 1.78 7.57 -25.16
C THR D 275 1.30 7.40 -23.73
N SER D 276 1.37 8.49 -22.97
CA SER D 276 1.07 8.48 -21.54
C SER D 276 -0.19 9.28 -21.26
N VAL D 277 -1.06 8.71 -20.43
CA VAL D 277 -2.24 9.42 -19.93
C VAL D 277 -2.25 9.31 -18.42
N THR D 278 -2.91 10.27 -17.78
CA THR D 278 -2.93 10.38 -16.32
C THR D 278 -4.29 9.93 -15.80
N ILE D 279 -4.27 8.91 -14.94
CA ILE D 279 -5.47 8.44 -14.26
C ILE D 279 -5.16 8.36 -12.76
N GLY D 280 -6.00 8.97 -11.94
CA GLY D 280 -5.79 9.00 -10.52
C GLY D 280 -4.69 9.96 -10.13
N PRO D 281 -4.41 10.07 -8.83
CA PRO D 281 -3.37 10.99 -8.35
C PRO D 281 -1.98 10.39 -8.55
N GLY D 282 -1.24 10.94 -9.51
CA GLY D 282 0.14 10.54 -9.73
C GLY D 282 0.33 9.09 -10.11
N GLN D 283 -0.59 8.54 -10.90
CA GLN D 283 -0.53 7.14 -11.33
C GLN D 283 -0.68 7.12 -12.85
N VAL D 284 0.45 7.30 -13.55
CA VAL D 284 0.41 7.38 -15.01
C VAL D 284 0.12 6.00 -15.59
N PHE D 285 -0.49 5.99 -16.77
CA PHE D 285 -0.87 4.75 -17.45
C PHE D 285 -0.45 4.84 -18.91
N TYR D 286 0.24 3.82 -19.40
CA TYR D 286 0.75 3.80 -20.76
C TYR D 286 -0.20 3.04 -21.67
N ARG D 287 -0.02 3.24 -22.97
CA ARG D 287 -0.86 2.59 -23.97
C ARG D 287 -0.11 2.55 -25.29
N THR D 288 -0.57 1.68 -26.18
CA THR D 288 -0.02 1.59 -27.52
C THR D 288 -0.44 2.84 -28.31
N GLY D 289 0.49 3.77 -28.48
CA GLY D 289 0.17 5.06 -29.06
C GLY D 289 -0.20 5.01 -30.53
N ASP D 290 0.78 4.74 -31.39
CA ASP D 290 0.55 4.77 -32.82
C ASP D 290 1.52 3.81 -33.51
N ILE D 291 1.18 3.43 -34.73
CA ILE D 291 2.02 2.59 -35.57
C ILE D 291 2.23 3.30 -36.89
N ILE D 292 3.49 3.45 -37.29
CA ILE D 292 3.85 4.07 -38.55
C ILE D 292 5.10 3.38 -39.09
N GLY D 293 5.16 3.24 -40.41
CA GLY D 293 6.30 2.60 -41.03
C GLY D 293 6.08 1.14 -41.35
N ASP D 294 6.61 0.26 -40.52
CA ASP D 294 6.55 -1.18 -40.76
C ASP D 294 5.34 -1.79 -40.04
N ILE D 295 4.56 -2.56 -40.77
CA ILE D 295 3.39 -3.27 -40.24
C ILE D 295 3.49 -4.70 -40.72
N ARG D 296 3.92 -5.60 -39.84
CA ARG D 296 4.06 -7.01 -40.18
C ARG D 296 3.89 -7.85 -38.94
N LYS D 297 3.37 -9.06 -39.10
CA LYS D 297 3.21 -9.97 -37.98
C LYS D 297 4.57 -10.39 -37.44
N ALA D 298 4.60 -10.67 -36.13
CA ALA D 298 5.85 -11.05 -35.48
C ALA D 298 6.25 -12.46 -35.90
N TYR D 299 6.97 -12.56 -37.02
CA TYR D 299 7.43 -13.85 -37.52
C TYR D 299 8.43 -14.47 -36.55
N CYS D 300 8.70 -15.76 -36.76
CA CYS D 300 9.79 -16.41 -36.04
C CYS D 300 10.48 -17.40 -36.96
N GLU D 301 11.81 -17.45 -36.87
CA GLU D 301 12.65 -18.18 -37.80
C GLU D 301 13.33 -19.34 -37.10
N ILE D 302 13.26 -20.53 -37.71
CA ILE D 302 13.97 -21.71 -37.24
C ILE D 302 14.62 -22.38 -38.44
N ASN D 303 15.89 -22.72 -38.33
CA ASN D 303 16.58 -23.35 -39.45
C ASN D 303 16.01 -24.74 -39.69
N GLY D 304 15.66 -25.02 -40.95
CA GLY D 304 14.94 -26.24 -41.25
C GLY D 304 15.80 -27.49 -41.11
N THR D 305 17.03 -27.45 -41.63
CA THR D 305 17.87 -28.64 -41.61
C THR D 305 18.20 -29.05 -40.17
N LYS D 306 18.56 -28.08 -39.33
CA LYS D 306 18.87 -28.38 -37.94
C LYS D 306 17.67 -28.99 -37.23
N TRP D 307 16.49 -28.42 -37.44
CA TRP D 307 15.29 -28.93 -36.78
C TRP D 307 14.95 -30.34 -37.23
N ASN D 308 15.01 -30.60 -38.54
CA ASN D 308 14.68 -31.94 -39.01
C ASN D 308 15.69 -32.96 -38.51
N GLU D 309 16.98 -32.60 -38.49
CA GLU D 309 17.98 -33.52 -37.97
C GLU D 309 17.78 -33.79 -36.48
N THR D 310 17.45 -32.74 -35.72
CA THR D 310 17.17 -32.92 -34.30
C THR D 310 15.98 -33.84 -34.07
N LEU D 311 14.93 -33.68 -34.87
CA LEU D 311 13.79 -34.58 -34.76
C LEU D 311 14.16 -36.01 -35.12
N LYS D 312 14.99 -36.19 -36.15
CA LYS D 312 15.44 -37.54 -36.46
C LYS D 312 16.20 -38.16 -35.30
N GLN D 313 17.10 -37.38 -34.69
CA GLN D 313 17.86 -37.91 -33.56
C GLN D 313 16.95 -38.25 -32.39
N VAL D 314 15.97 -37.38 -32.09
CA VAL D 314 15.11 -37.62 -30.94
C VAL D 314 14.20 -38.82 -31.19
N VAL D 315 13.72 -39.00 -32.42
CA VAL D 315 12.89 -40.17 -32.70
C VAL D 315 13.74 -41.43 -32.64
N GLY D 316 15.00 -41.36 -33.07
CA GLY D 316 15.88 -42.49 -32.90
C GLY D 316 16.08 -42.84 -31.43
N LYS D 317 16.20 -41.83 -30.58
CA LYS D 317 16.32 -42.06 -29.14
C LYS D 317 15.05 -42.68 -28.57
N LEU D 318 13.88 -42.20 -29.01
CA LEU D 318 12.62 -42.72 -28.49
C LEU D 318 12.36 -44.14 -28.97
N LYS D 319 12.95 -44.54 -30.11
CA LYS D 319 12.59 -45.83 -30.70
C LYS D 319 12.91 -46.99 -29.76
N GLU D 320 14.05 -46.95 -29.07
CA GLU D 320 14.36 -48.07 -28.18
C GLU D 320 13.50 -48.11 -26.93
N HIS D 321 12.71 -47.06 -26.67
CA HIS D 321 11.76 -47.09 -25.57
C HIS D 321 10.40 -47.64 -25.98
N PHE D 322 10.18 -47.88 -27.27
CA PHE D 322 8.94 -48.46 -27.78
C PHE D 322 9.31 -49.32 -28.98
N PRO D 323 9.32 -50.64 -28.81
CA PRO D 323 10.01 -51.51 -29.80
C PRO D 323 9.50 -51.40 -31.22
N ASN D 324 8.21 -51.67 -31.44
CA ASN D 324 7.70 -51.85 -32.79
C ASN D 324 6.60 -50.85 -33.11
N LYS D 325 6.71 -49.64 -32.56
CA LYS D 325 5.67 -48.63 -32.70
C LYS D 325 6.23 -47.42 -33.42
N THR D 326 5.57 -47.03 -34.51
CA THR D 326 5.98 -45.85 -35.26
C THR D 326 5.63 -44.59 -34.48
N ILE D 327 6.45 -43.56 -34.64
CA ILE D 327 6.34 -42.32 -33.88
C ILE D 327 5.85 -41.22 -34.81
N SER D 328 4.83 -40.50 -34.37
CA SER D 328 4.27 -39.39 -35.12
C SER D 328 4.04 -38.20 -34.20
N PHE D 329 4.06 -37.01 -34.78
CA PHE D 329 3.86 -35.77 -34.05
C PHE D 329 2.60 -35.09 -34.54
N GLN D 330 1.87 -34.49 -33.62
CA GLN D 330 0.66 -33.75 -33.95
C GLN D 330 0.64 -32.44 -33.18
N PRO D 331 -0.04 -31.42 -33.71
CA PRO D 331 -0.13 -30.15 -33.00
C PRO D 331 -0.91 -30.30 -31.71
N PRO D 332 -0.82 -29.32 -30.81
CA PRO D 332 -1.60 -29.39 -29.57
C PRO D 332 -3.09 -29.51 -29.87
N SER D 333 -3.78 -30.30 -29.05
CA SER D 333 -5.17 -30.64 -29.32
C SER D 333 -6.16 -29.64 -28.75
N GLY D 334 -5.71 -28.66 -28.00
CA GLY D 334 -6.65 -27.68 -27.47
C GLY D 334 -6.13 -27.07 -26.18
N GLY D 335 -7.06 -26.68 -25.33
CA GLY D 335 -6.73 -26.02 -24.08
C GLY D 335 -6.69 -24.51 -24.23
N ASP D 336 -6.32 -23.85 -23.14
CA ASP D 336 -6.22 -22.41 -23.15
C ASP D 336 -5.02 -21.96 -23.99
N LEU D 337 -4.84 -20.65 -24.08
CA LEU D 337 -3.79 -20.10 -24.92
C LEU D 337 -2.41 -20.33 -24.32
N GLU D 338 -2.32 -20.77 -23.07
CA GLU D 338 -1.03 -21.05 -22.45
C GLU D 338 -0.47 -22.42 -22.81
N ILE D 339 -1.25 -23.26 -23.49
CA ILE D 339 -0.82 -24.62 -23.81
C ILE D 339 -0.69 -24.78 -25.32
N THR D 340 -1.77 -24.51 -26.04
CA THR D 340 -1.77 -24.63 -27.50
C THR D 340 -0.86 -23.62 -28.17
N MET D 341 -0.23 -22.72 -27.41
CA MET D 341 0.61 -21.68 -27.95
C MET D 341 1.94 -21.71 -27.23
N HIS D 342 3.04 -21.49 -27.95
CA HIS D 342 4.32 -21.29 -27.31
C HIS D 342 4.31 -19.96 -26.56
N HIS D 343 4.90 -19.95 -25.37
CA HIS D 343 4.91 -18.77 -24.53
C HIS D 343 6.33 -18.50 -24.07
N PHE D 344 6.78 -17.26 -24.22
CA PHE D 344 8.09 -16.86 -23.73
C PHE D 344 8.15 -15.34 -23.65
N ASN D 345 8.90 -14.86 -22.67
CA ASN D 345 9.04 -13.42 -22.42
C ASN D 345 10.26 -12.89 -23.18
N CYS D 346 10.15 -11.64 -23.61
CA CYS D 346 11.21 -10.98 -24.39
C CYS D 346 11.25 -9.51 -24.00
N ARG D 347 12.15 -9.16 -23.08
CA ARG D 347 12.45 -7.78 -22.73
C ARG D 347 11.21 -7.01 -22.27
N GLY D 348 10.34 -7.68 -21.52
CA GLY D 348 9.21 -7.03 -20.90
C GLY D 348 7.88 -7.19 -21.60
N GLU D 349 7.82 -7.96 -22.69
CA GLU D 349 6.56 -8.27 -23.35
C GLU D 349 6.55 -9.74 -23.73
N PHE D 350 5.36 -10.32 -23.81
CA PHE D 350 5.18 -11.76 -23.91
C PHE D 350 4.65 -12.15 -25.27
N PHE D 351 5.37 -13.03 -25.95
CA PHE D 351 4.98 -13.54 -27.25
C PHE D 351 3.99 -14.70 -27.11
N TYR D 352 3.45 -15.11 -28.26
CA TYR D 352 2.61 -16.31 -28.34
C TYR D 352 2.79 -16.88 -29.74
N CYS D 353 3.73 -17.81 -29.86
CA CYS D 353 4.14 -18.33 -31.16
C CYS D 353 3.38 -19.61 -31.49
N ASN D 354 2.97 -19.72 -32.75
CA ASN D 354 2.04 -20.78 -33.15
C ASN D 354 2.69 -22.16 -33.05
N THR D 355 3.86 -22.33 -33.65
CA THR D 355 4.64 -23.57 -33.57
C THR D 355 3.81 -24.80 -33.92
N THR D 356 3.35 -24.83 -35.18
CA THR D 356 2.68 -26.01 -35.72
C THR D 356 3.47 -26.67 -36.84
N GLN D 357 4.13 -25.89 -37.69
CA GLN D 357 4.96 -26.47 -38.73
C GLN D 357 6.16 -27.22 -38.17
N LEU D 358 6.58 -26.90 -36.95
CA LEU D 358 7.64 -27.67 -36.30
C LEU D 358 7.14 -29.02 -35.84
N PHE D 359 5.94 -29.06 -35.27
CA PHE D 359 5.44 -30.22 -34.56
C PHE D 359 4.47 -31.07 -35.36
N ASN D 360 4.36 -30.83 -36.67
CA ASN D 360 3.59 -31.71 -37.54
C ASN D 360 4.56 -32.49 -38.40
N SER D 361 4.63 -33.79 -38.19
CA SER D 361 5.57 -34.65 -38.89
C SER D 361 5.16 -36.11 -38.65
N THR D 362 5.93 -37.01 -39.25
CA THR D 362 5.74 -38.45 -39.03
C THR D 362 7.04 -39.14 -39.36
N TRP D 363 7.22 -40.33 -38.76
CA TRP D 363 8.43 -41.13 -38.97
C TRP D 363 7.99 -42.59 -38.98
N ILE D 364 7.80 -43.14 -40.18
CA ILE D 364 7.18 -44.45 -40.30
C ILE D 364 8.16 -45.55 -39.93
N ASN D 365 9.26 -45.69 -40.69
CA ASN D 365 10.25 -46.71 -40.39
C ASN D 365 11.69 -46.26 -40.58
N SER D 366 11.93 -45.00 -40.94
CA SER D 366 13.29 -44.49 -41.19
C SER D 366 14.05 -45.38 -42.18
N THR D 367 13.32 -45.91 -43.17
CA THR D 367 13.93 -46.87 -44.09
C THR D 367 14.99 -46.21 -44.97
N THR D 368 14.66 -45.06 -45.56
CA THR D 368 15.57 -44.37 -46.47
C THR D 368 15.74 -42.93 -46.01
N ILE D 369 16.64 -42.23 -46.67
CA ILE D 369 16.90 -40.82 -46.41
C ILE D 369 15.96 -40.00 -47.29
N LYS D 370 15.06 -39.26 -46.66
CA LYS D 370 14.09 -38.43 -47.38
C LYS D 370 14.71 -37.04 -47.55
N GLU D 371 15.50 -36.90 -48.62
CA GLU D 371 16.32 -35.70 -48.81
C GLU D 371 15.44 -34.47 -49.05
N TYR D 372 15.95 -33.32 -48.62
CA TYR D 372 15.26 -32.06 -48.80
C TYR D 372 16.30 -30.96 -48.97
N ASN D 373 15.83 -29.73 -49.16
CA ASN D 373 16.69 -28.58 -49.43
C ASN D 373 17.16 -27.93 -48.12
N ASP D 374 17.80 -26.77 -48.27
CA ASP D 374 17.88 -25.82 -47.16
C ASP D 374 16.60 -25.01 -47.13
N THR D 375 16.02 -24.85 -45.94
CA THR D 375 14.73 -24.19 -45.80
C THR D 375 14.76 -23.30 -44.57
N ILE D 376 13.88 -22.30 -44.59
CA ILE D 376 13.66 -21.41 -43.46
C ILE D 376 12.21 -21.56 -43.01
N ILE D 377 12.01 -21.81 -41.72
CA ILE D 377 10.68 -22.02 -41.16
C ILE D 377 10.20 -20.72 -40.55
N TYR D 378 8.97 -20.33 -40.89
CA TYR D 378 8.37 -19.11 -40.38
C TYR D 378 7.21 -19.46 -39.47
N LEU D 379 7.16 -18.81 -38.31
CA LEU D 379 6.11 -19.05 -37.33
C LEU D 379 5.38 -17.76 -37.03
N PRO D 380 4.12 -17.61 -37.43
CA PRO D 380 3.35 -16.40 -37.07
C PRO D 380 3.08 -16.39 -35.57
N CYS D 381 3.66 -15.41 -34.88
CA CYS D 381 3.69 -15.39 -33.43
C CYS D 381 2.90 -14.18 -32.95
N LYS D 382 1.79 -14.44 -32.25
CA LYS D 382 0.92 -13.38 -31.76
C LYS D 382 1.46 -12.78 -30.48
N ILE D 383 0.88 -11.64 -30.08
CA ILE D 383 1.33 -10.89 -28.93
C ILE D 383 0.12 -10.51 -28.08
N LYS D 384 0.27 -10.65 -26.76
CA LYS D 384 -0.77 -10.31 -25.81
C LYS D 384 -0.24 -9.32 -24.79
N GLN D 385 -1.10 -8.40 -24.34
CA GLN D 385 -0.71 -7.39 -23.37
C GLN D 385 -1.14 -7.76 -21.95
N ILE D 386 -2.43 -7.99 -21.74
CA ILE D 386 -2.92 -8.43 -20.44
C ILE D 386 -2.60 -9.91 -20.30
N ILE D 387 -1.82 -10.26 -19.29
CA ILE D 387 -1.34 -11.62 -19.10
C ILE D 387 -1.51 -12.01 -17.64
N ASN D 388 -2.04 -13.21 -17.42
CA ASN D 388 -2.06 -13.86 -16.11
C ASN D 388 -1.21 -15.12 -16.27
N MET D 389 0.07 -15.02 -15.92
CA MET D 389 1.03 -16.07 -16.23
C MET D 389 0.62 -17.42 -15.64
N TRP D 390 -0.06 -17.40 -14.51
CA TRP D 390 -0.44 -18.60 -13.78
C TRP D 390 -1.95 -18.62 -13.58
N GLN D 391 -2.49 -19.81 -13.31
CA GLN D 391 -3.93 -20.00 -13.36
C GLN D 391 -4.65 -19.12 -12.34
N GLY D 392 -4.40 -19.35 -11.07
CA GLY D 392 -5.12 -18.62 -10.04
C GLY D 392 -4.26 -18.13 -8.90
N VAL D 393 -2.94 -18.23 -9.04
CA VAL D 393 -2.01 -17.81 -8.01
C VAL D 393 -1.19 -16.60 -8.41
N GLY D 394 -1.20 -16.21 -9.68
CA GLY D 394 -0.46 -15.05 -10.14
C GLY D 394 -1.35 -13.82 -10.28
N GLN D 395 -0.75 -12.66 -10.05
CA GLN D 395 -1.46 -11.40 -10.19
C GLN D 395 -1.59 -11.04 -11.66
N CYS D 396 -2.79 -10.66 -12.07
CA CYS D 396 -3.00 -10.18 -13.44
C CYS D 396 -2.13 -8.96 -13.69
N MET D 397 -1.26 -9.05 -14.69
CA MET D 397 -0.25 -8.03 -14.93
C MET D 397 -0.38 -7.54 -16.36
N TYR D 398 -0.28 -6.22 -16.53
CA TYR D 398 -0.45 -5.57 -17.83
C TYR D 398 0.92 -5.08 -18.30
N ALA D 399 1.52 -5.83 -19.21
CA ALA D 399 2.84 -5.47 -19.71
C ALA D 399 2.76 -4.18 -20.53
N PRO D 400 3.50 -3.14 -20.18
CA PRO D 400 3.46 -1.92 -20.97
C PRO D 400 4.07 -2.16 -22.35
N PRO D 401 3.63 -1.41 -23.36
CA PRO D 401 4.24 -1.56 -24.69
C PRO D 401 5.69 -1.11 -24.68
N ILE D 402 6.46 -1.66 -25.62
CA ILE D 402 7.90 -1.39 -25.73
C ILE D 402 8.14 -0.64 -27.03
N ARG D 403 8.87 0.47 -26.94
CA ARG D 403 9.10 1.31 -28.11
C ARG D 403 10.04 0.63 -29.10
N GLY D 404 9.79 0.86 -30.38
CA GLY D 404 10.71 0.48 -31.42
C GLY D 404 10.74 -1.01 -31.69
N LYS D 405 11.58 -1.38 -32.65
CA LYS D 405 11.77 -2.78 -33.01
C LYS D 405 12.49 -3.51 -31.88
N ILE D 406 11.95 -4.65 -31.48
CA ILE D 406 12.48 -5.42 -30.36
C ILE D 406 12.83 -6.81 -30.85
N ASN D 407 14.07 -7.25 -30.59
CA ASN D 407 14.57 -8.51 -31.10
C ASN D 407 15.08 -9.36 -29.95
N CYS D 408 14.80 -10.66 -30.02
CA CYS D 408 15.25 -11.62 -29.02
C CYS D 408 15.80 -12.85 -29.72
N VAL D 409 16.92 -13.36 -29.21
CA VAL D 409 17.54 -14.58 -29.71
C VAL D 409 17.85 -15.47 -28.51
N SER D 410 17.58 -16.77 -28.65
CA SER D 410 17.72 -17.69 -27.53
C SER D 410 18.09 -19.07 -28.04
N ASN D 411 18.58 -19.90 -27.12
CA ASN D 411 18.87 -21.29 -27.42
C ASN D 411 17.71 -22.19 -27.03
N ILE D 412 17.35 -23.11 -27.92
CA ILE D 412 16.33 -24.11 -27.65
C ILE D 412 17.05 -25.38 -27.23
N THR D 413 16.74 -25.87 -26.03
CA THR D 413 17.39 -27.05 -25.49
C THR D 413 16.43 -28.14 -25.03
N GLY D 414 15.20 -27.79 -24.66
CA GLY D 414 14.27 -28.74 -24.09
C GLY D 414 12.95 -28.77 -24.85
N ILE D 415 12.33 -29.95 -24.89
CA ILE D 415 11.05 -30.16 -25.54
C ILE D 415 10.15 -30.95 -24.60
N LEU D 416 8.91 -30.52 -24.46
CA LEU D 416 7.95 -31.15 -23.56
C LEU D 416 6.93 -31.95 -24.36
N LEU D 417 6.72 -33.20 -23.99
CA LEU D 417 5.87 -34.12 -24.74
C LEU D 417 4.79 -34.70 -23.83
N THR D 418 3.96 -35.56 -24.42
CA THR D 418 2.86 -36.25 -23.74
C THR D 418 2.35 -37.33 -24.67
N ARG D 419 2.02 -38.49 -24.11
CA ARG D 419 1.63 -39.65 -24.91
C ARG D 419 0.11 -39.74 -24.97
N ASP D 420 -0.40 -40.66 -25.80
CA ASP D 420 -1.82 -40.88 -25.97
C ASP D 420 -2.13 -42.36 -25.76
N GLY D 421 -3.18 -42.64 -24.99
CA GLY D 421 -3.49 -44.00 -24.58
C GLY D 421 -4.38 -44.79 -25.53
N GLY D 422 -3.83 -45.22 -26.66
CA GLY D 422 -4.59 -46.07 -27.57
C GLY D 422 -4.82 -47.45 -26.97
N ASP D 423 -5.98 -48.04 -27.32
CA ASP D 423 -6.40 -49.31 -26.75
C ASP D 423 -6.45 -50.43 -27.78
N ALA D 424 -7.21 -50.27 -28.86
CA ALA D 424 -7.49 -51.35 -29.79
C ALA D 424 -6.54 -51.40 -30.97
N ASN D 425 -5.54 -50.52 -31.02
CA ASN D 425 -4.56 -50.53 -32.11
C ASN D 425 -3.35 -51.38 -31.73
N ALA D 426 -3.62 -52.65 -31.45
CA ALA D 426 -2.56 -53.58 -31.06
C ALA D 426 -1.63 -53.89 -32.23
N THR D 427 -2.12 -53.77 -33.46
CA THR D 427 -1.29 -53.95 -34.65
C THR D 427 -1.21 -52.73 -35.54
N ASN D 428 -2.26 -51.91 -35.61
CA ASN D 428 -2.22 -50.62 -36.32
C ASN D 428 -1.48 -49.63 -35.44
N ASP D 429 -0.17 -49.83 -35.35
CA ASP D 429 0.65 -49.22 -34.30
C ASP D 429 1.18 -47.86 -34.75
N THR D 430 1.03 -46.88 -33.86
CA THR D 430 1.64 -45.57 -34.01
C THR D 430 1.56 -44.87 -32.67
N GLU D 431 2.35 -43.82 -32.51
CA GLU D 431 2.38 -43.04 -31.27
C GLU D 431 2.34 -41.56 -31.62
N THR D 432 1.46 -40.83 -30.96
CA THR D 432 1.33 -39.39 -31.12
C THR D 432 1.89 -38.71 -29.88
N PHE D 433 2.75 -37.71 -30.08
CA PHE D 433 3.37 -36.98 -28.99
C PHE D 433 2.93 -35.52 -29.11
N ARG D 434 1.81 -35.21 -28.50
CA ARG D 434 1.32 -33.84 -28.49
C ARG D 434 2.20 -33.00 -27.58
N PRO D 435 2.83 -31.95 -28.08
CA PRO D 435 3.67 -31.12 -27.21
C PRO D 435 2.85 -30.25 -26.26
N GLY D 436 3.53 -29.37 -25.55
CA GLY D 436 2.86 -28.50 -24.62
C GLY D 436 2.55 -29.19 -23.31
N GLY D 437 1.74 -28.51 -22.50
CA GLY D 437 1.37 -29.03 -21.21
C GLY D 437 2.47 -28.85 -20.18
N GLY D 438 2.26 -29.51 -19.04
CA GLY D 438 3.22 -29.44 -17.96
C GLY D 438 3.10 -28.18 -17.13
N ASN D 439 3.26 -28.31 -15.82
CA ASN D 439 3.18 -27.16 -14.94
C ASN D 439 4.42 -26.28 -15.12
N ILE D 440 4.47 -25.18 -14.36
CA ILE D 440 5.64 -24.33 -14.37
C ILE D 440 6.83 -25.06 -13.75
N LYS D 441 6.58 -26.03 -12.88
CA LYS D 441 7.66 -26.76 -12.22
C LYS D 441 8.51 -27.53 -13.23
N ASP D 442 7.87 -28.14 -14.22
CA ASP D 442 8.59 -28.95 -15.19
C ASP D 442 9.59 -28.12 -15.99
N ASN D 443 9.34 -26.82 -16.13
CA ASN D 443 10.33 -25.94 -16.75
C ASN D 443 11.59 -25.83 -15.92
N TRP D 444 11.54 -26.22 -14.66
CA TRP D 444 12.62 -26.02 -13.71
C TRP D 444 13.26 -27.31 -13.23
N ARG D 445 12.53 -28.42 -13.26
CA ARG D 445 13.11 -29.71 -12.93
C ARG D 445 14.16 -30.16 -13.92
N SER D 446 14.20 -29.55 -15.12
CA SER D 446 15.24 -29.88 -16.08
C SER D 446 16.62 -29.46 -15.62
N GLU D 447 16.71 -28.50 -14.70
CA GLU D 447 17.99 -28.03 -14.19
C GLU D 447 18.33 -28.59 -12.82
N LEU D 448 17.34 -29.08 -12.08
CA LEU D 448 17.54 -29.61 -10.74
C LEU D 448 17.58 -31.13 -10.71
N TYR D 449 18.04 -31.74 -11.81
CA TYR D 449 18.13 -33.19 -11.89
C TYR D 449 19.50 -33.72 -11.48
N LYS D 450 20.39 -32.86 -11.01
CA LYS D 450 21.71 -33.27 -10.59
C LYS D 450 21.93 -33.14 -9.08
N TYR D 451 21.10 -32.38 -8.38
CA TYR D 451 21.40 -31.94 -7.03
C TYR D 451 20.46 -32.59 -6.01
N LYS D 452 21.05 -33.13 -4.95
CA LYS D 452 20.31 -33.70 -3.83
C LYS D 452 20.83 -33.05 -2.55
N VAL D 453 19.90 -32.71 -1.65
CA VAL D 453 20.24 -32.02 -0.41
C VAL D 453 20.46 -33.05 0.68
N VAL D 454 21.64 -33.02 1.31
CA VAL D 454 21.96 -33.93 2.40
C VAL D 454 22.36 -33.11 3.61
N GLN D 455 22.29 -33.74 4.78
CA GLN D 455 22.65 -33.10 6.04
C GLN D 455 23.81 -33.86 6.65
N ILE D 456 24.89 -33.14 6.96
CA ILE D 456 26.06 -33.76 7.57
C ILE D 456 25.73 -34.18 8.99
N GLU D 457 26.26 -35.33 9.39
CA GLU D 457 26.11 -35.84 10.76
C GLU D 457 27.50 -36.18 11.29
N PRO D 458 28.26 -35.16 11.66
CA PRO D 458 29.71 -35.35 11.87
C PRO D 458 30.07 -36.08 13.15
N LEU D 459 29.11 -36.70 13.81
CA LEU D 459 29.37 -37.49 15.00
C LEU D 459 29.31 -38.97 14.66
N GLY D 460 30.38 -39.69 14.95
CA GLY D 460 30.44 -41.11 14.67
C GLY D 460 31.04 -41.87 15.82
N ILE D 461 30.69 -43.15 15.91
CA ILE D 461 31.10 -44.02 17.01
C ILE D 461 31.65 -45.31 16.44
N ALA D 462 32.76 -45.78 17.00
CA ALA D 462 33.36 -47.04 16.59
C ALA D 462 34.26 -47.53 17.72
N PRO D 463 34.39 -48.83 17.91
CA PRO D 463 35.23 -49.34 18.99
C PRO D 463 36.71 -49.30 18.63
N THR D 464 37.54 -49.18 19.65
CA THR D 464 38.99 -49.12 19.51
C THR D 464 39.61 -49.95 20.63
N LYS D 465 40.93 -49.77 20.82
CA LYS D 465 41.66 -50.42 21.89
C LYS D 465 42.12 -49.43 22.96
N CYS D 466 41.46 -48.28 23.05
CA CYS D 466 41.80 -47.23 24.00
C CYS D 466 40.85 -47.26 25.20
N LYS D 467 41.40 -46.95 26.36
CA LYS D 467 40.63 -46.78 27.58
C LYS D 467 41.09 -45.51 28.29
N ARG D 468 40.13 -44.73 28.79
CA ARG D 468 40.45 -43.47 29.43
C ARG D 468 41.29 -43.70 30.68
N ARG D 469 42.33 -42.89 30.84
CA ARG D 469 43.19 -42.93 32.01
C ARG D 469 42.54 -42.13 33.12
N VAL D 470 41.92 -42.82 34.08
CA VAL D 470 41.29 -42.14 35.21
C VAL D 470 42.37 -41.50 36.07
N VAL D 471 42.14 -40.24 36.44
CA VAL D 471 43.12 -39.48 37.21
C VAL D 471 42.86 -39.66 38.69
N GLU D 472 43.90 -39.43 39.50
CA GLU D 472 43.78 -39.52 40.94
C GLU D 472 44.61 -38.44 41.62
N ALA E 1 65.12 -17.60 22.93
CA ALA E 1 65.94 -18.70 22.43
C ALA E 1 65.30 -19.33 21.20
N GLU E 2 65.53 -20.63 21.02
CA GLU E 2 64.93 -21.41 19.93
C GLU E 2 63.98 -22.46 20.44
N ASN E 3 63.59 -22.40 21.72
CA ASN E 3 62.68 -23.36 22.33
C ASN E 3 61.26 -22.83 22.40
N LEU E 4 60.96 -21.75 21.67
CA LEU E 4 59.67 -21.09 21.79
C LEU E 4 58.54 -21.98 21.25
N TRP E 5 57.32 -21.64 21.64
CA TRP E 5 56.14 -22.35 21.16
C TRP E 5 54.99 -21.37 21.03
N VAL E 6 53.99 -21.75 20.23
CA VAL E 6 52.80 -20.91 20.07
C VAL E 6 51.96 -21.00 21.34
N THR E 7 51.22 -19.93 21.63
CA THR E 7 50.45 -19.85 22.87
C THR E 7 49.23 -18.96 22.63
N VAL E 8 48.08 -19.60 22.39
CA VAL E 8 46.86 -18.86 22.13
C VAL E 8 46.40 -18.18 23.42
N TYR E 9 45.84 -16.98 23.27
CA TYR E 9 45.25 -16.24 24.38
C TYR E 9 43.79 -15.94 24.07
N TYR E 10 42.97 -15.89 25.11
CA TYR E 10 41.55 -15.61 24.98
C TYR E 10 41.22 -14.28 25.66
N GLY E 11 40.40 -13.47 25.00
CA GLY E 11 40.02 -12.18 25.55
C GLY E 11 40.98 -11.06 25.25
N VAL E 12 41.82 -11.21 24.23
CA VAL E 12 42.82 -10.18 23.94
C VAL E 12 42.13 -8.89 23.54
N PRO E 13 42.63 -7.73 23.97
CA PRO E 13 42.00 -6.44 23.61
C PRO E 13 42.47 -5.83 22.29
N VAL E 14 41.98 -6.36 21.18
CA VAL E 14 42.23 -5.79 19.87
C VAL E 14 40.91 -5.68 19.13
N TRP E 15 40.87 -4.76 18.16
CA TRP E 15 39.65 -4.49 17.42
C TRP E 15 39.99 -4.30 15.95
N LYS E 16 38.93 -4.27 15.13
CA LYS E 16 39.08 -3.94 13.72
C LYS E 16 37.77 -3.33 13.24
N ASP E 17 37.88 -2.36 12.34
CA ASP E 17 36.71 -1.62 11.90
C ASP E 17 35.75 -2.53 11.14
N ALA E 18 34.46 -2.30 11.35
CA ALA E 18 33.40 -3.06 10.71
C ALA E 18 32.09 -2.30 10.93
N ASP E 19 30.98 -2.89 10.51
CA ASP E 19 29.67 -2.31 10.68
C ASP E 19 28.69 -3.36 11.19
N THR E 20 27.63 -2.90 11.85
CA THR E 20 26.65 -3.79 12.45
C THR E 20 25.32 -3.06 12.49
N THR E 21 24.33 -3.71 13.12
CA THR E 21 22.98 -3.16 13.24
C THR E 21 22.76 -2.72 14.68
N LEU E 22 22.77 -1.41 14.92
CA LEU E 22 22.48 -0.90 16.25
C LEU E 22 20.97 -0.92 16.50
N PHE E 23 20.60 -0.85 17.78
CA PHE E 23 19.20 -0.85 18.17
C PHE E 23 18.95 0.25 19.19
N CYS E 24 17.71 0.73 19.23
CA CYS E 24 17.36 1.80 20.14
C CYS E 24 17.36 1.32 21.59
N ALA E 25 17.60 2.24 22.51
CA ALA E 25 17.49 1.98 23.94
C ALA E 25 17.01 3.28 24.59
N SER E 26 15.70 3.40 24.75
CA SER E 26 15.12 4.64 25.25
C SER E 26 15.44 4.84 26.73
N ASP E 27 15.39 6.10 27.14
CA ASP E 27 15.66 6.44 28.53
C ASP E 27 14.63 5.78 29.45
N ALA E 28 15.08 5.34 30.62
CA ALA E 28 14.20 4.61 31.52
C ALA E 28 13.08 5.50 32.05
N LYS E 29 13.42 6.67 32.58
CA LYS E 29 12.41 7.55 33.15
C LYS E 29 11.65 8.33 32.08
N ALA E 30 12.32 8.69 30.98
CA ALA E 30 11.65 9.41 29.91
C ALA E 30 10.67 8.54 29.13
N HIS E 31 10.67 7.23 29.36
CA HIS E 31 9.73 6.33 28.73
C HIS E 31 8.49 6.19 29.60
N GLU E 32 7.55 5.34 29.16
CA GLU E 32 6.31 5.06 29.87
C GLU E 32 5.50 6.34 30.11
N THR E 33 5.11 6.98 29.02
CA THR E 33 4.22 8.13 29.05
C THR E 33 2.87 7.87 28.41
N GLU E 34 2.69 6.72 27.75
CA GLU E 34 1.45 6.38 27.06
C GLU E 34 1.04 7.49 26.08
N ALA E 35 2.02 8.02 25.37
CA ALA E 35 1.77 9.03 24.35
C ALA E 35 1.83 8.48 22.93
N HIS E 36 2.35 7.27 22.75
CA HIS E 36 2.48 6.65 21.43
C HIS E 36 3.26 7.54 20.47
N ASN E 37 4.45 7.95 20.90
CA ASN E 37 5.27 8.84 20.08
C ASN E 37 5.72 8.13 18.81
N ILE E 38 5.99 8.93 17.78
CA ILE E 38 6.43 8.38 16.51
C ILE E 38 7.77 7.69 16.65
N TRP E 39 8.71 8.33 17.34
CA TRP E 39 10.13 8.04 17.15
C TRP E 39 10.63 6.99 18.15
N ALA E 40 10.61 7.33 19.44
CA ALA E 40 11.03 6.42 20.50
C ALA E 40 9.79 5.67 20.99
N THR E 41 9.34 4.73 20.17
CA THR E 41 8.15 3.98 20.49
C THR E 41 8.38 3.09 21.70
N HIS E 42 7.35 2.35 22.09
CA HIS E 42 7.40 1.54 23.28
C HIS E 42 8.07 0.19 23.08
N ALA E 43 8.65 -0.06 21.90
CA ALA E 43 9.37 -1.29 21.64
C ALA E 43 10.86 -1.22 21.98
N CYS E 44 11.35 -0.04 22.38
CA CYS E 44 12.75 0.10 22.72
C CYS E 44 13.08 -0.63 24.02
N VAL E 45 14.26 -1.21 24.08
CA VAL E 45 14.72 -1.86 25.32
C VAL E 45 15.04 -0.79 26.35
N PRO E 46 14.70 -1.00 27.63
CA PRO E 46 15.10 -0.02 28.65
C PRO E 46 16.61 0.13 28.72
N THR E 47 17.05 1.35 28.99
CA THR E 47 18.45 1.70 28.88
C THR E 47 19.26 1.14 30.04
N ASP E 48 20.57 1.14 29.86
CA ASP E 48 21.49 0.86 30.95
C ASP E 48 21.31 1.91 32.03
N PRO E 49 21.19 1.52 33.30
CA PRO E 49 21.04 2.53 34.37
C PRO E 49 22.15 3.57 34.38
N ASN E 50 23.39 3.18 34.07
CA ASN E 50 24.46 4.15 33.96
C ASN E 50 25.54 3.67 32.97
N PRO E 51 25.62 4.28 31.79
CA PRO E 51 26.69 3.91 30.85
C PRO E 51 28.06 4.20 31.45
N GLN E 52 29.00 3.29 31.19
CA GLN E 52 30.35 3.40 31.72
C GLN E 52 31.29 3.87 30.62
N GLU E 53 32.01 4.95 30.89
CA GLU E 53 32.95 5.52 29.94
C GLU E 53 34.36 5.13 30.39
N ILE E 54 34.83 3.99 29.92
CA ILE E 54 36.18 3.54 30.21
C ILE E 54 37.15 4.29 29.30
N TYR E 55 38.21 4.82 29.89
CA TYR E 55 39.19 5.63 29.16
C TYR E 55 40.50 4.86 29.10
N MET E 56 40.77 4.22 27.96
CA MET E 56 42.10 3.70 27.73
C MET E 56 43.07 4.87 27.60
N GLU E 57 44.29 4.67 28.10
CA GLU E 57 45.18 5.80 28.29
C GLU E 57 45.82 6.30 26.99
N ASN E 58 46.20 5.39 26.09
CA ASN E 58 47.20 5.71 25.08
C ASN E 58 47.05 4.83 23.85
N VAL E 59 46.31 5.37 22.87
CA VAL E 59 46.06 4.73 21.58
C VAL E 59 45.68 5.83 20.60
N THR E 60 45.92 5.59 19.32
CA THR E 60 45.65 6.58 18.27
C THR E 60 44.84 5.90 17.17
N GLU E 61 43.52 6.04 17.23
CA GLU E 61 42.62 5.51 16.21
C GLU E 61 42.08 6.67 15.37
N ASN E 62 42.22 6.56 14.05
CA ASN E 62 41.85 7.64 13.15
C ASN E 62 40.36 7.59 12.81
N PHE E 63 39.61 8.54 13.36
CA PHE E 63 38.19 8.64 13.07
C PHE E 63 37.98 9.20 11.66
N ASN E 64 36.72 9.31 11.28
CA ASN E 64 36.37 9.92 10.00
C ASN E 64 34.87 10.16 9.96
N MET E 65 34.48 11.30 9.41
CA MET E 65 33.11 11.56 9.00
C MET E 65 33.01 11.46 7.49
N TRP E 66 31.82 11.73 6.95
CA TRP E 66 31.56 11.71 5.51
C TRP E 66 31.67 10.29 4.95
N LYS E 67 32.10 9.34 5.78
CA LYS E 67 32.12 7.94 5.40
C LYS E 67 31.69 7.01 6.53
N ASN E 68 31.31 7.54 7.68
CA ASN E 68 30.83 6.71 8.78
C ASN E 68 29.55 6.02 8.37
N ASN E 69 29.41 4.75 8.76
CA ASN E 69 28.23 3.98 8.40
C ASN E 69 27.09 4.13 9.40
N MET E 70 27.32 4.81 10.52
CA MET E 70 26.24 5.00 11.49
C MET E 70 25.18 5.96 10.97
N VAL E 71 25.58 6.94 10.17
CA VAL E 71 24.61 7.95 9.71
C VAL E 71 23.63 7.34 8.71
N GLU E 72 24.11 6.51 7.79
CA GLU E 72 23.23 5.98 6.76
C GLU E 72 22.21 5.01 7.35
N GLN E 73 22.65 4.11 8.23
CA GLN E 73 21.72 3.19 8.87
C GLN E 73 20.69 3.95 9.69
N MET E 74 21.14 4.97 10.43
CA MET E 74 20.21 5.73 11.26
C MET E 74 19.22 6.51 10.41
N GLN E 75 19.67 7.07 9.29
CA GLN E 75 18.77 7.77 8.38
C GLN E 75 17.74 6.83 7.79
N GLU E 76 18.16 5.63 7.39
CA GLU E 76 17.22 4.65 6.87
C GLU E 76 16.19 4.28 7.92
N ASP E 77 16.62 4.13 9.18
CA ASP E 77 15.67 3.86 10.25
C ASP E 77 14.72 5.03 10.46
N ILE E 78 15.24 6.26 10.36
CA ILE E 78 14.37 7.44 10.46
C ILE E 78 13.27 7.40 9.42
N ILE E 79 13.64 7.14 8.17
CA ILE E 79 12.61 7.16 7.13
C ILE E 79 11.66 5.98 7.31
N SER E 80 12.14 4.84 7.82
CA SER E 80 11.26 3.71 8.04
C SER E 80 10.23 4.01 9.13
N LEU E 81 10.67 4.61 10.25
CA LEU E 81 9.72 5.03 11.27
C LEU E 81 8.73 6.05 10.73
N TRP E 82 9.23 7.02 9.95
CA TRP E 82 8.36 8.07 9.44
C TRP E 82 7.28 7.47 8.54
N ASP E 83 7.65 6.49 7.72
CA ASP E 83 6.67 5.82 6.87
C ASP E 83 5.70 4.98 7.70
N GLN E 84 6.21 4.22 8.66
CA GLN E 84 5.36 3.29 9.39
C GLN E 84 4.36 4.01 10.28
N SER E 85 4.71 5.19 10.80
CA SER E 85 3.80 5.87 11.70
C SER E 85 2.55 6.45 11.01
N LEU E 86 2.30 6.15 9.73
CA LEU E 86 1.12 6.63 9.03
C LEU E 86 0.18 5.54 8.57
N LYS E 87 0.65 4.31 8.39
CA LYS E 87 -0.15 3.26 7.79
C LYS E 87 -1.47 2.99 8.51
N PRO E 88 -1.54 2.91 9.84
CA PRO E 88 -2.79 2.50 10.49
C PRO E 88 -3.96 3.44 10.28
N CYS E 89 -3.75 4.68 9.87
CA CYS E 89 -4.83 5.67 9.88
C CYS E 89 -5.01 6.33 8.51
N VAL E 90 -5.83 7.39 8.49
CA VAL E 90 -6.65 7.74 7.33
C VAL E 90 -5.80 8.32 6.19
N LYS E 91 -6.37 8.28 4.99
CA LYS E 91 -5.88 8.94 3.79
C LYS E 91 -6.72 10.17 3.50
N LEU E 92 -6.40 10.86 2.41
CA LEU E 92 -7.13 12.07 2.00
C LEU E 92 -7.36 12.07 0.50
N THR E 93 -7.80 10.94 -0.05
CA THR E 93 -8.07 10.89 -1.48
C THR E 93 -9.35 11.61 -1.92
N PRO E 94 -10.45 11.64 -1.15
CA PRO E 94 -11.67 12.25 -1.68
C PRO E 94 -11.64 13.78 -1.70
N LEU E 95 -10.64 14.40 -1.09
CA LEU E 95 -10.58 15.86 -1.01
C LEU E 95 -10.32 16.52 -2.36
N CYS E 96 -9.74 15.81 -3.33
CA CYS E 96 -9.25 16.43 -4.56
C CYS E 96 -10.42 16.80 -5.46
N VAL E 97 -11.12 17.86 -5.03
CA VAL E 97 -12.21 18.46 -5.78
C VAL E 97 -11.92 19.95 -5.91
N THR E 98 -12.42 20.55 -6.99
CA THR E 98 -12.17 21.96 -7.23
C THR E 98 -12.74 22.80 -6.10
N LEU E 99 -11.91 23.71 -5.57
CA LEU E 99 -12.26 24.52 -4.41
C LEU E 99 -12.53 25.95 -4.85
N SER E 100 -13.64 26.52 -4.36
CA SER E 100 -13.95 27.93 -4.54
C SER E 100 -13.50 28.66 -3.29
N CYS E 101 -12.38 29.38 -3.39
CA CYS E 101 -11.75 30.01 -2.24
C CYS E 101 -11.92 31.53 -2.32
N THR E 102 -12.23 32.14 -1.18
CA THR E 102 -12.51 33.56 -1.11
C THR E 102 -11.80 34.20 0.08
N ASN E 103 -11.83 35.54 0.05
CA ASN E 103 -11.13 36.39 1.01
C ASN E 103 -11.94 36.46 2.31
N VAL E 104 -11.24 36.69 3.41
CA VAL E 104 -11.81 36.50 4.74
C VAL E 104 -11.99 37.85 5.43
N THR E 105 -13.09 37.96 6.18
CA THR E 105 -13.43 39.13 6.97
C THR E 105 -13.75 38.71 8.40
N LEU E 106 -13.15 39.39 9.37
CA LEU E 106 -13.28 39.01 10.77
C LEU E 106 -13.35 40.25 11.64
N THR E 107 -13.85 40.06 12.86
CA THR E 107 -13.91 41.11 13.87
C THR E 107 -12.95 40.78 15.01
N ASN E 108 -12.34 41.82 15.57
CA ASN E 108 -11.36 41.64 16.64
C ASN E 108 -11.19 42.96 17.39
N VAL E 109 -10.51 42.88 18.54
CA VAL E 109 -10.16 44.09 19.28
C VAL E 109 -9.16 44.91 18.46
N ASN E 110 -9.08 46.20 18.79
CA ASN E 110 -8.30 47.13 17.97
C ASN E 110 -6.81 46.86 18.11
N TYR E 111 -6.28 46.87 19.34
CA TYR E 111 -4.83 46.82 19.52
C TYR E 111 -4.28 45.43 19.28
N THR E 112 -4.96 44.39 19.79
CA THR E 112 -4.51 42.99 19.69
C THR E 112 -3.09 42.79 20.21
N ASN E 113 -2.57 43.77 20.96
CA ASN E 113 -1.21 43.74 21.49
C ASN E 113 -0.19 43.45 20.38
N ASN E 114 -0.15 44.37 19.42
CA ASN E 114 0.70 44.20 18.22
C ASN E 114 2.15 44.46 18.60
N PHE E 115 2.76 43.46 19.23
CA PHE E 115 4.18 43.56 19.57
C PHE E 115 5.07 43.70 18.34
N PRO E 116 4.97 42.83 17.31
CA PRO E 116 5.90 42.94 16.18
C PRO E 116 5.52 44.02 15.17
N ASN E 117 4.20 44.19 14.97
CA ASN E 117 3.68 45.03 13.89
C ASN E 117 4.21 44.57 12.54
N ILE E 118 3.89 43.31 12.21
CA ILE E 118 4.37 42.68 10.99
C ILE E 118 3.25 42.31 10.03
N GLY E 119 1.99 42.35 10.46
CA GLY E 119 0.87 42.01 9.60
C GLY E 119 -0.06 41.06 10.29
N ASN E 120 -0.81 40.31 9.49
CA ASN E 120 -1.85 39.42 10.00
C ASN E 120 -2.28 38.45 8.90
N ILE E 121 -3.10 37.47 9.29
CA ILE E 121 -3.37 36.30 8.47
C ILE E 121 -4.11 36.61 7.17
N THR E 122 -4.63 37.83 7.03
CA THR E 122 -5.27 38.19 5.76
C THR E 122 -4.24 38.17 4.64
N ASP E 123 -4.68 37.76 3.45
CA ASP E 123 -3.85 37.49 2.28
C ASP E 123 -2.92 36.31 2.49
N GLU E 124 -3.09 35.56 3.57
CA GLU E 124 -2.36 34.33 3.81
C GLU E 124 -3.26 33.11 3.98
N VAL E 125 -4.51 33.30 4.36
CA VAL E 125 -5.48 32.21 4.48
C VAL E 125 -6.63 32.49 3.52
N ARG E 126 -7.22 31.40 3.02
CA ARG E 126 -8.30 31.49 2.05
C ARG E 126 -9.51 30.71 2.57
N ASN E 127 -10.69 31.29 2.41
CA ASN E 127 -11.96 30.63 2.74
C ASN E 127 -12.40 29.81 1.54
N CYS E 128 -12.20 28.50 1.60
CA CYS E 128 -12.55 27.59 0.52
C CYS E 128 -13.82 26.84 0.91
N SER E 129 -14.82 26.88 0.02
CA SER E 129 -16.12 26.25 0.26
C SER E 129 -16.38 25.29 -0.89
N PHE E 130 -15.89 24.05 -0.74
CA PHE E 130 -16.09 23.01 -1.73
C PHE E 130 -17.25 22.11 -1.31
N ASN E 131 -17.44 21.02 -2.05
CA ASN E 131 -18.48 20.06 -1.75
C ASN E 131 -17.94 18.66 -2.02
N VAL E 132 -18.00 17.80 -1.00
CA VAL E 132 -17.48 16.45 -1.04
C VAL E 132 -18.50 15.54 -0.39
N THR E 133 -18.27 14.23 -0.47
CA THR E 133 -19.23 13.24 0.02
C THR E 133 -19.14 13.07 1.53
N THR E 134 -20.22 12.55 2.11
CA THR E 134 -20.21 12.08 3.48
C THR E 134 -19.74 10.62 3.50
N GLU E 135 -19.93 9.97 4.64
CA GLU E 135 -19.67 8.54 4.74
C GLU E 135 -20.57 7.74 3.80
N ILE E 136 -21.79 8.23 3.56
CA ILE E 136 -22.66 7.63 2.55
C ILE E 136 -22.12 7.98 1.17
N ARG E 137 -22.07 6.97 0.29
CA ARG E 137 -21.56 7.19 -1.06
C ARG E 137 -22.47 8.04 -1.92
N ASP E 138 -23.70 8.31 -1.49
CA ASP E 138 -24.67 9.06 -2.27
C ASP E 138 -25.19 10.26 -1.49
N LYS E 139 -24.31 10.97 -0.80
CA LYS E 139 -24.69 12.17 -0.05
C LYS E 139 -23.52 13.15 -0.10
N LYS E 140 -23.78 14.34 -0.64
CA LYS E 140 -22.78 15.37 -0.81
C LYS E 140 -23.20 16.64 -0.09
N GLN E 141 -22.25 17.33 0.55
CA GLN E 141 -22.55 18.51 1.34
C GLN E 141 -21.51 19.58 1.05
N LYS E 142 -21.91 20.84 1.17
CA LYS E 142 -20.99 21.95 0.97
C LYS E 142 -20.18 22.15 2.25
N VAL E 143 -18.94 21.71 2.23
CA VAL E 143 -18.04 21.83 3.38
C VAL E 143 -17.12 23.02 3.14
N TYR E 144 -17.14 23.97 4.06
CA TYR E 144 -16.31 25.16 3.98
C TYR E 144 -15.18 25.06 5.00
N ALA E 145 -13.96 25.33 4.56
CA ALA E 145 -12.80 25.22 5.43
C ALA E 145 -11.79 26.28 5.04
N LEU E 146 -10.86 26.55 5.96
CA LEU E 146 -9.82 27.54 5.78
C LEU E 146 -8.50 26.85 5.49
N PHE E 147 -7.81 27.28 4.44
CA PHE E 147 -6.52 26.72 4.06
C PHE E 147 -5.56 27.85 3.72
N TYR E 148 -4.31 27.68 4.13
CA TYR E 148 -3.29 28.69 3.86
C TYR E 148 -2.91 28.68 2.37
N LYS E 149 -2.48 29.85 1.88
CA LYS E 149 -2.20 29.99 0.46
C LYS E 149 -0.98 29.18 0.02
N LEU E 150 -0.17 28.69 0.95
CA LEU E 150 0.97 27.86 0.60
C LEU E 150 0.60 26.40 0.37
N ASP E 151 -0.64 26.01 0.69
CA ASP E 151 -1.09 24.65 0.50
C ASP E 151 -2.03 24.50 -0.70
N ILE E 152 -2.20 25.55 -1.49
CA ILE E 152 -3.18 25.58 -2.57
C ILE E 152 -2.52 26.13 -3.83
N VAL E 153 -2.78 25.48 -4.96
CA VAL E 153 -2.29 25.94 -6.25
C VAL E 153 -3.48 26.35 -7.11
N GLN E 154 -3.22 27.26 -8.05
CA GLN E 154 -4.24 27.78 -8.95
C GLN E 154 -4.17 27.06 -10.29
N MET E 155 -5.32 26.59 -10.77
CA MET E 155 -5.42 25.86 -12.02
C MET E 155 -6.21 26.69 -13.02
N GLU E 156 -6.49 26.11 -14.19
CA GLU E 156 -7.23 26.80 -15.23
C GLU E 156 -8.62 27.22 -14.73
N ASN E 157 -9.27 28.08 -15.51
CA ASN E 157 -10.52 28.73 -15.10
C ASN E 157 -10.29 29.50 -13.79
N LYS E 158 -9.48 30.55 -13.92
CA LYS E 158 -8.86 31.18 -12.77
C LYS E 158 -9.85 31.93 -11.89
N ASN E 159 -10.78 31.17 -11.30
CA ASN E 159 -11.60 31.67 -10.19
C ASN E 159 -11.81 30.60 -9.13
N SER E 160 -11.19 29.43 -9.27
CA SER E 160 -11.34 28.33 -8.33
C SER E 160 -10.01 27.62 -8.17
N TYR E 161 -9.84 26.94 -7.04
CA TYR E 161 -8.54 26.44 -6.62
C TYR E 161 -8.56 24.92 -6.49
N ARG E 162 -7.35 24.35 -6.46
CA ARG E 162 -7.16 22.93 -6.21
C ARG E 162 -5.96 22.73 -5.30
N LEU E 163 -5.93 21.59 -4.62
CA LEU E 163 -4.88 21.31 -3.65
C LEU E 163 -3.53 21.13 -4.36
N ILE E 164 -2.46 21.17 -3.56
CA ILE E 164 -1.11 21.21 -4.11
C ILE E 164 -0.56 19.83 -4.46
N ASN E 165 -1.19 18.75 -4.01
CA ASN E 165 -0.70 17.40 -4.28
C ASN E 165 -1.84 16.50 -4.73
N CYS E 166 -2.65 17.00 -5.66
CA CYS E 166 -3.72 16.20 -6.25
C CYS E 166 -3.41 15.75 -7.66
N ASN E 167 -2.15 15.80 -8.10
CA ASN E 167 -1.81 15.13 -9.35
C ASN E 167 -0.55 14.30 -9.23
N THR E 168 0.10 14.27 -8.07
CA THR E 168 1.45 13.74 -7.96
C THR E 168 1.61 12.63 -6.93
N SER E 169 0.82 12.63 -5.87
CA SER E 169 0.92 11.60 -4.83
C SER E 169 -0.39 11.59 -4.05
N VAL E 170 -0.46 10.75 -3.03
CA VAL E 170 -1.60 10.69 -2.13
C VAL E 170 -1.15 11.15 -0.76
N CYS E 171 -1.99 11.96 -0.11
CA CYS E 171 -1.64 12.56 1.17
C CYS E 171 -2.43 11.89 2.29
N LYS E 172 -1.73 11.41 3.30
CA LYS E 172 -2.35 10.95 4.53
C LYS E 172 -2.15 12.01 5.59
N GLN E 173 -3.25 12.45 6.20
CA GLN E 173 -3.17 13.52 7.19
C GLN E 173 -2.36 13.07 8.39
N ALA E 174 -1.76 14.04 9.08
CA ALA E 174 -1.02 13.74 10.30
C ALA E 174 -1.95 13.03 11.28
N CYS E 175 -1.48 11.92 11.82
CA CYS E 175 -2.39 10.97 12.44
C CYS E 175 -2.87 11.53 13.77
N PRO E 176 -4.17 11.47 14.07
CA PRO E 176 -4.72 12.31 15.16
C PRO E 176 -4.13 12.03 16.54
N LYS E 177 -3.75 10.80 16.85
CA LYS E 177 -3.35 10.41 18.19
C LYS E 177 -1.88 10.02 18.29
N ILE E 178 -1.01 10.79 17.64
CA ILE E 178 0.43 10.57 17.71
C ILE E 178 1.10 11.88 18.13
N SER E 179 2.28 11.74 18.73
CA SER E 179 3.07 12.87 19.20
C SER E 179 4.28 13.07 18.31
N PHE E 180 4.80 14.30 18.33
CA PHE E 180 5.98 14.66 17.56
C PHE E 180 7.11 15.17 18.44
N ASP E 181 7.03 14.94 19.75
CA ASP E 181 8.09 15.38 20.66
C ASP E 181 9.35 14.57 20.41
N PRO E 182 10.49 15.21 20.13
CA PRO E 182 11.72 14.44 19.94
C PRO E 182 12.23 13.86 21.25
N ILE E 183 12.06 12.56 21.43
CA ILE E 183 12.48 11.88 22.66
C ILE E 183 13.92 11.40 22.47
N PRO E 184 14.80 11.61 23.45
CA PRO E 184 16.17 11.12 23.31
C PRO E 184 16.21 9.62 23.12
N ILE E 185 17.05 9.18 22.19
CA ILE E 185 17.23 7.77 21.88
C ILE E 185 18.71 7.44 22.03
N HIS E 186 19.01 6.36 22.73
CA HIS E 186 20.39 5.91 22.91
C HIS E 186 20.60 4.73 21.97
N TYR E 187 21.26 4.98 20.83
CA TYR E 187 21.65 3.90 19.95
C TYR E 187 22.72 3.08 20.63
N CYS E 188 22.43 1.80 20.89
CA CYS E 188 23.30 1.05 21.77
C CYS E 188 23.63 -0.28 21.10
N THR E 189 24.92 -0.60 21.03
CA THR E 189 25.40 -1.67 20.18
C THR E 189 25.15 -3.04 20.80
N PRO E 190 25.01 -4.08 19.98
CA PRO E 190 24.87 -5.44 20.53
C PRO E 190 26.17 -5.90 21.18
N ALA E 191 26.03 -6.87 22.09
CA ALA E 191 27.20 -7.44 22.74
C ALA E 191 28.12 -8.08 21.71
N GLY E 192 29.41 -7.84 21.86
CA GLY E 192 30.40 -8.23 20.88
C GLY E 192 30.96 -7.08 20.07
N TYR E 193 30.44 -5.88 20.24
CA TYR E 193 30.93 -4.68 19.58
C TYR E 193 31.21 -3.62 20.62
N ALA E 194 32.22 -2.79 20.34
CA ALA E 194 32.58 -1.68 21.20
C ALA E 194 32.53 -0.40 20.38
N ILE E 195 31.86 0.62 20.92
CA ILE E 195 31.75 1.91 20.27
C ILE E 195 32.79 2.84 20.85
N LEU E 196 33.72 3.29 20.02
CA LEU E 196 34.72 4.25 20.47
C LEU E 196 34.12 5.64 20.54
N LYS E 197 34.84 6.53 21.22
CA LYS E 197 34.33 7.89 21.43
C LYS E 197 35.53 8.79 21.67
N CYS E 198 35.78 9.72 20.74
CA CYS E 198 36.90 10.65 20.86
C CYS E 198 36.49 11.81 21.75
N ASN E 199 37.24 12.02 22.84
CA ASN E 199 36.94 13.06 23.81
C ASN E 199 37.69 14.35 23.56
N GLU E 200 38.43 14.44 22.46
CA GLU E 200 39.20 15.65 22.17
C GLU E 200 38.27 16.81 21.89
N LYS E 201 38.58 17.97 22.49
CA LYS E 201 37.71 19.13 22.34
C LYS E 201 37.80 19.71 20.92
N ASN E 202 39.00 20.02 20.46
CA ASN E 202 39.21 20.71 19.19
C ASN E 202 39.62 19.68 18.15
N PHE E 203 38.61 19.06 17.53
CA PHE E 203 38.82 17.99 16.55
C PHE E 203 37.89 18.24 15.37
N ASN E 204 38.46 18.47 14.19
CA ASN E 204 37.63 18.68 13.01
C ASN E 204 37.10 17.34 12.53
N GLY E 205 36.64 17.30 11.28
CA GLY E 205 36.09 16.09 10.68
C GLY E 205 36.93 14.83 10.83
N THR E 206 38.10 14.80 10.20
CA THR E 206 38.92 13.60 10.13
C THR E 206 40.30 13.87 10.71
N GLY E 207 40.83 12.88 11.43
CA GLY E 207 42.15 12.95 11.99
C GLY E 207 42.32 12.04 13.17
N PRO E 208 43.56 11.60 13.43
CA PRO E 208 43.80 10.76 14.60
C PRO E 208 43.43 11.47 15.89
N CYS E 209 42.83 10.72 16.81
CA CYS E 209 42.41 11.24 18.10
C CYS E 209 43.22 10.58 19.19
N LYS E 210 43.82 11.39 20.06
CA LYS E 210 44.66 10.89 21.14
C LYS E 210 43.87 10.63 22.42
N ASN E 211 42.75 11.31 22.62
CA ASN E 211 41.95 11.21 23.83
C ASN E 211 40.70 10.37 23.60
N VAL E 212 40.82 9.27 22.85
CA VAL E 212 39.65 8.44 22.58
C VAL E 212 39.39 7.54 23.79
N SER E 213 38.14 7.48 24.22
CA SER E 213 37.72 6.64 25.33
C SER E 213 36.57 5.76 24.88
N SER E 214 36.59 4.51 25.31
CA SER E 214 35.56 3.55 24.92
C SER E 214 34.38 3.63 25.88
N VAL E 215 33.18 3.63 25.31
CA VAL E 215 31.95 3.55 26.08
C VAL E 215 31.17 2.37 25.54
N GLN E 216 30.30 1.80 26.38
CA GLN E 216 29.46 0.71 25.91
C GLN E 216 28.59 1.15 24.76
N CYS E 217 27.97 2.33 24.86
CA CYS E 217 27.10 2.83 23.81
C CYS E 217 26.72 4.27 24.11
N THR E 218 26.19 4.93 23.07
CA THR E 218 26.19 6.39 22.99
C THR E 218 25.23 7.02 23.98
N HIS E 219 25.31 8.34 24.07
CA HIS E 219 24.41 9.15 24.88
C HIS E 219 23.14 9.45 24.09
N GLY E 220 22.31 10.34 24.60
CA GLY E 220 21.07 10.65 23.92
C GLY E 220 21.28 11.45 22.65
N ILE E 221 20.40 11.22 21.69
CA ILE E 221 20.37 11.98 20.45
C ILE E 221 18.92 12.26 20.10
N LYS E 222 18.64 13.50 19.67
CA LYS E 222 17.27 13.82 19.33
C LYS E 222 17.08 13.75 17.81
N PRO E 223 15.93 13.23 17.37
CA PRO E 223 15.68 13.12 15.93
C PRO E 223 15.13 14.40 15.32
N VAL E 224 15.33 15.53 16.01
CA VAL E 224 14.81 16.81 15.54
C VAL E 224 15.29 17.08 14.12
N VAL E 225 14.38 17.61 13.30
CA VAL E 225 14.64 17.87 11.89
C VAL E 225 14.53 19.36 11.63
N SER E 226 15.55 19.93 10.99
CA SER E 226 15.54 21.33 10.60
C SER E 226 16.47 21.51 9.42
N THR E 227 16.30 22.63 8.71
CA THR E 227 16.98 22.82 7.43
C THR E 227 18.06 23.90 7.48
N GLN E 228 17.71 25.12 7.87
CA GLN E 228 18.70 26.19 7.87
C GLN E 228 19.52 26.26 9.15
N LEU E 229 18.97 25.81 10.27
CA LEU E 229 19.65 25.88 11.56
C LEU E 229 19.50 24.55 12.27
N LEU E 230 20.40 24.31 13.22
CA LEU E 230 20.34 23.10 14.05
C LEU E 230 19.65 23.45 15.36
N LEU E 231 18.35 23.20 15.41
CA LEU E 231 17.56 23.54 16.59
C LEU E 231 17.66 22.47 17.65
N ASN E 232 17.93 22.90 18.89
CA ASN E 232 17.94 22.04 20.07
C ASN E 232 18.80 20.78 19.82
N GLY E 233 20.11 21.00 19.74
CA GLY E 233 21.09 19.92 19.66
C GLY E 233 22.05 19.92 20.84
N SER E 234 23.32 19.67 20.57
CA SER E 234 24.36 19.65 21.60
C SER E 234 25.34 20.80 21.39
N LEU E 235 26.33 20.88 22.27
CA LEU E 235 27.36 21.92 22.22
C LEU E 235 28.74 21.31 22.39
N ALA E 236 29.73 21.94 21.76
CA ALA E 236 31.12 21.55 21.91
C ALA E 236 31.82 22.51 22.86
N GLU E 237 32.43 21.96 23.91
CA GLU E 237 33.01 22.80 24.96
C GLU E 237 34.26 23.53 24.50
N GLY E 238 34.89 23.11 23.41
CA GLY E 238 36.16 23.68 23.02
C GLY E 238 36.07 25.11 22.53
N GLU E 239 35.49 25.31 21.35
CA GLU E 239 35.35 26.63 20.72
C GLU E 239 34.46 26.46 19.51
N ILE E 240 34.34 27.53 18.71
CA ILE E 240 33.54 27.49 17.49
C ILE E 240 34.26 26.60 16.49
N ILE E 241 33.70 25.42 16.21
CA ILE E 241 34.31 24.45 15.31
C ILE E 241 33.74 24.63 13.91
N ILE E 242 34.57 24.40 12.91
CA ILE E 242 34.16 24.42 11.50
C ILE E 242 34.51 23.08 10.89
N ARG E 243 33.49 22.38 10.39
CA ARG E 243 33.66 21.03 9.85
C ARG E 243 33.19 20.99 8.41
N SER E 244 33.95 20.27 7.58
CA SER E 244 33.59 20.06 6.18
C SER E 244 34.41 18.89 5.67
N GLU E 245 34.12 18.48 4.43
CA GLU E 245 34.96 17.48 3.80
C GLU E 245 36.26 18.15 3.40
N ASN E 246 36.20 19.06 2.43
CA ASN E 246 37.22 20.10 2.23
C ASN E 246 36.56 21.46 2.14
N LEU E 247 37.05 22.38 2.96
CA LEU E 247 36.68 23.79 2.79
C LEU E 247 37.13 24.35 1.46
N THR E 248 38.13 23.73 0.84
CA THR E 248 38.57 24.18 -0.49
C THR E 248 37.63 23.72 -1.60
N ASN E 249 36.72 22.79 -1.32
CA ASN E 249 35.72 22.34 -2.27
C ASN E 249 34.37 22.92 -1.87
N ASN E 250 33.83 23.79 -2.71
CA ASN E 250 32.58 24.47 -2.36
C ASN E 250 31.37 23.56 -2.44
N ALA E 251 31.47 22.43 -3.13
CA ALA E 251 30.33 21.55 -3.30
C ALA E 251 29.81 21.04 -1.96
N LYS E 252 30.71 20.61 -1.09
CA LYS E 252 30.30 20.07 0.20
C LYS E 252 29.78 21.16 1.12
N THR E 253 28.85 20.79 1.98
CA THR E 253 28.29 21.74 2.93
C THR E 253 29.31 22.10 3.99
N ILE E 254 29.09 23.25 4.62
CA ILE E 254 29.95 23.75 5.69
C ILE E 254 29.13 23.77 6.96
N ILE E 255 29.56 22.99 7.96
CA ILE E 255 28.86 22.87 9.23
C ILE E 255 29.67 23.60 10.29
N VAL E 256 29.05 24.57 10.93
CA VAL E 256 29.67 25.29 12.03
C VAL E 256 29.04 24.81 13.33
N HIS E 257 29.82 24.83 14.41
CA HIS E 257 29.38 24.32 15.70
C HIS E 257 29.66 25.38 16.75
N LEU E 258 28.70 25.60 17.64
CA LEU E 258 28.78 26.69 18.62
C LEU E 258 29.07 26.15 20.01
N ASN E 259 29.63 27.02 20.85
CA ASN E 259 29.88 26.72 22.24
C ASN E 259 29.03 27.53 23.21
N LYS E 260 28.26 28.50 22.72
CA LYS E 260 27.37 29.31 23.56
C LYS E 260 26.03 29.40 22.83
N SER E 261 25.13 28.47 23.16
CA SER E 261 23.84 28.40 22.48
C SER E 261 23.04 29.67 22.74
N VAL E 262 22.45 30.22 21.68
CA VAL E 262 21.58 31.38 21.78
C VAL E 262 20.13 30.89 21.76
N GLU E 263 19.35 31.32 22.74
CA GLU E 263 17.98 30.86 22.85
C GLU E 263 17.13 31.40 21.72
N ILE E 264 16.21 30.57 21.24
CA ILE E 264 15.24 30.98 20.25
C ILE E 264 13.86 30.90 20.88
N ASN E 265 12.96 31.77 20.44
CA ASN E 265 11.62 31.86 20.99
C ASN E 265 10.68 32.28 19.86
N CYS E 266 9.92 31.34 19.33
CA CYS E 266 9.00 31.60 18.24
C CYS E 266 7.65 31.00 18.58
N THR E 267 6.57 31.68 18.19
CA THR E 267 5.25 31.27 18.58
C THR E 267 4.22 31.73 17.55
N ARG E 268 3.06 31.08 17.59
CA ARG E 268 1.94 31.45 16.72
C ARG E 268 0.86 32.11 17.57
N PRO E 269 0.59 33.40 17.37
CA PRO E 269 -0.40 34.10 18.21
C PRO E 269 -1.85 33.91 17.78
N SER E 270 -2.15 33.00 16.87
CA SER E 270 -3.49 32.87 16.32
C SER E 270 -4.42 32.12 17.28
N ASN E 271 -5.62 31.82 16.80
CA ASN E 271 -6.68 31.16 17.56
C ASN E 271 -7.23 30.04 16.69
N ASN E 272 -6.61 28.87 16.71
CA ASN E 272 -7.08 27.81 15.84
C ASN E 272 -8.14 26.95 16.54
N THR E 273 -9.00 26.35 15.72
CA THR E 273 -10.03 25.45 16.20
C THR E 273 -10.07 24.22 15.30
N ARG E 274 -10.51 23.10 15.88
CA ARG E 274 -10.55 21.83 15.17
C ARG E 274 -12.00 21.48 14.88
N THR E 275 -12.40 21.60 13.62
CA THR E 275 -13.73 21.22 13.16
C THR E 275 -13.65 19.84 12.53
N SER E 276 -14.41 18.90 13.08
CA SER E 276 -14.37 17.50 12.65
C SER E 276 -15.53 17.23 11.69
N VAL E 277 -15.19 16.83 10.47
CA VAL E 277 -16.18 16.43 9.47
C VAL E 277 -15.77 15.08 8.92
N THR E 278 -16.73 14.16 8.86
CA THR E 278 -16.46 12.80 8.37
C THR E 278 -16.63 12.75 6.85
N ILE E 279 -15.72 12.05 6.19
CA ILE E 279 -15.70 11.97 4.74
C ILE E 279 -15.61 10.52 4.29
N GLY E 280 -16.01 9.60 5.15
CA GLY E 280 -15.99 8.19 4.81
C GLY E 280 -16.38 7.31 5.98
N PRO E 281 -16.48 6.01 5.75
CA PRO E 281 -16.83 5.08 6.84
C PRO E 281 -15.70 4.96 7.84
N GLY E 282 -15.87 5.56 9.01
CA GLY E 282 -14.84 5.58 10.03
C GLY E 282 -13.74 6.58 9.81
N GLN E 283 -13.81 7.38 8.75
CA GLN E 283 -12.79 8.37 8.44
C GLN E 283 -13.27 9.75 8.84
N VAL E 284 -12.35 10.60 9.29
CA VAL E 284 -12.66 11.96 9.69
C VAL E 284 -11.57 12.89 9.18
N PHE E 285 -11.99 14.01 8.59
CA PHE E 285 -11.10 15.05 8.10
C PHE E 285 -11.15 16.24 9.05
N TYR E 286 -10.04 16.49 9.74
CA TYR E 286 -9.91 17.70 10.55
C TYR E 286 -9.57 18.89 9.66
N ARG E 287 -10.17 20.03 9.95
CA ARG E 287 -9.99 21.22 9.13
C ARG E 287 -9.98 22.45 10.02
N THR E 288 -9.35 23.51 9.51
CA THR E 288 -9.27 24.78 10.22
C THR E 288 -10.62 25.49 10.11
N GLY E 289 -11.39 25.46 11.18
CA GLY E 289 -12.71 26.04 11.18
C GLY E 289 -12.74 27.55 11.04
N ASP E 290 -12.23 28.25 12.03
CA ASP E 290 -12.27 29.70 12.04
C ASP E 290 -11.18 30.24 12.96
N ILE E 291 -10.87 31.52 12.78
CA ILE E 291 -9.95 32.25 13.64
C ILE E 291 -10.76 33.40 14.24
N ILE E 292 -10.93 33.38 15.55
CA ILE E 292 -11.67 34.44 16.24
C ILE E 292 -10.76 35.08 17.28
N GLY E 293 -10.65 36.41 17.21
CA GLY E 293 -9.80 37.12 18.14
C GLY E 293 -8.52 37.64 17.52
N ASP E 294 -7.40 37.40 18.19
CA ASP E 294 -6.12 37.91 17.72
C ASP E 294 -5.75 37.27 16.38
N ILE E 295 -5.20 38.09 15.48
CA ILE E 295 -4.75 37.63 14.17
C ILE E 295 -3.39 38.26 13.87
N ARG E 296 -2.34 37.44 13.90
CA ARG E 296 -1.00 37.86 13.54
C ARG E 296 -0.23 36.67 13.01
N LYS E 297 0.78 36.94 12.19
CA LYS E 297 1.63 35.88 11.68
C LYS E 297 2.51 35.33 12.80
N ALA E 298 3.04 34.13 12.59
CA ALA E 298 4.01 33.57 13.51
C ALA E 298 5.27 34.41 13.50
N TYR E 299 5.75 34.77 14.69
CA TYR E 299 6.94 35.61 14.82
C TYR E 299 7.87 34.99 15.84
N CYS E 300 9.17 35.18 15.61
CA CYS E 300 10.21 34.62 16.47
C CYS E 300 10.98 35.75 17.13
N GLU E 301 11.32 35.54 18.40
CA GLU E 301 12.09 36.49 19.18
C GLU E 301 13.49 35.92 19.42
N ILE E 302 14.51 36.66 19.02
CA ILE E 302 15.89 36.29 19.25
C ILE E 302 16.65 37.53 19.70
N ASN E 303 17.40 37.40 20.80
CA ASN E 303 18.20 38.51 21.30
C ASN E 303 19.18 38.94 20.23
N GLY E 304 19.06 40.18 19.75
CA GLY E 304 19.83 40.59 18.60
C GLY E 304 21.32 40.67 18.86
N THR E 305 21.70 41.21 20.01
CA THR E 305 23.11 41.46 20.30
C THR E 305 23.88 40.16 20.49
N LYS E 306 23.28 39.18 21.15
CA LYS E 306 23.95 37.89 21.30
C LYS E 306 24.21 37.26 19.94
N TRP E 307 23.23 37.31 19.04
CA TRP E 307 23.40 36.77 17.70
C TRP E 307 24.48 37.53 16.94
N ASN E 308 24.50 38.86 17.07
CA ASN E 308 25.48 39.63 16.32
C ASN E 308 26.88 39.35 16.84
N GLU E 309 27.02 39.19 18.15
CA GLU E 309 28.33 38.86 18.73
C GLU E 309 28.78 37.46 18.32
N THR E 310 27.88 36.48 18.30
CA THR E 310 28.32 35.15 17.91
C THR E 310 28.62 35.09 16.42
N LEU E 311 27.94 35.91 15.61
CA LEU E 311 28.32 36.05 14.21
C LEU E 311 29.72 36.65 14.10
N LYS E 312 30.03 37.64 14.93
CA LYS E 312 31.38 38.18 14.95
C LYS E 312 32.39 37.10 15.31
N GLN E 313 32.07 36.26 16.30
CA GLN E 313 32.98 35.21 16.72
C GLN E 313 33.23 34.21 15.60
N VAL E 314 32.15 33.78 14.92
CA VAL E 314 32.32 32.79 13.86
C VAL E 314 33.08 33.38 12.69
N VAL E 315 32.85 34.66 12.38
CA VAL E 315 33.60 35.29 11.30
C VAL E 315 35.07 35.39 11.67
N GLY E 316 35.37 35.73 12.91
CA GLY E 316 36.75 35.76 13.35
C GLY E 316 37.43 34.41 13.23
N LYS E 317 36.71 33.34 13.58
CA LYS E 317 37.29 32.01 13.46
C LYS E 317 37.49 31.61 12.01
N LEU E 318 36.51 31.92 11.14
CA LEU E 318 36.66 31.62 9.72
C LEU E 318 37.81 32.39 9.10
N LYS E 319 38.08 33.60 9.57
CA LYS E 319 39.20 34.37 9.03
C LYS E 319 40.53 33.67 9.17
N GLU E 320 40.61 32.59 9.96
CA GLU E 320 41.82 31.80 10.00
C GLU E 320 41.89 30.80 8.84
N HIS E 321 40.76 30.15 8.53
CA HIS E 321 40.76 29.14 7.49
C HIS E 321 40.85 29.72 6.09
N PHE E 322 40.70 31.03 5.93
CA PHE E 322 40.91 31.69 4.65
C PHE E 322 41.93 32.82 4.86
N PRO E 323 42.87 32.98 3.93
CA PRO E 323 44.05 33.81 4.21
C PRO E 323 43.75 35.29 4.50
N ASN E 324 43.17 35.99 3.53
CA ASN E 324 43.09 37.44 3.66
C ASN E 324 41.74 38.00 3.23
N LYS E 325 40.71 37.15 3.09
CA LYS E 325 39.46 37.57 2.47
C LYS E 325 38.43 37.97 3.51
N THR E 326 37.81 39.13 3.30
CA THR E 326 36.68 39.54 4.12
C THR E 326 35.47 38.64 3.85
N ILE E 327 34.62 38.50 4.86
CA ILE E 327 33.49 37.59 4.83
C ILE E 327 32.20 38.39 4.69
N SER E 328 31.29 37.91 3.85
CA SER E 328 29.99 38.53 3.66
C SER E 328 28.92 37.46 3.66
N PHE E 329 27.70 37.85 4.02
CA PHE E 329 26.56 36.95 4.10
C PHE E 329 25.43 37.49 3.24
N GLN E 330 24.64 36.57 2.68
CA GLN E 330 23.46 36.91 1.90
C GLN E 330 22.42 35.83 2.13
N PRO E 331 21.14 36.16 2.03
CA PRO E 331 20.09 35.14 2.21
C PRO E 331 20.19 34.09 1.11
N PRO E 332 19.43 32.99 1.22
CA PRO E 332 19.47 31.96 0.17
C PRO E 332 19.10 32.54 -1.18
N SER E 333 19.80 32.07 -2.21
CA SER E 333 19.66 32.64 -3.55
C SER E 333 18.49 32.06 -4.33
N GLY E 334 17.76 31.11 -3.77
CA GLY E 334 16.61 30.53 -4.45
C GLY E 334 16.43 29.08 -4.04
N GLY E 335 15.68 28.36 -4.85
CA GLY E 335 15.39 26.98 -4.58
C GLY E 335 14.02 26.79 -3.95
N ASP E 336 13.76 25.55 -3.55
CA ASP E 336 12.48 25.21 -2.96
C ASP E 336 12.32 25.87 -1.59
N LEU E 337 11.08 25.91 -1.12
CA LEU E 337 10.75 26.55 0.15
C LEU E 337 11.41 25.85 1.34
N GLU E 338 11.90 24.63 1.19
CA GLU E 338 12.59 23.97 2.28
C GLU E 338 14.05 24.43 2.42
N ILE E 339 14.54 25.24 1.48
CA ILE E 339 15.91 25.74 1.52
C ILE E 339 15.94 27.25 1.75
N THR E 340 15.12 28.00 1.01
CA THR E 340 15.00 29.43 1.25
C THR E 340 14.44 29.75 2.63
N MET E 341 13.82 28.78 3.29
CA MET E 341 13.14 29.01 4.55
C MET E 341 13.80 28.16 5.63
N HIS E 342 13.61 28.57 6.89
CA HIS E 342 14.04 27.78 8.03
C HIS E 342 12.88 26.90 8.47
N HIS E 343 12.95 25.62 8.14
CA HIS E 343 11.85 24.68 8.35
C HIS E 343 12.09 23.88 9.62
N PHE E 344 11.04 23.76 10.44
CA PHE E 344 11.12 22.97 11.67
C PHE E 344 9.69 22.65 12.12
N ASN E 345 9.57 22.04 13.29
CA ASN E 345 8.31 21.48 13.75
C ASN E 345 8.02 21.92 15.18
N CYS E 346 6.73 22.05 15.48
CA CYS E 346 6.24 22.34 16.83
C CYS E 346 4.96 21.57 17.08
N ARG E 347 5.01 20.59 17.97
CA ARG E 347 3.83 19.99 18.60
C ARG E 347 2.78 19.52 17.58
N GLY E 348 3.17 19.33 16.33
CA GLY E 348 2.22 18.85 15.34
C GLY E 348 2.18 19.66 14.06
N GLU E 349 2.33 20.97 14.15
CA GLU E 349 2.34 21.83 12.98
C GLU E 349 3.75 22.29 12.68
N PHE E 350 3.95 22.76 11.45
CA PHE E 350 5.28 23.08 10.93
C PHE E 350 5.35 24.56 10.58
N PHE E 351 6.53 25.13 10.82
CA PHE E 351 6.75 26.57 10.63
C PHE E 351 7.72 26.81 9.49
N TYR E 352 7.59 27.99 8.87
CA TYR E 352 8.46 28.41 7.77
C TYR E 352 8.84 29.87 8.04
N CYS E 353 9.94 30.06 8.76
CA CYS E 353 10.38 31.38 9.19
C CYS E 353 11.44 31.91 8.23
N ASN E 354 11.35 33.20 7.89
CA ASN E 354 12.16 33.76 6.81
C ASN E 354 13.63 33.78 7.18
N THR E 355 13.96 34.31 8.35
CA THR E 355 15.35 34.41 8.85
C THR E 355 16.27 35.04 7.81
N THR E 356 15.83 36.16 7.23
CA THR E 356 16.64 36.89 6.27
C THR E 356 17.39 38.06 6.90
N GLN E 357 17.03 38.46 8.11
CA GLN E 357 17.74 39.54 8.79
C GLN E 357 18.97 39.04 9.54
N LEU E 358 19.16 37.73 9.64
CA LEU E 358 20.28 37.15 10.36
C LEU E 358 21.41 36.71 9.44
N PHE E 359 21.27 36.91 8.13
CA PHE E 359 22.25 36.38 7.19
C PHE E 359 22.65 37.41 6.16
N ASN E 360 22.78 38.67 6.57
CA ASN E 360 23.60 39.64 5.87
C ASN E 360 24.51 40.40 6.82
N SER E 361 25.75 40.56 6.40
CA SER E 361 26.68 41.52 7.01
C SER E 361 27.97 41.53 6.21
N THR E 362 28.94 42.30 6.68
CA THR E 362 30.30 42.24 6.17
C THR E 362 31.24 42.57 7.30
N TRP E 363 32.50 42.18 7.15
CA TRP E 363 33.49 42.42 8.18
C TRP E 363 34.82 42.69 7.50
N ILE E 364 35.35 43.90 7.70
CA ILE E 364 36.53 44.37 6.98
C ILE E 364 37.76 44.39 7.87
N ASN E 365 37.77 45.27 8.89
CA ASN E 365 38.90 45.35 9.79
C ASN E 365 38.50 45.57 11.25
N SER E 366 37.21 45.58 11.57
CA SER E 366 36.72 45.83 12.92
C SER E 366 37.23 47.14 13.49
N THR E 367 37.42 48.13 12.61
CA THR E 367 37.93 49.43 13.07
C THR E 367 36.87 50.20 13.85
N THR E 368 35.64 50.20 13.38
CA THR E 368 34.53 50.89 14.03
C THR E 368 33.62 49.86 14.71
N ILE E 369 33.46 49.99 16.02
CA ILE E 369 32.63 49.09 16.81
C ILE E 369 31.23 49.68 16.84
N LYS E 370 30.34 49.14 16.00
CA LYS E 370 28.97 49.65 15.89
C LYS E 370 28.15 49.17 17.08
N GLU E 371 28.42 49.79 18.22
CA GLU E 371 27.65 49.50 19.42
C GLU E 371 26.19 49.91 19.22
N TYR E 372 25.28 49.04 19.67
CA TYR E 372 23.86 49.28 19.51
C TYR E 372 23.14 48.93 20.81
N ASN E 373 21.88 49.35 20.90
CA ASN E 373 21.06 49.01 22.05
C ASN E 373 20.53 47.59 21.93
N ASP E 374 19.91 47.12 23.01
CA ASP E 374 19.38 45.75 23.06
C ASP E 374 18.09 45.69 22.24
N THR E 375 18.26 45.66 20.93
CA THR E 375 17.13 45.58 20.01
C THR E 375 16.78 44.12 19.75
N ILE E 376 15.52 43.78 19.93
CA ILE E 376 15.04 42.43 19.68
C ILE E 376 14.67 42.30 18.21
N ILE E 377 14.94 41.13 17.65
CA ILE E 377 14.72 40.86 16.22
C ILE E 377 13.45 40.04 16.06
N TYR E 378 12.56 40.50 15.20
CA TYR E 378 11.29 39.81 14.93
C TYR E 378 11.32 39.27 13.51
N LEU E 379 11.09 37.97 13.38
CA LEU E 379 11.17 37.29 12.10
C LEU E 379 9.80 36.82 11.66
N PRO E 380 9.31 37.25 10.49
CA PRO E 380 8.05 36.69 9.98
C PRO E 380 8.21 35.20 9.71
N CYS E 381 7.13 34.47 9.92
CA CYS E 381 7.17 33.01 9.80
C CYS E 381 5.84 32.52 9.23
N LYS E 382 5.83 32.27 7.92
CA LYS E 382 4.67 31.64 7.30
C LYS E 382 4.50 30.22 7.82
N ILE E 383 3.27 29.74 7.79
CA ILE E 383 2.94 28.40 8.29
C ILE E 383 2.29 27.62 7.16
N LYS E 384 2.79 26.40 6.94
CA LYS E 384 2.28 25.51 5.91
C LYS E 384 1.69 24.27 6.56
N GLN E 385 0.86 23.56 5.80
CA GLN E 385 0.21 22.35 6.27
C GLN E 385 0.54 21.12 5.43
N ILE E 386 0.62 21.27 4.11
CA ILE E 386 0.90 20.17 3.20
C ILE E 386 2.38 20.22 2.89
N ILE E 387 3.17 19.38 3.57
CA ILE E 387 4.62 19.38 3.43
C ILE E 387 5.08 18.04 2.87
N ASN E 388 5.94 18.10 1.87
CA ASN E 388 6.71 16.94 1.43
C ASN E 388 8.11 17.03 2.04
N MET E 389 8.16 16.81 3.36
CA MET E 389 9.38 17.13 4.11
C MET E 389 10.56 16.29 3.66
N TRP E 390 10.32 15.10 3.11
CA TRP E 390 11.31 14.41 2.30
C TRP E 390 10.99 14.63 0.83
N GLN E 391 12.05 14.72 0.01
CA GLN E 391 11.89 15.19 -1.36
C GLN E 391 10.97 14.30 -2.17
N GLY E 392 11.24 12.99 -2.18
CA GLY E 392 10.43 12.09 -2.98
C GLY E 392 10.10 10.78 -2.32
N VAL E 393 10.60 10.56 -1.11
CA VAL E 393 10.38 9.30 -0.40
C VAL E 393 9.41 9.44 0.76
N GLY E 394 9.19 10.65 1.28
CA GLY E 394 8.23 10.85 2.35
C GLY E 394 6.83 11.08 1.80
N GLN E 395 5.85 10.51 2.50
CA GLN E 395 4.46 10.64 2.09
C GLN E 395 3.98 12.08 2.25
N CYS E 396 3.11 12.50 1.33
CA CYS E 396 2.51 13.82 1.44
C CYS E 396 1.70 13.93 2.73
N MET E 397 1.83 15.06 3.40
CA MET E 397 1.27 15.24 4.74
C MET E 397 0.16 16.28 4.76
N TYR E 398 -0.61 16.24 5.84
CA TYR E 398 -1.58 17.30 6.15
C TYR E 398 -1.72 17.33 7.67
N ALA E 399 -1.05 18.28 8.30
CA ALA E 399 -1.14 18.41 9.74
C ALA E 399 -2.43 19.12 10.12
N PRO E 400 -3.26 18.52 10.98
CA PRO E 400 -4.46 19.23 11.43
C PRO E 400 -4.08 20.46 12.23
N PRO E 401 -4.89 21.51 12.19
CA PRO E 401 -4.60 22.69 13.01
C PRO E 401 -4.63 22.33 14.49
N ILE E 402 -3.75 22.95 15.25
CA ILE E 402 -3.58 22.66 16.67
C ILE E 402 -4.30 23.73 17.48
N ARG E 403 -5.05 23.28 18.49
CA ARG E 403 -5.86 24.20 19.27
C ARG E 403 -4.99 25.04 20.20
N GLY E 404 -5.37 26.31 20.36
CA GLY E 404 -4.76 27.17 21.35
C GLY E 404 -3.45 27.77 20.90
N LYS E 405 -2.96 28.70 21.72
CA LYS E 405 -1.68 29.34 21.47
C LYS E 405 -0.54 28.33 21.65
N ILE E 406 0.42 28.38 20.73
CA ILE E 406 1.57 27.47 20.74
C ILE E 406 2.84 28.30 20.79
N ASN E 407 3.71 27.98 21.73
CA ASN E 407 5.00 28.65 21.88
C ASN E 407 6.12 27.63 21.92
N CYS E 408 7.22 27.92 21.22
CA CYS E 408 8.37 27.03 21.15
C CYS E 408 9.63 27.76 21.57
N VAL E 409 10.35 27.17 22.51
CA VAL E 409 11.67 27.66 22.94
C VAL E 409 12.66 26.53 22.70
N SER E 410 13.78 26.86 22.04
CA SER E 410 14.75 25.85 21.62
C SER E 410 16.15 26.44 21.67
N ASN E 411 17.11 25.65 21.21
CA ASN E 411 18.52 26.00 21.20
C ASN E 411 18.98 26.19 19.76
N ILE E 412 19.81 27.21 19.54
CA ILE E 412 20.47 27.40 18.26
C ILE E 412 21.93 26.99 18.47
N THR E 413 22.22 25.73 18.18
CA THR E 413 23.54 25.16 18.43
C THR E 413 24.42 25.14 17.20
N GLY E 414 23.85 25.02 16.01
CA GLY E 414 24.65 24.94 14.80
C GLY E 414 23.93 25.59 13.63
N ILE E 415 24.73 26.05 12.67
CA ILE E 415 24.23 26.71 11.48
C ILE E 415 24.84 26.02 10.26
N LEU E 416 24.00 25.74 9.27
CA LEU E 416 24.45 25.10 8.04
C LEU E 416 24.84 26.17 7.04
N LEU E 417 26.07 26.11 6.54
CA LEU E 417 26.59 27.10 5.61
C LEU E 417 26.87 26.45 4.25
N THR E 418 27.22 27.29 3.29
CA THR E 418 27.58 26.84 1.95
C THR E 418 28.38 27.95 1.29
N ARG E 419 29.56 27.60 0.78
CA ARG E 419 30.42 28.60 0.15
C ARG E 419 29.89 28.93 -1.24
N ASP E 420 30.61 29.84 -1.92
CA ASP E 420 30.30 30.20 -3.30
C ASP E 420 31.58 30.24 -4.10
N GLY E 421 31.48 29.82 -5.36
CA GLY E 421 32.66 29.69 -6.18
C GLY E 421 33.33 31.01 -6.47
N GLY E 422 34.64 30.94 -6.77
CA GLY E 422 35.41 32.11 -7.11
C GLY E 422 35.42 32.38 -8.60
N ASP E 423 36.10 33.46 -8.97
CA ASP E 423 36.18 33.88 -10.35
C ASP E 423 37.49 33.41 -10.97
N ALA E 424 37.48 33.31 -12.30
CA ALA E 424 38.65 32.86 -13.05
C ALA E 424 39.55 34.01 -13.50
N ASN E 425 39.24 35.25 -13.12
CA ASN E 425 40.01 36.40 -13.56
C ASN E 425 40.71 37.10 -12.40
N ALA E 426 39.97 37.56 -11.39
CA ALA E 426 40.57 38.31 -10.30
C ALA E 426 39.63 38.32 -9.11
N THR E 427 40.05 37.72 -8.00
CA THR E 427 39.27 37.73 -6.77
C THR E 427 39.42 39.08 -6.07
N ASN E 428 38.30 39.64 -5.60
CA ASN E 428 38.33 40.88 -4.84
C ASN E 428 38.40 40.63 -3.34
N ASP E 429 39.33 39.75 -2.95
CA ASP E 429 39.65 39.47 -1.54
C ASP E 429 38.41 39.33 -0.67
N THR E 430 37.45 38.54 -1.15
CA THR E 430 36.23 38.32 -0.39
C THR E 430 35.65 36.96 -0.74
N GLU E 431 34.85 36.44 0.19
CA GLU E 431 34.08 35.21 -0.02
C GLU E 431 32.71 35.40 0.59
N THR E 432 31.71 34.76 -0.02
CA THR E 432 30.33 34.88 0.41
C THR E 432 29.85 33.56 0.99
N PHE E 433 29.07 33.63 2.05
CA PHE E 433 28.47 32.46 2.68
C PHE E 433 26.96 32.59 2.62
N ARG E 434 26.29 31.45 2.41
CA ARG E 434 24.85 31.44 2.35
C ARG E 434 24.30 30.35 3.27
N PRO E 435 23.20 30.61 3.95
CA PRO E 435 22.64 29.64 4.88
C PRO E 435 21.83 28.58 4.15
N GLY E 436 21.21 27.70 4.93
CA GLY E 436 20.34 26.69 4.38
C GLY E 436 21.10 25.67 3.56
N GLY E 437 20.34 24.91 2.78
CA GLY E 437 20.90 23.88 1.94
C GLY E 437 21.25 22.64 2.72
N GLY E 438 21.80 21.66 2.00
CA GLY E 438 22.22 20.43 2.61
C GLY E 438 21.09 19.44 2.84
N ASN E 439 21.33 18.18 2.48
CA ASN E 439 20.35 17.14 2.74
C ASN E 439 20.25 16.89 4.24
N ILE E 440 19.19 16.15 4.62
CA ILE E 440 18.87 15.95 6.03
C ILE E 440 19.98 15.20 6.77
N LYS E 441 20.86 14.51 6.05
CA LYS E 441 21.92 13.75 6.69
C LYS E 441 22.85 14.66 7.49
N ASP E 442 23.14 15.86 6.96
CA ASP E 442 24.07 16.76 7.63
C ASP E 442 23.58 17.15 9.01
N ASN E 443 22.26 17.19 9.23
CA ASN E 443 21.74 17.51 10.54
C ASN E 443 22.15 16.49 11.59
N TRP E 444 22.51 15.28 11.17
CA TRP E 444 22.97 14.23 12.08
C TRP E 444 24.47 14.00 12.04
N ARG E 445 25.10 14.21 10.89
CA ARG E 445 26.55 14.06 10.78
C ARG E 445 27.28 15.03 11.68
N SER E 446 26.62 16.11 12.11
CA SER E 446 27.22 17.07 13.02
C SER E 446 27.07 16.67 14.48
N GLU E 447 26.42 15.54 14.76
CA GLU E 447 26.24 15.07 16.13
C GLU E 447 26.88 13.71 16.38
N LEU E 448 26.77 12.77 15.45
CA LEU E 448 27.42 11.48 15.57
C LEU E 448 28.87 11.51 15.11
N TYR E 449 29.49 12.68 15.11
CA TYR E 449 30.84 12.85 14.59
C TYR E 449 31.91 12.24 15.48
N LYS E 450 31.57 11.78 16.68
CA LYS E 450 32.53 11.25 17.62
C LYS E 450 32.21 9.82 18.02
N TYR E 451 31.83 8.99 17.06
CA TYR E 451 31.49 7.60 17.35
C TYR E 451 31.91 6.72 16.18
N LYS E 452 32.76 5.75 16.44
CA LYS E 452 33.14 4.72 15.48
C LYS E 452 32.80 3.36 16.06
N VAL E 453 32.28 2.47 15.21
CA VAL E 453 31.82 1.15 15.64
C VAL E 453 32.83 0.11 15.15
N VAL E 454 33.29 -0.73 16.08
CA VAL E 454 34.24 -1.80 15.77
C VAL E 454 33.80 -3.07 16.47
N GLN E 455 34.36 -4.19 16.03
CA GLN E 455 34.17 -5.48 16.68
C GLN E 455 35.49 -5.95 17.24
N ILE E 456 35.44 -6.58 18.40
CA ILE E 456 36.64 -7.06 19.08
C ILE E 456 36.94 -8.48 18.60
N GLU E 457 38.21 -8.74 18.28
CA GLU E 457 38.69 -10.05 17.85
C GLU E 457 39.49 -10.64 19.00
N PRO E 458 38.85 -11.36 19.91
CA PRO E 458 39.48 -11.65 21.20
C PRO E 458 40.46 -12.83 21.19
N LEU E 459 40.89 -13.27 20.03
CA LEU E 459 41.89 -14.33 19.92
C LEU E 459 43.23 -13.72 19.52
N GLY E 460 44.26 -14.03 20.30
CA GLY E 460 45.59 -13.54 20.03
C GLY E 460 46.59 -14.68 20.04
N ILE E 461 47.72 -14.44 19.38
CA ILE E 461 48.79 -15.42 19.25
C ILE E 461 50.09 -14.76 19.66
N ALA E 462 50.92 -15.49 20.42
CA ALA E 462 52.16 -14.92 20.92
C ALA E 462 53.08 -16.06 21.34
N PRO E 463 54.39 -15.87 21.23
CA PRO E 463 55.33 -16.91 21.69
C PRO E 463 55.37 -16.99 23.20
N THR E 464 55.79 -18.15 23.69
CA THR E 464 55.95 -18.40 25.12
C THR E 464 56.90 -19.58 25.28
N LYS E 465 57.46 -19.72 26.48
CA LYS E 465 58.37 -20.81 26.77
C LYS E 465 57.70 -21.95 27.54
N CYS E 466 56.42 -22.20 27.29
CA CYS E 466 55.73 -23.35 27.84
C CYS E 466 55.29 -24.26 26.71
N LYS E 467 55.73 -25.53 26.76
CA LYS E 467 55.31 -26.54 25.82
C LYS E 467 54.38 -27.51 26.54
N ARG E 468 53.19 -27.72 25.99
CA ARG E 468 52.19 -28.55 26.63
C ARG E 468 52.75 -29.94 26.93
N ARG E 469 52.89 -30.25 28.21
CA ARG E 469 53.52 -31.50 28.60
C ARG E 469 52.59 -32.67 28.30
N VAL E 470 52.72 -33.23 27.10
CA VAL E 470 51.84 -34.31 26.69
C VAL E 470 52.19 -35.58 27.46
N VAL E 471 51.15 -36.30 27.89
CA VAL E 471 51.37 -37.56 28.60
C VAL E 471 51.93 -38.60 27.64
N GLU E 472 52.88 -39.39 28.12
CA GLU E 472 53.52 -40.40 27.31
C GLU E 472 52.52 -41.45 26.83
N GLN F 1 -17.68 -35.55 0.86
CA GLN F 1 -18.61 -34.70 0.12
C GLN F 1 -17.98 -34.19 -1.17
N VAL F 2 -18.35 -34.82 -2.29
CA VAL F 2 -17.79 -34.51 -3.59
C VAL F 2 -18.85 -34.07 -4.59
N GLN F 3 -20.01 -34.75 -4.59
CA GLN F 3 -21.18 -34.40 -5.40
C GLN F 3 -20.82 -34.08 -6.86
N LEU F 4 -20.22 -35.08 -7.51
CA LEU F 4 -20.01 -35.04 -8.97
C LEU F 4 -21.34 -35.29 -9.66
N LEU F 5 -22.14 -34.24 -9.75
CA LEU F 5 -23.44 -34.32 -10.39
C LEU F 5 -23.30 -34.41 -11.90
N GLN F 6 -24.39 -34.79 -12.55
CA GLN F 6 -24.44 -34.85 -14.01
C GLN F 6 -25.82 -34.39 -14.48
N SER F 7 -25.88 -34.04 -15.76
CA SER F 7 -27.14 -33.63 -16.36
C SER F 7 -27.98 -34.87 -16.70
N GLY F 8 -29.23 -34.61 -17.09
CA GLY F 8 -30.14 -35.68 -17.42
C GLY F 8 -29.86 -36.29 -18.78
N ALA F 9 -30.68 -37.28 -19.12
CA ALA F 9 -30.53 -37.95 -20.41
C ALA F 9 -30.87 -37.00 -21.55
N ALA F 10 -30.42 -37.38 -22.75
CA ALA F 10 -30.63 -36.56 -23.94
C ALA F 10 -30.95 -37.46 -25.12
N VAL F 11 -31.56 -36.86 -26.14
CA VAL F 11 -31.91 -37.56 -27.37
C VAL F 11 -31.33 -36.76 -28.54
N THR F 12 -31.01 -37.45 -29.62
CA THR F 12 -30.39 -36.81 -30.77
C THR F 12 -30.58 -37.69 -31.99
N LYS F 13 -30.26 -37.12 -33.16
CA LYS F 13 -30.32 -37.78 -34.44
C LYS F 13 -28.91 -37.98 -35.00
N PRO F 14 -28.71 -38.97 -35.87
CA PRO F 14 -27.37 -39.20 -36.41
C PRO F 14 -26.85 -37.99 -37.17
N GLY F 15 -25.54 -37.75 -37.03
CA GLY F 15 -24.88 -36.64 -37.68
C GLY F 15 -24.90 -35.33 -36.92
N ALA F 16 -25.60 -35.27 -35.79
CA ALA F 16 -25.74 -34.04 -35.03
C ALA F 16 -24.65 -33.96 -33.96
N SER F 17 -24.78 -32.99 -33.06
CA SER F 17 -23.84 -32.81 -31.96
C SER F 17 -24.60 -32.78 -30.65
N VAL F 18 -23.86 -32.97 -29.55
CA VAL F 18 -24.47 -33.04 -28.23
C VAL F 18 -23.39 -32.69 -27.20
N ARG F 19 -23.84 -32.07 -26.10
CA ARG F 19 -22.96 -31.69 -25.01
C ARG F 19 -23.49 -32.28 -23.71
N VAL F 20 -22.58 -32.80 -22.88
CA VAL F 20 -22.92 -33.41 -21.61
C VAL F 20 -22.17 -32.69 -20.50
N SER F 21 -22.88 -32.34 -19.43
CA SER F 21 -22.32 -31.55 -18.35
C SER F 21 -21.86 -32.44 -17.19
N CYS F 22 -21.07 -31.84 -16.30
CA CYS F 22 -20.58 -32.51 -15.10
C CYS F 22 -20.05 -31.46 -14.13
N GLU F 23 -20.44 -31.55 -12.87
CA GLU F 23 -20.19 -30.50 -11.89
C GLU F 23 -19.33 -31.04 -10.76
N ALA F 24 -18.49 -30.17 -10.21
CA ALA F 24 -17.60 -30.56 -9.11
C ALA F 24 -17.33 -29.37 -8.21
N SER F 25 -17.65 -29.52 -6.93
CA SER F 25 -17.41 -28.44 -5.97
C SER F 25 -16.88 -28.89 -4.62
N GLY F 26 -16.82 -30.19 -4.31
CA GLY F 26 -16.65 -30.62 -2.95
C GLY F 26 -15.24 -30.87 -2.46
N TYR F 27 -14.23 -30.39 -3.17
CA TYR F 27 -12.85 -30.60 -2.76
C TYR F 27 -11.96 -29.64 -3.56
N ASN F 28 -10.65 -29.79 -3.38
CA ASN F 28 -9.69 -28.99 -4.13
C ASN F 28 -9.63 -29.49 -5.57
N ILE F 29 -10.46 -28.91 -6.43
CA ILE F 29 -10.61 -29.42 -7.79
C ILE F 29 -9.34 -29.20 -8.61
N ARG F 30 -8.51 -28.23 -8.21
CA ARG F 30 -7.39 -27.80 -9.04
C ARG F 30 -6.48 -28.97 -9.42
N ASP F 31 -5.84 -29.58 -8.43
CA ASP F 31 -4.76 -30.52 -8.68
C ASP F 31 -5.23 -31.94 -9.00
N TYR F 32 -6.52 -32.19 -9.08
CA TYR F 32 -7.04 -33.53 -9.34
C TYR F 32 -7.59 -33.61 -10.76
N PHE F 33 -7.14 -34.61 -11.51
CA PHE F 33 -7.58 -34.79 -12.88
C PHE F 33 -9.03 -35.23 -12.93
N ILE F 34 -9.65 -35.00 -14.09
CA ILE F 34 -10.99 -35.48 -14.40
C ILE F 34 -10.87 -36.43 -15.58
N HIS F 35 -11.51 -37.59 -15.47
CA HIS F 35 -11.51 -38.58 -16.53
C HIS F 35 -12.93 -38.91 -16.94
N TRP F 36 -13.14 -39.07 -18.24
CA TRP F 36 -14.44 -39.39 -18.80
C TRP F 36 -14.44 -40.83 -19.28
N TRP F 37 -15.48 -41.58 -18.92
CA TRP F 37 -15.54 -42.99 -19.23
C TRP F 37 -16.83 -43.31 -19.98
N ARG F 38 -16.71 -44.15 -21.01
CA ARG F 38 -17.84 -44.59 -21.80
C ARG F 38 -18.11 -46.05 -21.53
N GLN F 39 -19.39 -46.42 -21.53
CA GLN F 39 -19.80 -47.80 -21.23
C GLN F 39 -20.88 -48.21 -22.20
N ALA F 40 -20.50 -48.94 -23.24
CA ALA F 40 -21.49 -49.46 -24.17
C ALA F 40 -22.40 -50.46 -23.45
N PRO F 41 -23.69 -50.51 -23.79
CA PRO F 41 -24.59 -51.43 -23.10
C PRO F 41 -24.19 -52.88 -23.34
N GLY F 42 -24.03 -53.63 -22.26
CA GLY F 42 -23.56 -55.00 -22.32
C GLY F 42 -22.06 -55.15 -22.46
N GLN F 43 -21.31 -54.05 -22.39
CA GLN F 43 -19.87 -54.09 -22.56
C GLN F 43 -19.20 -53.37 -21.40
N GLY F 44 -17.93 -53.70 -21.18
CA GLY F 44 -17.17 -53.10 -20.12
C GLY F 44 -16.83 -51.65 -20.40
N LEU F 45 -16.17 -51.02 -19.42
CA LEU F 45 -15.83 -49.62 -19.55
C LEU F 45 -14.84 -49.40 -20.69
N GLN F 46 -14.65 -48.14 -21.03
CA GLN F 46 -13.80 -47.77 -22.17
C GLN F 46 -13.37 -46.33 -21.99
N TRP F 47 -12.06 -46.10 -21.88
CA TRP F 47 -11.55 -44.77 -21.60
C TRP F 47 -11.84 -43.83 -22.76
N VAL F 48 -12.19 -42.59 -22.42
CA VAL F 48 -12.51 -41.56 -23.40
C VAL F 48 -11.43 -40.49 -23.46
N GLY F 49 -10.99 -40.00 -22.31
CA GLY F 49 -9.96 -38.98 -22.28
C GLY F 49 -9.78 -38.44 -20.88
N TRP F 50 -8.73 -37.63 -20.75
CA TRP F 50 -8.40 -36.99 -19.48
C TRP F 50 -8.03 -35.54 -19.72
N ILE F 51 -8.43 -34.67 -18.81
CA ILE F 51 -8.13 -33.25 -18.90
C ILE F 51 -7.55 -32.77 -17.57
N ASN F 52 -6.92 -31.61 -17.61
CA ASN F 52 -6.28 -31.02 -16.45
C ASN F 52 -7.00 -29.73 -16.08
N PRO F 53 -7.63 -29.65 -14.90
CA PRO F 53 -8.28 -28.38 -14.53
C PRO F 53 -7.34 -27.21 -14.43
N LYS F 54 -6.05 -27.45 -14.22
CA LYS F 54 -5.08 -26.36 -14.15
C LYS F 54 -4.97 -25.62 -15.48
N THR F 55 -4.97 -26.36 -16.58
CA THR F 55 -4.81 -25.77 -17.90
C THR F 55 -5.95 -26.05 -18.86
N GLY F 56 -6.70 -27.14 -18.68
CA GLY F 56 -7.69 -27.52 -19.65
C GLY F 56 -7.18 -28.33 -20.81
N GLN F 57 -5.94 -28.80 -20.74
CA GLN F 57 -5.36 -29.58 -21.82
C GLN F 57 -6.08 -30.91 -21.95
N PRO F 58 -6.63 -31.25 -23.11
CA PRO F 58 -7.27 -32.54 -23.30
C PRO F 58 -6.30 -33.58 -23.85
N ASN F 59 -6.77 -34.83 -23.85
CA ASN F 59 -6.00 -35.94 -24.39
C ASN F 59 -6.91 -37.13 -24.61
N ASN F 60 -6.96 -37.65 -25.83
CA ASN F 60 -7.88 -38.71 -26.19
C ASN F 60 -7.16 -39.74 -27.04
N PRO F 61 -7.65 -40.98 -27.08
CA PRO F 61 -7.02 -42.00 -27.94
C PRO F 61 -7.19 -41.70 -29.42
N ARG F 62 -6.63 -42.57 -30.26
CA ARG F 62 -6.64 -42.33 -31.70
C ARG F 62 -8.05 -42.34 -32.27
N GLN F 63 -8.88 -43.29 -31.84
CA GLN F 63 -10.21 -43.44 -32.43
C GLN F 63 -11.11 -42.25 -32.14
N PHE F 64 -11.00 -41.65 -30.96
CA PHE F 64 -11.87 -40.57 -30.54
C PHE F 64 -11.36 -39.19 -30.94
N GLN F 65 -10.25 -39.12 -31.67
CA GLN F 65 -9.66 -37.84 -32.02
C GLN F 65 -10.58 -37.04 -32.94
N GLY F 66 -10.55 -35.73 -32.78
CA GLY F 66 -11.38 -34.83 -33.58
C GLY F 66 -12.84 -34.76 -33.20
N ARG F 67 -13.50 -35.92 -33.08
CA ARG F 67 -14.92 -35.92 -32.74
C ARG F 67 -15.17 -35.37 -31.34
N VAL F 68 -14.29 -35.70 -30.39
CA VAL F 68 -14.49 -35.36 -28.99
C VAL F 68 -13.54 -34.23 -28.62
N SER F 69 -14.10 -33.13 -28.12
CA SER F 69 -13.32 -32.03 -27.58
C SER F 69 -13.82 -31.76 -26.16
N LEU F 70 -12.89 -31.66 -25.22
CA LEU F 70 -13.21 -31.54 -23.81
C LEU F 70 -12.82 -30.15 -23.31
N THR F 71 -13.72 -29.53 -22.55
CA THR F 71 -13.53 -28.18 -22.06
C THR F 71 -13.92 -28.10 -20.60
N ARG F 72 -13.41 -27.06 -19.93
CA ARG F 72 -13.73 -26.80 -18.53
C ARG F 72 -14.04 -25.32 -18.36
N HIS F 73 -14.95 -25.03 -17.45
CA HIS F 73 -15.30 -23.65 -17.10
C HIS F 73 -15.35 -23.52 -15.59
N ALA F 74 -14.83 -22.41 -15.08
CA ALA F 74 -14.60 -22.23 -13.66
C ALA F 74 -15.25 -20.96 -13.15
N SER F 75 -15.61 -20.96 -11.87
CA SER F 75 -16.16 -19.79 -11.21
C SER F 75 -15.04 -18.83 -10.82
N TRP F 76 -15.43 -17.60 -10.48
CA TRP F 76 -14.47 -16.57 -10.14
C TRP F 76 -13.71 -16.91 -8.86
N ASP F 77 -14.40 -17.48 -7.88
CA ASP F 77 -13.72 -17.95 -6.68
C ASP F 77 -12.98 -19.26 -6.92
N PHE F 78 -13.13 -19.85 -8.10
CA PHE F 78 -12.41 -21.06 -8.50
C PHE F 78 -12.69 -22.20 -7.52
N ASP F 79 -13.93 -22.26 -7.03
CA ASP F 79 -14.37 -23.29 -6.10
C ASP F 79 -15.30 -24.33 -6.71
N THR F 80 -16.18 -23.92 -7.63
CA THR F 80 -17.05 -24.84 -8.34
C THR F 80 -16.66 -24.85 -9.81
N TYR F 81 -16.69 -26.03 -10.42
CA TYR F 81 -16.15 -26.23 -11.74
C TYR F 81 -17.17 -26.96 -12.60
N SER F 82 -17.32 -26.49 -13.83
CA SER F 82 -18.26 -27.08 -14.78
C SER F 82 -17.48 -27.67 -15.93
N PHE F 83 -17.66 -28.98 -16.14
CA PHE F 83 -16.94 -29.71 -17.17
C PHE F 83 -17.92 -30.17 -18.24
N TYR F 84 -17.63 -29.81 -19.49
CA TYR F 84 -18.47 -30.18 -20.61
C TYR F 84 -17.65 -31.01 -21.61
N MET F 85 -18.31 -31.97 -22.23
CA MET F 85 -17.70 -32.84 -23.23
C MET F 85 -18.33 -32.52 -24.58
N ASP F 86 -17.71 -31.59 -25.31
CA ASP F 86 -18.21 -31.26 -26.63
C ASP F 86 -18.02 -32.45 -27.55
N LEU F 87 -19.12 -32.92 -28.13
CA LEU F 87 -19.13 -34.13 -28.95
C LEU F 87 -19.67 -33.79 -30.33
N LYS F 88 -19.02 -34.29 -31.36
CA LYS F 88 -19.38 -33.99 -32.74
C LYS F 88 -19.38 -35.26 -33.56
N ALA F 89 -20.18 -35.26 -34.63
CA ALA F 89 -20.23 -36.35 -35.61
C ALA F 89 -20.58 -37.68 -34.95
N LEU F 90 -21.81 -37.74 -34.42
CA LEU F 90 -22.29 -38.96 -33.80
C LEU F 90 -22.50 -40.06 -34.85
N ARG F 91 -22.57 -41.29 -34.36
CA ARG F 91 -22.85 -42.44 -35.22
C ARG F 91 -23.95 -43.29 -34.59
N SER F 92 -24.21 -44.46 -35.18
CA SER F 92 -25.26 -45.34 -34.64
C SER F 92 -24.83 -45.95 -33.31
N ASP F 93 -23.61 -46.46 -33.25
CA ASP F 93 -23.12 -47.18 -32.07
C ASP F 93 -22.45 -46.26 -31.07
N ASP F 94 -23.13 -45.17 -30.71
CA ASP F 94 -22.64 -44.24 -29.70
C ASP F 94 -23.60 -44.11 -28.52
N THR F 95 -24.65 -44.91 -28.48
CA THR F 95 -25.55 -44.90 -27.33
C THR F 95 -24.89 -45.60 -26.15
N ALA F 96 -24.74 -44.88 -25.05
CA ALA F 96 -24.05 -45.38 -23.88
C ALA F 96 -24.27 -44.41 -22.73
N VAL F 97 -23.63 -44.71 -21.60
CA VAL F 97 -23.63 -43.85 -20.42
C VAL F 97 -22.23 -43.28 -20.26
N TYR F 98 -22.15 -42.00 -19.92
CA TYR F 98 -20.87 -41.30 -19.85
C TYR F 98 -20.67 -40.76 -18.43
N PHE F 99 -19.78 -41.41 -17.68
CA PHE F 99 -19.45 -40.97 -16.32
C PHE F 99 -18.26 -40.02 -16.35
N CYS F 100 -18.23 -39.10 -15.38
CA CYS F 100 -17.06 -38.27 -15.12
C CYS F 100 -16.53 -38.64 -13.75
N ALA F 101 -15.28 -39.08 -13.69
CA ALA F 101 -14.68 -39.58 -12.46
C ALA F 101 -13.40 -38.82 -12.16
N ARG F 102 -13.01 -38.83 -10.88
CA ARG F 102 -11.82 -38.16 -10.41
C ARG F 102 -10.70 -39.16 -10.17
N GLN F 103 -9.47 -38.70 -10.34
CA GLN F 103 -8.27 -39.50 -10.14
C GLN F 103 -7.51 -38.97 -8.94
N ARG F 104 -7.16 -39.88 -8.02
CA ARG F 104 -6.51 -39.46 -6.78
C ARG F 104 -5.02 -39.24 -6.97
N SER F 105 -4.29 -40.29 -7.33
CA SER F 105 -2.83 -40.25 -7.36
C SER F 105 -2.34 -41.07 -8.55
N ASP F 106 -1.04 -41.37 -8.55
CA ASP F 106 -0.44 -42.09 -9.66
C ASP F 106 -0.89 -43.53 -9.77
N TYR F 107 -1.56 -44.06 -8.75
CA TYR F 107 -2.11 -45.41 -8.85
C TYR F 107 -3.27 -45.49 -9.83
N TRP F 108 -3.78 -44.37 -10.31
CA TRP F 108 -4.95 -44.29 -11.17
C TRP F 108 -6.15 -45.00 -10.50
N ASP F 109 -6.54 -44.45 -9.35
CA ASP F 109 -7.70 -44.91 -8.61
C ASP F 109 -8.81 -43.88 -8.78
N PHE F 110 -9.96 -44.32 -9.27
CA PHE F 110 -11.09 -43.44 -9.55
C PHE F 110 -12.19 -43.73 -8.53
N ASP F 111 -12.05 -43.12 -7.36
CA ASP F 111 -13.01 -43.38 -6.28
C ASP F 111 -14.37 -42.76 -6.60
N VAL F 112 -14.40 -41.45 -6.79
CA VAL F 112 -15.65 -40.73 -6.99
C VAL F 112 -16.11 -40.90 -8.43
N TRP F 113 -17.39 -41.19 -8.61
CA TRP F 113 -17.98 -41.29 -9.94
C TRP F 113 -19.29 -40.52 -9.97
N GLY F 114 -19.64 -40.02 -11.15
CA GLY F 114 -20.91 -39.35 -11.32
C GLY F 114 -22.07 -40.33 -11.42
N SER F 115 -23.28 -39.76 -11.46
CA SER F 115 -24.47 -40.59 -11.54
C SER F 115 -24.52 -41.36 -12.85
N GLY F 116 -24.14 -40.72 -13.95
CA GLY F 116 -24.13 -41.38 -15.24
C GLY F 116 -25.16 -40.83 -16.20
N THR F 117 -24.72 -40.08 -17.18
CA THR F 117 -25.60 -39.50 -18.18
C THR F 117 -25.72 -40.45 -19.37
N GLN F 118 -26.96 -40.74 -19.76
CA GLN F 118 -27.25 -41.63 -20.88
C GLN F 118 -27.59 -40.81 -22.12
N VAL F 119 -26.85 -41.04 -23.20
CA VAL F 119 -27.06 -40.34 -24.46
C VAL F 119 -27.52 -41.36 -25.48
N THR F 120 -28.70 -41.14 -26.05
CA THR F 120 -29.29 -42.05 -27.03
C THR F 120 -29.29 -41.40 -28.40
N VAL F 121 -28.77 -42.11 -29.39
CA VAL F 121 -28.68 -41.62 -30.75
C VAL F 121 -29.39 -42.60 -31.68
N SER F 122 -30.32 -42.09 -32.49
CA SER F 122 -31.07 -42.89 -33.45
C SER F 122 -32.00 -41.94 -34.22
N SER F 123 -32.68 -42.51 -35.20
CA SER F 123 -33.76 -41.84 -35.92
C SER F 123 -35.08 -42.16 -35.20
N ALA F 124 -36.21 -41.93 -35.88
CA ALA F 124 -37.53 -42.31 -35.37
C ALA F 124 -37.84 -41.62 -34.04
N SER F 125 -38.02 -40.30 -34.13
CA SER F 125 -38.26 -39.46 -32.97
C SER F 125 -39.60 -39.82 -32.31
N THR F 126 -39.91 -39.05 -31.26
CA THR F 126 -40.98 -39.34 -30.30
C THR F 126 -42.22 -39.94 -30.96
N LYS F 127 -42.64 -41.10 -30.46
CA LYS F 127 -43.78 -41.81 -31.00
C LYS F 127 -44.47 -42.57 -29.86
N GLY F 128 -45.72 -42.93 -30.09
CA GLY F 128 -46.50 -43.64 -29.10
C GLY F 128 -46.54 -45.13 -29.36
N PRO F 129 -46.62 -45.92 -28.29
CA PRO F 129 -46.69 -47.37 -28.44
C PRO F 129 -48.11 -47.88 -28.64
N SER F 130 -48.21 -49.01 -29.33
CA SER F 130 -49.47 -49.70 -29.58
C SER F 130 -49.38 -51.06 -28.91
N VAL F 131 -50.01 -51.19 -27.73
CA VAL F 131 -49.89 -52.41 -26.95
C VAL F 131 -50.52 -53.57 -27.71
N PHE F 132 -49.81 -54.70 -27.75
CA PHE F 132 -50.33 -55.90 -28.37
C PHE F 132 -50.58 -56.94 -27.28
N PRO F 133 -51.83 -57.36 -27.08
CA PRO F 133 -52.11 -58.34 -26.04
C PRO F 133 -51.36 -59.64 -26.28
N LEU F 134 -50.91 -60.27 -25.19
CA LEU F 134 -50.11 -61.48 -25.26
C LEU F 134 -50.77 -62.52 -24.34
N ALA F 135 -51.74 -63.24 -24.87
CA ALA F 135 -52.49 -64.25 -24.14
C ALA F 135 -52.52 -65.54 -24.94
N PRO F 136 -52.57 -66.69 -24.26
CA PRO F 136 -52.59 -67.96 -24.99
C PRO F 136 -53.83 -68.09 -25.84
N SER F 137 -53.67 -68.73 -27.00
CA SER F 137 -54.76 -68.94 -27.96
C SER F 137 -55.48 -67.63 -28.29
N THR F 145 -51.75 -75.00 -15.07
CA THR F 145 -51.08 -73.70 -15.10
C THR F 145 -51.46 -72.92 -16.36
N ALA F 146 -51.18 -71.62 -16.35
CA ALA F 146 -51.42 -70.77 -17.51
C ALA F 146 -50.51 -69.55 -17.43
N ALA F 147 -50.25 -68.96 -18.58
CA ALA F 147 -49.36 -67.82 -18.69
C ALA F 147 -50.11 -66.65 -19.31
N LEU F 148 -49.62 -65.43 -19.01
CA LEU F 148 -50.19 -64.22 -19.57
C LEU F 148 -49.09 -63.39 -20.23
N GLY F 149 -49.42 -62.15 -20.59
CA GLY F 149 -48.43 -61.25 -21.13
C GLY F 149 -49.03 -60.04 -21.81
N CYS F 150 -48.20 -59.03 -22.05
CA CYS F 150 -48.62 -57.83 -22.77
C CYS F 150 -47.43 -57.30 -23.54
N LEU F 151 -47.56 -57.19 -24.85
CA LEU F 151 -46.47 -56.75 -25.71
C LEU F 151 -46.63 -55.26 -26.01
N VAL F 152 -45.57 -54.50 -25.75
CA VAL F 152 -45.49 -53.09 -26.11
C VAL F 152 -44.42 -52.96 -27.18
N LYS F 153 -44.82 -52.47 -28.36
CA LYS F 153 -43.95 -52.42 -29.52
C LYS F 153 -44.03 -51.03 -30.16
N ASP F 154 -42.91 -50.64 -30.79
CA ASP F 154 -42.83 -49.40 -31.57
C ASP F 154 -43.14 -48.17 -30.72
N TYR F 155 -42.26 -47.93 -29.76
CA TYR F 155 -42.29 -46.71 -28.97
C TYR F 155 -40.91 -46.06 -29.02
N PHE F 156 -40.89 -44.76 -28.75
CA PHE F 156 -39.66 -43.99 -28.66
C PHE F 156 -39.94 -42.62 -28.08
N PRO F 157 -39.08 -42.10 -27.20
CA PRO F 157 -37.93 -42.78 -26.60
C PRO F 157 -38.25 -43.39 -25.24
N GLU F 158 -37.21 -43.73 -24.49
CA GLU F 158 -37.38 -44.23 -23.13
C GLU F 158 -37.89 -43.12 -22.21
N PRO F 159 -38.50 -43.49 -21.07
CA PRO F 159 -38.84 -44.85 -20.68
C PRO F 159 -40.34 -45.13 -20.68
N VAL F 160 -40.70 -46.38 -20.38
CA VAL F 160 -42.08 -46.77 -20.13
C VAL F 160 -42.11 -47.58 -18.85
N THR F 161 -43.28 -47.62 -18.22
CA THR F 161 -43.49 -48.40 -17.01
C THR F 161 -44.76 -49.21 -17.16
N VAL F 162 -44.68 -50.51 -16.89
CA VAL F 162 -45.79 -51.44 -17.09
C VAL F 162 -46.22 -51.97 -15.73
N SER F 163 -47.52 -51.89 -15.46
CA SER F 163 -48.13 -52.43 -14.26
C SER F 163 -49.35 -53.25 -14.65
N TRP F 164 -49.77 -54.13 -13.75
CA TRP F 164 -50.90 -55.02 -13.99
C TRP F 164 -51.92 -54.82 -12.88
N ASN F 165 -53.14 -54.44 -13.26
CA ASN F 165 -54.18 -54.06 -12.31
C ASN F 165 -53.65 -53.00 -11.34
N SER F 166 -53.13 -51.92 -11.93
CA SER F 166 -52.46 -50.86 -11.18
C SER F 166 -51.30 -51.40 -10.35
N GLY F 167 -50.65 -52.45 -10.86
CA GLY F 167 -49.54 -53.07 -10.16
C GLY F 167 -49.93 -53.99 -9.04
N ALA F 168 -51.22 -54.20 -8.80
CA ALA F 168 -51.66 -55.03 -7.68
C ALA F 168 -51.37 -56.51 -7.90
N LEU F 169 -51.05 -56.93 -9.12
CA LEU F 169 -50.75 -58.32 -9.41
C LEU F 169 -49.25 -58.54 -9.31
N THR F 170 -48.85 -59.52 -8.48
CA THR F 170 -47.44 -59.82 -8.28
C THR F 170 -47.15 -61.31 -8.29
N SER F 171 -48.10 -62.16 -8.68
CA SER F 171 -47.92 -63.61 -8.65
C SER F 171 -47.23 -64.09 -9.94
N GLY F 172 -46.00 -63.62 -10.12
CA GLY F 172 -45.20 -64.05 -11.25
C GLY F 172 -44.91 -62.96 -12.27
N VAL F 173 -44.89 -61.71 -11.82
CA VAL F 173 -44.65 -60.58 -12.71
C VAL F 173 -43.17 -60.52 -13.06
N HIS F 174 -42.88 -60.49 -14.36
CA HIS F 174 -41.50 -60.37 -14.84
C HIS F 174 -41.50 -59.48 -16.08
N THR F 175 -40.67 -58.44 -16.06
CA THR F 175 -40.60 -57.46 -17.13
C THR F 175 -39.21 -57.51 -17.76
N PHE F 176 -39.13 -58.02 -18.98
CA PHE F 176 -37.85 -58.01 -19.69
C PHE F 176 -37.45 -56.57 -19.99
N PRO F 177 -36.16 -56.23 -19.89
CA PRO F 177 -35.73 -54.87 -20.17
C PRO F 177 -35.91 -54.51 -21.63
N ALA F 178 -35.96 -53.21 -21.88
CA ALA F 178 -36.15 -52.70 -23.24
C ALA F 178 -35.01 -53.14 -24.15
N VAL F 179 -35.36 -53.44 -25.40
CA VAL F 179 -34.40 -53.98 -26.35
C VAL F 179 -34.52 -53.20 -27.66
N LEU F 180 -33.42 -53.19 -28.42
CA LEU F 180 -33.39 -52.53 -29.73
C LEU F 180 -34.01 -53.44 -30.78
N GLN F 181 -35.03 -52.94 -31.45
CA GLN F 181 -35.61 -53.67 -32.58
C GLN F 181 -34.66 -53.61 -33.78
N SER F 182 -34.82 -54.58 -34.67
CA SER F 182 -34.02 -54.59 -35.91
C SER F 182 -34.35 -53.38 -36.77
N SER F 183 -35.63 -53.01 -36.83
CA SER F 183 -36.04 -51.90 -37.70
C SER F 183 -35.46 -50.57 -37.23
N GLY F 184 -35.09 -50.48 -35.95
CA GLY F 184 -34.55 -49.24 -35.42
C GLY F 184 -35.48 -48.58 -34.42
N LEU F 185 -36.22 -49.40 -33.68
CA LEU F 185 -37.13 -48.92 -32.64
C LEU F 185 -36.92 -49.77 -31.38
N TYR F 186 -37.76 -49.51 -30.39
CA TYR F 186 -37.60 -50.10 -29.06
C TYR F 186 -38.91 -50.78 -28.64
N SER F 187 -38.78 -51.90 -27.95
CA SER F 187 -39.94 -52.67 -27.50
C SER F 187 -39.55 -53.53 -26.30
N LEU F 188 -40.57 -53.93 -25.55
CA LEU F 188 -40.40 -54.84 -24.42
C LEU F 188 -41.75 -55.41 -24.06
N SER F 189 -41.76 -56.32 -23.09
CA SER F 189 -43.01 -56.95 -22.67
C SER F 189 -42.83 -57.46 -21.24
N SER F 190 -43.96 -57.78 -20.60
CA SER F 190 -43.97 -58.38 -19.28
C SER F 190 -44.96 -59.53 -19.25
N VAL F 191 -44.72 -60.47 -18.34
CA VAL F 191 -45.50 -61.70 -18.26
C VAL F 191 -45.75 -62.05 -16.80
N VAL F 192 -46.99 -62.45 -16.51
CA VAL F 192 -47.37 -63.01 -15.22
C VAL F 192 -48.10 -64.33 -15.49
N THR F 193 -48.16 -65.18 -14.47
CA THR F 193 -48.76 -66.50 -14.62
C THR F 193 -49.84 -66.73 -13.57
N VAL F 194 -50.88 -67.45 -13.98
CA VAL F 194 -51.99 -67.84 -13.10
C VAL F 194 -52.38 -69.28 -13.42
N PRO F 195 -53.04 -69.95 -12.47
CA PRO F 195 -53.54 -71.30 -12.76
C PRO F 195 -54.54 -71.32 -13.91
N SER F 196 -54.69 -72.49 -14.52
CA SER F 196 -55.54 -72.64 -15.69
C SER F 196 -57.00 -72.35 -15.40
N SER F 197 -57.42 -72.39 -14.13
CA SER F 197 -58.80 -72.09 -13.80
C SER F 197 -59.16 -70.62 -14.06
N SER F 198 -58.16 -69.74 -14.11
CA SER F 198 -58.42 -68.35 -14.44
C SER F 198 -58.76 -68.16 -15.91
N LEU F 199 -58.22 -69.01 -16.78
CA LEU F 199 -58.52 -68.93 -18.20
C LEU F 199 -60.00 -69.19 -18.45
N GLY F 200 -60.63 -68.32 -19.24
CA GLY F 200 -62.02 -68.45 -19.61
C GLY F 200 -62.96 -67.53 -18.87
N THR F 201 -62.68 -67.26 -17.59
CA THR F 201 -63.56 -66.43 -16.77
C THR F 201 -62.91 -65.11 -16.36
N GLN F 202 -61.75 -65.17 -15.72
CA GLN F 202 -61.11 -63.96 -15.22
C GLN F 202 -60.44 -63.18 -16.33
N THR F 203 -60.33 -61.87 -16.13
CA THR F 203 -59.69 -60.97 -17.08
C THR F 203 -58.90 -59.92 -16.30
N TYR F 204 -57.74 -59.55 -16.82
CA TYR F 204 -56.85 -58.64 -16.13
C TYR F 204 -56.40 -57.53 -17.09
N ILE F 205 -55.74 -56.52 -16.52
CA ILE F 205 -55.35 -55.32 -17.24
C ILE F 205 -53.86 -55.08 -17.06
N CYS F 206 -53.18 -54.72 -18.13
CA CYS F 206 -51.81 -54.23 -18.08
C CYS F 206 -51.81 -52.74 -18.39
N ASN F 207 -51.08 -51.97 -17.58
CA ASN F 207 -51.09 -50.52 -17.67
C ASN F 207 -49.71 -50.03 -18.11
N VAL F 208 -49.67 -49.25 -19.18
CA VAL F 208 -48.44 -48.69 -19.71
C VAL F 208 -48.63 -47.19 -19.94
N ASN F 209 -47.64 -46.40 -19.55
CA ASN F 209 -47.69 -44.95 -19.70
C ASN F 209 -46.40 -44.50 -20.37
N HIS F 210 -46.49 -44.13 -21.64
CA HIS F 210 -45.34 -43.60 -22.37
C HIS F 210 -45.09 -42.17 -21.90
N LYS F 211 -44.11 -42.01 -21.01
CA LYS F 211 -43.84 -40.68 -20.44
C LYS F 211 -43.48 -39.63 -21.49
N PRO F 212 -42.60 -39.89 -22.47
CA PRO F 212 -42.30 -38.84 -23.46
C PRO F 212 -43.52 -38.36 -24.23
N SER F 213 -44.45 -39.26 -24.56
CA SER F 213 -45.66 -38.89 -25.28
C SER F 213 -46.86 -38.67 -24.35
N ASN F 214 -46.71 -38.97 -23.06
CA ASN F 214 -47.79 -38.79 -22.07
C ASN F 214 -49.07 -39.48 -22.52
N THR F 215 -48.93 -40.69 -23.05
CA THR F 215 -50.05 -41.45 -23.61
C THR F 215 -50.32 -42.68 -22.75
N LYS F 216 -51.60 -43.04 -22.66
CA LYS F 216 -52.05 -44.16 -21.85
C LYS F 216 -52.88 -45.11 -22.69
N VAL F 217 -52.69 -46.41 -22.47
CA VAL F 217 -53.48 -47.43 -23.17
C VAL F 217 -53.48 -48.69 -22.32
N ASP F 218 -54.61 -49.40 -22.35
CA ASP F 218 -54.77 -50.65 -21.62
C ASP F 218 -55.42 -51.68 -22.53
N LYS F 219 -55.25 -52.95 -22.19
CA LYS F 219 -55.78 -54.03 -23.00
C LYS F 219 -56.30 -55.14 -22.09
N LYS F 220 -57.32 -55.84 -22.58
CA LYS F 220 -57.91 -56.97 -21.86
C LYS F 220 -57.20 -58.25 -22.30
N VAL F 221 -56.76 -59.04 -21.33
CA VAL F 221 -56.08 -60.30 -21.58
C VAL F 221 -57.02 -61.45 -21.24
N GLU F 222 -57.26 -62.32 -22.22
CA GLU F 222 -58.17 -63.45 -22.07
C GLU F 222 -58.06 -64.31 -23.33
N PRO F 223 -58.46 -65.58 -23.26
CA PRO F 223 -58.45 -66.43 -24.46
C PRO F 223 -59.48 -65.98 -25.49
N ASP G 1 2.50 -50.89 -23.30
CA ASP G 1 2.79 -52.33 -23.31
C ASP G 1 2.20 -53.02 -22.08
N ILE G 2 0.89 -52.88 -21.91
CA ILE G 2 0.19 -53.48 -20.78
C ILE G 2 -0.84 -54.47 -21.32
N GLN G 3 -0.81 -55.69 -20.79
CA GLN G 3 -1.73 -56.74 -21.20
C GLN G 3 -2.34 -57.38 -19.96
N MET G 4 -3.64 -57.67 -20.02
CA MET G 4 -4.33 -58.32 -18.92
C MET G 4 -5.18 -59.47 -19.44
N THR G 5 -5.41 -60.45 -18.57
CA THR G 5 -6.40 -61.48 -18.78
C THR G 5 -7.38 -61.45 -17.59
N GLN G 6 -8.30 -62.41 -17.56
CA GLN G 6 -9.34 -62.41 -16.55
C GLN G 6 -9.82 -63.83 -16.31
N SER G 7 -10.44 -64.04 -15.14
CA SER G 7 -11.07 -65.29 -14.77
C SER G 7 -12.19 -65.61 -15.77
N PRO G 8 -12.77 -66.83 -15.73
CA PRO G 8 -13.85 -67.16 -16.67
C PRO G 8 -15.00 -66.15 -16.73
N SER G 9 -15.01 -65.18 -15.82
CA SER G 9 -15.97 -64.07 -15.74
C SER G 9 -17.36 -64.52 -15.32
N SER G 10 -17.54 -65.80 -14.99
CA SER G 10 -18.85 -66.30 -14.56
C SER G 10 -18.60 -67.43 -13.56
N LEU G 11 -18.60 -67.10 -12.27
CA LEU G 11 -18.39 -68.07 -11.21
C LEU G 11 -19.54 -67.98 -10.23
N SER G 12 -19.97 -69.13 -9.72
CA SER G 12 -21.11 -69.22 -8.83
C SER G 12 -20.77 -70.05 -7.60
N ALA G 13 -21.38 -69.70 -6.48
CA ALA G 13 -21.17 -70.43 -5.23
C ALA G 13 -22.32 -70.07 -4.28
N SER G 14 -22.15 -70.44 -3.01
CA SER G 14 -23.16 -70.24 -1.98
C SER G 14 -22.90 -68.96 -1.20
N VAL G 15 -23.85 -68.63 -0.33
CA VAL G 15 -23.66 -67.54 0.62
C VAL G 15 -22.73 -68.02 1.73
N GLY G 16 -22.04 -67.08 2.36
CA GLY G 16 -21.06 -67.43 3.38
C GLY G 16 -19.94 -68.30 2.84
N ASP G 17 -19.45 -67.98 1.65
CA ASP G 17 -18.45 -68.79 0.97
C ASP G 17 -17.24 -67.92 0.64
N THR G 18 -16.07 -68.56 0.63
CA THR G 18 -14.83 -67.92 0.20
C THR G 18 -14.68 -68.14 -1.29
N VAL G 19 -14.81 -67.06 -2.06
CA VAL G 19 -14.74 -67.13 -3.52
C VAL G 19 -13.70 -66.15 -4.01
N THR G 20 -12.90 -66.59 -4.99
CA THR G 20 -11.77 -65.83 -5.47
C THR G 20 -11.94 -65.54 -6.96
N ILE G 21 -11.47 -64.36 -7.37
CA ILE G 21 -11.40 -63.96 -8.77
C ILE G 21 -10.03 -63.36 -9.01
N THR G 22 -9.44 -63.69 -10.15
CA THR G 22 -8.03 -63.37 -10.42
C THR G 22 -7.88 -62.57 -11.70
N CYS G 23 -6.86 -61.71 -11.73
CA CYS G 23 -6.45 -60.99 -12.91
C CYS G 23 -4.95 -61.14 -13.09
N GLN G 24 -4.49 -61.02 -14.33
CA GLN G 24 -3.09 -61.22 -14.69
C GLN G 24 -2.61 -59.95 -15.39
N ALA G 25 -1.95 -59.07 -14.66
CA ALA G 25 -1.52 -57.77 -15.19
C ALA G 25 -0.05 -57.55 -14.89
N ASN G 26 0.47 -56.44 -15.41
CA ASN G 26 1.86 -56.03 -15.21
C ASN G 26 1.94 -54.54 -14.90
N GLY G 27 1.09 -54.08 -13.99
CA GLY G 27 1.10 -52.70 -13.60
C GLY G 27 0.22 -52.48 -12.39
N TYR G 28 0.01 -51.21 -12.06
CA TYR G 28 -0.93 -50.86 -10.99
C TYR G 28 -2.31 -51.38 -11.33
N LEU G 29 -2.94 -52.07 -10.38
CA LEU G 29 -4.23 -52.70 -10.60
C LEU G 29 -5.19 -52.28 -9.50
N ASN G 30 -6.42 -51.94 -9.89
CA ASN G 30 -7.46 -51.57 -8.96
C ASN G 30 -8.70 -52.41 -9.22
N TRP G 31 -9.46 -52.69 -8.16
CA TRP G 31 -10.63 -53.54 -8.23
C TRP G 31 -11.88 -52.68 -8.16
N TYR G 32 -12.72 -52.80 -9.19
CA TYR G 32 -13.91 -51.97 -9.32
C TYR G 32 -15.14 -52.87 -9.28
N GLN G 33 -16.07 -52.57 -8.38
CA GLN G 33 -17.36 -53.25 -8.31
C GLN G 33 -18.42 -52.33 -8.87
N GLN G 34 -19.10 -52.79 -9.92
CA GLN G 34 -20.14 -52.01 -10.57
C GLN G 34 -21.45 -52.76 -10.48
N ARG G 35 -22.37 -52.26 -9.66
CA ARG G 35 -23.73 -52.76 -9.68
C ARG G 35 -24.37 -52.43 -11.02
N ARG G 36 -25.28 -53.29 -11.45
CA ARG G 36 -25.87 -53.16 -12.78
C ARG G 36 -26.55 -51.81 -12.97
N GLY G 37 -26.00 -51.00 -13.87
CA GLY G 37 -26.56 -49.68 -14.15
C GLY G 37 -26.20 -48.60 -13.16
N LYS G 38 -25.20 -48.82 -12.32
CA LYS G 38 -24.82 -47.85 -11.29
C LYS G 38 -23.37 -47.43 -11.47
N ALA G 39 -22.99 -46.40 -10.73
CA ALA G 39 -21.61 -45.94 -10.74
C ALA G 39 -20.72 -46.94 -10.02
N PRO G 40 -19.63 -47.38 -10.64
CA PRO G 40 -18.76 -48.38 -10.00
C PRO G 40 -18.08 -47.83 -8.76
N LYS G 41 -17.62 -48.75 -7.92
CA LYS G 41 -17.01 -48.42 -6.63
C LYS G 41 -15.68 -49.16 -6.49
N LEU G 42 -14.76 -48.55 -5.75
CA LEU G 42 -13.45 -49.14 -5.51
C LEU G 42 -13.49 -50.13 -4.35
N LEU G 43 -12.68 -51.18 -4.46
CA LEU G 43 -12.45 -52.12 -3.38
C LEU G 43 -10.99 -52.14 -2.93
N ILE G 44 -10.07 -52.35 -3.85
CA ILE G 44 -8.63 -52.38 -3.56
C ILE G 44 -7.92 -51.62 -4.65
N TYR G 45 -7.00 -50.73 -4.26
CA TYR G 45 -6.13 -50.05 -5.20
C TYR G 45 -4.69 -50.46 -4.95
N ASP G 46 -3.88 -50.39 -6.01
CA ASP G 46 -2.47 -50.79 -5.96
C ASP G 46 -2.31 -52.27 -5.61
N GLY G 47 -3.33 -53.06 -5.88
CA GLY G 47 -3.25 -54.51 -5.71
C GLY G 47 -3.64 -55.12 -4.39
N SER G 48 -3.12 -54.58 -3.29
CA SER G 48 -3.32 -55.22 -1.99
C SER G 48 -3.87 -54.27 -0.94
N LYS G 49 -3.57 -52.98 -1.06
CA LYS G 49 -3.98 -52.01 -0.05
C LYS G 49 -5.49 -51.88 -0.07
N LEU G 50 -6.15 -52.45 0.94
CA LEU G 50 -7.61 -52.44 1.00
C LEU G 50 -8.11 -51.02 1.24
N GLU G 51 -9.15 -50.64 0.50
CA GLU G 51 -9.70 -49.29 0.61
C GLU G 51 -10.46 -49.12 1.92
N ARG G 52 -10.43 -47.89 2.44
CA ARG G 52 -11.24 -47.54 3.59
C ARG G 52 -12.72 -47.52 3.20
N GLY G 53 -13.58 -47.82 4.17
CA GLY G 53 -15.00 -47.93 3.89
C GLY G 53 -15.36 -49.13 3.05
N VAL G 54 -14.73 -50.26 3.31
CA VAL G 54 -14.94 -51.50 2.54
C VAL G 54 -15.22 -52.62 3.52
N PRO G 55 -16.11 -53.56 3.20
CA PRO G 55 -16.28 -54.74 4.07
C PRO G 55 -14.95 -55.46 4.26
N SER G 56 -14.66 -55.82 5.51
CA SER G 56 -13.38 -56.41 5.86
C SER G 56 -13.17 -57.77 5.20
N ARG G 57 -14.24 -58.43 4.75
CA ARG G 57 -14.09 -59.72 4.10
C ARG G 57 -13.30 -59.63 2.81
N PHE G 58 -13.26 -58.46 2.17
CA PHE G 58 -12.50 -58.30 0.96
C PHE G 58 -11.00 -58.39 1.25
N SER G 59 -10.28 -59.11 0.38
CA SER G 59 -8.85 -59.29 0.55
C SER G 59 -8.21 -59.54 -0.80
N GLY G 60 -7.04 -58.94 -1.01
CA GLY G 60 -6.28 -59.15 -2.22
C GLY G 60 -4.80 -59.25 -1.96
N ARG G 61 -4.17 -60.34 -2.38
CA ARG G 61 -2.76 -60.56 -2.14
C ARG G 61 -1.97 -60.32 -3.42
N ARG G 62 -0.80 -59.72 -3.27
CA ARG G 62 0.07 -59.35 -4.38
C ARG G 62 1.21 -60.36 -4.45
N TRP G 63 1.22 -61.19 -5.49
CA TRP G 63 2.23 -62.24 -5.64
C TRP G 63 2.59 -62.38 -7.11
N GLY G 64 3.80 -61.96 -7.47
CA GLY G 64 4.24 -62.10 -8.83
C GLY G 64 3.44 -61.21 -9.77
N GLN G 65 3.53 -61.52 -11.07
CA GLN G 65 2.73 -60.81 -12.05
C GLN G 65 1.24 -61.05 -11.83
N GLU G 66 0.88 -62.21 -11.28
CA GLU G 66 -0.52 -62.51 -10.99
C GLU G 66 -1.04 -61.64 -9.86
N TYR G 67 -2.28 -61.18 -10.01
CA TYR G 67 -2.97 -60.40 -8.99
C TYR G 67 -4.16 -61.20 -8.50
N ASN G 68 -4.26 -61.35 -7.18
CA ASN G 68 -5.21 -62.27 -6.55
C ASN G 68 -6.23 -61.48 -5.74
N LEU G 69 -7.51 -61.71 -6.02
CA LEU G 69 -8.59 -61.12 -5.24
C LEU G 69 -9.43 -62.23 -4.65
N THR G 70 -9.66 -62.16 -3.34
CA THR G 70 -10.47 -63.14 -2.62
C THR G 70 -11.52 -62.42 -1.78
N ILE G 71 -12.75 -62.95 -1.80
CA ILE G 71 -13.81 -62.51 -0.91
C ILE G 71 -14.41 -63.73 -0.24
N ASN G 72 -14.54 -63.68 1.08
CA ASN G 72 -15.06 -64.77 1.88
C ASN G 72 -16.33 -64.30 2.59
N ASN G 73 -17.12 -65.28 3.04
CA ASN G 73 -18.44 -65.03 3.64
C ASN G 73 -19.33 -64.25 2.66
N LEU G 74 -19.65 -64.95 1.57
CA LEU G 74 -20.41 -64.34 0.48
C LEU G 74 -21.73 -63.76 0.97
N GLN G 75 -22.07 -62.59 0.46
CA GLN G 75 -23.28 -61.89 0.83
C GLN G 75 -24.25 -61.83 -0.34
N PRO G 76 -25.56 -61.96 -0.09
CA PRO G 76 -26.53 -61.78 -1.18
C PRO G 76 -26.56 -60.37 -1.72
N GLU G 77 -26.06 -59.38 -0.97
CA GLU G 77 -26.01 -58.01 -1.47
C GLU G 77 -24.86 -57.80 -2.45
N ASP G 78 -23.75 -58.51 -2.26
CA ASP G 78 -22.53 -58.26 -3.03
C ASP G 78 -22.54 -58.88 -4.41
N ILE G 79 -23.61 -59.59 -4.79
CA ILE G 79 -23.71 -60.15 -6.13
C ILE G 79 -23.76 -59.02 -7.15
N ALA G 80 -22.73 -58.93 -7.98
CA ALA G 80 -22.60 -57.84 -8.96
C ALA G 80 -21.54 -58.24 -9.98
N THR G 81 -21.09 -57.27 -10.76
CA THR G 81 -20.03 -57.47 -11.75
C THR G 81 -18.76 -56.81 -11.25
N TYR G 82 -17.65 -57.54 -11.33
CA TYR G 82 -16.37 -57.07 -10.82
C TYR G 82 -15.31 -57.18 -11.91
N PHE G 83 -14.44 -56.17 -11.99
CA PHE G 83 -13.38 -56.18 -12.99
C PHE G 83 -12.17 -55.46 -12.43
N CYS G 84 -11.02 -55.73 -13.05
CA CYS G 84 -9.75 -55.11 -12.66
C CYS G 84 -9.40 -54.00 -13.64
N GLN G 85 -8.96 -52.87 -13.10
CA GLN G 85 -8.65 -51.68 -13.89
C GLN G 85 -7.16 -51.38 -13.81
N VAL G 86 -6.58 -51.00 -14.95
CA VAL G 86 -5.16 -50.67 -15.04
C VAL G 86 -5.10 -49.23 -15.57
N TYR G 87 -3.90 -48.72 -15.86
CA TYR G 87 -3.71 -47.35 -16.33
C TYR G 87 -4.75 -46.93 -17.36
N GLU G 88 -4.78 -47.60 -18.51
CA GLU G 88 -5.67 -47.22 -19.59
C GLU G 88 -6.71 -48.29 -19.91
N PHE G 89 -6.28 -49.52 -20.14
CA PHE G 89 -7.18 -50.58 -20.54
C PHE G 89 -8.07 -51.01 -19.37
N VAL G 90 -9.06 -51.84 -19.68
CA VAL G 90 -9.92 -52.42 -18.66
C VAL G 90 -10.61 -53.64 -19.26
N VAL G 91 -10.70 -54.70 -18.48
CA VAL G 91 -11.37 -55.93 -18.88
C VAL G 91 -12.87 -55.71 -18.75
N PRO G 92 -13.71 -56.36 -19.58
CA PRO G 92 -15.17 -56.22 -19.43
C PRO G 92 -15.67 -56.43 -18.00
N GLY G 93 -15.41 -57.58 -17.42
CA GLY G 93 -15.81 -57.82 -16.05
C GLY G 93 -16.03 -59.30 -15.77
N THR G 94 -16.50 -59.56 -14.55
CA THR G 94 -16.77 -60.91 -14.08
C THR G 94 -18.12 -60.91 -13.38
N ARG G 95 -19.02 -61.80 -13.83
CA ARG G 95 -20.35 -61.89 -13.28
C ARG G 95 -20.33 -62.60 -11.93
N LEU G 96 -21.42 -62.44 -11.18
CA LEU G 96 -21.63 -63.13 -9.92
C LEU G 96 -23.04 -63.68 -9.89
N ASP G 97 -23.20 -64.90 -9.37
CA ASP G 97 -24.49 -65.55 -9.35
C ASP G 97 -24.50 -66.67 -8.31
N LEU G 98 -25.71 -67.08 -7.93
CA LEU G 98 -25.94 -68.08 -6.90
C LEU G 98 -26.21 -69.43 -7.55
N LYS G 99 -26.47 -70.46 -6.74
CA LYS G 99 -26.56 -71.83 -7.22
C LYS G 99 -27.76 -72.51 -6.58
N ARG G 100 -27.83 -73.84 -6.77
CA ARG G 100 -28.80 -74.78 -6.22
C ARG G 100 -30.21 -74.61 -6.78
N THR G 101 -30.46 -73.61 -7.61
CA THR G 101 -31.75 -73.47 -8.26
C THR G 101 -31.78 -74.12 -9.64
N VAL G 102 -31.34 -75.37 -9.71
CA VAL G 102 -31.27 -76.10 -10.98
C VAL G 102 -32.67 -76.58 -11.33
N ALA G 103 -33.26 -76.00 -12.37
CA ALA G 103 -34.60 -76.37 -12.79
C ALA G 103 -34.76 -76.10 -14.28
N ALA G 104 -35.43 -77.02 -14.96
CA ALA G 104 -35.68 -76.85 -16.39
C ALA G 104 -36.77 -75.80 -16.61
N PRO G 105 -36.70 -75.05 -17.71
CA PRO G 105 -37.73 -74.05 -18.00
C PRO G 105 -39.01 -74.68 -18.53
N SER G 106 -40.04 -73.84 -18.62
CA SER G 106 -41.30 -74.20 -19.24
C SER G 106 -41.48 -73.39 -20.51
N VAL G 107 -41.89 -74.05 -21.59
CA VAL G 107 -41.93 -73.44 -22.92
C VAL G 107 -43.36 -73.01 -23.21
N PHE G 108 -43.51 -71.79 -23.72
CA PHE G 108 -44.81 -71.25 -24.10
C PHE G 108 -44.75 -70.75 -25.54
N ILE G 109 -45.83 -70.95 -26.28
CA ILE G 109 -45.99 -70.43 -27.63
C ILE G 109 -47.18 -69.48 -27.60
N PHE G 110 -46.96 -68.23 -28.03
CA PHE G 110 -47.92 -67.14 -27.83
C PHE G 110 -48.22 -66.45 -29.16
N PRO G 111 -49.22 -66.92 -29.90
CA PRO G 111 -49.71 -66.17 -31.06
C PRO G 111 -50.25 -64.82 -30.62
N PRO G 112 -50.04 -63.78 -31.41
CA PRO G 112 -50.57 -62.46 -31.06
C PRO G 112 -52.04 -62.33 -31.46
N SER G 113 -52.63 -61.23 -31.03
CA SER G 113 -54.01 -60.93 -31.39
C SER G 113 -54.10 -60.53 -32.87
N ASP G 114 -55.26 -60.77 -33.47
CA ASP G 114 -55.49 -60.34 -34.84
C ASP G 114 -55.39 -58.81 -34.98
N GLU G 115 -55.52 -58.09 -33.87
CA GLU G 115 -55.28 -56.64 -33.90
C GLU G 115 -53.85 -56.33 -34.30
N GLN G 116 -52.89 -57.11 -33.80
CA GLN G 116 -51.49 -56.90 -34.18
C GLN G 116 -51.26 -57.14 -35.66
N LEU G 117 -52.10 -57.97 -36.29
CA LEU G 117 -51.96 -58.20 -37.73
C LEU G 117 -52.20 -56.93 -38.52
N LYS G 118 -53.02 -56.02 -38.00
CA LYS G 118 -53.26 -54.74 -38.67
C LYS G 118 -52.08 -53.78 -38.57
N SER G 119 -51.08 -54.08 -37.73
CA SER G 119 -49.92 -53.23 -37.61
C SER G 119 -49.01 -53.28 -38.83
N GLY G 120 -49.26 -54.21 -39.76
CA GLY G 120 -48.38 -54.41 -40.89
C GLY G 120 -47.25 -55.40 -40.64
N THR G 121 -47.18 -55.99 -39.45
CA THR G 121 -46.16 -56.96 -39.12
C THR G 121 -46.80 -58.15 -38.41
N ALA G 122 -46.17 -59.31 -38.56
CA ALA G 122 -46.54 -60.52 -37.84
C ALA G 122 -45.36 -60.94 -36.97
N SER G 123 -45.64 -61.26 -35.71
CA SER G 123 -44.58 -61.66 -34.78
C SER G 123 -45.21 -62.50 -33.68
N VAL G 124 -45.04 -63.82 -33.78
CA VAL G 124 -45.41 -64.73 -32.70
C VAL G 124 -44.20 -64.91 -31.80
N VAL G 125 -44.44 -64.87 -30.49
CA VAL G 125 -43.36 -64.90 -29.52
C VAL G 125 -43.41 -66.21 -28.75
N CYS G 126 -42.23 -66.71 -28.39
CA CYS G 126 -42.09 -67.92 -27.60
C CYS G 126 -41.17 -67.61 -26.43
N LEU G 127 -41.50 -68.14 -25.25
CA LEU G 127 -40.84 -67.73 -24.02
C LEU G 127 -40.30 -68.93 -23.25
N LEU G 128 -39.17 -68.71 -22.60
CA LEU G 128 -38.58 -69.67 -21.67
C LEU G 128 -38.50 -68.99 -20.31
N ASN G 129 -39.08 -69.64 -19.30
CA ASN G 129 -39.22 -69.00 -18.00
C ASN G 129 -38.95 -70.02 -16.89
N ASN G 130 -38.59 -69.49 -15.73
CA ASN G 130 -38.41 -70.27 -14.50
C ASN G 130 -37.35 -71.37 -14.69
N PHE G 131 -36.11 -70.91 -14.91
CA PHE G 131 -35.01 -71.83 -15.15
C PHE G 131 -33.72 -71.26 -14.58
N TYR G 132 -32.69 -72.10 -14.58
CA TYR G 132 -31.33 -71.78 -14.20
C TYR G 132 -30.44 -72.97 -14.56
N PRO G 133 -29.19 -72.74 -15.01
CA PRO G 133 -28.51 -71.46 -15.23
C PRO G 133 -28.94 -70.72 -16.49
N ARG G 134 -28.61 -69.43 -16.54
CA ARG G 134 -28.96 -68.62 -17.71
C ARG G 134 -28.31 -69.14 -18.97
N GLU G 135 -27.14 -69.77 -18.87
CA GLU G 135 -26.37 -70.17 -20.03
C GLU G 135 -27.12 -71.23 -20.84
N ALA G 136 -27.64 -70.83 -22.00
CA ALA G 136 -28.43 -71.72 -22.83
C ALA G 136 -28.25 -71.31 -24.29
N LYS G 137 -28.82 -72.13 -25.18
CA LYS G 137 -28.74 -71.91 -26.61
C LYS G 137 -30.15 -71.80 -27.17
N VAL G 138 -30.34 -70.87 -28.11
CA VAL G 138 -31.66 -70.55 -28.65
C VAL G 138 -31.74 -71.04 -30.09
N GLN G 139 -32.95 -71.43 -30.50
CA GLN G 139 -33.21 -71.88 -31.86
C GLN G 139 -34.57 -71.38 -32.30
N TRP G 140 -34.71 -71.19 -33.62
CA TRP G 140 -35.97 -70.77 -34.22
C TRP G 140 -36.23 -71.63 -35.45
N LYS G 141 -37.42 -72.20 -35.55
CA LYS G 141 -37.80 -72.95 -36.73
C LYS G 141 -39.31 -72.85 -36.93
N VAL G 142 -39.75 -73.06 -38.16
CA VAL G 142 -41.16 -73.01 -38.52
C VAL G 142 -41.44 -74.15 -39.48
N ASP G 143 -42.55 -74.85 -39.24
CA ASP G 143 -43.03 -75.98 -40.06
C ASP G 143 -41.88 -76.88 -40.50
N ASN G 144 -41.04 -77.25 -39.52
CA ASN G 144 -39.90 -78.14 -39.73
C ASN G 144 -38.89 -77.54 -40.70
N ALA G 145 -38.48 -76.30 -40.43
CA ALA G 145 -37.48 -75.61 -41.24
C ALA G 145 -36.77 -74.60 -40.34
N LEU G 146 -35.49 -74.88 -40.04
CA LEU G 146 -34.73 -74.01 -39.16
C LEU G 146 -34.44 -72.67 -39.83
N GLN G 147 -34.54 -71.59 -39.06
CA GLN G 147 -34.18 -70.26 -39.51
C GLN G 147 -33.36 -69.57 -38.43
N SER G 148 -32.32 -68.84 -38.86
CA SER G 148 -31.45 -68.13 -37.93
C SER G 148 -31.19 -66.72 -38.47
N GLY G 149 -30.77 -65.84 -37.56
CA GLY G 149 -30.44 -64.48 -37.93
C GLY G 149 -31.61 -63.53 -38.03
N ASN G 150 -32.81 -63.96 -37.62
CA ASN G 150 -34.02 -63.15 -37.72
C ASN G 150 -34.70 -63.06 -36.37
N SER G 151 -33.92 -62.82 -35.31
CA SER G 151 -34.47 -62.76 -33.97
C SER G 151 -33.54 -61.94 -33.07
N GLN G 152 -34.15 -61.18 -32.16
CA GLN G 152 -33.42 -60.45 -31.13
C GLN G 152 -33.95 -60.89 -29.78
N GLU G 153 -33.04 -61.30 -28.89
CA GLU G 153 -33.42 -61.97 -27.66
C GLU G 153 -32.88 -61.21 -26.45
N SER G 154 -33.54 -61.42 -25.31
CA SER G 154 -33.13 -60.82 -24.05
C SER G 154 -33.55 -61.70 -22.90
N VAL G 155 -32.87 -61.52 -21.76
CA VAL G 155 -33.13 -62.29 -20.56
C VAL G 155 -33.28 -61.32 -19.39
N THR G 156 -34.02 -61.75 -18.38
CA THR G 156 -34.29 -60.90 -17.23
C THR G 156 -33.13 -60.90 -16.25
N GLU G 157 -33.19 -59.97 -15.30
CA GLU G 157 -32.20 -59.90 -14.23
C GLU G 157 -32.39 -61.08 -13.28
N GLN G 158 -31.31 -61.42 -12.56
CA GLN G 158 -31.37 -62.47 -11.56
C GLN G 158 -32.50 -62.22 -10.57
N ASP G 159 -33.37 -63.21 -10.43
CA ASP G 159 -34.53 -63.06 -9.56
C ASP G 159 -34.09 -62.93 -8.10
N SER G 160 -34.75 -62.01 -7.39
CA SER G 160 -34.34 -61.72 -6.02
C SER G 160 -34.76 -62.82 -5.06
N LYS G 161 -35.98 -63.34 -5.21
CA LYS G 161 -36.54 -64.25 -4.21
C LYS G 161 -36.23 -65.71 -4.52
N ASP G 162 -36.72 -66.22 -5.65
CA ASP G 162 -36.51 -67.61 -6.02
C ASP G 162 -35.26 -67.82 -6.87
N SER G 163 -34.59 -66.74 -7.26
CA SER G 163 -33.30 -66.80 -7.95
C SER G 163 -33.37 -67.65 -9.21
N THR G 164 -34.44 -67.50 -9.98
CA THR G 164 -34.56 -68.19 -11.25
C THR G 164 -34.38 -67.19 -12.40
N TYR G 165 -34.61 -67.66 -13.62
CA TYR G 165 -34.38 -66.85 -14.81
C TYR G 165 -35.56 -67.00 -15.77
N SER G 166 -35.73 -65.99 -16.61
CA SER G 166 -36.75 -65.99 -17.65
C SER G 166 -36.15 -65.41 -18.93
N LEU G 167 -36.28 -66.13 -20.03
CA LEU G 167 -35.69 -65.74 -21.30
C LEU G 167 -36.78 -65.26 -22.26
N SER G 168 -36.56 -64.11 -22.87
CA SER G 168 -37.46 -63.55 -23.87
C SER G 168 -36.88 -63.80 -25.24
N SER G 169 -37.67 -64.44 -26.11
CA SER G 169 -37.24 -64.77 -27.46
C SER G 169 -38.31 -64.30 -28.45
N THR G 170 -37.98 -63.28 -29.23
CA THR G 170 -38.91 -62.66 -30.17
C THR G 170 -38.40 -62.82 -31.59
N LEU G 171 -39.31 -63.13 -32.51
CA LEU G 171 -39.00 -63.25 -33.92
C LEU G 171 -39.96 -62.39 -34.73
N THR G 172 -39.41 -61.72 -35.76
CA THR G 172 -40.20 -60.98 -36.73
C THR G 172 -40.14 -61.68 -38.09
N LEU G 173 -41.25 -61.67 -38.80
CA LEU G 173 -41.34 -62.38 -40.08
C LEU G 173 -42.36 -61.68 -40.96
N SER G 174 -42.36 -62.06 -42.24
CA SER G 174 -43.34 -61.55 -43.18
C SER G 174 -44.75 -61.99 -42.77
N LYS G 175 -45.72 -61.12 -43.02
CA LYS G 175 -47.09 -61.43 -42.62
C LYS G 175 -47.62 -62.68 -43.30
N ALA G 176 -47.32 -62.84 -44.60
CA ALA G 176 -47.84 -63.99 -45.35
C ALA G 176 -47.32 -65.31 -44.79
N ASP G 177 -46.12 -65.30 -44.20
CA ASP G 177 -45.57 -66.52 -43.63
C ASP G 177 -46.33 -67.01 -42.40
N TYR G 178 -47.22 -66.18 -41.85
CA TYR G 178 -48.00 -66.56 -40.68
C TYR G 178 -49.31 -67.24 -41.04
N GLU G 179 -50.05 -66.68 -42.00
CA GLU G 179 -51.36 -67.21 -42.34
C GLU G 179 -51.31 -68.45 -43.21
N LYS G 180 -50.16 -68.76 -43.82
CA LYS G 180 -50.03 -69.91 -44.69
C LYS G 180 -49.64 -71.17 -43.91
N HIS G 181 -48.58 -71.08 -43.10
CA HIS G 181 -48.07 -72.23 -42.38
C HIS G 181 -48.90 -72.48 -41.13
N LYS G 182 -48.80 -73.71 -40.62
CA LYS G 182 -49.66 -74.20 -39.55
C LYS G 182 -48.92 -74.41 -38.23
N VAL G 183 -47.84 -75.18 -38.24
CA VAL G 183 -47.12 -75.57 -37.04
C VAL G 183 -45.84 -74.75 -36.94
N TYR G 184 -45.66 -74.07 -35.81
CA TYR G 184 -44.52 -73.20 -35.58
C TYR G 184 -43.87 -73.62 -34.25
N ALA G 185 -42.67 -74.17 -34.32
CA ALA G 185 -42.01 -74.75 -33.16
C ALA G 185 -40.83 -73.89 -32.74
N CYS G 186 -40.88 -73.36 -31.51
CA CYS G 186 -39.77 -72.64 -30.90
C CYS G 186 -39.12 -73.58 -29.88
N GLU G 187 -38.23 -74.43 -30.35
CA GLU G 187 -37.51 -75.35 -29.47
C GLU G 187 -36.21 -74.69 -29.03
N VAL G 188 -36.00 -74.62 -27.72
CA VAL G 188 -34.82 -73.98 -27.13
C VAL G 188 -34.21 -74.95 -26.13
N THR G 189 -32.90 -75.16 -26.24
CA THR G 189 -32.19 -76.12 -25.42
C THR G 189 -31.42 -75.41 -24.33
N HIS G 190 -31.33 -76.05 -23.15
CA HIS G 190 -30.65 -75.49 -22.00
C HIS G 190 -29.88 -76.60 -21.29
N GLN G 191 -28.81 -76.19 -20.59
CA GLN G 191 -28.06 -77.14 -19.77
C GLN G 191 -28.94 -77.82 -18.75
N GLY G 192 -29.97 -77.12 -18.26
CA GLY G 192 -30.95 -77.71 -17.37
C GLY G 192 -32.04 -78.48 -18.06
N LEU G 193 -31.99 -78.58 -19.39
CA LEU G 193 -32.97 -79.31 -20.17
C LEU G 193 -32.39 -80.66 -20.55
N SER G 194 -33.16 -81.73 -20.32
CA SER G 194 -32.69 -83.07 -20.64
C SER G 194 -32.46 -83.24 -22.13
N SER G 195 -33.46 -82.90 -22.93
CA SER G 195 -33.38 -82.95 -24.38
C SER G 195 -34.23 -81.82 -24.95
N PRO G 196 -33.89 -81.31 -26.14
CA PRO G 196 -34.68 -80.22 -26.71
C PRO G 196 -36.15 -80.61 -26.85
N VAL G 197 -37.03 -79.72 -26.40
CA VAL G 197 -38.47 -79.97 -26.37
C VAL G 197 -39.13 -79.08 -27.41
N THR G 198 -40.09 -79.66 -28.14
CA THR G 198 -40.75 -78.97 -29.24
C THR G 198 -42.16 -78.57 -28.79
N LYS G 199 -42.42 -77.26 -28.81
CA LYS G 199 -43.73 -76.71 -28.51
C LYS G 199 -44.18 -75.84 -29.66
N SER G 200 -45.47 -75.91 -29.99
CA SER G 200 -46.02 -75.19 -31.13
C SER G 200 -47.37 -74.60 -30.74
N PHE G 201 -48.08 -74.08 -31.73
CA PHE G 201 -49.38 -73.48 -31.53
C PHE G 201 -50.22 -73.64 -32.79
N ASN G 202 -51.52 -73.44 -32.64
CA ASN G 202 -52.45 -73.45 -33.76
C ASN G 202 -52.92 -72.02 -34.01
N ARG G 203 -52.91 -71.61 -35.28
CA ARG G 203 -53.31 -70.25 -35.63
C ARG G 203 -54.77 -70.00 -35.24
N GLY G 204 -55.04 -68.77 -34.83
CA GLY G 204 -56.38 -68.37 -34.43
C GLY G 204 -56.82 -68.97 -33.11
N GLN H 1 22.35 6.41 -23.86
CA GLN H 1 21.54 6.02 -22.71
C GLN H 1 21.27 7.21 -21.80
N VAL H 2 22.33 7.92 -21.43
CA VAL H 2 22.19 9.12 -20.61
C VAL H 2 21.49 10.23 -21.40
N GLN H 3 21.70 10.28 -22.72
CA GLN H 3 21.03 11.18 -23.66
C GLN H 3 20.83 12.60 -23.16
N LEU H 4 21.82 13.14 -22.46
CA LEU H 4 21.77 14.55 -22.04
C LEU H 4 21.72 15.44 -23.28
N LEU H 5 20.59 16.09 -23.51
CA LEU H 5 20.37 16.88 -24.71
C LEU H 5 20.04 18.32 -24.34
N GLN H 6 20.34 19.24 -25.25
CA GLN H 6 20.13 20.67 -25.05
C GLN H 6 19.33 21.22 -26.22
N SER H 7 18.56 22.27 -25.95
CA SER H 7 17.65 22.83 -26.94
C SER H 7 18.42 23.53 -28.05
N GLY H 8 17.68 24.02 -29.05
CA GLY H 8 18.26 24.63 -30.21
C GLY H 8 18.65 26.09 -29.99
N ALA H 9 19.20 26.67 -31.05
CA ALA H 9 19.71 28.03 -30.97
C ALA H 9 18.60 29.04 -30.74
N ALA H 10 18.90 30.05 -29.92
CA ALA H 10 17.95 31.12 -29.61
C ALA H 10 18.67 32.45 -29.70
N VAL H 11 18.00 33.44 -30.29
CA VAL H 11 18.55 34.78 -30.46
C VAL H 11 17.60 35.77 -29.80
N THR H 12 18.17 36.75 -29.09
CA THR H 12 17.38 37.73 -28.38
C THR H 12 17.99 39.12 -28.56
N LYS H 13 17.17 40.14 -28.31
CA LYS H 13 17.60 41.52 -28.39
C LYS H 13 18.32 41.94 -27.12
N PRO H 14 19.15 42.99 -27.19
CA PRO H 14 19.86 43.45 -25.99
C PRO H 14 18.88 43.88 -24.90
N GLY H 15 19.24 43.57 -23.65
CA GLY H 15 18.43 43.93 -22.51
C GLY H 15 17.20 43.07 -22.29
N ALA H 16 17.02 42.01 -23.09
CA ALA H 16 15.88 41.14 -22.98
C ALA H 16 16.22 39.90 -22.14
N SER H 17 15.30 38.95 -22.09
CA SER H 17 15.47 37.72 -21.33
C SER H 17 15.55 36.53 -22.28
N VAL H 18 16.40 35.57 -21.95
CA VAL H 18 16.61 34.38 -22.75
C VAL H 18 16.47 33.16 -21.86
N ARG H 19 16.05 32.04 -22.46
CA ARG H 19 15.89 30.78 -21.74
C ARG H 19 16.46 29.64 -22.57
N VAL H 20 17.30 28.83 -21.95
CA VAL H 20 17.90 27.66 -22.59
C VAL H 20 17.70 26.46 -21.67
N SER H 21 17.29 25.33 -22.24
CA SER H 21 16.91 24.16 -21.48
C SER H 21 17.88 23.01 -21.72
N CYS H 22 17.81 22.03 -20.83
CA CYS H 22 18.63 20.82 -20.91
C CYS H 22 17.94 19.74 -20.10
N GLU H 23 17.99 18.51 -20.58
CA GLU H 23 17.23 17.42 -20.00
C GLU H 23 18.11 16.21 -19.74
N ALA H 24 17.73 15.42 -18.73
CA ALA H 24 18.49 14.23 -18.36
C ALA H 24 17.53 13.22 -17.74
N SER H 25 17.48 12.02 -18.31
CA SER H 25 16.56 10.99 -17.84
C SER H 25 17.14 9.58 -17.77
N GLY H 26 18.35 9.34 -18.27
CA GLY H 26 18.80 7.98 -18.50
C GLY H 26 19.49 7.26 -17.35
N TYR H 27 19.34 7.75 -16.14
CA TYR H 27 20.01 7.18 -14.97
C TYR H 27 19.33 7.72 -13.72
N ASN H 28 19.88 7.37 -12.55
CA ASN H 28 19.36 7.91 -11.31
C ASN H 28 19.80 9.36 -11.18
N ILE H 29 19.00 10.27 -11.76
CA ILE H 29 19.33 11.69 -11.78
C ILE H 29 18.95 12.42 -10.49
N ARG H 30 18.16 11.80 -9.62
CA ARG H 30 17.78 12.48 -8.39
C ARG H 30 18.96 12.67 -7.41
N ASP H 31 20.18 12.31 -7.80
CA ASP H 31 21.30 12.36 -6.85
C ASP H 31 22.59 12.97 -7.37
N TYR H 32 22.81 13.12 -8.67
CA TYR H 32 24.02 13.75 -9.18
C TYR H 32 23.78 15.23 -9.46
N PHE H 33 24.78 16.05 -9.13
CA PHE H 33 24.71 17.47 -9.37
C PHE H 33 24.76 17.79 -10.86
N ILE H 34 24.32 18.99 -11.21
CA ILE H 34 24.35 19.49 -12.59
C ILE H 34 25.08 20.81 -12.58
N HIS H 35 25.86 21.06 -13.64
CA HIS H 35 26.63 22.28 -13.77
C HIS H 35 26.39 22.89 -15.14
N TRP H 36 26.46 24.21 -15.20
CA TRP H 36 26.32 24.97 -16.44
C TRP H 36 27.65 25.62 -16.76
N TRP H 37 28.06 25.53 -18.03
CA TRP H 37 29.31 26.12 -18.49
C TRP H 37 29.05 26.94 -19.73
N ARG H 38 29.58 28.16 -19.77
CA ARG H 38 29.51 29.01 -20.93
C ARG H 38 30.92 29.28 -21.43
N GLN H 39 31.05 29.39 -22.75
CA GLN H 39 32.35 29.53 -23.40
C GLN H 39 32.28 30.68 -24.39
N ALA H 40 32.95 31.78 -24.06
CA ALA H 40 33.06 32.89 -25.00
C ALA H 40 33.77 32.42 -26.26
N PRO H 41 33.34 32.85 -27.44
CA PRO H 41 33.95 32.36 -28.68
C PRO H 41 35.43 32.67 -28.74
N GLY H 42 36.20 31.70 -29.22
CA GLY H 42 37.65 31.85 -29.25
C GLY H 42 38.26 32.07 -27.89
N GLN H 43 37.72 31.41 -26.87
CA GLN H 43 38.20 31.59 -25.51
C GLN H 43 37.89 30.34 -24.70
N GLY H 44 38.56 30.23 -23.55
CA GLY H 44 38.40 29.06 -22.70
C GLY H 44 37.03 29.01 -22.04
N LEU H 45 36.78 27.91 -21.37
CA LEU H 45 35.51 27.71 -20.68
C LEU H 45 35.39 28.65 -19.49
N GLN H 46 34.18 28.69 -18.92
CA GLN H 46 33.87 29.59 -17.83
C GLN H 46 32.71 29.00 -17.05
N TRP H 47 32.85 28.93 -15.73
CA TRP H 47 31.81 28.36 -14.89
C TRP H 47 30.60 29.29 -14.87
N VAL H 48 29.40 28.69 -14.74
CA VAL H 48 28.17 29.44 -14.62
C VAL H 48 27.48 29.19 -13.29
N GLY H 49 27.42 27.94 -12.85
CA GLY H 49 26.80 27.62 -11.60
C GLY H 49 26.57 26.12 -11.48
N TRP H 50 26.10 25.73 -10.29
CA TRP H 50 25.72 24.35 -10.05
C TRP H 50 24.39 24.30 -9.33
N ILE H 51 23.54 23.38 -9.74
CA ILE H 51 22.20 23.22 -9.17
C ILE H 51 22.01 21.78 -8.73
N ASN H 52 21.37 21.60 -7.58
CA ASN H 52 21.11 20.28 -7.05
C ASN H 52 19.71 19.85 -7.45
N PRO H 53 19.54 18.75 -8.18
CA PRO H 53 18.19 18.27 -8.48
C PRO H 53 17.40 17.88 -7.25
N LYS H 54 18.06 17.60 -6.13
CA LYS H 54 17.34 17.20 -4.92
C LYS H 54 16.45 18.33 -4.40
N THR H 55 17.02 19.54 -4.26
CA THR H 55 16.30 20.66 -3.65
C THR H 55 16.19 21.87 -4.56
N GLY H 56 16.86 21.88 -5.71
CA GLY H 56 16.83 23.05 -6.55
C GLY H 56 17.68 24.20 -6.06
N GLN H 57 18.55 23.94 -5.09
CA GLN H 57 19.40 25.00 -4.55
C GLN H 57 20.39 25.47 -5.61
N PRO H 58 20.43 26.76 -5.93
CA PRO H 58 21.39 27.26 -6.90
C PRO H 58 22.68 27.73 -6.24
N ASN H 59 23.62 28.13 -7.09
CA ASN H 59 24.91 28.65 -6.63
C ASN H 59 25.56 29.35 -7.82
N ASN H 60 26.09 30.54 -7.59
CA ASN H 60 26.61 31.36 -8.68
C ASN H 60 27.90 32.04 -8.26
N PRO H 61 28.77 32.36 -9.21
CA PRO H 61 29.95 33.17 -8.88
C PRO H 61 29.57 34.61 -8.56
N ARG H 62 30.58 35.45 -8.30
CA ARG H 62 30.32 36.82 -7.89
C ARG H 62 29.67 37.63 -9.00
N GLN H 63 30.25 37.61 -10.20
CA GLN H 63 29.82 38.53 -11.25
C GLN H 63 28.44 38.18 -11.78
N PHE H 64 28.14 36.89 -11.94
CA PHE H 64 26.88 36.49 -12.55
C PHE H 64 25.71 36.54 -11.58
N GLN H 65 25.96 36.73 -10.29
CA GLN H 65 24.89 36.71 -9.31
C GLN H 65 23.87 37.81 -9.58
N GLY H 66 22.60 37.49 -9.33
CA GLY H 66 21.52 38.42 -9.60
C GLY H 66 21.05 38.34 -11.04
N ARG H 67 21.99 38.49 -11.97
CA ARG H 67 21.65 38.47 -13.39
C ARG H 67 21.21 37.09 -13.84
N VAL H 68 21.84 36.03 -13.32
CA VAL H 68 21.53 34.67 -13.73
C VAL H 68 20.48 34.10 -12.77
N SER H 69 19.83 33.02 -13.20
CA SER H 69 18.91 32.27 -12.35
C SER H 69 18.86 30.83 -12.84
N LEU H 70 18.85 29.89 -11.90
CA LEU H 70 18.84 28.46 -12.20
C LEU H 70 17.61 27.82 -11.58
N THR H 71 16.95 26.95 -12.34
CA THR H 71 15.73 26.31 -11.87
C THR H 71 15.59 24.93 -12.50
N ARG H 72 15.02 24.01 -11.74
CA ARG H 72 14.70 22.67 -12.22
C ARG H 72 13.20 22.45 -12.14
N HIS H 73 12.70 21.52 -12.95
CA HIS H 73 11.27 21.17 -12.96
C HIS H 73 11.16 19.66 -13.12
N ALA H 74 10.94 18.98 -12.00
CA ALA H 74 10.91 17.53 -11.97
C ALA H 74 9.65 16.98 -12.62
N SER H 75 9.68 15.69 -12.90
CA SER H 75 8.49 14.94 -13.29
C SER H 75 7.91 14.25 -12.07
N TRP H 76 6.74 13.62 -12.26
CA TRP H 76 6.05 12.98 -11.16
C TRP H 76 6.75 11.69 -10.72
N ASP H 77 7.42 11.01 -11.63
CA ASP H 77 8.12 9.76 -11.31
C ASP H 77 9.58 9.98 -10.95
N PHE H 78 10.06 11.22 -10.93
CA PHE H 78 11.46 11.53 -10.63
C PHE H 78 12.42 10.81 -11.56
N ASP H 79 12.00 10.59 -12.80
CA ASP H 79 12.83 9.92 -13.80
C ASP H 79 13.31 10.85 -14.90
N THR H 80 12.45 11.75 -15.37
CA THR H 80 12.79 12.71 -16.41
C THR H 80 12.75 14.11 -15.83
N TYR H 81 13.83 14.86 -16.05
CA TYR H 81 13.94 16.24 -15.57
C TYR H 81 14.07 17.19 -16.75
N SER H 82 14.10 18.48 -16.42
CA SER H 82 14.29 19.53 -17.42
C SER H 82 14.85 20.74 -16.68
N PHE H 83 16.11 21.06 -16.94
CA PHE H 83 16.78 22.17 -16.26
C PHE H 83 16.77 23.40 -17.15
N TYR H 84 16.44 24.54 -16.56
CA TYR H 84 16.30 25.79 -17.29
C TYR H 84 17.14 26.87 -16.64
N MET H 85 17.82 27.66 -17.47
CA MET H 85 18.46 28.89 -17.04
C MET H 85 17.64 30.08 -17.51
N ASP H 86 18.04 31.26 -17.05
CA ASP H 86 17.42 32.51 -17.48
C ASP H 86 18.39 33.63 -17.20
N LEU H 87 18.88 34.28 -18.25
CA LEU H 87 19.88 35.34 -18.10
C LEU H 87 19.19 36.67 -18.36
N LYS H 88 18.65 37.26 -17.30
CA LYS H 88 17.95 38.53 -17.42
C LYS H 88 18.93 39.64 -17.78
N ALA H 89 18.44 40.65 -18.50
CA ALA H 89 19.21 41.84 -18.85
C ALA H 89 20.51 41.46 -19.55
N LEU H 90 20.37 40.82 -20.71
CA LEU H 90 21.53 40.36 -21.46
C LEU H 90 22.40 41.52 -21.88
N ARG H 91 23.72 41.34 -21.72
CA ARG H 91 24.68 42.39 -22.01
C ARG H 91 25.13 42.30 -23.47
N SER H 92 26.19 43.05 -23.82
CA SER H 92 26.63 43.12 -25.21
C SER H 92 27.52 41.93 -25.56
N ASP H 93 28.66 41.79 -24.90
CA ASP H 93 29.62 40.74 -25.23
C ASP H 93 29.42 39.50 -24.37
N ASP H 94 28.20 38.95 -24.41
CA ASP H 94 27.90 37.70 -23.74
C ASP H 94 27.43 36.62 -24.70
N THR H 95 27.63 36.83 -26.01
CA THR H 95 27.24 35.85 -27.01
C THR H 95 28.16 34.63 -26.89
N ALA H 96 27.62 33.53 -26.37
CA ALA H 96 28.44 32.35 -26.15
C ALA H 96 27.55 31.11 -26.12
N VAL H 97 28.19 29.96 -26.32
CA VAL H 97 27.49 28.68 -26.22
C VAL H 97 27.42 28.28 -24.76
N TYR H 98 26.30 27.66 -24.37
CA TYR H 98 26.05 27.29 -22.99
C TYR H 98 25.95 25.78 -22.89
N PHE H 99 26.72 25.19 -21.97
CA PHE H 99 26.84 23.75 -21.84
C PHE H 99 26.26 23.29 -20.51
N CYS H 100 25.49 22.21 -20.54
CA CYS H 100 25.04 21.53 -19.33
C CYS H 100 25.83 20.23 -19.19
N ALA H 101 26.40 20.01 -18.01
CA ALA H 101 27.21 18.84 -17.74
C ALA H 101 26.68 18.14 -16.49
N ARG H 102 27.30 17.01 -16.15
CA ARG H 102 26.91 16.20 -15.01
C ARG H 102 28.13 15.85 -14.18
N GLN H 103 27.95 15.81 -12.87
CA GLN H 103 29.04 15.48 -11.95
C GLN H 103 28.95 14.01 -11.58
N ARG H 104 30.08 13.30 -11.70
CA ARG H 104 30.12 11.87 -11.42
C ARG H 104 30.51 11.55 -9.99
N SER H 105 31.55 12.20 -9.47
CA SER H 105 32.05 11.90 -8.14
C SER H 105 32.50 13.20 -7.47
N ASP H 106 33.04 13.05 -6.27
CA ASP H 106 33.57 14.15 -5.46
C ASP H 106 34.90 14.64 -5.94
N TYR H 107 35.34 14.11 -7.08
CA TYR H 107 36.55 14.54 -7.75
C TYR H 107 36.28 15.67 -8.74
N TRP H 108 35.04 16.12 -8.81
CA TRP H 108 34.58 17.11 -9.78
C TRP H 108 35.00 16.74 -11.19
N ASP H 109 34.71 15.50 -11.56
CA ASP H 109 34.85 15.04 -12.93
C ASP H 109 33.50 15.04 -13.63
N PHE H 110 33.49 15.53 -14.87
CA PHE H 110 32.28 15.61 -15.67
C PHE H 110 32.41 14.64 -16.84
N ASP H 111 31.51 13.68 -16.93
CA ASP H 111 31.54 12.67 -17.98
C ASP H 111 30.55 13.00 -19.10
N VAL H 112 29.27 13.14 -18.76
CA VAL H 112 28.25 13.43 -19.76
C VAL H 112 28.19 14.93 -20.00
N TRP H 113 28.09 15.31 -21.26
CA TRP H 113 28.02 16.71 -21.64
C TRP H 113 26.86 16.93 -22.60
N GLY H 114 26.23 18.10 -22.50
CA GLY H 114 25.12 18.42 -23.37
C GLY H 114 25.55 18.81 -24.76
N SER H 115 24.57 18.92 -25.65
CA SER H 115 24.85 19.29 -27.03
C SER H 115 25.41 20.69 -27.13
N GLY H 116 24.87 21.63 -26.36
CA GLY H 116 25.31 23.01 -26.44
C GLY H 116 24.41 23.84 -27.32
N THR H 117 24.01 25.02 -26.83
CA THR H 117 23.10 25.90 -27.54
C THR H 117 23.82 27.21 -27.86
N GLN H 118 23.78 27.61 -29.12
CA GLN H 118 24.36 28.88 -29.53
C GLN H 118 23.38 30.00 -29.22
N VAL H 119 23.81 30.96 -28.42
CA VAL H 119 22.99 32.10 -28.04
C VAL H 119 23.74 33.37 -28.41
N THR H 120 23.12 34.23 -29.22
CA THR H 120 23.71 35.49 -29.64
C THR H 120 22.72 36.62 -29.35
N VAL H 121 23.25 37.75 -28.90
CA VAL H 121 22.45 38.93 -28.58
C VAL H 121 23.15 40.16 -29.18
N SER H 122 22.39 40.98 -29.89
CA SER H 122 22.91 42.20 -30.48
C SER H 122 21.74 43.00 -31.06
N SER H 123 22.02 44.25 -31.38
CA SER H 123 21.07 45.08 -32.11
C SER H 123 21.13 44.73 -33.59
N ALA H 124 20.56 45.57 -34.45
CA ALA H 124 20.51 45.32 -35.89
C ALA H 124 19.78 44.00 -36.18
N SER H 125 18.47 44.04 -35.89
CA SER H 125 17.64 42.84 -35.82
C SER H 125 17.53 42.12 -37.17
N THR H 126 16.76 41.03 -37.19
CA THR H 126 16.76 40.08 -38.29
C THR H 126 16.55 40.74 -39.64
N LYS H 127 17.37 40.34 -40.61
CA LYS H 127 17.29 40.85 -41.97
C LYS H 127 17.89 39.81 -42.91
N GLY H 128 17.63 39.99 -44.20
CA GLY H 128 18.12 39.06 -45.19
C GLY H 128 19.57 39.33 -45.55
N PRO H 129 20.13 38.45 -46.36
CA PRO H 129 21.52 38.62 -46.81
C PRO H 129 21.62 39.37 -48.13
N SER H 130 22.66 40.20 -48.23
CA SER H 130 22.99 40.90 -49.46
C SER H 130 24.43 40.59 -49.81
N VAL H 131 24.68 40.23 -51.07
CA VAL H 131 25.97 39.75 -51.52
C VAL H 131 26.54 40.76 -52.53
N PHE H 132 27.75 41.25 -52.26
CA PHE H 132 28.40 42.21 -53.12
C PHE H 132 29.58 41.57 -53.84
N PRO H 133 29.66 41.65 -55.16
CA PRO H 133 30.70 40.94 -55.89
C PRO H 133 32.07 41.59 -55.77
N LEU H 134 33.10 40.77 -56.02
CA LEU H 134 34.47 41.22 -56.20
C LEU H 134 34.92 40.84 -57.60
N ALA H 135 35.44 41.81 -58.35
CA ALA H 135 35.84 41.59 -59.73
C ALA H 135 37.34 41.40 -59.81
N PRO H 136 37.83 40.23 -60.21
CA PRO H 136 39.28 40.05 -60.35
C PRO H 136 39.83 40.90 -61.50
N SER H 137 41.09 41.28 -61.35
CA SER H 137 41.76 42.13 -62.33
C SER H 137 41.94 41.41 -63.66
N THR H 145 48.46 31.16 -59.72
CA THR H 145 47.04 31.00 -59.43
C THR H 145 46.43 32.31 -58.96
N ALA H 146 45.15 32.27 -58.61
CA ALA H 146 44.44 33.46 -58.13
C ALA H 146 43.33 32.97 -57.18
N ALA H 147 42.37 33.85 -56.91
CA ALA H 147 41.21 33.50 -56.11
C ALA H 147 40.01 34.27 -56.65
N LEU H 148 38.89 34.19 -55.92
CA LEU H 148 37.69 34.95 -56.25
C LEU H 148 36.75 34.87 -55.05
N GLY H 149 36.23 36.02 -54.63
CA GLY H 149 35.45 36.10 -53.42
C GLY H 149 34.06 36.65 -53.67
N CYS H 150 33.14 36.22 -52.80
CA CYS H 150 31.76 36.71 -52.77
C CYS H 150 31.48 37.15 -51.33
N LEU H 151 31.76 38.43 -51.05
CA LEU H 151 31.62 38.96 -49.70
C LEU H 151 30.15 38.97 -49.30
N VAL H 152 29.81 38.18 -48.28
CA VAL H 152 28.44 38.10 -47.77
C VAL H 152 28.33 39.17 -46.69
N LYS H 153 28.03 40.40 -47.12
CA LYS H 153 27.98 41.52 -46.20
C LYS H 153 26.60 41.62 -45.54
N ASP H 154 26.49 42.60 -44.62
CA ASP H 154 25.26 43.15 -44.06
C ASP H 154 24.12 42.15 -43.90
N TYR H 155 24.35 41.08 -43.14
CA TYR H 155 23.29 40.13 -42.81
C TYR H 155 23.36 39.79 -41.32
N PHE H 156 22.19 39.52 -40.74
CA PHE H 156 22.07 39.10 -39.36
C PHE H 156 20.77 38.32 -39.21
N PRO H 157 20.74 37.24 -38.43
CA PRO H 157 21.90 36.66 -37.75
C PRO H 157 22.47 35.43 -38.43
N GLU H 158 23.43 34.78 -37.79
CA GLU H 158 24.04 33.58 -38.32
C GLU H 158 23.05 32.41 -38.28
N PRO H 159 23.24 31.39 -39.13
CA PRO H 159 24.24 31.27 -40.20
C PRO H 159 23.66 31.36 -41.61
N VAL H 160 24.53 31.39 -42.62
CA VAL H 160 24.12 31.42 -44.01
C VAL H 160 24.86 30.33 -44.77
N THR H 161 24.15 29.61 -45.63
CA THR H 161 24.79 28.65 -46.51
C THR H 161 25.57 29.37 -47.61
N VAL H 162 26.67 28.74 -48.04
CA VAL H 162 27.51 29.28 -49.09
C VAL H 162 27.85 28.16 -50.07
N SER H 163 27.76 28.46 -51.36
CA SER H 163 28.08 27.49 -52.40
C SER H 163 28.31 28.23 -53.72
N TRP H 164 29.07 27.59 -54.60
CA TRP H 164 29.40 28.14 -55.91
C TRP H 164 28.88 27.21 -56.99
N ASN H 165 28.26 27.81 -58.02
CA ASN H 165 27.80 27.07 -59.20
C ASN H 165 26.91 25.89 -58.80
N SER H 166 25.92 26.19 -57.96
CA SER H 166 25.02 25.18 -57.40
C SER H 166 25.79 24.09 -56.65
N GLY H 167 26.92 24.47 -56.06
CA GLY H 167 27.78 23.52 -55.37
C GLY H 167 28.60 22.64 -56.26
N ALA H 168 28.48 22.77 -57.57
CA ALA H 168 29.23 21.89 -58.48
C ALA H 168 30.71 22.25 -58.50
N LEU H 169 31.04 23.53 -58.59
CA LEU H 169 32.42 23.99 -58.70
C LEU H 169 32.84 24.53 -57.35
N THR H 170 33.67 23.76 -56.64
CA THR H 170 34.14 24.13 -55.31
C THR H 170 35.65 23.88 -55.24
N SER H 171 36.36 24.36 -56.27
CA SER H 171 37.78 24.09 -56.41
C SER H 171 38.56 24.87 -55.38
N GLY H 172 39.05 24.17 -54.35
CA GLY H 172 39.90 24.77 -53.34
C GLY H 172 39.22 25.87 -52.55
N VAL H 173 38.00 25.61 -52.08
CA VAL H 173 37.24 26.62 -51.36
C VAL H 173 37.93 26.95 -50.04
N HIS H 174 37.78 28.20 -49.60
CA HIS H 174 38.28 28.66 -48.31
C HIS H 174 37.23 29.61 -47.74
N THR H 175 36.31 29.05 -46.96
CA THR H 175 35.23 29.83 -46.33
C THR H 175 35.72 30.28 -44.96
N PHE H 176 36.14 31.53 -44.87
CA PHE H 176 36.61 32.06 -43.61
C PHE H 176 35.46 32.18 -42.61
N PRO H 177 35.72 31.95 -41.33
CA PRO H 177 34.65 32.02 -40.32
C PRO H 177 34.06 33.42 -40.26
N ALA H 178 32.77 33.47 -39.92
CA ALA H 178 32.01 34.72 -39.93
C ALA H 178 32.54 35.66 -38.84
N VAL H 179 33.23 36.71 -39.26
CA VAL H 179 33.70 37.74 -38.35
C VAL H 179 32.64 38.83 -38.27
N LEU H 180 32.33 39.26 -37.05
CA LEU H 180 31.28 40.24 -36.81
C LEU H 180 31.88 41.62 -36.59
N GLN H 181 31.27 42.63 -37.19
CA GLN H 181 31.76 44.00 -37.08
C GLN H 181 31.05 44.70 -35.92
N SER H 182 31.25 46.02 -35.81
CA SER H 182 30.60 46.78 -34.76
C SER H 182 29.09 46.89 -35.00
N SER H 183 28.69 46.97 -36.26
CA SER H 183 27.29 47.19 -36.62
C SER H 183 26.39 46.01 -36.26
N GLY H 184 26.96 44.86 -35.91
CA GLY H 184 26.15 43.69 -35.65
C GLY H 184 25.71 42.95 -36.90
N LEU H 185 26.19 43.34 -38.06
CA LEU H 185 25.89 42.67 -39.31
C LEU H 185 27.06 41.77 -39.68
N TYR H 186 26.80 40.46 -39.79
CA TYR H 186 27.87 39.51 -40.01
C TYR H 186 28.43 39.63 -41.42
N SER H 187 29.70 39.28 -41.57
CA SER H 187 30.37 39.31 -42.86
C SER H 187 31.49 38.29 -42.86
N LEU H 188 31.50 37.43 -43.88
CA LEU H 188 32.54 36.43 -44.04
C LEU H 188 33.00 36.41 -45.49
N SER H 189 34.26 36.04 -45.70
CA SER H 189 34.86 35.97 -47.02
C SER H 189 35.02 34.51 -47.43
N SER H 190 34.54 34.17 -48.61
CA SER H 190 34.63 32.83 -49.15
C SER H 190 35.31 32.90 -50.52
N VAL H 191 36.41 32.16 -50.67
CA VAL H 191 37.18 32.15 -51.90
C VAL H 191 37.42 30.72 -52.35
N VAL H 192 37.74 30.58 -53.64
CA VAL H 192 38.02 29.29 -54.25
C VAL H 192 39.27 29.42 -55.11
N THR H 193 40.13 28.40 -55.05
CA THR H 193 41.36 28.42 -55.84
C THR H 193 41.02 28.39 -57.33
N VAL H 194 41.69 29.25 -58.10
CA VAL H 194 41.46 29.34 -59.54
C VAL H 194 42.79 29.55 -60.24
N PRO H 195 42.88 29.15 -61.51
CA PRO H 195 44.13 29.28 -62.26
C PRO H 195 44.59 30.73 -62.36
N SER H 196 45.82 30.89 -62.85
CA SER H 196 46.43 32.22 -62.89
C SER H 196 46.00 33.00 -64.13
N SER H 197 46.34 32.50 -65.32
CA SER H 197 46.14 33.26 -66.54
C SER H 197 44.73 33.12 -67.12
N SER H 198 43.92 32.18 -66.60
CA SER H 198 42.61 31.94 -67.17
C SER H 198 41.55 32.90 -66.65
N LEU H 199 41.82 33.65 -65.59
CA LEU H 199 40.82 34.52 -65.00
C LEU H 199 40.74 35.85 -65.74
N GLY H 200 39.66 36.58 -65.48
CA GLY H 200 39.33 37.77 -66.22
C GLY H 200 38.36 37.55 -67.35
N THR H 201 38.10 36.29 -67.71
CA THR H 201 37.17 35.99 -68.80
C THR H 201 36.13 34.97 -68.37
N GLN H 202 36.45 34.14 -67.37
CA GLN H 202 35.52 33.14 -66.88
C GLN H 202 34.50 33.78 -65.94
N THR H 203 33.30 33.18 -65.89
CA THR H 203 32.20 33.69 -65.11
C THR H 203 31.77 32.65 -64.09
N TYR H 204 31.54 33.10 -62.85
CA TYR H 204 31.12 32.22 -61.76
C TYR H 204 29.85 32.79 -61.12
N ILE H 205 29.23 31.99 -60.27
CA ILE H 205 28.03 32.39 -59.55
C ILE H 205 28.14 31.94 -58.10
N CYS H 206 27.66 32.80 -57.19
CA CYS H 206 27.59 32.49 -55.76
C CYS H 206 26.14 32.51 -55.31
N ASN H 207 25.72 31.45 -54.63
CA ASN H 207 24.37 31.32 -54.11
C ASN H 207 24.42 31.14 -52.61
N VAL H 208 23.55 31.86 -51.89
CA VAL H 208 23.49 31.80 -50.43
C VAL H 208 22.03 31.70 -50.00
N ASN H 209 21.84 31.25 -48.76
CA ASN H 209 20.53 31.20 -48.13
C ASN H 209 20.67 31.56 -46.67
N HIS H 210 19.77 32.42 -46.18
CA HIS H 210 19.75 32.84 -44.77
C HIS H 210 18.49 32.28 -44.13
N LYS H 211 18.64 31.15 -43.43
CA LYS H 211 17.50 30.52 -42.79
C LYS H 211 16.75 31.43 -41.82
N PRO H 212 17.40 32.23 -40.96
CA PRO H 212 16.62 33.11 -40.08
C PRO H 212 15.72 34.09 -40.82
N SER H 213 16.11 34.53 -42.01
CA SER H 213 15.26 35.41 -42.81
C SER H 213 14.64 34.74 -44.02
N ASN H 214 15.15 33.58 -44.44
CA ASN H 214 14.58 32.78 -45.53
C ASN H 214 14.49 33.60 -46.82
N THR H 215 15.65 34.01 -47.32
CA THR H 215 15.74 34.75 -48.57
C THR H 215 17.02 34.35 -49.29
N LYS H 216 16.88 33.98 -50.56
CA LYS H 216 18.00 33.54 -51.38
C LYS H 216 18.29 34.58 -52.44
N VAL H 217 19.56 34.94 -52.61
CA VAL H 217 20.00 35.86 -53.65
C VAL H 217 21.13 35.19 -54.41
N ASP H 218 21.00 35.11 -55.73
CA ASP H 218 22.01 34.53 -56.60
C ASP H 218 22.78 35.64 -57.29
N LYS H 219 24.10 35.61 -57.17
CA LYS H 219 24.96 36.68 -57.68
C LYS H 219 25.83 36.13 -58.80
N LYS H 220 25.90 36.87 -59.91
CA LYS H 220 26.68 36.49 -61.08
C LYS H 220 27.94 37.34 -61.08
N VAL H 221 29.02 36.79 -60.51
CA VAL H 221 30.26 37.54 -60.40
C VAL H 221 30.93 37.62 -61.77
N GLU H 222 31.36 38.82 -62.15
CA GLU H 222 31.98 39.11 -63.43
C GLU H 222 33.25 39.89 -63.23
N PRO H 223 34.21 39.80 -64.17
CA PRO H 223 35.47 40.54 -64.08
C PRO H 223 35.27 42.05 -64.08
N ASP I 1 42.33 29.58 -2.42
CA ASP I 1 43.21 30.09 -3.47
C ASP I 1 43.86 28.94 -4.24
N ILE I 2 43.44 28.74 -5.48
CA ILE I 2 43.96 27.69 -6.35
C ILE I 2 44.52 28.35 -7.60
N GLN I 3 45.81 28.14 -7.86
CA GLN I 3 46.47 28.75 -9.00
C GLN I 3 46.60 27.74 -10.13
N MET I 4 46.53 28.26 -11.36
CA MET I 4 46.56 27.44 -12.56
C MET I 4 47.61 27.97 -13.52
N THR I 5 48.27 27.05 -14.23
CA THR I 5 49.20 27.40 -15.28
C THR I 5 49.03 26.38 -16.41
N GLN I 6 49.89 26.47 -17.41
CA GLN I 6 49.78 25.60 -18.57
C GLN I 6 51.12 25.54 -19.28
N SER I 7 51.27 24.52 -20.12
CA SER I 7 52.35 24.43 -21.10
C SER I 7 52.27 25.66 -22.00
N PRO I 8 53.31 25.98 -22.78
CA PRO I 8 53.26 27.20 -23.62
C PRO I 8 52.09 27.22 -24.60
N SER I 9 51.39 26.10 -24.74
CA SER I 9 50.12 25.96 -25.45
C SER I 9 50.25 26.15 -26.96
N SER I 10 51.42 26.50 -27.46
CA SER I 10 51.67 26.61 -28.89
C SER I 10 52.60 25.45 -29.24
N LEU I 11 52.02 24.28 -29.48
CA LEU I 11 52.78 23.07 -29.73
C LEU I 11 52.25 22.38 -30.97
N SER I 12 53.13 21.62 -31.63
CA SER I 12 52.77 20.86 -32.81
C SER I 12 53.60 19.60 -32.85
N ALA I 13 53.09 18.59 -33.56
CA ALA I 13 53.76 17.31 -33.64
C ALA I 13 53.36 16.60 -34.92
N SER I 14 54.16 15.61 -35.30
CA SER I 14 53.90 14.83 -36.51
C SER I 14 53.06 13.59 -36.17
N VAL I 15 52.67 12.88 -37.22
CA VAL I 15 51.88 11.66 -37.05
C VAL I 15 52.73 10.59 -36.38
N GLY I 16 52.10 9.81 -35.50
CA GLY I 16 52.79 8.72 -34.83
C GLY I 16 53.89 9.17 -33.90
N ASP I 17 53.63 10.18 -33.08
CA ASP I 17 54.64 10.68 -32.16
C ASP I 17 54.09 10.70 -30.73
N THR I 18 54.85 11.27 -29.80
CA THR I 18 54.44 11.41 -28.41
C THR I 18 54.74 12.83 -27.97
N VAL I 19 53.77 13.46 -27.29
CA VAL I 19 53.90 14.83 -26.84
C VAL I 19 53.53 14.91 -25.37
N THR I 20 54.07 15.91 -24.70
CA THR I 20 53.88 16.10 -23.27
C THR I 20 53.31 17.49 -23.01
N ILE I 21 52.34 17.58 -22.10
CA ILE I 21 51.76 18.84 -21.67
C ILE I 21 51.88 18.93 -20.16
N THR I 22 51.93 20.16 -19.66
CA THR I 22 52.22 20.40 -18.25
C THR I 22 51.14 21.27 -17.62
N CYS I 23 50.66 20.85 -16.44
CA CYS I 23 49.76 21.65 -15.63
C CYS I 23 50.26 21.64 -14.19
N GLN I 24 50.27 22.81 -13.57
CA GLN I 24 50.65 22.94 -12.17
C GLN I 24 49.40 23.29 -11.38
N ALA I 25 49.10 22.49 -10.36
CA ALA I 25 47.87 22.67 -9.60
C ALA I 25 48.05 22.03 -8.23
N ASN I 26 47.12 22.36 -7.33
CA ASN I 26 47.11 21.86 -5.97
C ASN I 26 45.73 21.34 -5.60
N GLY I 27 45.12 20.61 -6.52
CA GLY I 27 43.81 20.03 -6.30
C GLY I 27 43.65 18.78 -7.11
N TYR I 28 42.43 18.53 -7.58
CA TYR I 28 42.12 17.38 -8.41
C TYR I 28 42.06 17.82 -9.87
N LEU I 29 42.75 17.10 -10.74
CA LEU I 29 42.86 17.45 -12.15
C LEU I 29 42.12 16.42 -12.99
N ASN I 30 41.29 16.91 -13.90
CA ASN I 30 40.59 16.07 -14.87
C ASN I 30 40.87 16.61 -16.26
N TRP I 31 41.46 15.77 -17.11
CA TRP I 31 41.85 16.19 -18.45
C TRP I 31 40.66 16.11 -19.39
N TYR I 32 40.40 17.19 -20.11
CA TYR I 32 39.32 17.26 -21.09
C TYR I 32 39.91 17.60 -22.45
N GLN I 33 39.51 16.85 -23.47
CA GLN I 33 39.85 17.16 -24.85
C GLN I 33 38.59 17.63 -25.57
N GLN I 34 38.74 18.64 -26.42
CA GLN I 34 37.62 19.27 -27.07
C GLN I 34 37.89 19.45 -28.56
N ARG I 35 36.86 19.23 -29.37
CA ARG I 35 36.94 19.47 -30.80
C ARG I 35 36.67 20.95 -31.07
N ARG I 36 36.47 21.30 -32.34
CA ARG I 36 36.15 22.67 -32.72
C ARG I 36 34.64 22.85 -32.67
N GLY I 37 34.17 23.69 -31.76
CA GLY I 37 32.75 23.93 -31.62
C GLY I 37 31.96 22.70 -31.22
N LYS I 38 32.50 21.91 -30.29
CA LYS I 38 31.84 20.70 -29.83
C LYS I 38 32.02 20.58 -28.32
N ALA I 39 31.12 19.86 -27.68
CA ALA I 39 31.21 19.67 -26.24
C ALA I 39 32.48 18.90 -25.88
N PRO I 40 33.29 19.41 -24.96
CA PRO I 40 34.52 18.70 -24.60
C PRO I 40 34.22 17.37 -23.95
N LYS I 41 35.16 16.43 -24.10
CA LYS I 41 35.02 15.08 -23.58
C LYS I 41 36.06 14.84 -22.49
N LEU I 42 35.62 14.21 -21.41
CA LEU I 42 36.54 13.87 -20.33
C LEU I 42 37.52 12.80 -20.80
N LEU I 43 38.79 13.02 -20.51
CA LEU I 43 39.85 12.13 -20.99
C LEU I 43 40.55 11.39 -19.85
N ILE I 44 41.14 12.14 -18.91
CA ILE I 44 41.85 11.54 -17.79
C ILE I 44 41.46 12.32 -16.53
N TYR I 45 41.03 11.61 -15.50
CA TYR I 45 40.66 12.22 -14.23
C TYR I 45 41.56 11.69 -13.13
N ASP I 46 41.78 12.52 -12.11
CA ASP I 46 42.66 12.25 -10.98
C ASP I 46 44.13 12.21 -11.38
N GLY I 47 44.47 12.78 -12.52
CA GLY I 47 45.86 12.80 -12.94
C GLY I 47 46.30 11.55 -13.67
N SER I 48 46.15 10.39 -13.03
CA SER I 48 46.64 9.14 -13.59
C SER I 48 45.56 8.12 -13.90
N LYS I 49 44.42 8.16 -13.20
CA LYS I 49 43.35 7.22 -13.48
C LYS I 49 42.79 7.45 -14.89
N LEU I 50 42.52 6.36 -15.60
CA LEU I 50 42.12 6.41 -16.99
C LEU I 50 40.66 6.00 -17.12
N GLU I 51 39.88 6.82 -17.82
CA GLU I 51 38.44 6.64 -17.89
C GLU I 51 38.07 5.47 -18.79
N ARG I 52 36.96 4.82 -18.45
CA ARG I 52 36.43 3.74 -19.29
C ARG I 52 36.05 4.26 -20.67
N GLY I 53 36.32 3.45 -21.68
CA GLY I 53 36.11 3.84 -23.07
C GLY I 53 37.04 4.91 -23.57
N VAL I 54 38.31 4.83 -23.20
CA VAL I 54 39.33 5.80 -23.64
C VAL I 54 40.46 5.03 -24.31
N PRO I 55 41.03 5.51 -25.41
CA PRO I 55 42.15 4.82 -26.02
C PRO I 55 43.31 4.67 -25.05
N SER I 56 44.00 3.54 -25.13
CA SER I 56 45.06 3.22 -24.19
C SER I 56 46.32 4.06 -24.39
N ARG I 57 46.39 4.83 -25.47
CA ARG I 57 47.59 5.61 -25.76
C ARG I 57 47.84 6.69 -24.72
N PHE I 58 46.83 7.11 -23.97
CA PHE I 58 46.99 8.18 -23.01
C PHE I 58 47.66 7.68 -21.73
N SER I 59 48.21 8.62 -20.97
CA SER I 59 48.90 8.29 -19.73
C SER I 59 48.85 9.49 -18.80
N GLY I 60 49.06 9.22 -17.51
CA GLY I 60 49.07 10.27 -16.51
C GLY I 60 50.15 10.08 -15.47
N ARG I 61 50.99 11.10 -15.28
CA ARG I 61 52.17 11.01 -14.43
C ARG I 61 52.01 11.98 -13.27
N ARG I 62 51.49 11.48 -12.15
CA ARG I 62 51.33 12.29 -10.94
C ARG I 62 52.67 12.34 -10.21
N TRP I 63 53.38 13.46 -10.34
CA TRP I 63 54.65 13.65 -9.65
C TRP I 63 54.65 15.02 -8.99
N GLY I 64 54.67 15.04 -7.66
CA GLY I 64 54.69 16.28 -6.92
C GLY I 64 53.49 17.13 -7.27
N GLN I 65 53.74 18.34 -7.75
CA GLN I 65 52.68 19.20 -8.26
C GLN I 65 52.58 19.21 -9.78
N GLU I 66 53.65 18.81 -10.48
CA GLU I 66 53.63 18.76 -11.92
C GLU I 66 52.67 17.69 -12.42
N TYR I 67 52.17 17.86 -13.64
CA TYR I 67 51.24 16.92 -14.23
C TYR I 67 51.60 16.70 -15.69
N ASN I 68 51.37 15.48 -16.17
CA ASN I 68 51.70 15.09 -17.53
C ASN I 68 50.53 14.36 -18.17
N LEU I 69 50.43 14.49 -19.49
CA LEU I 69 49.45 13.77 -20.28
C LEU I 69 50.12 13.44 -21.61
N THR I 70 50.73 12.26 -21.67
CA THR I 70 51.48 11.82 -22.84
C THR I 70 50.60 10.93 -23.71
N ILE I 71 50.46 11.31 -24.97
CA ILE I 71 49.67 10.56 -25.96
C ILE I 71 50.64 9.82 -26.87
N ASN I 72 50.35 8.55 -27.11
CA ASN I 72 51.19 7.73 -27.97
C ASN I 72 50.72 7.82 -29.42
N ASN I 73 51.61 7.43 -30.34
CA ASN I 73 51.35 7.24 -31.77
C ASN I 73 50.35 8.24 -32.33
N LEU I 74 50.68 9.53 -32.25
CA LEU I 74 49.78 10.61 -32.64
C LEU I 74 49.14 10.35 -34.00
N GLN I 75 47.81 10.25 -34.00
CA GLN I 75 46.99 10.04 -35.16
C GLN I 75 46.32 11.34 -35.59
N PRO I 76 45.87 11.43 -36.84
CA PRO I 76 45.22 12.68 -37.27
C PRO I 76 44.00 13.06 -36.46
N GLU I 77 43.25 12.09 -35.93
CA GLU I 77 42.07 12.42 -35.14
C GLU I 77 42.44 13.05 -33.79
N ASP I 78 43.69 12.90 -33.35
CA ASP I 78 44.12 13.50 -32.09
C ASP I 78 44.22 15.02 -32.17
N ILE I 79 44.13 15.60 -33.36
CA ILE I 79 44.27 17.04 -33.53
C ILE I 79 43.06 17.74 -32.93
N ALA I 80 43.26 18.35 -31.76
CA ALA I 80 42.19 19.03 -31.04
C ALA I 80 42.83 19.96 -30.00
N THR I 81 42.03 20.45 -29.07
CA THR I 81 42.51 21.28 -27.98
C THR I 81 42.38 20.53 -26.67
N TYR I 82 43.34 20.79 -25.76
CA TYR I 82 43.42 20.06 -24.50
C TYR I 82 43.63 21.04 -23.36
N PHE I 83 42.95 20.78 -22.24
CA PHE I 83 43.09 21.62 -21.06
C PHE I 83 42.85 20.78 -19.81
N CYS I 84 43.41 21.24 -18.70
CA CYS I 84 43.27 20.56 -17.41
C CYS I 84 42.28 21.33 -16.56
N GLN I 85 41.35 20.60 -15.94
CA GLN I 85 40.25 21.21 -15.22
C GLN I 85 40.33 20.83 -13.74
N VAL I 86 40.13 21.83 -12.89
CA VAL I 86 40.18 21.70 -11.44
C VAL I 86 38.76 22.09 -11.03
N TYR I 87 38.46 22.16 -9.73
CA TYR I 87 37.12 22.51 -9.27
C TYR I 87 36.50 23.65 -10.07
N GLU I 88 37.09 24.83 -10.01
CA GLU I 88 36.48 26.01 -10.59
C GLU I 88 37.31 26.58 -11.73
N PHE I 89 38.59 26.81 -11.50
CA PHE I 89 39.45 27.41 -12.51
C PHE I 89 39.64 26.47 -13.68
N VAL I 90 39.59 27.02 -14.89
CA VAL I 90 39.86 26.26 -16.11
C VAL I 90 40.86 27.04 -16.94
N VAL I 91 41.94 26.38 -17.32
CA VAL I 91 43.05 27.01 -18.05
C VAL I 91 42.60 27.33 -19.47
N PRO I 92 43.27 28.28 -20.15
CA PRO I 92 42.89 28.56 -21.55
C PRO I 92 42.95 27.34 -22.45
N GLY I 93 43.90 26.45 -22.21
CA GLY I 93 44.02 25.23 -22.99
C GLY I 93 45.28 25.21 -23.83
N THR I 94 45.30 24.26 -24.77
CA THR I 94 46.42 24.07 -25.67
C THR I 94 45.91 23.89 -27.10
N ARG I 95 46.75 24.24 -28.06
CA ARG I 95 46.44 24.08 -29.48
C ARG I 95 47.38 23.03 -30.07
N LEU I 96 46.80 22.00 -30.69
CA LEU I 96 47.57 20.90 -31.27
C LEU I 96 47.25 20.77 -32.74
N ASP I 97 48.29 20.62 -33.56
CA ASP I 97 48.13 20.48 -35.00
C ASP I 97 49.39 19.88 -35.59
N LEU I 98 49.31 19.50 -36.87
CA LEU I 98 50.46 18.94 -37.57
C LEU I 98 51.51 20.02 -37.81
N LYS I 99 52.73 19.57 -38.09
CA LYS I 99 53.89 20.46 -38.06
C LYS I 99 54.66 20.44 -39.37
N ARG I 100 55.46 21.48 -39.56
CA ARG I 100 56.57 21.53 -40.51
C ARG I 100 56.12 21.62 -41.97
N THR I 101 54.81 21.59 -42.22
CA THR I 101 54.30 21.62 -43.59
C THR I 101 54.42 23.04 -44.13
N VAL I 102 55.64 23.41 -44.51
CA VAL I 102 55.93 24.76 -44.95
C VAL I 102 55.34 25.00 -46.33
N ALA I 103 54.81 26.21 -46.53
CA ALA I 103 54.27 26.62 -47.82
C ALA I 103 54.27 28.15 -47.88
N ALA I 104 54.70 28.69 -49.00
CA ALA I 104 54.83 30.14 -49.13
C ALA I 104 53.45 30.77 -49.37
N PRO I 105 53.09 31.79 -48.62
CA PRO I 105 51.82 32.49 -48.87
C PRO I 105 51.88 33.30 -50.16
N SER I 106 50.71 33.76 -50.58
CA SER I 106 50.57 34.57 -51.78
C SER I 106 49.50 35.63 -51.53
N VAL I 107 49.92 36.90 -51.49
CA VAL I 107 48.97 37.99 -51.33
C VAL I 107 48.08 38.07 -52.57
N PHE I 108 46.77 38.16 -52.36
CA PHE I 108 45.81 38.18 -53.45
C PHE I 108 44.83 39.32 -53.21
N ILE I 109 44.85 40.31 -54.09
CA ILE I 109 44.05 41.52 -53.96
C ILE I 109 43.06 41.57 -55.12
N PHE I 110 41.80 41.89 -54.81
CA PHE I 110 40.74 41.92 -55.80
C PHE I 110 39.92 43.19 -55.66
N PRO I 111 40.17 44.21 -56.49
CA PRO I 111 39.40 45.44 -56.42
C PRO I 111 37.93 45.17 -56.70
N PRO I 112 37.03 45.78 -55.95
CA PRO I 112 35.59 45.55 -56.13
C PRO I 112 34.99 46.47 -57.18
N SER I 113 33.69 46.29 -57.40
CA SER I 113 32.94 47.16 -58.28
C SER I 113 32.56 48.45 -57.55
N ASP I 114 32.02 49.39 -58.32
CA ASP I 114 31.59 50.67 -57.78
C ASP I 114 30.18 50.59 -57.21
N GLU I 115 29.55 49.41 -57.27
CA GLU I 115 28.15 49.28 -56.87
C GLU I 115 27.96 49.60 -55.39
N GLN I 116 28.84 49.11 -54.52
CA GLN I 116 28.67 49.34 -53.09
C GLN I 116 28.93 50.79 -52.72
N LEU I 117 29.72 51.50 -53.51
CA LEU I 117 29.93 52.93 -53.25
C LEU I 117 28.66 53.73 -53.47
N LYS I 118 27.78 53.26 -54.37
CA LYS I 118 26.48 53.90 -54.53
C LYS I 118 25.68 53.85 -53.23
N SER I 119 25.81 52.75 -52.48
CA SER I 119 25.24 52.64 -51.15
C SER I 119 26.14 53.28 -50.09
N GLY I 120 27.11 54.09 -50.49
CA GLY I 120 27.95 54.80 -49.54
C GLY I 120 28.82 53.90 -48.68
N THR I 121 29.45 52.89 -49.29
CA THR I 121 30.29 51.98 -48.54
C THR I 121 31.38 51.43 -49.47
N ALA I 122 32.58 51.29 -48.92
CA ALA I 122 33.72 50.72 -49.64
C ALA I 122 34.26 49.53 -48.84
N SER I 123 34.69 48.49 -49.55
CA SER I 123 35.17 47.27 -48.90
C SER I 123 36.14 46.56 -49.85
N VAL I 124 37.39 46.42 -49.42
CA VAL I 124 38.41 45.70 -50.16
C VAL I 124 39.14 44.77 -49.18
N VAL I 125 39.67 43.66 -49.70
CA VAL I 125 40.23 42.61 -48.86
C VAL I 125 41.63 42.24 -49.35
N CYS I 126 42.54 42.03 -48.40
CA CYS I 126 43.85 41.44 -48.67
C CYS I 126 43.85 39.99 -48.19
N LEU I 127 44.23 39.08 -49.08
CA LEU I 127 44.12 37.65 -48.81
C LEU I 127 45.51 37.02 -48.74
N LEU I 128 45.71 36.17 -47.74
CA LEU I 128 46.94 35.41 -47.55
C LEU I 128 46.58 33.93 -47.53
N ASN I 129 47.02 33.19 -48.55
CA ASN I 129 46.55 31.83 -48.76
C ASN I 129 47.71 30.85 -48.80
N ASN I 130 47.45 29.65 -48.30
CA ASN I 130 48.35 28.50 -48.41
C ASN I 130 49.71 28.80 -47.78
N PHE I 131 49.69 28.97 -46.46
CA PHE I 131 50.89 29.32 -45.72
C PHE I 131 50.91 28.59 -44.38
N TYR I 132 52.12 28.47 -43.82
CA TYR I 132 52.36 27.87 -42.52
C TYR I 132 53.80 28.18 -42.16
N PRO I 133 54.11 28.60 -40.92
CA PRO I 133 53.29 28.77 -39.73
C PRO I 133 52.32 29.95 -39.77
N ARG I 134 51.38 29.97 -38.82
CA ARG I 134 50.33 30.98 -38.81
C ARG I 134 50.89 32.38 -38.61
N GLU I 135 51.90 32.52 -37.74
CA GLU I 135 52.34 33.85 -37.35
C GLU I 135 52.96 34.58 -38.51
N ALA I 136 52.53 35.83 -38.70
CA ALA I 136 52.98 36.70 -39.78
C ALA I 136 52.39 38.08 -39.52
N LYS I 137 52.72 39.04 -40.38
CA LYS I 137 52.19 40.38 -40.27
C LYS I 137 51.54 40.77 -41.58
N VAL I 138 50.26 41.15 -41.51
CA VAL I 138 49.48 41.55 -42.69
C VAL I 138 48.90 42.93 -42.42
N GLN I 139 49.16 43.86 -43.32
CA GLN I 139 48.74 45.25 -43.11
C GLN I 139 48.40 45.88 -44.45
N TRP I 140 47.67 47.00 -44.36
CA TRP I 140 47.32 47.81 -45.52
C TRP I 140 48.14 49.08 -45.52
N LYS I 141 48.28 49.67 -46.71
CA LYS I 141 48.98 50.95 -46.85
C LYS I 141 48.37 51.72 -47.99
N VAL I 142 48.24 53.03 -47.79
CA VAL I 142 47.69 53.93 -48.81
C VAL I 142 48.85 54.71 -49.40
N ASP I 143 49.21 54.36 -50.65
CA ASP I 143 50.43 54.89 -51.28
C ASP I 143 51.64 54.71 -50.36
N ASN I 144 51.72 53.52 -49.74
CA ASN I 144 52.79 53.17 -48.82
C ASN I 144 52.81 54.13 -47.62
N ALA I 145 51.73 54.09 -46.84
CA ALA I 145 51.60 54.86 -45.62
C ALA I 145 50.94 53.99 -44.55
N LEU I 146 51.13 54.38 -43.29
CA LEU I 146 50.61 53.59 -42.19
C LEU I 146 49.09 53.46 -42.25
N GLN I 147 48.59 52.27 -41.97
CA GLN I 147 47.16 52.02 -41.88
C GLN I 147 46.92 50.95 -40.83
N SER I 148 46.17 51.29 -39.78
CA SER I 148 45.92 50.36 -38.69
C SER I 148 44.56 50.69 -38.07
N GLY I 149 44.04 49.73 -37.30
CA GLY I 149 42.77 49.93 -36.63
C GLY I 149 41.58 50.07 -37.55
N ASN I 150 41.68 49.57 -38.78
CA ASN I 150 40.60 49.71 -39.74
C ASN I 150 40.37 48.44 -40.57
N SER I 151 40.98 47.32 -40.21
CA SER I 151 40.80 46.07 -40.93
C SER I 151 40.42 44.97 -39.95
N GLN I 152 39.64 44.02 -40.45
CA GLN I 152 39.19 42.87 -39.67
C GLN I 152 39.74 41.60 -40.31
N GLU I 153 40.51 40.84 -39.54
CA GLU I 153 41.25 39.70 -40.06
C GLU I 153 40.63 38.40 -39.59
N SER I 154 40.46 37.46 -40.51
CA SER I 154 39.92 36.14 -40.22
C SER I 154 40.82 35.08 -40.82
N VAL I 155 40.93 33.95 -40.12
CA VAL I 155 41.75 32.82 -40.55
C VAL I 155 40.88 31.57 -40.54
N THR I 156 40.87 30.84 -41.65
CA THR I 156 40.13 29.58 -41.71
C THR I 156 40.80 28.54 -40.82
N GLU I 157 40.11 27.41 -40.67
CA GLU I 157 40.67 26.29 -39.92
C GLU I 157 41.92 25.77 -40.63
N GLN I 158 42.67 24.92 -39.93
CA GLN I 158 43.86 24.32 -40.51
C GLN I 158 43.49 23.56 -41.78
N ASP I 159 44.24 23.80 -42.85
CA ASP I 159 43.93 23.18 -44.12
C ASP I 159 44.19 21.68 -44.04
N SER I 160 43.16 20.89 -44.35
CA SER I 160 43.21 19.45 -44.10
C SER I 160 44.25 18.77 -44.97
N LYS I 161 44.24 19.07 -46.28
CA LYS I 161 45.06 18.30 -47.21
C LYS I 161 46.54 18.59 -47.03
N ASP I 162 46.94 19.85 -47.22
CA ASP I 162 48.35 20.22 -47.20
C ASP I 162 48.84 20.62 -45.82
N SER I 163 48.00 20.53 -44.79
CA SER I 163 48.37 20.93 -43.42
C SER I 163 48.89 22.36 -43.39
N THR I 164 48.24 23.23 -44.15
CA THR I 164 48.59 24.63 -44.28
C THR I 164 47.53 25.50 -43.62
N TYR I 165 47.64 26.81 -43.81
CA TYR I 165 46.69 27.78 -43.27
C TYR I 165 46.33 28.78 -44.35
N SER I 166 45.47 29.73 -44.00
CA SER I 166 45.04 30.77 -44.93
C SER I 166 44.49 31.94 -44.11
N LEU I 167 45.03 33.13 -44.34
CA LEU I 167 44.65 34.32 -43.60
C LEU I 167 43.96 35.31 -44.51
N SER I 168 42.88 35.91 -44.00
CA SER I 168 42.15 36.95 -44.72
C SER I 168 42.29 38.26 -43.97
N SER I 169 42.39 39.36 -44.72
CA SER I 169 42.51 40.70 -44.15
C SER I 169 41.55 41.62 -44.91
N THR I 170 40.37 41.82 -44.35
CA THR I 170 39.33 42.62 -44.97
C THR I 170 39.42 44.05 -44.46
N LEU I 171 39.46 45.01 -45.39
CA LEU I 171 39.58 46.42 -45.05
C LEU I 171 38.30 47.16 -45.42
N THR I 172 37.86 48.03 -44.52
CA THR I 172 36.73 48.91 -44.76
C THR I 172 37.22 50.34 -44.88
N LEU I 173 36.70 51.07 -45.86
CA LEU I 173 37.14 52.44 -46.12
C LEU I 173 35.92 53.33 -46.35
N SER I 174 36.13 54.63 -46.16
CA SER I 174 35.12 55.63 -46.44
C SER I 174 35.15 55.96 -47.94
N LYS I 175 34.49 57.05 -48.31
CA LYS I 175 34.43 57.43 -49.72
C LYS I 175 35.74 58.06 -50.18
N ALA I 176 36.11 59.19 -49.57
CA ALA I 176 37.23 59.97 -50.07
C ALA I 176 38.56 59.23 -49.89
N ASP I 177 38.77 58.61 -48.72
CA ASP I 177 40.05 57.97 -48.45
C ASP I 177 40.23 56.65 -49.20
N TYR I 178 39.29 56.28 -50.07
CA TYR I 178 39.40 55.03 -50.84
C TYR I 178 40.00 55.29 -52.22
N GLU I 179 39.36 56.16 -53.01
CA GLU I 179 39.82 56.45 -54.36
C GLU I 179 40.91 57.52 -54.41
N LYS I 180 41.25 58.13 -53.26
CA LYS I 180 42.30 59.13 -53.26
C LYS I 180 43.63 58.56 -53.71
N HIS I 181 43.88 57.28 -53.42
CA HIS I 181 45.09 56.58 -53.83
C HIS I 181 44.66 55.38 -54.68
N LYS I 182 45.09 55.35 -55.94
CA LYS I 182 44.60 54.35 -56.86
C LYS I 182 45.17 52.96 -56.54
N VAL I 183 46.44 52.89 -56.16
CA VAL I 183 47.13 51.63 -55.95
C VAL I 183 47.50 51.50 -54.48
N TYR I 184 47.32 50.29 -53.94
CA TYR I 184 47.71 49.96 -52.58
C TYR I 184 48.60 48.73 -52.59
N ALA I 185 49.36 48.56 -51.51
CA ALA I 185 50.20 47.39 -51.32
C ALA I 185 49.83 46.74 -49.99
N CYS I 186 49.98 45.42 -49.94
CA CYS I 186 49.70 44.64 -48.74
C CYS I 186 50.91 43.76 -48.48
N GLU I 187 51.91 44.32 -47.80
CA GLU I 187 53.15 43.63 -47.54
C GLU I 187 52.97 42.64 -46.40
N VAL I 188 53.45 41.41 -46.61
CA VAL I 188 53.35 40.35 -45.61
C VAL I 188 54.71 39.66 -45.49
N THR I 189 55.20 39.53 -44.26
CA THR I 189 56.40 38.77 -43.97
C THR I 189 56.02 37.55 -43.14
N HIS I 190 56.60 36.41 -43.47
CA HIS I 190 56.18 35.14 -42.89
C HIS I 190 57.35 34.16 -42.92
N GLN I 191 57.32 33.20 -41.99
CA GLN I 191 58.39 32.21 -41.94
C GLN I 191 58.40 31.32 -43.17
N GLY I 192 57.22 30.97 -43.68
CA GLY I 192 57.16 30.12 -44.87
C GLY I 192 57.79 30.78 -46.08
N LEU I 193 57.49 32.05 -46.31
CA LEU I 193 58.12 32.77 -47.41
C LEU I 193 59.57 33.10 -47.07
N SER I 194 60.41 33.10 -48.10
CA SER I 194 61.82 33.41 -47.90
C SER I 194 62.03 34.90 -47.66
N SER I 195 61.37 35.75 -48.43
CA SER I 195 61.52 37.19 -48.33
C SER I 195 60.16 37.87 -48.32
N PRO I 196 60.03 39.00 -47.63
CA PRO I 196 58.74 39.69 -47.59
C PRO I 196 58.28 40.09 -48.98
N VAL I 197 56.96 40.01 -49.20
CA VAL I 197 56.36 40.18 -50.52
C VAL I 197 55.35 41.32 -50.45
N THR I 198 55.30 42.12 -51.51
CA THR I 198 54.36 43.21 -51.66
C THR I 198 53.57 43.02 -52.96
N LYS I 199 52.38 43.62 -53.00
CA LYS I 199 51.46 43.42 -54.10
C LYS I 199 51.01 44.75 -54.68
N SER I 200 50.45 44.69 -55.88
CA SER I 200 49.88 45.84 -56.56
C SER I 200 48.58 45.41 -57.24
N PHE I 201 47.71 46.39 -57.51
CA PHE I 201 46.46 46.10 -58.20
C PHE I 201 46.02 47.32 -58.99
N ASN I 202 45.08 47.10 -59.90
CA ASN I 202 44.48 48.16 -60.68
C ASN I 202 43.01 47.84 -60.88
N ARG I 203 42.21 48.89 -61.08
CA ARG I 203 40.77 48.76 -61.30
C ARG I 203 40.45 49.15 -62.73
N GLY I 204 39.96 48.18 -63.51
CA GLY I 204 39.62 48.42 -64.90
C GLY I 204 39.00 47.21 -65.57
N GLN J 1 -33.65 17.14 -42.75
CA GLN J 1 -32.39 17.86 -42.64
C GLN J 1 -32.44 18.86 -41.49
N ILE J 2 -31.29 19.16 -40.91
CA ILE J 2 -31.20 20.11 -39.80
C ILE J 2 -30.93 21.47 -40.40
N HIS J 3 -32.02 22.15 -40.80
CA HIS J 3 -31.95 23.53 -41.26
C HIS J 3 -32.95 24.34 -40.47
N LEU J 4 -32.58 25.56 -40.11
CA LEU J 4 -33.30 26.34 -39.12
C LEU J 4 -33.87 27.61 -39.73
N GLN J 5 -34.98 28.08 -39.15
CA GLN J 5 -35.62 29.31 -39.59
C GLN J 5 -36.33 29.93 -38.40
N GLU J 6 -36.24 31.26 -38.28
CA GLU J 6 -36.85 31.97 -37.16
C GLU J 6 -37.26 33.37 -37.59
N SER J 7 -38.46 33.78 -37.18
CA SER J 7 -38.92 35.15 -37.34
C SER J 7 -39.44 35.76 -36.04
N GLY J 8 -40.12 34.96 -35.21
CA GLY J 8 -40.69 35.46 -33.98
C GLY J 8 -41.68 36.58 -34.20
N PRO J 9 -41.54 37.66 -33.44
CA PRO J 9 -42.43 38.82 -33.61
C PRO J 9 -41.89 39.90 -34.54
N GLY J 10 -40.63 39.80 -34.96
CA GLY J 10 -40.04 40.83 -35.80
C GLY J 10 -39.47 41.98 -35.00
N LEU J 11 -39.70 43.21 -35.47
CA LEU J 11 -39.24 44.40 -34.76
C LEU J 11 -40.19 44.69 -33.60
N VAL J 12 -39.60 44.91 -32.42
CA VAL J 12 -40.39 44.96 -31.18
C VAL J 12 -40.23 46.30 -30.48
N ARG J 13 -40.88 46.43 -29.31
CA ARG J 13 -40.84 47.61 -28.46
C ARG J 13 -40.06 47.32 -27.17
N PRO J 14 -39.34 48.30 -26.64
CA PRO J 14 -38.49 48.03 -25.46
C PRO J 14 -39.31 47.79 -24.22
N SER J 15 -38.60 47.38 -23.16
CA SER J 15 -39.18 47.14 -21.84
C SER J 15 -40.33 46.15 -21.91
N GLU J 16 -40.25 45.19 -22.83
CA GLU J 16 -41.28 44.18 -23.01
C GLU J 16 -40.64 42.82 -23.15
N THR J 17 -41.39 41.79 -22.76
CA THR J 17 -40.92 40.41 -22.86
C THR J 17 -41.26 39.88 -24.25
N LEU J 18 -40.26 39.86 -25.13
CA LEU J 18 -40.48 39.35 -26.47
C LEU J 18 -40.37 37.83 -26.50
N SER J 19 -40.92 37.25 -27.56
CA SER J 19 -40.89 35.80 -27.77
C SER J 19 -40.48 35.54 -29.21
N LEU J 20 -39.23 35.14 -29.42
CA LEU J 20 -38.67 34.90 -30.75
C LEU J 20 -38.79 33.41 -31.06
N THR J 21 -39.76 33.05 -31.88
CA THR J 21 -39.96 31.67 -32.28
C THR J 21 -38.88 31.23 -33.26
N CYS J 22 -38.68 29.92 -33.36
CA CYS J 22 -37.72 29.34 -34.29
C CYS J 22 -38.22 27.96 -34.71
N ASP J 23 -37.74 27.51 -35.87
CA ASP J 23 -38.23 26.26 -36.46
C ASP J 23 -37.09 25.48 -37.07
N VAL J 24 -37.36 24.21 -37.36
CA VAL J 24 -36.38 23.27 -37.87
C VAL J 24 -36.92 22.71 -39.19
N SER J 25 -36.01 22.19 -40.03
CA SER J 25 -36.38 21.59 -41.30
C SER J 25 -36.55 20.08 -41.21
N GLY J 26 -37.00 19.57 -40.06
CA GLY J 26 -37.24 18.16 -39.87
C GLY J 26 -36.14 17.41 -39.15
N GLY J 27 -35.01 18.05 -38.89
CA GLY J 27 -33.92 17.42 -38.16
C GLY J 27 -34.14 17.46 -36.67
N ALA J 28 -34.97 16.56 -36.16
CA ALA J 28 -35.34 16.59 -34.75
C ALA J 28 -34.11 16.51 -33.85
N PHE J 29 -34.06 17.41 -32.87
CA PHE J 29 -32.95 17.46 -31.91
C PHE J 29 -33.20 16.48 -30.75
N ASN J 30 -33.30 15.21 -31.11
CA ASN J 30 -33.60 14.18 -30.12
C ASN J 30 -32.48 14.06 -29.09
N ASP J 31 -31.22 14.14 -29.54
CA ASP J 31 -30.07 14.13 -28.65
C ASP J 31 -29.27 15.42 -28.67
N ALA J 32 -29.37 16.22 -29.72
CA ALA J 32 -28.57 17.42 -29.86
C ALA J 32 -29.16 18.56 -29.03
N TYR J 33 -28.40 19.65 -28.93
CA TYR J 33 -28.79 20.84 -28.20
C TYR J 33 -29.01 21.98 -29.18
N CYS J 34 -29.97 22.85 -28.87
CA CYS J 34 -30.20 24.05 -29.66
C CYS J 34 -29.74 25.28 -28.88
N SER J 35 -29.50 26.37 -29.59
CA SER J 35 -28.99 27.57 -28.95
C SER J 35 -29.32 28.79 -29.80
N TRP J 36 -29.22 29.95 -29.17
CA TRP J 36 -29.43 31.23 -29.81
C TRP J 36 -28.10 31.93 -30.03
N ILE J 37 -28.02 32.77 -31.05
CA ILE J 37 -26.85 33.60 -31.32
C ILE J 37 -27.32 35.01 -31.63
N ARG J 38 -26.80 35.99 -30.89
CA ARG J 38 -27.09 37.39 -31.15
C ARG J 38 -25.90 38.01 -31.86
N ARG J 39 -26.16 38.60 -33.02
CA ARG J 39 -25.10 39.18 -33.85
C ARG J 39 -25.36 40.69 -33.95
N LEU J 40 -24.58 41.46 -33.18
CA LEU J 40 -24.74 42.91 -33.15
C LEU J 40 -24.51 43.49 -34.53
N PRO J 41 -25.12 44.65 -34.82
CA PRO J 41 -24.94 45.26 -36.15
C PRO J 41 -23.47 45.54 -36.44
N GLY J 42 -22.91 44.81 -37.39
CA GLY J 42 -21.49 44.89 -37.69
C GLY J 42 -20.62 44.36 -36.58
N GLY J 43 -19.36 44.07 -36.90
CA GLY J 43 -18.39 43.73 -35.88
C GLY J 43 -18.70 42.41 -35.17
N SER J 44 -18.66 42.46 -33.84
CA SER J 44 -18.69 41.26 -33.01
C SER J 44 -20.11 40.73 -32.86
N LEU J 45 -20.22 39.63 -32.13
CA LEU J 45 -21.50 39.00 -31.84
C LEU J 45 -21.39 38.28 -30.50
N GLU J 46 -22.54 38.07 -29.86
CA GLU J 46 -22.58 37.48 -28.54
C GLU J 46 -23.50 36.25 -28.52
N TRP J 47 -23.18 35.32 -27.63
CA TRP J 47 -23.90 34.06 -27.52
C TRP J 47 -24.95 34.12 -26.42
N ILE J 48 -26.15 33.67 -26.75
CA ILE J 48 -27.24 33.54 -25.79
C ILE J 48 -27.27 32.10 -25.31
N GLY J 49 -27.74 31.90 -24.08
CA GLY J 49 -27.72 30.60 -23.44
C GLY J 49 -28.37 29.47 -24.22
N ARG J 50 -27.68 28.33 -24.28
CA ARG J 50 -28.14 27.18 -25.03
C ARG J 50 -29.16 26.38 -24.23
N ILE J 51 -29.88 25.51 -24.94
CA ILE J 51 -30.87 24.62 -24.34
C ILE J 51 -30.39 23.19 -24.43
N SER J 52 -30.80 22.38 -23.46
CA SER J 52 -30.59 20.94 -23.49
C SER J 52 -31.76 20.30 -24.21
N GLY J 53 -31.50 19.81 -25.43
CA GLY J 53 -32.58 19.23 -26.21
C GLY J 53 -33.14 17.95 -25.61
N ARG J 54 -32.26 17.12 -25.06
CA ARG J 54 -32.69 15.82 -24.55
C ARG J 54 -33.50 15.96 -23.26
N ASP J 55 -33.13 16.90 -22.41
CA ASP J 55 -33.75 17.09 -21.10
C ASP J 55 -34.45 18.43 -21.04
N GLY J 56 -34.95 18.78 -19.86
CA GLY J 56 -35.60 20.05 -19.60
C GLY J 56 -34.70 21.14 -19.07
N TYR J 57 -33.38 20.93 -19.03
CA TYR J 57 -32.48 21.91 -18.45
C TYR J 57 -32.27 23.09 -19.40
N VAL J 58 -32.17 24.29 -18.82
CA VAL J 58 -31.94 25.52 -19.57
C VAL J 58 -30.66 26.15 -19.07
N GLU J 59 -29.76 26.48 -19.99
CA GLU J 59 -28.56 27.24 -19.68
C GLU J 59 -28.68 28.64 -20.24
N SER J 60 -28.10 29.61 -19.53
CA SER J 60 -28.32 31.02 -19.82
C SER J 60 -27.01 31.79 -19.84
N ASN J 61 -27.04 32.94 -20.51
CA ASN J 61 -25.95 33.89 -20.44
C ASN J 61 -25.78 34.36 -18.99
N PRO J 62 -24.58 34.29 -18.42
CA PRO J 62 -24.42 34.68 -17.01
C PRO J 62 -24.88 36.09 -16.70
N SER J 63 -24.64 37.04 -17.61
CA SER J 63 -25.11 38.41 -17.37
C SER J 63 -26.62 38.53 -17.53
N LEU J 64 -27.23 37.61 -18.29
CA LEU J 64 -28.66 37.60 -18.54
C LEU J 64 -29.30 36.33 -17.99
N THR J 65 -28.93 35.96 -16.75
CA THR J 65 -29.23 34.64 -16.23
C THR J 65 -30.74 34.35 -16.24
N GLY J 66 -31.53 35.25 -15.68
CA GLY J 66 -32.96 35.03 -15.60
C GLY J 66 -33.78 35.60 -16.73
N ARG J 67 -33.15 36.21 -17.73
CA ARG J 67 -33.89 36.91 -18.78
C ARG J 67 -34.39 35.99 -19.88
N VAL J 68 -33.84 34.79 -20.03
CA VAL J 68 -34.16 33.91 -21.14
C VAL J 68 -34.90 32.68 -20.63
N THR J 69 -36.01 32.36 -21.28
CA THR J 69 -36.78 31.15 -21.00
C THR J 69 -37.33 30.65 -22.33
N MET J 70 -37.32 29.33 -22.52
CA MET J 70 -37.80 28.75 -23.77
C MET J 70 -38.79 27.64 -23.47
N SER J 71 -39.60 27.32 -24.47
CA SER J 71 -40.59 26.25 -24.37
C SER J 71 -40.10 25.02 -25.12
N ILE J 72 -40.06 23.89 -24.42
CA ILE J 72 -39.66 22.62 -25.02
C ILE J 72 -40.75 21.59 -24.73
N ASP J 73 -40.93 20.67 -25.67
CA ASP J 73 -41.93 19.62 -25.55
C ASP J 73 -41.44 18.39 -26.30
N ALA J 74 -42.35 17.45 -26.55
CA ALA J 74 -41.97 16.20 -27.20
C ALA J 74 -41.43 16.45 -28.60
N THR J 75 -42.10 17.30 -29.37
CA THR J 75 -41.63 17.61 -30.71
C THR J 75 -40.36 18.46 -30.64
N TRP J 76 -39.37 18.10 -31.45
CA TRP J 76 -38.05 18.73 -31.40
C TRP J 76 -37.91 19.88 -32.39
N LYS J 77 -38.93 20.15 -33.20
CA LYS J 77 -38.87 21.19 -34.20
C LYS J 77 -39.40 22.54 -33.72
N LYS J 78 -39.95 22.60 -32.51
CA LYS J 78 -40.54 23.81 -31.98
C LYS J 78 -39.68 24.32 -30.82
N ILE J 79 -38.92 25.38 -31.08
CA ILE J 79 -38.14 26.07 -30.06
C ILE J 79 -38.53 27.54 -30.09
N VAL J 80 -39.13 28.03 -29.00
CA VAL J 80 -39.57 29.41 -28.88
C VAL J 80 -39.05 29.95 -27.55
N LEU J 81 -38.42 31.11 -27.59
CA LEU J 81 -37.85 31.74 -26.41
C LEU J 81 -38.81 32.76 -25.80
N ARG J 82 -38.51 33.17 -24.57
CA ARG J 82 -39.30 34.13 -23.82
C ARG J 82 -38.40 35.21 -23.23
N LEU J 83 -37.54 35.80 -24.06
CA LEU J 83 -36.61 36.83 -23.62
C LEU J 83 -37.35 37.97 -22.93
N THR J 84 -36.90 38.30 -21.72
CA THR J 84 -37.53 39.32 -20.89
C THR J 84 -36.67 40.58 -20.86
N SER J 85 -37.34 41.73 -20.74
CA SER J 85 -36.68 43.02 -20.56
C SER J 85 -35.71 43.31 -21.70
N VAL J 86 -36.26 43.45 -22.90
CA VAL J 86 -35.43 43.77 -24.06
C VAL J 86 -34.80 45.13 -23.88
N THR J 87 -33.50 45.21 -24.13
CA THR J 87 -32.70 46.41 -23.89
C THR J 87 -32.24 47.01 -25.22
N ALA J 88 -31.60 48.18 -25.13
CA ALA J 88 -31.16 48.90 -26.31
C ALA J 88 -30.09 48.16 -27.09
N SER J 89 -29.39 47.21 -26.47
CA SER J 89 -28.35 46.45 -27.14
C SER J 89 -28.87 45.15 -27.76
N ASP J 90 -30.19 44.90 -27.68
CA ASP J 90 -30.75 43.70 -28.28
C ASP J 90 -31.06 43.87 -29.77
N THR J 91 -30.90 45.06 -30.31
CA THR J 91 -31.10 45.29 -31.73
C THR J 91 -29.96 44.61 -32.50
N ALA J 92 -30.23 43.42 -33.01
CA ALA J 92 -29.21 42.59 -33.63
C ALA J 92 -29.89 41.50 -34.44
N THR J 93 -29.09 40.75 -35.19
CA THR J 93 -29.59 39.64 -36.00
C THR J 93 -29.46 38.35 -35.18
N TYR J 94 -30.59 37.81 -34.75
CA TYR J 94 -30.62 36.60 -33.95
C TYR J 94 -30.42 35.37 -34.84
N PHE J 95 -30.15 34.24 -34.21
CA PHE J 95 -29.86 33.02 -34.95
C PHE J 95 -30.26 31.80 -34.13
N CYS J 96 -30.44 30.69 -34.85
CA CYS J 96 -30.66 29.38 -34.26
C CYS J 96 -29.56 28.44 -34.73
N ALA J 97 -29.08 27.57 -33.84
CA ALA J 97 -28.02 26.66 -34.18
C ALA J 97 -28.21 25.34 -33.45
N GLY J 98 -27.71 24.27 -34.04
CA GLY J 98 -27.85 22.94 -33.47
C GLY J 98 -26.54 22.32 -33.05
N GLU J 99 -26.50 21.82 -31.82
CA GLU J 99 -25.28 21.24 -31.27
C GLU J 99 -24.91 19.95 -32.00
N THR J 100 -23.62 19.68 -32.08
CA THR J 100 -23.15 18.43 -32.66
C THR J 100 -23.56 17.27 -31.77
N PRO J 101 -24.30 16.28 -32.30
CA PRO J 101 -24.65 15.12 -31.47
C PRO J 101 -23.46 14.24 -31.16
N GLU J 102 -22.72 13.82 -32.18
CA GLU J 102 -21.53 13.00 -32.00
C GLU J 102 -20.49 13.39 -33.05
N ASP J 103 -19.24 13.07 -32.74
CA ASP J 103 -18.15 13.28 -33.68
C ASP J 103 -17.01 12.34 -33.28
N ASP J 104 -15.96 12.31 -34.11
CA ASP J 104 -14.81 11.46 -33.84
C ASP J 104 -13.84 12.08 -32.84
N PHE J 105 -13.81 13.40 -32.74
CA PHE J 105 -12.99 14.05 -31.71
C PHE J 105 -13.72 14.05 -30.37
N GLY J 106 -14.94 14.55 -30.34
CA GLY J 106 -15.75 14.55 -29.14
C GLY J 106 -17.21 14.30 -29.47
N TYR J 107 -18.09 14.53 -28.52
CA TYR J 107 -19.53 14.29 -28.72
C TYR J 107 -20.36 15.55 -28.66
N TYR J 108 -20.24 16.35 -27.60
CA TYR J 108 -21.07 17.53 -27.42
C TYR J 108 -20.22 18.80 -27.37
N GLN J 109 -19.25 18.89 -28.26
CA GLN J 109 -18.44 20.09 -28.37
C GLN J 109 -19.19 21.15 -29.16
N PRO J 110 -19.35 22.36 -28.63
CA PRO J 110 -20.12 23.38 -29.34
C PRO J 110 -19.38 24.01 -30.51
N TYR J 111 -19.45 23.36 -31.67
CA TYR J 111 -18.85 23.90 -32.89
C TYR J 111 -19.92 24.00 -33.97
N PHE J 112 -21.02 24.66 -33.62
CA PHE J 112 -22.28 24.66 -34.36
C PHE J 112 -22.09 24.62 -35.87
N LYS J 113 -22.76 23.68 -36.52
CA LYS J 113 -22.70 23.54 -37.97
C LYS J 113 -24.00 23.96 -38.65
N SER J 114 -25.14 23.49 -38.18
CA SER J 114 -26.42 23.89 -38.76
C SER J 114 -26.82 25.27 -38.25
N TRP J 115 -27.27 26.13 -39.15
CA TRP J 115 -27.58 27.51 -38.80
C TRP J 115 -28.86 27.94 -39.51
N GLY J 116 -29.47 28.99 -38.96
CA GLY J 116 -30.76 29.45 -39.43
C GLY J 116 -30.67 30.58 -40.43
N GLN J 117 -31.85 31.02 -40.89
CA GLN J 117 -31.92 32.13 -41.82
C GLN J 117 -31.36 33.40 -41.19
N GLY J 118 -31.83 33.75 -40.00
CA GLY J 118 -31.36 34.95 -39.33
C GLY J 118 -32.10 36.19 -39.76
N LEU J 119 -32.64 36.94 -38.80
CA LEU J 119 -33.34 38.17 -39.11
C LEU J 119 -32.89 39.26 -38.15
N LEU J 120 -33.00 40.51 -38.59
CA LEU J 120 -32.61 41.66 -37.79
C LEU J 120 -33.79 42.04 -36.90
N VAL J 121 -33.68 41.73 -35.61
CA VAL J 121 -34.69 42.07 -34.63
C VAL J 121 -34.18 43.26 -33.83
N THR J 122 -34.90 44.39 -33.90
CA THR J 122 -34.45 45.64 -33.32
C THR J 122 -35.21 45.92 -32.02
N VAL J 123 -34.84 47.04 -31.39
CA VAL J 123 -35.44 47.47 -30.14
C VAL J 123 -35.90 48.91 -30.28
N SER J 124 -36.31 49.29 -31.49
CA SER J 124 -36.75 50.65 -31.74
C SER J 124 -37.88 51.03 -30.79
N SER J 125 -37.74 52.18 -30.14
CA SER J 125 -38.65 52.58 -29.07
C SER J 125 -39.97 53.13 -29.58
N ALA J 126 -40.09 53.44 -30.86
CA ALA J 126 -41.32 53.98 -31.39
C ALA J 126 -41.46 53.62 -32.86
N SER J 127 -42.70 53.66 -33.35
CA SER J 127 -42.96 53.39 -34.76
C SER J 127 -42.56 54.57 -35.62
N THR J 128 -43.20 55.72 -35.41
CA THR J 128 -42.83 57.02 -35.96
C THR J 128 -43.00 57.04 -37.49
N LYS J 129 -43.76 56.10 -38.05
CA LYS J 129 -44.24 56.12 -39.44
C LYS J 129 -43.04 56.06 -40.37
N GLY J 130 -42.85 57.00 -41.29
CA GLY J 130 -41.92 56.84 -42.38
C GLY J 130 -41.12 58.09 -42.72
N PRO J 131 -40.24 57.97 -43.72
CA PRO J 131 -39.23 59.01 -43.96
C PRO J 131 -39.68 60.18 -44.82
N SER J 132 -38.76 61.13 -45.03
CA SER J 132 -38.94 62.23 -45.94
C SER J 132 -37.63 62.48 -46.67
N VAL J 133 -37.72 63.12 -47.83
CA VAL J 133 -36.58 63.27 -48.75
C VAL J 133 -36.09 64.71 -48.70
N PHE J 134 -34.77 64.88 -48.73
CA PHE J 134 -34.13 66.20 -48.68
C PHE J 134 -33.15 66.34 -49.84
N PRO J 135 -33.28 67.35 -50.69
CA PRO J 135 -32.37 67.50 -51.83
C PRO J 135 -30.96 67.90 -51.40
N LEU J 136 -30.04 67.83 -52.37
CA LEU J 136 -28.63 68.16 -52.14
C LEU J 136 -28.09 69.01 -53.29
N ALA J 137 -28.78 70.09 -53.62
CA ALA J 137 -28.41 70.93 -54.75
C ALA J 137 -27.01 71.51 -54.59
N PRO J 138 -26.11 71.30 -55.55
CA PRO J 138 -24.74 71.81 -55.42
C PRO J 138 -24.70 73.33 -55.57
N SER J 139 -23.54 73.88 -55.18
CA SER J 139 -23.29 75.31 -55.38
C SER J 139 -23.21 75.64 -56.87
N SER J 140 -22.54 74.81 -57.64
CA SER J 140 -22.33 75.03 -59.07
C SER J 140 -23.07 73.97 -59.88
N LYS J 141 -23.05 74.15 -61.20
CA LYS J 141 -23.74 73.25 -62.11
C LYS J 141 -22.85 72.06 -62.47
N SER J 144 -10.05 72.37 -55.25
CA SER J 144 -11.42 72.33 -54.74
C SER J 144 -12.22 71.22 -55.42
N GLY J 145 -12.24 71.25 -56.74
CA GLY J 145 -13.01 70.29 -57.51
C GLY J 145 -13.90 70.97 -58.54
N GLY J 146 -14.22 70.25 -59.61
CA GLY J 146 -15.05 70.82 -60.66
C GLY J 146 -16.39 70.12 -60.79
N THR J 147 -16.59 69.07 -59.99
CA THR J 147 -17.80 68.26 -60.09
C THR J 147 -18.88 68.79 -59.15
N ALA J 148 -20.14 68.59 -59.56
CA ALA J 148 -21.31 68.97 -58.77
C ALA J 148 -22.16 67.74 -58.55
N ALA J 149 -22.22 67.28 -57.30
CA ALA J 149 -22.88 66.01 -56.96
C ALA J 149 -24.16 66.29 -56.17
N LEU J 150 -25.28 65.84 -56.70
CA LEU J 150 -26.56 65.99 -56.01
C LEU J 150 -26.77 64.79 -55.08
N GLY J 151 -27.92 64.71 -54.44
CA GLY J 151 -28.22 63.59 -53.57
C GLY J 151 -29.55 63.77 -52.89
N CYS J 152 -29.79 62.90 -51.91
CA CYS J 152 -31.02 62.91 -51.14
C CYS J 152 -30.71 62.56 -49.69
N LEU J 153 -31.64 62.93 -48.80
CA LEU J 153 -31.55 62.60 -47.38
C LEU J 153 -32.91 62.08 -46.94
N VAL J 154 -32.97 60.82 -46.51
CA VAL J 154 -34.22 60.18 -46.13
C VAL J 154 -34.15 59.86 -44.65
N LYS J 155 -34.68 60.77 -43.84
CA LYS J 155 -34.59 60.69 -42.38
C LYS J 155 -35.83 60.02 -41.79
N ASP J 156 -35.61 59.23 -40.75
CA ASP J 156 -36.69 58.63 -39.97
C ASP J 156 -37.55 57.70 -40.84
N TYR J 157 -36.91 56.63 -41.32
CA TYR J 157 -37.62 55.58 -42.04
C TYR J 157 -37.89 54.40 -41.11
N PHE J 158 -39.09 53.83 -41.23
CA PHE J 158 -39.51 52.69 -40.43
C PHE J 158 -40.63 51.97 -41.17
N PRO J 159 -40.71 50.64 -41.09
CA PRO J 159 -39.80 49.73 -40.37
C PRO J 159 -38.57 49.34 -41.19
N GLU J 160 -37.54 48.85 -40.52
CA GLU J 160 -36.35 48.38 -41.21
C GLU J 160 -36.64 47.04 -41.88
N PRO J 161 -36.37 46.89 -43.19
CA PRO J 161 -35.88 47.97 -44.03
C PRO J 161 -36.99 48.57 -44.91
N VAL J 162 -36.64 49.61 -45.66
CA VAL J 162 -37.56 50.22 -46.62
C VAL J 162 -36.84 50.32 -47.96
N THR J 163 -37.48 49.83 -49.01
CA THR J 163 -36.84 49.73 -50.31
C THR J 163 -36.59 51.11 -50.92
N VAL J 164 -35.43 51.28 -51.53
CA VAL J 164 -35.06 52.50 -52.24
C VAL J 164 -34.35 52.11 -53.54
N SER J 165 -34.64 52.86 -54.60
CA SER J 165 -34.03 52.62 -55.91
C SER J 165 -33.71 53.98 -56.53
N TRP J 166 -33.39 53.97 -57.82
CA TRP J 166 -33.04 55.20 -58.53
C TRP J 166 -33.61 55.15 -59.94
N ASN J 167 -34.14 56.28 -60.39
CA ASN J 167 -34.63 56.47 -61.76
C ASN J 167 -35.63 55.38 -62.15
N SER J 168 -36.55 55.09 -61.23
CA SER J 168 -37.57 54.07 -61.43
C SER J 168 -36.95 52.71 -61.73
N GLY J 169 -35.77 52.45 -61.18
CA GLY J 169 -35.03 51.25 -61.46
C GLY J 169 -34.08 51.34 -62.63
N ALA J 170 -34.24 52.34 -63.50
CA ALA J 170 -33.40 52.51 -64.67
C ALA J 170 -32.10 53.22 -64.27
N LEU J 171 -31.32 52.52 -63.46
CA LEU J 171 -30.04 53.06 -63.00
C LEU J 171 -29.10 53.28 -64.18
N THR J 172 -28.36 54.39 -64.12
CA THR J 172 -27.51 54.79 -65.24
C THR J 172 -26.05 54.36 -65.07
N SER J 173 -25.41 54.76 -63.98
CA SER J 173 -23.99 54.43 -63.79
C SER J 173 -23.55 54.56 -62.35
N GLY J 174 -23.13 53.45 -61.75
CA GLY J 174 -22.48 53.49 -60.44
C GLY J 174 -23.30 54.09 -59.32
N VAL J 175 -24.60 53.85 -59.29
CA VAL J 175 -25.46 54.37 -58.24
C VAL J 175 -25.33 53.46 -57.02
N HIS J 176 -25.59 54.01 -55.84
CA HIS J 176 -25.45 53.25 -54.61
C HIS J 176 -26.29 53.86 -53.49
N THR J 177 -26.29 53.19 -52.35
CA THR J 177 -27.04 53.63 -51.19
C THR J 177 -26.22 53.39 -49.93
N PHE J 178 -26.35 54.32 -48.99
CA PHE J 178 -25.60 54.24 -47.75
C PHE J 178 -26.20 53.18 -46.83
N PRO J 179 -25.39 52.57 -45.96
CA PRO J 179 -25.91 51.53 -45.06
C PRO J 179 -26.87 52.09 -44.04
N ALA J 180 -27.72 51.22 -43.51
CA ALA J 180 -28.70 51.62 -42.51
C ALA J 180 -28.02 52.01 -41.21
N VAL J 181 -28.37 53.18 -40.68
CA VAL J 181 -27.83 53.67 -39.41
C VAL J 181 -28.99 54.10 -38.53
N LEU J 182 -28.95 53.68 -37.26
CA LEU J 182 -29.99 54.00 -36.31
C LEU J 182 -29.75 55.39 -35.72
N GLN J 183 -30.70 55.86 -34.91
CA GLN J 183 -30.57 57.11 -34.19
C GLN J 183 -30.76 56.84 -32.71
N SER J 184 -30.39 57.83 -31.89
CA SER J 184 -30.49 57.66 -30.45
C SER J 184 -31.94 57.48 -30.01
N SER J 185 -32.87 58.23 -30.62
CA SER J 185 -34.27 58.12 -30.25
C SER J 185 -34.85 56.75 -30.59
N GLY J 186 -34.28 56.07 -31.57
CA GLY J 186 -34.76 54.75 -31.94
C GLY J 186 -35.16 54.64 -33.40
N LEU J 187 -35.43 55.78 -34.02
CA LEU J 187 -35.79 55.81 -35.43
C LEU J 187 -34.55 55.58 -36.30
N TYR J 188 -34.81 55.21 -37.55
CA TYR J 188 -33.76 54.91 -38.52
C TYR J 188 -33.76 55.97 -39.62
N SER J 189 -32.60 56.54 -39.91
CA SER J 189 -32.46 57.59 -40.91
C SER J 189 -31.35 57.21 -41.89
N LEU J 190 -31.40 57.81 -43.08
CA LEU J 190 -30.43 57.56 -44.12
C LEU J 190 -30.34 58.80 -45.01
N SER J 191 -29.20 58.99 -45.66
CA SER J 191 -28.98 60.15 -46.52
C SER J 191 -28.56 59.65 -47.91
N SER J 192 -29.55 59.30 -48.74
CA SER J 192 -29.33 58.61 -50.01
C SER J 192 -28.73 59.55 -51.03
N VAL J 193 -27.40 59.61 -51.04
CA VAL J 193 -26.63 60.40 -52.00
C VAL J 193 -25.91 59.45 -52.95
N VAL J 194 -25.96 59.76 -54.25
CA VAL J 194 -25.39 58.93 -55.30
C VAL J 194 -24.02 59.46 -55.71
N THR J 195 -23.12 58.55 -56.05
CA THR J 195 -21.81 58.94 -56.56
C THR J 195 -21.94 59.61 -57.92
N VAL J 196 -21.24 60.72 -58.11
CA VAL J 196 -21.36 61.54 -59.30
C VAL J 196 -19.98 61.64 -59.96
N PRO J 197 -19.86 61.35 -61.25
CA PRO J 197 -18.56 61.53 -61.92
C PRO J 197 -18.24 63.00 -62.13
N SER J 198 -16.94 63.26 -62.29
CA SER J 198 -16.44 64.61 -62.51
C SER J 198 -16.37 64.99 -63.98
N SER J 199 -17.15 64.31 -64.84
CA SER J 199 -17.12 64.58 -66.28
C SER J 199 -18.45 65.07 -66.80
N SER J 200 -19.55 64.34 -66.55
CA SER J 200 -20.86 64.68 -67.09
C SER J 200 -21.60 65.50 -66.05
N LEU J 201 -21.69 66.82 -66.29
CA LEU J 201 -22.32 67.75 -65.36
C LEU J 201 -23.32 68.61 -66.11
N GLY J 202 -24.41 68.95 -65.44
CA GLY J 202 -25.45 69.77 -66.03
C GLY J 202 -26.43 69.03 -66.90
N THR J 203 -26.25 67.73 -67.09
CA THR J 203 -27.15 66.91 -67.89
C THR J 203 -27.64 65.68 -67.15
N GLN J 204 -26.81 65.09 -66.29
CA GLN J 204 -27.21 63.90 -65.55
C GLN J 204 -28.31 64.22 -64.56
N THR J 205 -29.22 63.26 -64.37
CA THR J 205 -30.33 63.39 -63.43
C THR J 205 -30.40 62.14 -62.57
N TYR J 206 -30.47 62.33 -61.25
CA TYR J 206 -30.60 61.23 -60.29
C TYR J 206 -31.84 61.49 -59.44
N ILE J 207 -33.00 61.06 -59.92
CA ILE J 207 -34.22 61.12 -59.13
C ILE J 207 -34.19 59.99 -58.11
N CYS J 208 -34.59 60.32 -56.87
CA CYS J 208 -34.52 59.37 -55.77
C CYS J 208 -35.83 58.59 -55.67
N ASN J 209 -35.74 57.27 -55.81
CA ASN J 209 -36.91 56.40 -55.78
C ASN J 209 -37.00 55.76 -54.39
N VAL J 210 -37.70 56.45 -53.48
CA VAL J 210 -37.96 55.91 -52.15
C VAL J 210 -39.21 55.04 -52.24
N ASN J 211 -39.00 53.73 -52.42
CA ASN J 211 -40.10 52.81 -52.71
C ASN J 211 -40.66 52.20 -51.43
N HIS J 212 -41.17 53.07 -50.56
CA HIS J 212 -41.76 52.63 -49.31
C HIS J 212 -43.04 51.84 -49.58
N LYS J 213 -43.36 50.90 -48.67
CA LYS J 213 -44.42 49.94 -48.97
C LYS J 213 -45.79 50.61 -49.11
N PRO J 214 -46.28 51.36 -48.13
CA PRO J 214 -47.56 52.06 -48.36
C PRO J 214 -47.45 53.28 -49.25
N SER J 215 -46.42 54.10 -49.07
CA SER J 215 -46.34 55.37 -49.77
C SER J 215 -45.86 55.19 -51.21
N ASN J 216 -44.64 54.71 -51.40
CA ASN J 216 -44.04 54.47 -52.70
C ASN J 216 -44.07 55.73 -53.57
N THR J 217 -43.35 56.75 -53.13
CA THR J 217 -43.24 58.01 -53.85
C THR J 217 -41.88 58.12 -54.53
N LYS J 218 -41.81 59.01 -55.52
CA LYS J 218 -40.66 59.16 -56.40
C LYS J 218 -40.29 60.64 -56.55
N VAL J 219 -40.16 61.33 -55.41
CA VAL J 219 -39.93 62.77 -55.41
C VAL J 219 -38.74 63.12 -56.27
N ASP J 220 -38.89 64.15 -57.11
CA ASP J 220 -37.84 64.55 -58.03
C ASP J 220 -36.66 65.17 -57.30
N LYS J 221 -35.48 65.07 -57.91
CA LYS J 221 -34.26 65.61 -57.34
C LYS J 221 -33.25 65.78 -58.47
N LYS J 222 -32.86 67.02 -58.74
CA LYS J 222 -31.97 67.31 -59.85
C LYS J 222 -30.87 68.27 -59.40
N VAL J 223 -29.87 68.43 -60.26
CA VAL J 223 -28.74 69.32 -59.97
C VAL J 223 -29.03 70.72 -60.50
N GLU J 224 -28.84 71.72 -59.65
CA GLU J 224 -29.01 73.11 -60.00
C GLU J 224 -28.00 73.95 -59.24
N PRO J 225 -27.57 75.08 -59.80
CA PRO J 225 -26.55 75.88 -59.12
C PRO J 225 -27.10 76.55 -57.87
N LYS J 226 -26.24 76.65 -56.86
CA LYS J 226 -26.55 77.36 -55.62
C LYS J 226 -25.35 78.21 -55.21
N SER J 227 -24.81 78.95 -56.17
CA SER J 227 -23.66 79.81 -55.91
C SER J 227 -24.09 81.24 -55.58
N ASP K 1 -16.43 34.38 -20.28
CA ASP K 1 -15.33 34.35 -19.31
C ASP K 1 -13.98 34.30 -20.02
N ILE K 2 -14.00 33.91 -21.29
CA ILE K 2 -12.78 33.80 -22.09
C ILE K 2 -12.98 34.67 -23.33
N GLN K 3 -12.56 35.92 -23.25
CA GLN K 3 -12.65 36.82 -24.40
C GLN K 3 -11.51 36.53 -25.38
N LEU K 4 -11.77 36.82 -26.66
CA LEU K 4 -10.86 36.51 -27.74
C LEU K 4 -10.58 37.78 -28.52
N ILE K 5 -9.34 38.28 -28.44
CA ILE K 5 -8.99 39.53 -29.11
C ILE K 5 -8.98 39.34 -30.62
N GLN K 6 -8.34 38.26 -31.10
CA GLN K 6 -8.29 37.92 -32.52
C GLN K 6 -7.66 39.05 -33.35
N SER K 7 -6.36 39.32 -33.06
CA SER K 7 -5.63 40.36 -33.75
C SER K 7 -5.02 39.82 -35.04
N PRO K 8 -4.83 40.67 -36.07
CA PRO K 8 -5.20 42.09 -36.15
C PRO K 8 -6.70 42.28 -36.42
N SER K 9 -7.17 43.52 -36.27
CA SER K 9 -8.59 43.80 -36.49
C SER K 9 -8.95 43.72 -37.97
N SER K 10 -8.12 44.27 -38.84
CA SER K 10 -8.43 44.35 -40.27
C SER K 10 -7.19 44.03 -41.09
N VAL K 11 -7.43 43.60 -42.33
CA VAL K 11 -6.37 43.31 -43.28
C VAL K 11 -6.96 43.31 -44.67
N SER K 12 -6.17 43.76 -45.65
CA SER K 12 -6.57 43.78 -47.05
C SER K 12 -5.68 42.85 -47.84
N ALA K 13 -6.28 42.01 -48.68
CA ALA K 13 -5.53 41.01 -49.42
C ALA K 13 -6.18 40.76 -50.77
N SER K 14 -5.39 40.20 -51.68
CA SER K 14 -5.82 39.87 -53.03
C SER K 14 -6.06 38.37 -53.14
N VAL K 15 -6.36 37.91 -54.35
CA VAL K 15 -6.63 36.50 -54.58
C VAL K 15 -5.35 35.69 -54.35
N GLY K 16 -5.45 34.64 -53.55
CA GLY K 16 -4.32 33.79 -53.27
C GLY K 16 -3.19 34.46 -52.52
N ASP K 17 -3.51 35.22 -51.48
CA ASP K 17 -2.49 35.89 -50.68
C ASP K 17 -2.03 34.97 -49.55
N ARG K 18 -1.18 35.50 -48.67
CA ARG K 18 -0.61 34.75 -47.56
C ARG K 18 -0.84 35.48 -46.25
N VAL K 19 -2.05 36.00 -46.06
CA VAL K 19 -2.41 36.72 -44.83
C VAL K 19 -2.90 35.71 -43.80
N THR K 20 -2.57 35.96 -42.54
CA THR K 20 -2.94 35.07 -41.45
C THR K 20 -3.60 35.87 -40.34
N ILE K 21 -4.48 35.22 -39.59
CA ILE K 21 -5.17 35.81 -38.46
C ILE K 21 -4.84 34.97 -37.23
N THR K 22 -4.32 35.62 -36.19
CA THR K 22 -3.94 34.94 -34.95
C THR K 22 -4.94 35.31 -33.87
N CYS K 23 -5.54 34.30 -33.25
CA CYS K 23 -6.55 34.52 -32.22
C CYS K 23 -5.87 34.66 -30.86
N ARG K 24 -6.12 35.78 -30.20
CA ARG K 24 -5.52 36.08 -28.90
C ARG K 24 -6.53 35.76 -27.81
N SER K 25 -6.23 34.78 -26.98
CA SER K 25 -7.11 34.34 -25.92
C SER K 25 -6.61 34.86 -24.57
N THR K 26 -7.54 35.22 -23.69
CA THR K 26 -7.17 35.74 -22.39
C THR K 26 -6.54 34.67 -21.49
N GLN K 27 -6.99 33.43 -21.61
CA GLN K 27 -6.35 32.31 -20.92
C GLN K 27 -6.19 31.14 -21.87
N ALA K 28 -5.31 30.21 -21.49
CA ALA K 28 -5.14 28.99 -22.27
C ALA K 28 -6.43 28.16 -22.24
N ILE K 29 -6.82 27.66 -23.40
CA ILE K 29 -8.08 26.93 -23.53
C ILE K 29 -7.82 25.57 -24.18
N GLY K 30 -6.56 25.13 -24.16
CA GLY K 30 -6.22 23.90 -24.84
C GLY K 30 -6.37 24.04 -26.34
N THR K 31 -6.89 23.00 -26.98
CA THR K 31 -7.16 23.01 -28.41
C THR K 31 -8.65 23.13 -28.74
N ASP K 32 -9.46 23.55 -27.77
CA ASP K 32 -10.92 23.63 -27.95
C ASP K 32 -11.25 25.01 -28.50
N LEU K 33 -11.25 25.12 -29.83
CA LEU K 33 -11.62 26.37 -30.48
C LEU K 33 -12.15 26.05 -31.88
N ALA K 34 -13.18 26.78 -32.28
CA ALA K 34 -13.84 26.58 -33.56
C ALA K 34 -13.65 27.80 -34.46
N TRP K 35 -14.08 27.66 -35.71
CA TRP K 35 -13.93 28.72 -36.70
C TRP K 35 -15.24 28.88 -37.46
N TYR K 36 -15.44 30.06 -38.03
CA TYR K 36 -16.64 30.35 -38.80
C TYR K 36 -16.31 31.32 -39.92
N GLN K 37 -17.09 31.24 -41.00
CA GLN K 37 -16.97 32.13 -42.15
C GLN K 37 -18.28 32.90 -42.26
N ALA K 38 -18.23 34.21 -42.03
CA ALA K 38 -19.41 35.06 -42.07
C ALA K 38 -19.47 35.75 -43.43
N THR K 39 -19.86 34.98 -44.44
CA THR K 39 -20.09 35.55 -45.77
C THR K 39 -21.20 36.59 -45.69
N PRO K 40 -21.04 37.75 -46.32
CA PRO K 40 -22.02 38.82 -46.16
C PRO K 40 -23.43 38.38 -46.50
N GLY K 41 -24.37 38.76 -45.63
CA GLY K 41 -25.77 38.42 -45.82
C GLY K 41 -26.13 36.98 -45.48
N THR K 42 -25.20 36.21 -44.93
CA THR K 42 -25.42 34.79 -44.68
C THR K 42 -24.96 34.43 -43.27
N ALA K 43 -25.47 33.29 -42.78
CA ALA K 43 -25.06 32.79 -41.49
C ALA K 43 -23.62 32.27 -41.54
N PRO K 44 -22.92 32.27 -40.41
CA PRO K 44 -21.57 31.70 -40.38
C PRO K 44 -21.59 30.20 -40.66
N LYS K 45 -20.52 29.73 -41.29
CA LYS K 45 -20.34 28.32 -41.58
C LYS K 45 -19.03 27.85 -40.97
N LEU K 46 -19.05 26.70 -40.31
CA LEU K 46 -17.87 26.19 -39.64
C LEU K 46 -16.76 25.93 -40.66
N LEU K 47 -15.55 26.35 -40.31
CA LEU K 47 -14.38 26.15 -41.16
C LEU K 47 -13.38 25.19 -40.55
N ILE K 48 -12.92 25.46 -39.32
CA ILE K 48 -11.94 24.62 -38.64
C ILE K 48 -12.46 24.34 -37.24
N TYR K 49 -12.93 23.12 -37.01
CA TYR K 49 -13.34 22.70 -35.68
C TYR K 49 -12.21 21.92 -35.01
N HIS K 50 -12.22 21.94 -33.68
CA HIS K 50 -11.17 21.38 -32.83
C HIS K 50 -9.81 22.02 -33.10
N SER K 51 -9.83 23.21 -33.72
CA SER K 51 -8.68 24.11 -33.87
C SER K 51 -7.67 23.63 -34.89
N PHE K 52 -7.78 22.39 -35.38
CA PHE K 52 -6.98 21.96 -36.51
C PHE K 52 -7.70 21.07 -37.50
N ALA K 53 -8.86 20.49 -37.15
CA ALA K 53 -9.54 19.54 -38.02
C ALA K 53 -10.30 20.31 -39.09
N ARG K 54 -9.83 20.22 -40.32
CA ARG K 54 -10.49 20.89 -41.44
C ARG K 54 -11.89 20.33 -41.64
N HIS K 55 -12.86 21.22 -41.83
CA HIS K 55 -14.25 20.80 -41.97
C HIS K 55 -14.45 20.09 -43.30
N GLU K 56 -15.49 19.25 -43.35
CA GLU K 56 -15.80 18.52 -44.56
C GLU K 56 -16.40 19.45 -45.61
N GLY K 57 -16.12 19.13 -46.88
CA GLY K 57 -16.64 19.92 -47.98
C GLY K 57 -15.70 21.02 -48.43
N VAL K 58 -15.28 21.86 -47.49
CA VAL K 58 -14.36 22.95 -47.79
C VAL K 58 -12.98 22.37 -48.09
N PRO K 59 -12.20 22.99 -48.99
CA PRO K 59 -10.90 22.41 -49.37
C PRO K 59 -9.84 22.58 -48.29
N SER K 60 -8.62 22.18 -48.62
CA SER K 60 -7.49 22.23 -47.69
C SER K 60 -6.70 23.54 -47.77
N ARG K 61 -7.21 24.53 -48.49
CA ARG K 61 -6.53 25.81 -48.57
C ARG K 61 -6.44 26.50 -47.21
N PHE K 62 -7.27 26.10 -46.26
CA PHE K 62 -7.32 26.72 -44.93
C PHE K 62 -6.24 26.12 -44.06
N SER K 63 -5.04 26.69 -44.17
CA SER K 63 -3.89 26.21 -43.42
C SER K 63 -3.99 26.64 -41.96
N ALA K 64 -4.74 25.89 -41.15
CA ALA K 64 -5.00 26.24 -39.77
C ALA K 64 -4.29 25.28 -38.83
N GLY K 65 -4.25 25.67 -37.56
CA GLY K 65 -3.61 24.86 -36.54
C GLY K 65 -3.30 25.70 -35.32
N GLY K 66 -2.45 25.14 -34.47
CA GLY K 66 -2.01 25.82 -33.27
C GLY K 66 -2.63 25.22 -32.02
N SER K 67 -1.93 25.42 -30.90
CA SER K 67 -2.39 24.93 -29.61
C SER K 67 -1.98 25.94 -28.53
N GLY K 68 -2.68 25.88 -27.41
CA GLY K 68 -2.42 26.78 -26.30
C GLY K 68 -3.33 28.00 -26.38
N SER K 69 -2.74 29.17 -26.20
CA SER K 69 -3.47 30.44 -26.27
C SER K 69 -3.41 31.09 -27.64
N GLU K 70 -2.68 30.50 -28.59
CA GLU K 70 -2.50 31.06 -29.91
C GLU K 70 -3.02 30.11 -30.97
N PHE K 71 -3.72 30.66 -31.96
CA PHE K 71 -4.25 29.88 -33.07
C PHE K 71 -4.22 30.76 -34.32
N SER K 72 -3.64 30.24 -35.39
CA SER K 72 -3.52 30.96 -36.65
C SER K 72 -4.26 30.21 -37.75
N LEU K 73 -5.03 30.95 -38.54
CA LEU K 73 -5.71 30.41 -39.72
C LEU K 73 -5.17 31.17 -40.92
N THR K 74 -4.26 30.53 -41.66
CA THR K 74 -3.64 31.14 -42.83
C THR K 74 -4.33 30.62 -44.09
N ILE K 75 -4.64 31.52 -45.02
CA ILE K 75 -5.37 31.16 -46.23
C ILE K 75 -4.40 31.18 -47.40
N THR K 76 -4.41 30.11 -48.19
CA THR K 76 -3.54 30.00 -49.36
C THR K 76 -4.23 30.45 -50.63
N GLY K 77 -5.33 29.76 -50.99
CA GLY K 77 -6.08 30.11 -52.17
C GLY K 77 -7.23 31.05 -51.91
N LEU K 78 -6.94 32.32 -51.63
CA LEU K 78 -7.99 33.29 -51.34
C LEU K 78 -8.92 33.42 -52.54
N GLN K 79 -10.21 33.54 -52.25
CA GLN K 79 -11.27 33.51 -53.26
C GLN K 79 -12.21 34.67 -53.04
N PRO K 80 -12.97 35.07 -54.09
CA PRO K 80 -13.95 36.14 -53.91
C PRO K 80 -14.99 35.85 -52.84
N GLU K 81 -15.41 34.58 -52.70
CA GLU K 81 -16.38 34.24 -51.66
C GLU K 81 -15.77 34.32 -50.27
N ASP K 82 -14.48 33.98 -50.14
CA ASP K 82 -13.83 33.96 -48.84
C ASP K 82 -13.58 35.34 -48.26
N PHE K 83 -13.79 36.39 -49.05
CA PHE K 83 -13.55 37.77 -48.58
C PHE K 83 -14.66 38.14 -47.61
N ALA K 84 -14.49 37.68 -46.36
CA ALA K 84 -15.47 37.91 -45.31
C ALA K 84 -14.76 37.85 -43.97
N THR K 85 -15.46 38.32 -42.93
CA THR K 85 -14.87 38.35 -41.60
C THR K 85 -14.80 36.95 -41.02
N PHE K 86 -13.89 36.77 -40.07
CA PHE K 86 -13.66 35.49 -39.39
C PHE K 86 -13.81 35.66 -37.89
N PHE K 87 -14.48 34.70 -37.26
CA PHE K 87 -14.70 34.71 -35.81
C PHE K 87 -14.32 33.34 -35.26
N CYS K 88 -13.21 33.28 -34.53
CA CYS K 88 -12.84 32.04 -33.85
C CYS K 88 -13.59 31.93 -32.53
N GLN K 89 -14.21 30.78 -32.31
CA GLN K 89 -15.07 30.56 -31.15
C GLN K 89 -14.44 29.52 -30.24
N HIS K 90 -14.28 29.88 -28.97
CA HIS K 90 -13.82 28.94 -27.95
C HIS K 90 -15.02 28.23 -27.34
N TYR K 91 -14.81 26.98 -26.92
CA TYR K 91 -15.90 26.23 -26.29
C TYR K 91 -15.41 25.40 -25.11
N LYS K 92 -14.20 25.65 -24.60
CA LYS K 92 -13.70 24.88 -23.47
C LYS K 92 -14.51 25.16 -22.21
N ARG K 93 -14.70 26.44 -21.89
CA ARG K 93 -15.40 26.84 -20.68
C ARG K 93 -16.57 27.76 -21.03
N LEU K 94 -17.55 27.79 -20.15
CA LEU K 94 -18.79 28.55 -20.24
C LEU K 94 -18.67 29.84 -19.45
N PRO K 95 -19.18 30.98 -19.96
CA PRO K 95 -19.90 31.15 -21.22
C PRO K 95 -19.01 31.12 -22.46
N LEU K 96 -19.64 30.98 -23.63
CA LEU K 96 -18.93 30.94 -24.91
C LEU K 96 -18.84 32.35 -25.48
N THR K 97 -17.64 32.72 -25.91
CA THR K 97 -17.41 34.01 -26.54
C THR K 97 -16.83 33.80 -27.93
N PHE K 98 -17.21 34.67 -28.87
CA PHE K 98 -16.78 34.58 -30.24
C PHE K 98 -15.57 35.50 -30.46
N GLY K 99 -15.17 35.66 -31.72
CA GLY K 99 -14.04 36.49 -32.05
C GLY K 99 -14.33 37.97 -31.95
N GLY K 100 -13.25 38.76 -31.97
CA GLY K 100 -13.38 40.20 -31.87
C GLY K 100 -13.74 40.89 -33.16
N GLY K 101 -13.61 40.20 -34.30
CA GLY K 101 -13.93 40.80 -35.58
C GLY K 101 -12.71 41.02 -36.45
N THR K 102 -12.58 40.21 -37.52
CA THR K 102 -11.44 40.28 -38.43
C THR K 102 -11.98 40.37 -39.86
N LYS K 103 -12.28 41.58 -40.30
CA LYS K 103 -12.79 41.79 -41.66
C LYS K 103 -11.65 41.72 -42.66
N VAL K 104 -11.85 40.94 -43.73
CA VAL K 104 -10.87 40.77 -44.79
C VAL K 104 -11.38 41.50 -46.02
N GLU K 105 -10.47 42.17 -46.73
CA GLU K 105 -10.82 43.09 -47.78
C GLU K 105 -9.97 42.85 -49.02
N VAL K 106 -10.53 43.19 -50.19
CA VAL K 106 -9.77 43.11 -51.43
C VAL K 106 -8.71 44.21 -51.46
N LYS K 107 -7.66 43.96 -52.24
CA LYS K 107 -6.53 44.88 -52.32
C LYS K 107 -6.62 45.85 -53.49
N ARG K 108 -7.64 45.75 -54.38
CA ARG K 108 -7.56 46.30 -55.75
C ARG K 108 -8.49 47.51 -55.94
N THR K 109 -8.51 48.01 -57.18
CA THR K 109 -9.35 49.14 -57.59
C THR K 109 -9.05 50.38 -56.75
N VAL K 110 -7.83 50.88 -56.88
CA VAL K 110 -7.39 52.10 -56.20
C VAL K 110 -7.91 53.28 -57.00
N ALA K 111 -9.00 53.90 -56.53
CA ALA K 111 -9.63 55.01 -57.22
C ALA K 111 -9.65 56.24 -56.32
N ALA K 112 -9.58 57.42 -56.95
CA ALA K 112 -9.50 58.66 -56.20
C ALA K 112 -10.84 59.39 -56.21
N PRO K 113 -11.17 60.07 -55.11
CA PRO K 113 -12.47 60.74 -55.02
C PRO K 113 -12.47 62.19 -55.49
N SER K 114 -13.66 62.81 -55.47
CA SER K 114 -13.83 64.22 -55.80
C SER K 114 -14.83 64.81 -54.81
N VAL K 115 -14.39 65.81 -54.05
CA VAL K 115 -15.18 66.39 -52.96
C VAL K 115 -15.63 67.78 -53.36
N PHE K 116 -16.83 68.16 -52.91
CA PHE K 116 -17.40 69.46 -53.25
C PHE K 116 -18.38 69.88 -52.17
N ILE K 117 -18.73 71.16 -52.15
CA ILE K 117 -19.66 71.73 -51.20
C ILE K 117 -21.05 71.79 -51.82
N PHE K 118 -22.08 71.61 -51.00
CA PHE K 118 -23.45 71.51 -51.50
C PHE K 118 -24.39 72.21 -50.54
N PRO K 119 -24.91 73.38 -50.89
CA PRO K 119 -25.81 74.10 -49.98
C PRO K 119 -27.18 73.46 -49.92
N PRO K 120 -27.90 73.64 -48.82
CA PRO K 120 -29.27 73.11 -48.72
C PRO K 120 -30.19 73.73 -49.75
N SER K 121 -31.18 72.93 -50.17
CA SER K 121 -32.19 73.38 -51.11
C SER K 121 -33.36 74.00 -50.33
N ASP K 122 -34.48 74.23 -51.02
CA ASP K 122 -35.65 74.81 -50.36
C ASP K 122 -36.16 73.90 -49.24
N GLU K 123 -36.17 72.58 -49.48
CA GLU K 123 -36.78 71.67 -48.53
C GLU K 123 -36.07 71.66 -47.19
N GLN K 124 -34.74 71.81 -47.19
CA GLN K 124 -33.99 71.82 -45.93
C GLN K 124 -34.23 73.11 -45.15
N LEU K 125 -34.15 74.26 -45.83
CA LEU K 125 -34.28 75.54 -45.13
C LEU K 125 -35.66 75.68 -44.53
N LYS K 126 -36.71 75.29 -45.25
CA LYS K 126 -38.06 75.34 -44.70
C LYS K 126 -38.21 74.34 -43.56
N SER K 127 -37.58 73.18 -43.67
CA SER K 127 -37.60 72.21 -42.60
C SER K 127 -36.69 72.66 -41.47
N GLY K 128 -36.74 71.93 -40.36
CA GLY K 128 -35.96 72.32 -39.19
C GLY K 128 -34.47 72.22 -39.42
N THR K 129 -34.03 71.12 -40.03
CA THR K 129 -32.60 70.84 -40.20
C THR K 129 -32.21 70.92 -41.68
N ALA K 130 -31.02 71.44 -41.92
CA ALA K 130 -30.39 71.44 -43.23
C ALA K 130 -29.13 70.59 -43.17
N SER K 131 -28.41 70.53 -44.29
CA SER K 131 -27.19 69.74 -44.33
C SER K 131 -26.17 70.42 -45.21
N VAL K 132 -24.90 70.32 -44.80
CA VAL K 132 -23.76 70.68 -45.63
C VAL K 132 -23.00 69.38 -45.90
N VAL K 133 -22.78 69.09 -47.19
CA VAL K 133 -22.25 67.80 -47.62
C VAL K 133 -20.93 68.03 -48.34
N CYS K 134 -19.91 67.26 -47.94
CA CYS K 134 -18.65 67.15 -48.66
C CYS K 134 -18.58 65.70 -49.11
N LEU K 135 -19.21 65.40 -50.25
CA LEU K 135 -19.39 64.01 -50.67
C LEU K 135 -18.08 63.43 -51.22
N LEU K 136 -17.76 62.22 -50.77
CA LEU K 136 -16.58 61.48 -51.24
C LEU K 136 -17.06 60.37 -52.16
N ASN K 137 -16.43 60.26 -53.33
CA ASN K 137 -16.91 59.36 -54.38
C ASN K 137 -15.76 58.49 -54.87
N ASN K 138 -15.87 57.18 -54.65
CA ASN K 138 -14.94 56.18 -55.19
C ASN K 138 -13.53 56.37 -54.62
N PHE K 139 -13.42 56.22 -53.30
CA PHE K 139 -12.13 56.32 -52.61
C PHE K 139 -11.76 54.97 -52.01
N TYR K 140 -10.56 54.92 -51.43
CA TYR K 140 -9.98 53.72 -50.83
C TYR K 140 -8.74 54.09 -50.03
N PRO K 141 -8.56 53.58 -48.80
CA PRO K 141 -9.41 52.71 -47.98
C PRO K 141 -10.37 53.47 -47.07
N ARG K 142 -10.87 52.80 -46.03
CA ARG K 142 -11.80 53.40 -45.07
C ARG K 142 -11.01 54.12 -43.99
N GLU K 143 -10.43 55.26 -44.35
CA GLU K 143 -9.78 56.15 -43.39
C GLU K 143 -10.16 57.59 -43.67
N ALA K 144 -11.38 57.82 -44.15
CA ALA K 144 -11.82 59.17 -44.48
C ALA K 144 -11.97 59.99 -43.21
N LYS K 145 -10.96 60.80 -42.91
CA LYS K 145 -10.92 61.58 -41.67
C LYS K 145 -11.44 62.99 -41.94
N VAL K 146 -12.77 63.08 -42.07
CA VAL K 146 -13.41 64.36 -42.34
C VAL K 146 -13.34 65.23 -41.09
N GLN K 147 -12.84 66.45 -41.26
CA GLN K 147 -12.74 67.42 -40.18
C GLN K 147 -13.74 68.54 -40.43
N TRP K 148 -14.46 68.93 -39.37
CA TRP K 148 -15.50 69.94 -39.48
C TRP K 148 -15.30 70.98 -38.38
N LYS K 149 -15.35 72.25 -38.77
CA LYS K 149 -15.24 73.36 -37.83
C LYS K 149 -16.60 74.04 -37.71
N VAL K 150 -17.10 74.16 -36.48
CA VAL K 150 -18.33 74.87 -36.19
C VAL K 150 -18.10 75.75 -34.97
N ASP K 151 -17.81 77.03 -35.20
CA ASP K 151 -17.44 77.97 -34.14
C ASP K 151 -16.28 77.43 -33.32
N ASN K 152 -15.23 77.01 -34.03
CA ASN K 152 -14.03 76.43 -33.44
C ASN K 152 -14.37 75.17 -32.63
N ALA K 153 -15.15 74.29 -33.25
CA ALA K 153 -15.56 73.05 -32.60
C ALA K 153 -15.97 72.04 -33.65
N LEU K 154 -15.98 70.77 -33.25
CA LEU K 154 -16.46 69.66 -34.07
C LEU K 154 -17.51 68.90 -33.29
N GLN K 155 -18.64 68.60 -33.94
CA GLN K 155 -19.73 67.86 -33.32
C GLN K 155 -19.98 66.55 -34.07
N SER K 156 -20.42 65.56 -33.33
CA SER K 156 -20.76 64.25 -33.86
C SER K 156 -22.28 64.08 -33.88
N GLY K 157 -22.72 62.88 -34.26
CA GLY K 157 -24.14 62.59 -34.35
C GLY K 157 -24.75 63.12 -35.63
N ASN K 158 -24.83 64.44 -35.75
CA ASN K 158 -25.29 65.03 -37.01
C ASN K 158 -24.33 64.73 -38.15
N SER K 159 -23.05 64.48 -37.82
CA SER K 159 -22.07 64.05 -38.82
C SER K 159 -22.36 62.59 -39.14
N GLN K 160 -23.35 62.39 -40.01
CA GLN K 160 -23.84 61.06 -40.35
C GLN K 160 -22.82 60.39 -41.26
N GLU K 161 -21.82 59.79 -40.63
CA GLU K 161 -20.70 59.16 -41.32
C GLU K 161 -20.86 57.65 -41.23
N SER K 162 -21.10 57.01 -42.38
CA SER K 162 -21.15 55.55 -42.46
C SER K 162 -20.68 55.18 -43.85
N VAL K 163 -19.42 54.74 -43.95
CA VAL K 163 -18.83 54.39 -45.24
C VAL K 163 -19.48 53.13 -45.78
N THR K 164 -19.76 53.11 -47.08
CA THR K 164 -20.37 51.94 -47.69
C THR K 164 -19.38 50.79 -47.77
N GLU K 165 -19.91 49.58 -47.72
CA GLU K 165 -19.09 48.38 -47.81
C GLU K 165 -18.48 48.26 -49.21
N GLN K 166 -17.46 47.41 -49.33
CA GLN K 166 -16.81 47.21 -50.62
C GLN K 166 -17.81 46.76 -51.67
N ASP K 167 -17.70 47.35 -52.85
CA ASP K 167 -18.57 46.99 -53.95
C ASP K 167 -17.95 45.85 -54.75
N SER K 168 -18.68 45.35 -55.74
CA SER K 168 -18.16 44.33 -56.65
C SER K 168 -17.97 44.85 -58.07
N LYS K 169 -18.80 45.78 -58.52
CA LYS K 169 -18.60 46.38 -59.84
C LYS K 169 -17.44 47.38 -59.82
N ASP K 170 -17.30 48.14 -58.73
CA ASP K 170 -16.22 49.12 -58.61
C ASP K 170 -15.20 48.77 -57.54
N SER K 171 -15.59 48.00 -56.53
CA SER K 171 -14.68 47.55 -55.47
C SER K 171 -13.97 48.72 -54.80
N THR K 172 -14.72 49.82 -54.61
CA THR K 172 -14.21 50.98 -53.90
C THR K 172 -15.22 51.45 -52.86
N TYR K 173 -15.02 52.64 -52.30
CA TYR K 173 -15.80 53.12 -51.18
C TYR K 173 -16.44 54.45 -51.51
N SER K 174 -17.69 54.63 -51.06
CA SER K 174 -18.42 55.88 -51.25
C SER K 174 -18.90 56.38 -49.89
N LEU K 175 -18.64 57.65 -49.60
CA LEU K 175 -18.99 58.23 -48.30
C LEU K 175 -19.41 59.68 -48.49
N SER K 176 -20.40 60.10 -47.69
CA SER K 176 -20.90 61.48 -47.71
C SER K 176 -20.64 62.14 -46.37
N SER K 177 -20.60 63.48 -46.39
CA SER K 177 -20.34 64.29 -45.20
C SER K 177 -21.59 65.02 -44.75
N THR K 178 -22.73 64.34 -44.80
CA THR K 178 -24.00 64.96 -44.43
C THR K 178 -23.97 65.45 -42.98
N LEU K 179 -24.39 66.70 -42.77
CA LEU K 179 -24.41 67.33 -41.45
C LEU K 179 -25.83 67.79 -41.18
N THR K 180 -26.65 66.88 -40.62
CA THR K 180 -28.05 67.19 -40.34
C THR K 180 -28.13 68.04 -39.07
N LEU K 181 -28.02 69.35 -39.25
CA LEU K 181 -28.02 70.30 -38.15
C LEU K 181 -29.16 71.28 -38.31
N SER K 182 -29.87 71.55 -37.22
CA SER K 182 -30.95 72.51 -37.24
C SER K 182 -30.41 73.94 -37.30
N LYS K 183 -31.22 74.83 -37.88
CA LYS K 183 -30.80 76.21 -38.14
C LYS K 183 -30.45 76.97 -36.87
N ALA K 184 -30.86 76.50 -35.70
CA ALA K 184 -30.52 77.17 -34.45
C ALA K 184 -29.01 77.34 -34.32
N ASP K 185 -28.24 76.34 -34.77
CA ASP K 185 -26.80 76.44 -34.85
C ASP K 185 -26.24 76.17 -36.24
N TYR K 186 -26.99 75.49 -37.11
CA TYR K 186 -26.55 75.34 -38.50
C TYR K 186 -26.51 76.70 -39.19
N GLU K 187 -27.66 77.38 -39.29
CA GLU K 187 -27.71 78.68 -39.94
C GLU K 187 -26.98 79.75 -39.14
N LYS K 188 -26.70 79.50 -37.86
CA LYS K 188 -25.98 80.48 -37.05
C LYS K 188 -24.55 80.65 -37.55
N HIS K 189 -23.83 79.56 -37.73
CA HIS K 189 -22.44 79.61 -38.20
C HIS K 189 -22.45 79.92 -39.69
N LYS K 190 -21.98 81.11 -40.05
CA LYS K 190 -22.12 81.60 -41.42
C LYS K 190 -21.29 80.77 -42.40
N VAL K 191 -20.01 80.56 -42.09
CA VAL K 191 -19.09 79.89 -43.00
C VAL K 191 -18.70 78.54 -42.41
N TYR K 192 -18.76 77.50 -43.25
CA TYR K 192 -18.34 76.15 -42.89
C TYR K 192 -17.14 75.76 -43.73
N ALA K 193 -16.47 74.68 -43.30
CA ALA K 193 -15.30 74.20 -44.01
C ALA K 193 -15.02 72.76 -43.59
N CYS K 194 -14.94 71.87 -44.59
CA CYS K 194 -14.62 70.47 -44.34
C CYS K 194 -13.16 70.21 -44.72
N GLU K 195 -12.41 69.64 -43.80
CA GLU K 195 -10.99 69.34 -43.99
C GLU K 195 -10.84 67.83 -44.11
N VAL K 196 -10.52 67.36 -45.31
CA VAL K 196 -10.41 65.94 -45.59
C VAL K 196 -9.06 65.66 -46.25
N THR K 197 -8.43 64.57 -45.83
CA THR K 197 -7.22 64.06 -46.47
C THR K 197 -7.35 62.55 -46.64
N HIS K 198 -6.67 62.04 -47.67
CA HIS K 198 -6.79 60.63 -48.02
C HIS K 198 -5.51 60.19 -48.72
N GLN K 199 -5.02 59.01 -48.34
CA GLN K 199 -3.80 58.49 -48.98
C GLN K 199 -4.07 58.11 -50.42
N GLY K 200 -5.30 57.68 -50.73
CA GLY K 200 -5.66 57.44 -52.12
C GLY K 200 -5.68 58.71 -52.94
N LEU K 201 -5.96 59.84 -52.30
CA LEU K 201 -5.88 61.14 -52.96
C LEU K 201 -4.42 61.57 -53.02
N SER K 202 -3.91 61.78 -54.24
CA SER K 202 -2.55 62.29 -54.39
C SER K 202 -2.43 63.69 -53.80
N SER K 203 -3.43 64.54 -54.04
CA SER K 203 -3.44 65.91 -53.53
C SER K 203 -4.78 66.16 -52.85
N PRO K 204 -4.92 65.76 -51.58
CA PRO K 204 -6.16 66.06 -50.85
C PRO K 204 -6.42 67.55 -50.78
N VAL K 205 -7.69 67.93 -50.84
CA VAL K 205 -8.09 69.33 -50.86
C VAL K 205 -9.10 69.57 -49.75
N THR K 206 -9.17 70.82 -49.31
CA THR K 206 -10.09 71.25 -48.26
C THR K 206 -11.17 72.14 -48.87
N LYS K 207 -12.42 71.82 -48.60
CA LYS K 207 -13.56 72.52 -49.17
C LYS K 207 -14.25 73.34 -48.07
N SER K 208 -14.52 74.61 -48.36
CA SER K 208 -15.21 75.50 -47.44
C SER K 208 -16.60 75.84 -47.98
N PHE K 209 -17.55 75.96 -47.07
CA PHE K 209 -18.95 76.18 -47.42
C PHE K 209 -19.38 77.60 -47.10
N ASN K 210 -20.20 78.16 -47.98
CA ASN K 210 -20.74 79.51 -47.80
C ASN K 210 -22.24 79.42 -47.55
N ARG K 211 -22.73 80.20 -46.59
CA ARG K 211 -24.12 80.12 -46.15
C ARG K 211 -25.09 80.47 -47.28
N GLY K 212 -25.81 79.46 -47.77
CA GLY K 212 -26.91 79.66 -48.70
C GLY K 212 -26.60 80.53 -49.89
N GLU K 213 -27.24 81.72 -49.93
CA GLU K 213 -27.05 82.62 -51.06
C GLU K 213 -25.61 83.10 -51.17
N CYS K 214 -24.91 83.20 -50.04
CA CYS K 214 -23.51 83.62 -50.04
C CYS K 214 -22.64 82.54 -50.68
N ILE L 8 45.22 -33.90 1.28
CA ILE L 8 45.17 -34.60 0.00
C ILE L 8 43.72 -34.84 -0.41
N PHE L 9 42.80 -34.65 0.54
CA PHE L 9 41.38 -34.81 0.29
C PHE L 9 40.65 -33.54 0.69
N GLY L 10 39.68 -33.14 -0.12
CA GLY L 10 38.86 -31.97 0.15
C GLY L 10 37.68 -32.31 1.03
N PHE L 11 36.64 -31.47 0.92
CA PHE L 11 35.43 -31.69 1.70
C PHE L 11 34.77 -33.00 1.31
N LEU L 12 34.50 -33.84 2.31
CA LEU L 12 33.90 -35.16 2.09
C LEU L 12 34.72 -36.01 1.13
N GLY L 13 36.03 -35.76 1.08
CA GLY L 13 36.85 -36.42 0.08
C GLY L 13 36.91 -37.92 0.24
N ALA L 14 37.13 -38.38 1.48
CA ALA L 14 37.33 -39.80 1.75
C ALA L 14 36.07 -40.47 2.28
N ALA L 15 34.89 -39.88 2.03
CA ALA L 15 33.66 -40.45 2.55
C ALA L 15 33.38 -41.84 1.97
N GLY L 16 33.97 -42.17 0.83
CA GLY L 16 33.78 -43.48 0.25
C GLY L 16 34.90 -44.44 0.56
N SER L 17 36.01 -43.93 1.09
CA SER L 17 37.17 -44.75 1.37
C SER L 17 36.89 -45.68 2.54
N THR L 18 37.82 -46.60 2.79
CA THR L 18 37.65 -47.58 3.84
C THR L 18 37.75 -46.93 5.22
N MET L 19 37.47 -47.74 6.24
CA MET L 19 37.48 -47.26 7.62
C MET L 19 38.86 -46.75 8.03
N GLY L 20 39.91 -47.53 7.71
CA GLY L 20 41.23 -47.21 8.21
C GLY L 20 41.79 -45.91 7.67
N ALA L 21 41.66 -45.68 6.37
CA ALA L 21 42.25 -44.50 5.75
C ALA L 21 41.35 -43.28 5.81
N ALA L 22 40.11 -43.42 6.28
CA ALA L 22 39.21 -42.27 6.35
C ALA L 22 39.54 -41.35 7.51
N SER L 23 40.03 -41.91 8.62
CA SER L 23 40.26 -41.13 9.83
C SER L 23 41.27 -40.01 9.62
N ASN L 24 42.18 -40.15 8.66
CA ASN L 24 43.24 -39.17 8.48
C ASN L 24 42.77 -37.89 7.80
N THR L 25 41.47 -37.73 7.57
CA THR L 25 40.92 -36.50 6.99
C THR L 25 39.72 -36.02 7.80
N LEU L 26 39.74 -36.23 9.11
CA LEU L 26 38.62 -35.79 9.94
C LEU L 26 38.61 -34.28 10.12
N THR L 27 39.79 -33.66 10.14
CA THR L 27 39.86 -32.22 10.38
C THR L 27 39.28 -31.43 9.22
N VAL L 28 39.59 -31.81 7.99
CA VAL L 28 39.16 -31.05 6.82
C VAL L 28 37.65 -31.02 6.70
N GLN L 29 36.96 -32.03 7.24
CA GLN L 29 35.51 -32.04 7.27
C GLN L 29 34.97 -31.45 8.56
N ALA L 30 35.84 -30.91 9.42
CA ALA L 30 35.42 -30.29 10.67
C ALA L 30 35.57 -28.78 10.68
N ARG L 31 36.46 -28.22 9.85
CA ARG L 31 36.62 -26.77 9.83
C ARG L 31 35.47 -26.05 9.14
N GLN L 32 34.58 -26.78 8.47
CA GLN L 32 33.54 -26.13 7.68
C GLN L 32 32.15 -26.45 8.22
N LEU L 33 31.98 -26.34 9.54
CA LEU L 33 30.68 -26.51 10.16
C LEU L 33 29.97 -25.19 10.43
N LEU L 34 30.70 -24.08 10.46
CA LEU L 34 30.08 -22.78 10.67
C LEU L 34 30.44 -21.76 9.60
N SER L 35 31.69 -21.80 9.11
CA SER L 35 32.11 -20.85 8.07
C SER L 35 31.35 -21.11 6.78
N GLY L 36 31.01 -20.03 6.08
CA GLY L 36 30.27 -20.16 4.85
C GLY L 36 30.05 -18.82 4.19
N ILE L 37 29.22 -18.84 3.15
CA ILE L 37 28.92 -17.62 2.40
C ILE L 37 28.10 -16.64 3.23
N VAL L 38 27.40 -17.12 4.27
CA VAL L 38 26.52 -16.28 5.06
C VAL L 38 27.25 -15.18 5.82
N GLN L 39 28.58 -15.23 5.89
CA GLN L 39 29.32 -14.22 6.62
C GLN L 39 29.15 -12.84 6.00
N GLN L 40 29.17 -12.77 4.66
CA GLN L 40 29.01 -11.49 3.98
C GLN L 40 27.57 -10.98 4.12
N GLN L 41 27.41 -9.66 3.98
CA GLN L 41 26.13 -9.03 4.27
C GLN L 41 25.16 -9.18 3.10
N SER L 42 25.49 -8.57 1.96
CA SER L 42 24.64 -8.59 0.77
C SER L 42 25.38 -7.86 -0.34
N ASN L 43 24.82 -7.93 -1.55
CA ASN L 43 25.40 -7.19 -2.68
C ASN L 43 25.28 -5.69 -2.47
N LEU L 44 24.14 -5.23 -1.94
CA LEU L 44 23.99 -3.83 -1.57
C LEU L 44 22.96 -3.74 -0.43
N PRO L 45 23.37 -3.20 0.74
CA PRO L 45 22.46 -3.08 1.89
C PRO L 45 21.66 -1.78 1.87
N HIS L 53 10.38 -2.53 -2.34
CA HIS L 53 11.75 -2.73 -1.86
C HIS L 53 11.78 -3.71 -0.70
N LEU L 54 11.75 -3.18 0.53
CA LEU L 54 11.79 -3.98 1.75
C LEU L 54 13.04 -4.87 1.78
N LEU L 55 14.20 -4.21 1.84
CA LEU L 55 15.47 -4.93 1.85
C LEU L 55 15.55 -5.87 3.04
N GLN L 56 15.14 -5.41 4.22
CA GLN L 56 15.13 -6.25 5.41
C GLN L 56 13.86 -7.09 5.53
N LEU L 57 12.86 -6.85 4.70
CA LEU L 57 11.60 -7.57 4.78
C LEU L 57 11.31 -8.43 3.55
N THR L 58 12.19 -8.41 2.55
CA THR L 58 12.04 -9.30 1.40
C THR L 58 12.14 -10.76 1.87
N VAL L 59 11.64 -11.67 1.05
CA VAL L 59 11.68 -13.08 1.41
C VAL L 59 13.12 -13.53 1.65
N TRP L 60 14.07 -13.09 0.82
CA TRP L 60 15.47 -13.34 1.12
C TRP L 60 15.96 -12.52 2.30
N GLY L 61 15.23 -11.48 2.71
CA GLY L 61 15.52 -10.84 3.98
C GLY L 61 15.17 -11.70 5.17
N ILE L 62 14.25 -12.65 4.99
CA ILE L 62 13.93 -13.62 6.03
C ILE L 62 14.43 -15.02 5.70
N LYS L 63 14.56 -15.36 4.43
CA LYS L 63 15.14 -16.66 4.07
C LYS L 63 16.61 -16.73 4.50
N GLN L 64 17.34 -15.63 4.35
CA GLN L 64 18.72 -15.60 4.83
C GLN L 64 18.77 -15.70 6.35
N LEU L 65 17.85 -15.02 7.05
CA LEU L 65 17.83 -15.11 8.51
C LEU L 65 17.53 -16.53 8.96
N GLN L 66 16.63 -17.22 8.27
CA GLN L 66 16.37 -18.62 8.60
C GLN L 66 17.60 -19.48 8.37
N ALA L 67 18.45 -19.11 7.41
CA ALA L 67 19.67 -19.88 7.17
C ALA L 67 20.66 -19.71 8.32
N ARG L 68 20.82 -18.50 8.82
CA ARG L 68 21.79 -18.26 9.90
C ARG L 68 21.41 -19.02 11.16
N VAL L 69 20.13 -19.00 11.54
CA VAL L 69 19.72 -19.64 12.78
C VAL L 69 19.82 -21.16 12.70
N LEU L 70 19.67 -21.74 11.51
CA LEU L 70 19.87 -23.17 11.38
C LEU L 70 21.35 -23.55 11.44
N ALA L 71 22.24 -22.65 11.03
CA ALA L 71 23.66 -22.95 11.05
C ALA L 71 24.16 -23.16 12.48
N VAL L 72 23.85 -22.21 13.37
CA VAL L 72 24.31 -22.34 14.75
C VAL L 72 23.60 -23.48 15.46
N GLU L 73 22.28 -23.62 15.27
CA GLU L 73 21.53 -24.63 15.99
C GLU L 73 21.98 -26.04 15.61
N ARG L 74 22.20 -26.29 14.31
CA ARG L 74 22.60 -27.62 13.88
C ARG L 74 24.00 -27.96 14.37
N TYR L 75 24.94 -27.02 14.28
CA TYR L 75 26.27 -27.28 14.79
C TYR L 75 26.26 -27.44 16.29
N LEU L 76 25.65 -26.49 17.00
CA LEU L 76 25.74 -26.47 18.46
C LEU L 76 25.03 -27.65 19.09
N GLU L 77 24.10 -28.29 18.37
CA GLU L 77 23.48 -29.50 18.89
C GLU L 77 24.52 -30.59 19.11
N VAL L 78 25.46 -30.75 18.16
CA VAL L 78 26.52 -31.73 18.33
C VAL L 78 27.39 -31.37 19.53
N GLN L 79 27.63 -30.08 19.74
CA GLN L 79 28.42 -29.65 20.88
C GLN L 79 27.83 -30.11 22.20
N LYS L 80 26.49 -30.21 22.26
CA LYS L 80 25.85 -30.64 23.51
C LYS L 80 26.28 -32.04 23.91
N PHE L 81 26.30 -32.97 22.96
CA PHE L 81 26.69 -34.33 23.28
C PHE L 81 28.16 -34.44 23.61
N LEU L 82 29.02 -33.65 22.95
CA LEU L 82 30.43 -33.63 23.30
C LEU L 82 30.64 -33.07 24.70
N GLY L 83 29.80 -32.11 25.10
CA GLY L 83 29.95 -31.52 26.42
C GLY L 83 29.74 -32.53 27.54
N LEU L 84 28.67 -33.33 27.43
CA LEU L 84 28.33 -34.25 28.50
C LEU L 84 29.36 -35.36 28.63
N TRP L 85 29.81 -35.92 27.51
CA TRP L 85 30.68 -37.08 27.55
C TRP L 85 32.09 -36.77 28.05
N GLY L 86 32.41 -35.50 28.24
CA GLY L 86 33.73 -35.12 28.69
C GLY L 86 34.76 -34.99 27.60
N CYS L 87 34.41 -35.27 26.35
CA CYS L 87 35.32 -35.18 25.22
C CYS L 87 35.37 -33.78 24.64
N SER L 88 34.99 -32.76 25.40
CA SER L 88 34.99 -31.40 24.89
C SER L 88 36.40 -30.97 24.51
N GLY L 89 36.51 -30.27 23.39
CA GLY L 89 37.79 -29.84 22.89
C GLY L 89 38.71 -30.96 22.48
N LYS L 90 38.18 -31.97 21.80
CA LYS L 90 38.99 -33.09 21.32
C LYS L 90 38.36 -33.62 20.06
N ILE L 91 39.14 -33.67 18.98
CA ILE L 91 38.66 -34.30 17.75
C ILE L 91 38.49 -35.80 17.97
N ILE L 92 39.46 -36.44 18.61
CA ILE L 92 39.40 -37.85 18.95
C ILE L 92 39.36 -37.96 20.46
N CYS L 93 38.40 -38.72 20.98
CA CYS L 93 38.22 -38.89 22.41
C CYS L 93 38.40 -40.35 22.78
N CYS L 94 38.28 -40.64 24.07
CA CYS L 94 38.44 -42.01 24.57
C CYS L 94 37.68 -42.12 25.89
N THR L 95 36.47 -42.68 25.83
CA THR L 95 35.66 -42.89 27.02
C THR L 95 35.93 -44.28 27.59
N ALA L 96 35.09 -44.74 28.50
CA ALA L 96 35.28 -46.01 29.19
C ALA L 96 34.00 -46.81 29.24
N VAL L 97 33.28 -46.88 28.12
CA VAL L 97 32.10 -47.73 28.00
C VAL L 97 32.52 -49.02 27.28
N PRO L 98 32.52 -50.16 27.96
CA PRO L 98 32.91 -51.40 27.27
C PRO L 98 31.82 -51.88 26.34
N TRP L 99 32.20 -52.06 25.07
CA TRP L 99 31.34 -52.69 24.08
C TRP L 99 30.97 -54.08 24.57
N ASN L 100 29.68 -54.43 24.57
CA ASN L 100 29.34 -55.75 25.09
C ASN L 100 29.11 -56.76 23.96
N SER L 101 29.44 -56.39 22.73
CA SER L 101 29.34 -57.25 21.55
C SER L 101 27.89 -57.44 21.10
N THR L 102 26.92 -56.89 21.84
CA THR L 102 25.54 -57.05 21.44
C THR L 102 25.19 -56.17 20.23
N TRP L 103 25.68 -54.93 20.22
CA TRP L 103 25.34 -54.03 19.12
C TRP L 103 25.89 -54.53 17.80
N SER L 104 27.14 -54.99 17.80
CA SER L 104 27.75 -55.57 16.61
C SER L 104 28.98 -56.35 17.06
N ASN L 105 29.05 -57.62 16.66
CA ASN L 105 30.10 -58.51 17.13
C ASN L 105 31.14 -58.80 16.05
N LYS L 106 31.25 -57.95 15.04
CA LYS L 106 32.33 -58.08 14.08
C LYS L 106 33.66 -57.79 14.77
N SER L 107 34.65 -58.62 14.50
CA SER L 107 35.96 -58.46 15.10
C SER L 107 36.60 -57.16 14.61
N PHE L 108 37.64 -56.74 15.33
CA PHE L 108 38.28 -55.46 15.01
C PHE L 108 38.83 -55.43 13.60
N GLU L 109 39.41 -56.54 13.15
CA GLU L 109 39.93 -56.60 11.79
C GLU L 109 38.82 -56.41 10.76
N GLN L 110 37.67 -57.04 10.98
CA GLN L 110 36.58 -56.96 10.02
C GLN L 110 35.98 -55.56 9.94
N ILE L 111 36.23 -54.71 10.93
CA ILE L 111 35.61 -53.39 10.97
C ILE L 111 36.48 -52.34 10.30
N TRP L 112 37.74 -52.23 10.71
CA TRP L 112 38.61 -51.15 10.24
C TRP L 112 39.31 -51.48 8.93
N ASN L 113 39.12 -52.67 8.37
CA ASN L 113 39.80 -53.03 7.14
C ASN L 113 39.09 -52.46 5.91
N ASN L 114 37.85 -52.90 5.66
CA ASN L 114 37.16 -52.47 4.45
C ASN L 114 35.67 -52.23 4.69
N MET L 115 35.30 -51.80 5.88
CA MET L 115 33.92 -51.44 6.21
C MET L 115 33.85 -49.92 6.20
N THR L 116 33.25 -49.34 5.17
CA THR L 116 33.31 -47.90 4.97
C THR L 116 32.41 -47.16 5.95
N TRP L 117 32.68 -45.86 6.10
CA TRP L 117 32.05 -45.06 7.15
C TRP L 117 30.56 -44.91 6.92
N ILE L 118 30.15 -44.55 5.71
CA ILE L 118 28.78 -44.09 5.48
C ILE L 118 27.78 -45.15 5.89
N GLU L 119 28.09 -46.41 5.63
CA GLU L 119 27.22 -47.51 6.03
C GLU L 119 27.58 -48.11 7.39
N TRP L 120 28.64 -47.65 8.04
CA TRP L 120 28.99 -48.20 9.33
C TRP L 120 27.90 -47.95 10.35
N GLU L 121 27.67 -46.68 10.70
CA GLU L 121 26.75 -46.41 11.79
C GLU L 121 25.28 -46.55 11.39
N ARG L 122 24.97 -46.75 10.11
CA ARG L 122 23.62 -47.17 9.78
C ARG L 122 23.36 -48.59 10.26
N GLU L 123 24.41 -49.42 10.31
CA GLU L 123 24.27 -50.75 10.89
C GLU L 123 23.98 -50.67 12.39
N ILE L 124 24.50 -49.64 13.06
CA ILE L 124 24.34 -49.50 14.50
C ILE L 124 23.15 -48.59 14.79
N SER L 125 22.41 -48.23 13.74
CA SER L 125 21.42 -47.17 13.85
C SER L 125 20.30 -47.48 14.84
N ASN L 126 20.07 -48.74 15.19
CA ASN L 126 19.10 -49.04 16.23
C ASN L 126 19.65 -48.88 17.64
N TYR L 127 20.93 -48.54 17.80
CA TYR L 127 21.50 -48.41 19.13
C TYR L 127 22.00 -47.01 19.44
N THR L 128 21.78 -46.05 18.54
CA THR L 128 22.17 -44.68 18.83
C THR L 128 21.42 -44.11 20.02
N SER L 129 20.12 -44.41 20.12
CA SER L 129 19.30 -43.86 21.19
C SER L 129 19.73 -44.35 22.57
N GLN L 130 20.47 -45.45 22.65
CA GLN L 130 20.94 -45.98 23.92
C GLN L 130 22.42 -45.72 24.17
N ILE L 131 23.24 -45.75 23.12
CA ILE L 131 24.64 -45.38 23.28
C ILE L 131 24.77 -43.92 23.70
N TYR L 132 23.95 -43.04 23.12
CA TYR L 132 23.96 -41.65 23.53
C TYR L 132 23.45 -41.46 24.95
N ASP L 133 22.87 -42.48 25.56
CA ASP L 133 22.45 -42.42 26.95
C ASP L 133 23.40 -43.14 27.90
N ILE L 134 23.95 -44.28 27.49
CA ILE L 134 24.86 -45.01 28.38
C ILE L 134 26.17 -44.27 28.54
N LEU L 135 26.63 -43.56 27.50
CA LEU L 135 27.83 -42.76 27.63
C LEU L 135 27.66 -41.67 28.68
N THR L 136 26.50 -41.02 28.72
CA THR L 136 26.26 -39.99 29.71
C THR L 136 26.38 -40.55 31.12
N GLU L 137 25.81 -41.72 31.36
CA GLU L 137 25.91 -42.34 32.69
C GLU L 137 27.36 -42.64 33.04
N SER L 138 28.14 -43.15 32.07
CA SER L 138 29.52 -43.51 32.36
C SER L 138 30.33 -42.29 32.79
N GLN L 139 30.12 -41.15 32.13
CA GLN L 139 30.78 -39.93 32.57
C GLN L 139 30.34 -39.53 33.97
N PHE L 140 29.04 -39.66 34.26
CA PHE L 140 28.54 -39.29 35.58
C PHE L 140 29.15 -40.16 36.67
N GLN L 141 29.26 -41.47 36.42
CA GLN L 141 29.78 -42.36 37.45
C GLN L 141 31.28 -42.22 37.66
N GLN L 142 32.00 -41.66 36.68
CA GLN L 142 33.44 -41.54 36.81
C GLN L 142 33.82 -40.54 37.89
N ASP L 143 33.23 -39.35 37.85
CA ASP L 143 33.64 -38.25 38.72
C ASP L 143 32.86 -38.17 40.02
N ILE L 144 31.73 -38.88 40.14
CA ILE L 144 31.11 -39.02 41.45
C ILE L 144 32.04 -39.79 42.38
N ASN L 145 32.76 -40.77 41.84
CA ASN L 145 33.83 -41.39 42.60
C ASN L 145 34.98 -40.42 42.83
N GLU L 146 35.21 -39.50 41.89
CA GLU L 146 36.32 -38.55 42.03
C GLU L 146 36.00 -37.46 43.05
N VAL L 147 34.75 -37.01 43.10
CA VAL L 147 34.41 -35.93 44.03
C VAL L 147 34.54 -36.39 45.48
N ASP L 148 34.51 -37.69 45.73
CA ASP L 148 34.73 -38.24 47.06
C ASP L 148 36.04 -39.01 47.15
N LEU L 149 37.05 -38.58 46.39
CA LEU L 149 38.35 -39.24 46.39
C LEU L 149 39.47 -38.23 46.63
N LEU L 150 39.26 -36.99 46.19
CA LEU L 150 40.28 -35.96 46.31
C LEU L 150 40.33 -35.37 47.73
N ILE M 8 16.10 -44.29 39.39
CA ILE M 8 15.70 -43.71 38.12
C ILE M 8 14.58 -42.70 38.32
N PHE M 9 14.77 -41.50 37.79
CA PHE M 9 13.82 -40.41 37.93
C PHE M 9 13.44 -39.88 36.56
N GLY M 10 12.46 -38.97 36.55
CA GLY M 10 12.09 -38.24 35.37
C GLY M 10 12.72 -36.85 35.35
N PHE M 11 12.39 -36.10 34.30
CA PHE M 11 12.89 -34.74 34.19
C PHE M 11 12.33 -33.88 35.30
N LEU M 12 13.23 -33.17 36.00
CA LEU M 12 12.87 -32.33 37.14
C LEU M 12 12.16 -33.10 38.23
N GLY M 13 12.33 -34.43 38.27
CA GLY M 13 11.53 -35.27 39.12
C GLY M 13 11.94 -35.38 40.56
N ALA M 14 12.99 -34.66 40.98
CA ALA M 14 13.43 -34.76 42.37
C ALA M 14 13.76 -33.39 42.97
N ALA M 15 13.16 -32.32 42.44
CA ALA M 15 13.48 -30.98 42.94
C ALA M 15 13.13 -30.82 44.41
N GLY M 16 12.05 -31.46 44.86
CA GLY M 16 11.67 -31.38 46.26
C GLY M 16 12.42 -32.30 47.18
N SER M 17 13.26 -33.18 46.64
CA SER M 17 14.01 -34.12 47.46
C SER M 17 15.22 -33.43 48.09
N THR M 18 15.81 -34.11 49.07
CA THR M 18 16.97 -33.57 49.75
C THR M 18 18.16 -33.48 48.80
N MET M 19 19.05 -32.53 49.08
CA MET M 19 20.16 -32.25 48.18
C MET M 19 21.07 -33.46 48.01
N GLY M 20 21.39 -34.14 49.11
CA GLY M 20 22.31 -35.26 49.04
C GLY M 20 21.80 -36.39 48.19
N ALA M 21 20.51 -36.71 48.31
CA ALA M 21 19.91 -37.76 47.49
C ALA M 21 19.50 -37.28 46.11
N ALA M 22 19.58 -35.98 45.85
CA ALA M 22 19.30 -35.41 44.54
C ALA M 22 20.55 -35.06 43.77
N SER M 23 21.72 -35.52 44.23
CA SER M 23 22.98 -35.26 43.56
C SER M 23 23.36 -36.36 42.58
N ASN M 24 22.51 -37.37 42.39
CA ASN M 24 22.79 -38.47 41.48
C ASN M 24 21.72 -38.60 40.41
N THR M 25 21.10 -37.49 40.03
CA THR M 25 20.13 -37.50 38.94
C THR M 25 20.27 -36.27 38.05
N LEU M 26 21.41 -35.59 38.08
CA LEU M 26 21.57 -34.36 37.32
C LEU M 26 21.55 -34.60 35.82
N THR M 27 22.00 -35.77 35.36
CA THR M 27 22.06 -36.02 33.93
C THR M 27 20.68 -35.98 33.28
N VAL M 28 19.63 -36.27 34.06
CA VAL M 28 18.27 -36.21 33.51
C VAL M 28 17.91 -34.79 33.12
N GLN M 29 18.23 -33.82 34.00
CA GLN M 29 17.95 -32.43 33.68
C GLN M 29 18.89 -31.91 32.60
N ALA M 30 20.17 -32.28 32.66
CA ALA M 30 21.16 -31.77 31.72
C ALA M 30 20.96 -32.29 30.31
N ARG M 31 20.14 -33.32 30.13
CA ARG M 31 19.95 -33.95 28.82
C ARG M 31 18.82 -33.32 28.02
N GLN M 32 18.14 -32.32 28.56
CA GLN M 32 16.97 -31.73 27.90
C GLN M 32 17.04 -30.21 27.95
N LEU M 33 18.19 -29.64 27.57
CA LEU M 33 18.31 -28.20 27.44
C LEU M 33 18.01 -27.70 26.04
N LEU M 34 18.22 -28.55 25.03
CA LEU M 34 17.91 -28.16 23.65
C LEU M 34 17.00 -29.17 22.97
N SER M 35 17.15 -30.44 23.31
CA SER M 35 16.40 -31.49 22.64
C SER M 35 14.94 -31.46 23.05
N GLY M 36 14.12 -30.77 22.26
CA GLY M 36 12.71 -30.67 22.54
C GLY M 36 11.86 -30.96 21.32
N ILE M 37 10.99 -30.01 20.97
CA ILE M 37 10.11 -30.15 19.82
C ILE M 37 10.34 -29.07 18.76
N VAL M 38 10.97 -27.95 19.12
CA VAL M 38 11.13 -26.82 18.20
C VAL M 38 11.95 -27.17 16.97
N GLN M 39 12.72 -28.27 17.02
CA GLN M 39 13.63 -28.58 15.93
C GLN M 39 12.89 -28.81 14.61
N GLN M 40 11.63 -29.21 14.68
CA GLN M 40 10.85 -29.41 13.45
C GLN M 40 10.48 -28.07 12.84
N GLN M 41 10.51 -28.00 11.51
CA GLN M 41 10.24 -26.76 10.81
C GLN M 41 8.75 -26.43 10.78
N SER M 42 7.97 -27.29 10.14
CA SER M 42 6.53 -27.07 10.02
C SER M 42 5.85 -28.40 9.71
N ASN M 43 4.53 -28.43 9.91
CA ASN M 43 3.75 -29.62 9.58
C ASN M 43 3.78 -29.89 8.08
N LEU M 44 3.65 -28.84 7.26
CA LEU M 44 3.67 -28.98 5.82
C LEU M 44 3.95 -27.62 5.21
N PRO M 45 4.83 -27.52 4.21
CA PRO M 45 5.12 -26.23 3.55
C PRO M 45 4.00 -25.81 2.60
N HIS M 53 1.79 -20.21 1.06
CA HIS M 53 2.06 -18.83 0.67
C HIS M 53 2.88 -18.10 1.73
N LEU M 54 4.18 -18.35 1.73
CA LEU M 54 5.13 -17.72 2.65
C LEU M 54 4.73 -17.98 4.11
N LEU M 55 4.82 -19.26 4.48
CA LEU M 55 4.52 -19.67 5.85
C LEU M 55 5.50 -19.05 6.85
N GLN M 56 6.63 -18.52 6.38
CA GLN M 56 7.62 -17.92 7.25
C GLN M 56 7.17 -16.59 7.85
N LEU M 57 6.07 -16.02 7.39
CA LEU M 57 5.59 -14.72 7.87
C LEU M 57 4.28 -14.80 8.63
N THR M 58 3.68 -15.98 8.75
CA THR M 58 2.48 -16.13 9.56
C THR M 58 2.81 -15.88 11.02
N VAL M 59 1.86 -15.26 11.74
CA VAL M 59 2.11 -14.91 13.14
C VAL M 59 2.41 -16.14 13.97
N TRP M 60 1.79 -17.27 13.62
CA TRP M 60 2.19 -18.53 14.26
C TRP M 60 3.64 -18.86 13.92
N GLY M 61 4.04 -18.66 12.66
CA GLY M 61 5.39 -18.96 12.23
C GLY M 61 6.44 -17.93 12.62
N ILE M 62 6.02 -16.76 13.10
CA ILE M 62 6.98 -15.76 13.54
C ILE M 62 7.38 -15.93 15.00
N LYS M 63 6.74 -16.86 15.72
CA LYS M 63 7.09 -17.10 17.11
C LYS M 63 8.09 -18.23 17.30
N GLN M 64 8.26 -19.10 16.30
CA GLN M 64 9.36 -20.06 16.35
C GLN M 64 10.71 -19.36 16.37
N LEU M 65 10.84 -18.30 15.57
CA LEU M 65 12.09 -17.53 15.59
C LEU M 65 12.37 -16.99 16.98
N GLN M 66 11.34 -16.44 17.64
CA GLN M 66 11.51 -16.05 19.04
C GLN M 66 11.72 -17.28 19.93
N ALA M 67 11.10 -18.41 19.59
CA ALA M 67 11.29 -19.62 20.38
C ALA M 67 12.66 -20.22 20.16
N ARG M 68 13.10 -20.31 18.90
CA ARG M 68 14.36 -20.98 18.62
C ARG M 68 15.56 -20.20 19.13
N VAL M 69 15.59 -18.89 18.88
CA VAL M 69 16.75 -18.11 19.31
C VAL M 69 16.79 -18.01 20.83
N LEU M 70 15.65 -18.12 21.49
CA LEU M 70 15.64 -18.11 22.95
C LEU M 70 16.22 -19.39 23.52
N ALA M 71 16.09 -20.51 22.79
CA ALA M 71 16.65 -21.77 23.27
C ALA M 71 18.17 -21.70 23.34
N VAL M 72 18.81 -21.27 22.25
CA VAL M 72 20.26 -21.18 22.24
C VAL M 72 20.74 -20.07 23.17
N GLU M 73 20.13 -18.89 23.08
CA GLU M 73 20.58 -17.76 23.88
C GLU M 73 20.44 -18.02 25.37
N ARG M 74 19.62 -19.00 25.76
CA ARG M 74 19.55 -19.42 27.15
C ARG M 74 20.56 -20.52 27.47
N TYR M 75 20.87 -21.37 26.50
CA TYR M 75 21.85 -22.42 26.74
C TYR M 75 23.28 -21.87 26.73
N LEU M 76 23.56 -20.89 25.88
CA LEU M 76 24.94 -20.36 25.80
C LEU M 76 25.37 -19.75 27.12
N GLU M 77 24.48 -19.02 27.79
CA GLU M 77 24.82 -18.40 29.05
C GLU M 77 25.37 -19.43 30.03
N VAL M 78 24.83 -20.64 30.00
CA VAL M 78 25.38 -21.71 30.82
C VAL M 78 26.80 -22.05 30.37
N GLN M 79 27.00 -22.14 29.06
CA GLN M 79 28.32 -22.52 28.55
C GLN M 79 29.38 -21.50 28.89
N LYS M 80 29.04 -20.20 28.81
CA LYS M 80 30.03 -19.15 29.04
C LYS M 80 30.61 -19.25 30.44
N PHE M 81 29.75 -19.44 31.45
CA PHE M 81 30.25 -19.57 32.81
C PHE M 81 31.05 -20.85 32.99
N LEU M 82 30.59 -21.96 32.40
CA LEU M 82 31.35 -23.20 32.48
C LEU M 82 32.67 -23.09 31.72
N GLY M 83 32.69 -22.31 30.64
CA GLY M 83 33.92 -22.19 29.88
C GLY M 83 35.05 -21.55 30.65
N LEU M 84 34.76 -20.45 31.34
CA LEU M 84 35.82 -19.70 32.00
C LEU M 84 36.33 -20.42 33.24
N TRP M 85 35.44 -21.08 33.98
CA TRP M 85 35.82 -21.67 35.25
C TRP M 85 36.75 -22.86 35.10
N GLY M 86 36.96 -23.36 33.89
CA GLY M 86 37.79 -24.51 33.66
C GLY M 86 37.07 -25.83 33.75
N CYS M 87 35.84 -25.83 34.28
CA CYS M 87 35.01 -27.02 34.36
C CYS M 87 34.15 -27.24 33.13
N SER M 88 34.55 -26.69 31.99
CA SER M 88 33.85 -26.95 30.75
C SER M 88 33.99 -28.42 30.37
N GLY M 89 32.95 -28.95 29.74
CA GLY M 89 32.96 -30.35 29.36
C GLY M 89 32.92 -31.31 30.54
N LYS M 90 32.10 -31.02 31.54
CA LYS M 90 31.91 -31.91 32.68
C LYS M 90 30.55 -31.62 33.29
N ILE M 91 30.09 -32.55 34.12
CA ILE M 91 28.78 -32.39 34.75
C ILE M 91 28.97 -31.94 36.19
N ILE M 92 29.65 -32.75 37.01
CA ILE M 92 29.92 -32.36 38.38
C ILE M 92 31.42 -32.12 38.54
N CYS M 93 31.82 -30.87 38.38
CA CYS M 93 33.20 -30.43 38.56
C CYS M 93 33.38 -29.78 39.92
N CYS M 94 34.64 -29.48 40.24
CA CYS M 94 34.95 -28.83 41.50
C CYS M 94 36.34 -28.22 41.44
N THR M 95 36.41 -26.90 41.56
CA THR M 95 37.65 -26.14 41.49
C THR M 95 38.29 -26.08 42.88
N ALA M 96 39.26 -25.18 43.05
CA ALA M 96 40.05 -25.10 44.27
C ALA M 96 40.08 -23.67 44.80
N VAL M 97 38.92 -23.04 44.88
CA VAL M 97 38.77 -21.72 45.50
C VAL M 97 38.21 -21.91 46.91
N PRO M 98 38.78 -21.28 47.92
CA PRO M 98 38.28 -21.47 49.29
C PRO M 98 36.91 -20.85 49.48
N TRP M 99 36.22 -21.32 50.52
CA TRP M 99 34.84 -20.98 50.82
C TRP M 99 34.83 -20.43 52.24
N ASN M 100 34.92 -19.11 52.41
CA ASN M 100 35.26 -18.61 53.75
C ASN M 100 34.06 -18.59 54.69
N SER M 101 32.94 -19.20 54.30
CA SER M 101 31.75 -19.39 55.14
C SER M 101 30.96 -18.11 55.38
N THR M 102 31.42 -16.95 54.89
CA THR M 102 30.63 -15.73 55.09
C THR M 102 29.35 -15.78 54.28
N TRP M 103 29.34 -16.52 53.17
CA TRP M 103 28.11 -16.71 52.41
C TRP M 103 27.21 -17.74 53.08
N SER M 104 27.80 -18.78 53.65
CA SER M 104 27.06 -19.78 54.41
C SER M 104 28.04 -20.53 55.28
N ASN M 105 27.85 -20.48 56.59
CA ASN M 105 28.78 -21.09 57.53
C ASN M 105 28.30 -22.43 58.06
N LYS M 106 27.22 -22.97 57.52
CA LYS M 106 26.71 -24.25 57.99
C LYS M 106 27.69 -25.37 57.65
N SER M 107 27.63 -26.44 58.45
CA SER M 107 28.60 -27.51 58.35
C SER M 107 28.28 -28.42 57.15
N PHE M 108 29.07 -29.48 57.03
CA PHE M 108 28.91 -30.41 55.91
C PHE M 108 27.55 -31.10 55.96
N GLU M 109 27.21 -31.68 57.11
CA GLU M 109 25.99 -32.49 57.20
C GLU M 109 24.74 -31.62 57.19
N GLN M 110 24.79 -30.43 57.78
CA GLN M 110 23.63 -29.56 57.85
C GLN M 110 23.14 -29.10 56.48
N ILE M 111 23.97 -29.22 55.44
CA ILE M 111 23.62 -28.71 54.12
C ILE M 111 23.18 -29.84 53.20
N TRP M 112 24.06 -30.83 53.01
CA TRP M 112 23.87 -31.82 51.96
C TRP M 112 22.61 -32.64 52.19
N ASN M 113 22.41 -33.11 53.42
CA ASN M 113 21.46 -34.18 53.68
C ASN M 113 20.04 -33.70 53.92
N ASN M 114 19.84 -32.44 54.28
CA ASN M 114 18.56 -32.04 54.83
C ASN M 114 17.91 -30.89 54.07
N MET M 115 18.69 -29.87 53.70
CA MET M 115 18.17 -28.72 52.97
C MET M 115 18.07 -29.04 51.48
N THR M 116 16.93 -28.71 50.89
CA THR M 116 16.68 -29.03 49.49
C THR M 116 17.37 -28.02 48.58
N TRP M 117 17.38 -28.36 47.28
CA TRP M 117 18.12 -27.56 46.31
C TRP M 117 17.52 -26.17 46.13
N ILE M 118 16.20 -26.08 45.99
CA ILE M 118 15.57 -24.80 45.71
C ILE M 118 15.81 -23.82 46.86
N GLU M 119 15.65 -24.30 48.10
CA GLU M 119 15.87 -23.43 49.25
C GLU M 119 17.31 -22.95 49.32
N TRP M 120 18.26 -23.84 49.02
CA TRP M 120 19.67 -23.45 49.06
C TRP M 120 19.99 -22.38 48.03
N GLU M 121 19.43 -22.49 46.83
CA GLU M 121 19.68 -21.49 45.81
C GLU M 121 19.14 -20.13 46.24
N ARG M 122 17.95 -20.12 46.85
CA ARG M 122 17.41 -18.85 47.34
C ARG M 122 18.21 -18.33 48.53
N GLU M 123 18.82 -19.22 49.30
CA GLU M 123 19.47 -18.82 50.54
C GLU M 123 20.73 -18.00 50.32
N ILE M 124 21.42 -18.19 49.19
CA ILE M 124 22.62 -17.43 48.88
C ILE M 124 22.45 -16.61 47.59
N SER M 125 21.21 -16.33 47.20
CA SER M 125 20.98 -15.68 45.91
C SER M 125 21.54 -14.27 45.85
N ASN M 126 21.90 -13.69 47.00
CA ASN M 126 22.44 -12.35 47.06
C ASN M 126 23.96 -12.30 47.19
N TYR M 127 24.61 -13.44 47.41
CA TYR M 127 26.07 -13.51 47.29
C TYR M 127 26.55 -14.20 46.01
N THR M 128 25.67 -14.42 45.03
CA THR M 128 26.10 -15.10 43.80
C THR M 128 27.08 -14.25 43.00
N SER M 129 26.73 -12.98 42.75
CA SER M 129 27.49 -12.17 41.82
C SER M 129 28.93 -12.00 42.28
N GLN M 130 29.16 -11.90 43.59
CA GLN M 130 30.52 -11.88 44.11
C GLN M 130 31.23 -13.19 43.82
N ILE M 131 30.54 -14.32 44.02
CA ILE M 131 31.17 -15.63 43.84
C ILE M 131 31.49 -15.87 42.38
N TYR M 132 30.54 -15.58 41.48
CA TYR M 132 30.75 -15.82 40.06
C TYR M 132 31.98 -15.09 39.54
N ASP M 133 32.29 -13.93 40.10
CA ASP M 133 33.52 -13.24 39.73
C ASP M 133 34.74 -13.89 40.37
N ILE M 134 34.58 -14.53 41.53
CA ILE M 134 35.73 -15.12 42.21
C ILE M 134 36.23 -16.34 41.44
N LEU M 135 35.33 -17.16 40.90
CA LEU M 135 35.74 -18.37 40.20
C LEU M 135 36.63 -18.06 39.02
N THR M 136 36.21 -17.14 38.16
CA THR M 136 36.98 -16.83 36.96
C THR M 136 38.36 -16.32 37.31
N GLU M 137 38.44 -15.40 38.29
CA GLU M 137 39.74 -14.88 38.69
C GLU M 137 40.62 -15.97 39.27
N SER M 138 40.02 -16.89 40.03
CA SER M 138 40.80 -18.01 40.56
C SER M 138 41.35 -18.87 39.44
N GLN M 139 40.55 -19.10 38.39
CA GLN M 139 41.02 -19.86 37.25
C GLN M 139 42.15 -19.12 36.51
N PHE M 140 41.96 -17.83 36.27
CA PHE M 140 42.93 -17.07 35.47
C PHE M 140 44.28 -16.99 36.17
N GLN M 141 44.30 -16.55 37.43
CA GLN M 141 45.58 -16.39 38.13
C GLN M 141 46.25 -17.74 38.37
N GLN M 142 45.47 -18.81 38.50
CA GLN M 142 46.05 -20.13 38.59
C GLN M 142 46.77 -20.49 37.30
N ASP M 143 46.17 -20.16 36.16
CA ASP M 143 46.78 -20.48 34.88
C ASP M 143 48.00 -19.62 34.61
N ILE M 144 48.05 -18.41 35.17
CA ILE M 144 49.24 -17.57 35.05
C ILE M 144 50.42 -18.24 35.70
N ASN M 145 50.18 -19.01 36.78
CA ASN M 145 51.25 -19.76 37.41
C ASN M 145 51.87 -20.76 36.42
N GLU M 146 51.03 -21.40 35.61
CA GLU M 146 51.53 -22.42 34.69
C GLU M 146 52.51 -21.83 33.69
N VAL M 147 52.18 -20.67 33.11
CA VAL M 147 53.11 -20.02 32.20
C VAL M 147 54.36 -19.59 32.92
N ASP M 148 54.21 -19.11 34.16
CA ASP M 148 55.34 -18.76 35.01
C ASP M 148 55.94 -19.95 35.74
N LEU M 149 55.64 -21.18 35.30
CA LEU M 149 56.19 -22.39 35.90
C LEU M 149 57.18 -23.11 35.00
N LEU M 150 56.93 -23.14 33.69
CA LEU M 150 57.81 -23.83 32.77
C LEU M 150 58.65 -22.84 31.96
N ILE N 8 42.62 -2.13 39.25
CA ILE N 8 42.05 -2.99 38.22
C ILE N 8 41.61 -2.13 37.04
N PHE N 9 41.33 -2.79 35.92
CA PHE N 9 40.94 -2.11 34.69
C PHE N 9 39.58 -2.61 34.22
N GLY N 10 38.85 -1.74 33.53
CA GLY N 10 37.54 -2.07 33.00
C GLY N 10 37.61 -2.62 31.60
N PHE N 11 36.53 -2.42 30.84
CA PHE N 11 36.47 -2.90 29.47
C PHE N 11 37.50 -2.19 28.61
N LEU N 12 38.30 -2.97 27.89
CA LEU N 12 39.34 -2.43 27.00
C LEU N 12 40.23 -1.43 27.73
N GLY N 13 40.47 -1.67 29.01
CA GLY N 13 41.19 -0.72 29.84
C GLY N 13 42.69 -0.71 29.66
N ALA N 14 43.23 -1.62 28.85
CA ALA N 14 44.68 -1.66 28.64
C ALA N 14 45.00 -1.93 27.17
N ALA N 15 44.16 -1.46 26.25
CA ALA N 15 44.41 -1.72 24.83
C ALA N 15 45.69 -1.07 24.33
N GLY N 16 46.18 -0.06 25.02
CA GLY N 16 47.40 0.59 24.60
C GLY N 16 48.60 0.23 25.44
N SER N 17 48.35 -0.42 26.58
CA SER N 17 49.44 -0.81 27.46
C SER N 17 50.31 -1.86 26.78
N THR N 18 51.46 -2.13 27.39
CA THR N 18 52.42 -3.04 26.80
C THR N 18 51.89 -4.47 26.80
N MET N 19 52.61 -5.33 26.07
CA MET N 19 52.24 -6.73 25.95
C MET N 19 52.18 -7.40 27.32
N GLY N 20 53.24 -7.25 28.10
CA GLY N 20 53.30 -7.93 29.39
C GLY N 20 52.26 -7.44 30.37
N ALA N 21 52.10 -6.12 30.49
CA ALA N 21 51.16 -5.56 31.44
C ALA N 21 49.71 -5.71 30.99
N ALA N 22 49.47 -6.08 29.74
CA ALA N 22 48.12 -6.36 29.26
C ALA N 22 47.75 -7.83 29.38
N SER N 23 48.61 -8.65 29.97
CA SER N 23 48.32 -10.06 30.19
C SER N 23 47.69 -10.33 31.55
N ASN N 24 47.38 -9.28 32.31
CA ASN N 24 46.75 -9.42 33.62
C ASN N 24 45.34 -8.84 33.65
N THR N 25 44.74 -8.62 32.48
CA THR N 25 43.38 -8.07 32.41
C THR N 25 42.53 -8.82 31.41
N LEU N 26 42.83 -10.10 31.18
CA LEU N 26 42.10 -10.87 30.18
C LEU N 26 40.72 -11.27 30.67
N THR N 27 40.56 -11.48 31.98
CA THR N 27 39.32 -12.03 32.51
C THR N 27 38.14 -11.07 32.36
N VAL N 28 38.39 -9.76 32.45
CA VAL N 28 37.28 -8.82 32.40
C VAL N 28 36.63 -8.80 31.02
N GLN N 29 37.44 -8.89 29.96
CA GLN N 29 36.90 -8.81 28.61
C GLN N 29 36.22 -10.11 28.19
N ALA N 30 36.68 -11.25 28.69
CA ALA N 30 36.04 -12.51 28.36
C ALA N 30 34.61 -12.56 28.86
N ARG N 31 34.36 -11.99 30.05
CA ARG N 31 33.03 -12.03 30.64
C ARG N 31 32.02 -11.25 29.79
N GLN N 32 32.41 -10.08 29.31
CA GLN N 32 31.49 -9.17 28.63
C GLN N 32 31.25 -9.54 27.17
N LEU N 33 31.55 -10.76 26.76
CA LEU N 33 31.43 -11.13 25.36
C LEU N 33 30.02 -11.57 24.96
N LEU N 34 29.13 -11.81 25.93
CA LEU N 34 27.74 -12.11 25.62
C LEU N 34 26.77 -11.30 26.49
N SER N 35 27.21 -10.92 27.69
CA SER N 35 26.34 -10.17 28.58
C SER N 35 26.04 -8.79 28.00
N GLY N 36 24.77 -8.40 28.08
CA GLY N 36 24.36 -7.11 27.54
C GLY N 36 22.90 -6.85 27.82
N ILE N 37 22.48 -5.64 27.49
CA ILE N 37 21.08 -5.23 27.72
C ILE N 37 20.12 -5.79 26.69
N VAL N 38 20.62 -6.44 25.64
CA VAL N 38 19.76 -6.99 24.60
C VAL N 38 18.92 -8.15 25.11
N GLN N 39 19.19 -8.65 26.32
CA GLN N 39 18.43 -9.76 26.86
C GLN N 39 16.95 -9.41 27.04
N GLN N 40 16.67 -8.16 27.42
CA GLN N 40 15.30 -7.74 27.60
C GLN N 40 14.54 -7.80 26.29
N GLN N 41 13.31 -8.33 26.35
CA GLN N 41 12.50 -8.47 25.14
C GLN N 41 12.03 -7.11 24.64
N SER N 42 11.25 -6.40 25.46
CA SER N 42 10.75 -5.07 25.09
C SER N 42 10.24 -4.38 26.35
N ASN N 43 10.13 -3.05 26.26
CA ASN N 43 9.56 -2.30 27.37
C ASN N 43 8.11 -2.68 27.60
N LEU N 44 7.34 -2.83 26.52
CA LEU N 44 5.99 -3.37 26.60
C LEU N 44 5.63 -3.97 25.24
N PRO N 45 5.25 -5.25 25.19
CA PRO N 45 4.90 -5.92 23.94
C PRO N 45 3.50 -5.57 23.47
N HIS N 53 0.48 -1.49 16.33
CA HIS N 53 0.29 -2.86 16.78
C HIS N 53 1.33 -3.71 16.03
N LEU N 54 1.32 -5.02 16.26
CA LEU N 54 2.33 -5.93 15.70
C LEU N 54 3.73 -5.55 16.20
N LEU N 55 3.90 -5.70 17.52
CA LEU N 55 5.19 -5.44 18.14
C LEU N 55 6.25 -6.45 17.71
N GLN N 56 5.84 -7.63 17.23
CA GLN N 56 6.80 -8.61 16.75
C GLN N 56 7.53 -8.11 15.51
N LEU N 57 6.81 -7.50 14.57
CA LEU N 57 7.38 -7.07 13.31
C LEU N 57 7.61 -5.56 13.28
N THR N 58 7.51 -4.89 14.42
CA THR N 58 7.84 -3.47 14.49
C THR N 58 9.30 -3.26 14.13
N VAL N 59 9.59 -2.14 13.46
CA VAL N 59 10.94 -1.87 12.97
C VAL N 59 11.94 -1.89 14.13
N TRP N 60 11.53 -1.45 15.32
CA TRP N 60 12.40 -1.58 16.48
C TRP N 60 12.54 -3.03 16.94
N GLY N 61 11.72 -3.94 16.43
CA GLY N 61 11.80 -5.34 16.81
C GLY N 61 12.62 -6.17 15.85
N ILE N 62 12.51 -5.89 14.55
CA ILE N 62 13.26 -6.66 13.56
C ILE N 62 14.75 -6.40 13.70
N LYS N 63 15.14 -5.17 14.04
CA LYS N 63 16.55 -4.87 14.22
C LYS N 63 17.10 -5.49 15.51
N GLN N 64 16.27 -5.54 16.56
CA GLN N 64 16.73 -6.15 17.81
C GLN N 64 16.99 -7.64 17.63
N LEU N 65 16.15 -8.33 16.85
CA LEU N 65 16.37 -9.74 16.62
C LEU N 65 17.68 -9.99 15.87
N GLN N 66 18.01 -9.12 14.92
CA GLN N 66 19.29 -9.23 14.22
C GLN N 66 20.46 -9.12 15.21
N ALA N 67 20.30 -8.30 16.25
CA ALA N 67 21.37 -8.16 17.23
C ALA N 67 21.61 -9.47 17.97
N ARG N 68 20.55 -10.15 18.39
CA ARG N 68 20.72 -11.38 19.16
C ARG N 68 21.39 -12.46 18.33
N VAL N 69 21.01 -12.59 17.06
CA VAL N 69 21.65 -13.60 16.21
C VAL N 69 23.12 -13.27 16.00
N LEU N 70 23.44 -12.00 15.76
CA LEU N 70 24.84 -11.63 15.60
C LEU N 70 25.63 -11.81 16.89
N ALA N 71 24.96 -11.74 18.04
CA ALA N 71 25.66 -11.91 19.31
C ALA N 71 26.19 -13.34 19.45
N VAL N 72 25.35 -14.34 19.22
CA VAL N 72 25.76 -15.72 19.41
C VAL N 72 26.76 -16.14 18.32
N GLU N 73 26.53 -15.71 17.08
CA GLU N 73 27.45 -16.09 16.00
C GLU N 73 28.84 -15.52 16.23
N ARG N 74 28.95 -14.37 16.90
CA ARG N 74 30.26 -13.83 17.19
C ARG N 74 30.94 -14.56 18.34
N TYR N 75 30.18 -15.05 19.31
CA TYR N 75 30.79 -15.87 20.35
C TYR N 75 31.09 -17.26 19.84
N LEU N 76 30.18 -17.85 19.06
CA LEU N 76 30.40 -19.20 18.55
C LEU N 76 31.62 -19.28 17.65
N GLU N 77 31.87 -18.21 16.88
CA GLU N 77 33.03 -18.20 16.00
C GLU N 77 34.32 -18.42 16.79
N VAL N 78 34.47 -17.71 17.90
CA VAL N 78 35.69 -17.85 18.71
C VAL N 78 35.72 -19.22 19.38
N GLN N 79 34.57 -19.68 19.88
CA GLN N 79 34.54 -20.97 20.57
C GLN N 79 34.90 -22.11 19.63
N LYS N 80 34.42 -22.07 18.39
CA LYS N 80 34.68 -23.16 17.46
C LYS N 80 36.18 -23.32 17.19
N PHE N 81 36.87 -22.21 16.93
CA PHE N 81 38.31 -22.29 16.73
C PHE N 81 39.01 -22.76 18.00
N LEU N 82 38.63 -22.21 19.16
CA LEU N 82 39.25 -22.64 20.39
C LEU N 82 38.78 -24.03 20.79
N GLY N 83 37.65 -24.48 20.26
CA GLY N 83 37.21 -25.84 20.52
C GLY N 83 38.13 -26.86 19.88
N LEU N 84 38.60 -26.58 18.67
CA LEU N 84 39.40 -27.55 17.94
C LEU N 84 40.85 -27.60 18.43
N TRP N 85 41.33 -26.57 19.09
CA TRP N 85 42.74 -26.49 19.46
C TRP N 85 43.08 -27.26 20.72
N GLY N 86 42.15 -28.03 21.25
CA GLY N 86 42.45 -29.01 22.28
C GLY N 86 42.47 -28.52 23.70
N CYS N 87 42.18 -27.24 23.95
CA CYS N 87 42.13 -26.73 25.32
C CYS N 87 40.88 -25.88 25.53
N SER N 88 39.73 -26.42 25.15
CA SER N 88 38.47 -25.77 25.44
C SER N 88 38.29 -25.58 26.94
N GLY N 89 37.89 -24.39 27.34
CA GLY N 89 37.60 -24.13 28.73
C GLY N 89 38.79 -23.62 29.53
N LYS N 90 39.60 -22.76 28.92
CA LYS N 90 40.72 -22.15 29.62
C LYS N 90 40.92 -20.76 29.05
N ILE N 91 41.53 -19.88 29.86
CA ILE N 91 41.78 -18.52 29.42
C ILE N 91 43.05 -18.44 28.61
N ILE N 92 44.17 -18.88 29.18
CA ILE N 92 45.43 -18.93 28.47
C ILE N 92 45.78 -20.40 28.22
N CYS N 93 46.58 -20.64 27.19
CA CYS N 93 46.80 -21.99 26.69
C CYS N 93 47.99 -22.04 25.73
N CYS N 94 48.92 -22.97 25.97
CA CYS N 94 50.02 -23.18 25.03
C CYS N 94 50.05 -24.62 24.59
N THR N 95 50.35 -24.81 23.31
CA THR N 95 50.37 -26.10 22.63
C THR N 95 51.79 -26.40 22.16
N ALA N 96 51.93 -27.39 21.29
CA ALA N 96 53.23 -27.90 20.88
C ALA N 96 53.55 -27.60 19.43
N VAL N 97 53.25 -26.39 18.97
CA VAL N 97 53.65 -25.97 17.63
C VAL N 97 54.82 -25.00 17.74
N PRO N 98 56.04 -25.44 17.44
CA PRO N 98 57.18 -24.52 17.50
C PRO N 98 57.11 -23.48 16.39
N TRP N 99 57.71 -22.33 16.65
CA TRP N 99 57.78 -21.27 15.65
C TRP N 99 58.67 -21.69 14.49
N ASN N 100 58.32 -21.28 13.28
CA ASN N 100 59.32 -21.28 12.22
C ASN N 100 60.19 -20.04 12.23
N SER N 101 59.87 -19.05 13.06
CA SER N 101 60.66 -17.84 13.23
C SER N 101 60.73 -16.98 11.97
N THR N 102 59.76 -17.12 11.06
CA THR N 102 59.66 -16.18 9.95
C THR N 102 58.36 -15.40 9.93
N TRP N 103 57.34 -15.84 10.68
CA TRP N 103 56.17 -14.98 10.87
C TRP N 103 56.52 -13.76 11.70
N SER N 104 57.46 -13.89 12.63
CA SER N 104 57.95 -12.76 13.41
C SER N 104 59.33 -13.11 13.92
N ASN N 105 60.35 -12.42 13.41
CA ASN N 105 61.74 -12.70 13.75
C ASN N 105 62.25 -11.88 14.92
N LYS N 106 61.37 -11.48 15.83
CA LYS N 106 61.75 -10.68 16.98
C LYS N 106 61.88 -11.55 18.23
N SER N 107 62.78 -11.14 19.12
CA SER N 107 63.08 -11.92 20.31
C SER N 107 62.00 -11.67 21.37
N PHE N 108 62.27 -12.10 22.61
CA PHE N 108 61.25 -12.10 23.64
C PHE N 108 61.06 -10.72 24.26
N GLU N 109 62.10 -10.19 24.91
CA GLU N 109 61.96 -8.93 25.62
C GLU N 109 61.61 -7.79 24.68
N GLN N 110 62.02 -7.88 23.42
CA GLN N 110 61.65 -6.86 22.43
C GLN N 110 60.17 -6.87 22.12
N ILE N 111 59.43 -7.92 22.51
CA ILE N 111 58.00 -8.04 22.23
C ILE N 111 57.15 -7.71 23.46
N TRP N 112 57.42 -8.37 24.59
CA TRP N 112 56.56 -8.29 25.76
C TRP N 112 56.73 -7.02 26.59
N ASN N 113 57.65 -6.14 26.22
CA ASN N 113 57.92 -4.93 26.98
C ASN N 113 57.41 -3.66 26.34
N ASN N 114 57.42 -3.55 25.04
CA ASN N 114 57.36 -2.17 24.57
C ASN N 114 56.51 -2.05 23.31
N MET N 115 56.39 -3.14 22.55
CA MET N 115 55.31 -3.32 21.58
C MET N 115 53.97 -3.58 22.26
N THR N 116 52.88 -3.13 21.62
CA THR N 116 51.53 -3.27 22.14
C THR N 116 50.73 -4.33 21.38
N TRP N 117 49.60 -4.72 21.99
CA TRP N 117 48.72 -5.72 21.39
C TRP N 117 48.20 -5.26 20.04
N ILE N 118 47.65 -4.05 19.97
CA ILE N 118 46.98 -3.58 18.77
C ILE N 118 47.94 -3.59 17.58
N GLU N 119 49.15 -3.07 17.79
CA GLU N 119 50.13 -3.04 16.71
C GLU N 119 50.66 -4.43 16.38
N TRP N 120 50.76 -5.31 17.39
CA TRP N 120 51.32 -6.64 17.15
C TRP N 120 50.46 -7.43 16.17
N GLU N 121 49.14 -7.31 16.27
CA GLU N 121 48.27 -8.10 15.41
C GLU N 121 48.50 -7.78 13.93
N ARG N 122 48.74 -6.51 13.62
CA ARG N 122 48.97 -6.13 12.22
C ARG N 122 50.19 -6.84 11.64
N GLU N 123 51.25 -6.97 12.42
CA GLU N 123 52.46 -7.62 11.91
C GLU N 123 52.20 -9.09 11.58
N ILE N 124 51.44 -9.78 12.43
CA ILE N 124 51.21 -11.21 12.23
C ILE N 124 49.92 -11.49 11.48
N SER N 125 49.12 -10.47 11.15
CA SER N 125 47.83 -10.67 10.50
C SER N 125 47.98 -11.16 9.08
N ASN N 126 49.21 -11.40 8.64
CA ASN N 126 49.50 -11.72 7.25
C ASN N 126 49.69 -13.21 7.05
N TYR N 127 49.72 -14.00 8.13
CA TYR N 127 49.90 -15.44 8.03
C TYR N 127 48.92 -16.20 8.91
N THR N 128 47.89 -15.55 9.45
CA THR N 128 46.98 -16.23 10.36
C THR N 128 46.28 -17.40 9.69
N SER N 129 45.85 -17.21 8.44
CA SER N 129 45.22 -18.31 7.71
C SER N 129 46.16 -19.50 7.55
N GLN N 130 47.46 -19.29 7.63
CA GLN N 130 48.43 -20.37 7.68
C GLN N 130 48.82 -20.74 9.10
N ILE N 131 48.31 -20.03 10.09
CA ILE N 131 48.58 -20.32 11.50
C ILE N 131 47.46 -21.13 12.12
N TYR N 132 46.20 -20.74 11.87
CA TYR N 132 45.08 -21.46 12.43
C TYR N 132 45.03 -22.89 11.90
N ASP N 133 45.35 -23.08 10.62
CA ASP N 133 45.32 -24.42 10.03
C ASP N 133 46.41 -25.31 10.61
N ILE N 134 47.64 -24.78 10.71
CA ILE N 134 48.73 -25.60 11.21
C ILE N 134 48.54 -25.93 12.69
N LEU N 135 47.92 -25.02 13.45
CA LEU N 135 47.68 -25.29 14.86
C LEU N 135 46.70 -26.44 15.05
N THR N 136 45.64 -26.47 14.25
CA THR N 136 44.63 -27.51 14.39
C THR N 136 45.21 -28.89 14.12
N GLU N 137 46.06 -29.00 13.09
CA GLU N 137 46.63 -30.30 12.75
C GLU N 137 47.44 -30.88 13.90
N SER N 138 48.12 -30.03 14.67
CA SER N 138 48.89 -30.53 15.80
C SER N 138 48.00 -31.20 16.83
N GLN N 139 46.86 -30.59 17.14
CA GLN N 139 45.94 -31.18 18.11
C GLN N 139 45.42 -32.53 17.61
N PHE N 140 45.06 -32.60 16.33
CA PHE N 140 44.66 -33.88 15.76
C PHE N 140 45.81 -34.88 15.78
N GLN N 141 47.02 -34.42 15.48
CA GLN N 141 48.17 -35.33 15.43
C GLN N 141 48.46 -35.93 16.79
N GLN N 142 48.30 -35.14 17.85
CA GLN N 142 48.55 -35.66 19.20
C GLN N 142 47.60 -36.80 19.54
N ASP N 143 46.32 -36.64 19.21
CA ASP N 143 45.34 -37.66 19.58
C ASP N 143 45.53 -38.94 18.79
N ILE N 144 45.97 -38.85 17.54
CA ILE N 144 46.21 -40.05 16.74
C ILE N 144 47.28 -40.91 17.38
N ASN N 145 48.37 -40.29 17.85
CA ASN N 145 49.40 -41.06 18.54
C ASN N 145 48.89 -41.65 19.84
N GLU N 146 47.89 -41.02 20.46
CA GLU N 146 47.38 -41.51 21.74
C GLU N 146 46.50 -42.75 21.56
N VAL N 147 45.74 -42.80 20.46
CA VAL N 147 44.82 -43.91 20.25
C VAL N 147 45.57 -45.23 20.16
N ASP N 148 46.67 -45.26 19.42
CA ASP N 148 47.49 -46.45 19.26
C ASP N 148 48.53 -46.59 20.36
N LEU N 149 48.35 -45.90 21.49
CA LEU N 149 49.30 -45.93 22.58
C LEU N 149 48.94 -46.93 23.68
N LEU N 150 47.71 -46.91 24.15
CA LEU N 150 47.28 -47.84 25.20
C LEU N 150 46.63 -49.09 24.60
C1 NAG O . -37.77 -8.42 -2.21
C2 NAG O . -38.89 -9.38 -2.57
C3 NAG O . -38.75 -9.88 -4.00
C4 NAG O . -38.62 -8.70 -4.97
C5 NAG O . -37.50 -7.77 -4.51
C6 NAG O . -37.40 -6.52 -5.34
C7 NAG O . -39.63 -10.54 -0.53
C8 NAG O . -39.53 -11.79 0.29
N2 NAG O . -38.91 -10.51 -1.66
O3 NAG O . -39.88 -10.66 -4.36
O4 NAG O . -38.32 -9.18 -6.28
O5 NAG O . -37.73 -7.36 -3.16
O6 NAG O . -37.15 -5.38 -4.51
O7 NAG O . -40.33 -9.59 -0.18
C1 NAG O . -39.41 -8.91 -7.16
C2 NAG O . -38.83 -8.46 -8.50
C3 NAG O . -39.95 -8.21 -9.51
C4 NAG O . -40.83 -9.44 -9.63
C5 NAG O . -41.34 -9.86 -8.25
C6 NAG O . -42.14 -11.14 -8.28
C7 NAG O . -36.74 -7.19 -8.71
C8 NAG O . -36.17 -8.42 -9.35
N2 NAG O . -38.02 -7.27 -8.33
O3 NAG O . -39.37 -7.88 -10.77
O4 NAG O . -41.95 -9.15 -10.47
O5 NAG O . -40.24 -10.07 -7.37
O6 NAG O . -41.74 -11.96 -9.37
O7 NAG O . -36.07 -6.18 -8.55
C1 NAG P . -31.15 3.10 -7.80
C2 NAG P . -30.90 4.34 -6.91
C3 NAG P . -32.25 4.96 -6.51
C4 NAG P . -33.10 5.24 -7.73
C5 NAG P . -33.27 3.97 -8.56
C6 NAG P . -34.01 4.21 -9.85
C7 NAG P . -29.59 4.88 -4.90
C8 NAG P . -28.84 4.32 -3.73
N2 NAG P . -30.14 3.99 -5.72
O3 NAG P . -32.02 6.17 -5.79
O4 NAG P . -34.39 5.69 -7.33
O5 NAG P . -31.97 3.46 -8.91
O6 NAG P . -33.56 5.38 -10.50
O7 NAG P . -29.70 6.09 -5.08
C1 NAG P . -34.59 7.06 -7.73
C2 NAG P . -35.21 7.82 -6.56
C3 NAG P . -35.37 9.30 -6.92
C4 NAG P . -34.05 9.88 -7.40
C5 NAG P . -33.49 9.04 -8.54
C6 NAG P . -32.13 9.50 -9.00
C7 NAG P . -36.99 7.32 -4.94
C8 NAG P . -38.32 6.68 -4.72
N2 NAG P . -36.49 7.24 -6.17
O3 NAG P . -35.84 10.02 -5.78
O4 NAG P . -34.24 11.22 -7.85
O5 NAG P . -33.36 7.68 -8.11
O6 NAG P . -31.56 10.41 -8.08
O7 NAG P . -36.38 7.89 -4.03
C1 NAG Q . -23.78 5.40 14.07
C2 NAG Q . -23.40 6.18 15.33
C3 NAG Q . -24.23 5.70 16.52
C4 NAG Q . -25.71 5.77 16.20
C5 NAG Q . -25.99 4.98 14.91
C6 NAG Q . -27.44 5.07 14.46
C7 NAG Q . -21.27 7.02 16.21
C8 NAG Q . -19.82 6.73 16.42
N2 NAG Q . -21.98 6.06 15.61
O3 NAG Q . -23.94 6.51 17.65
O4 NAG Q . -26.48 5.24 17.27
O5 NAG Q . -25.19 5.50 13.84
O6 NAG Q . -27.75 6.39 14.03
O7 NAG Q . -21.77 8.09 16.56
C1 NAG Q . -27.33 6.28 17.78
C2 NAG Q . -27.86 5.87 19.15
C3 NAG Q . -28.74 6.97 19.74
C4 NAG Q . -27.98 8.30 19.75
C5 NAG Q . -27.44 8.61 18.36
C6 NAG Q . -26.57 9.85 18.34
C7 NAG Q . -28.03 3.42 19.10
C8 NAG Q . -28.95 2.24 18.99
N2 NAG Q . -28.61 4.62 19.06
O3 NAG Q . -29.12 6.61 21.07
O4 NAG Q . -28.84 9.34 20.17
O5 NAG Q . -26.61 7.53 17.90
O6 NAG Q . -25.19 9.51 18.24
O7 NAG Q . -26.83 3.28 19.22
C1 NAG R . -18.60 -27.95 20.84
C2 NAG R . -18.69 -27.11 19.57
C3 NAG R . -19.73 -27.68 18.61
C4 NAG R . -19.46 -29.16 18.36
C5 NAG R . -19.38 -29.90 19.69
C6 NAG R . -19.03 -31.37 19.54
C7 NAG R . -18.57 -24.69 19.17
C8 NAG R . -19.00 -23.33 19.63
N2 NAG R . -19.01 -25.73 19.89
O3 NAG R . -19.68 -26.98 17.39
O4 NAG R . -20.51 -29.71 17.57
O5 NAG R . -18.35 -29.32 20.50
O6 NAG R . -18.10 -31.57 18.47
O7 NAG R . -17.86 -24.83 18.18
C1 NAG R . -20.00 -30.10 16.28
C2 NAG R . -21.05 -30.96 15.58
C3 NAG R . -20.56 -31.37 14.19
C4 NAG R . -20.11 -30.15 13.39
C5 NAG R . -19.14 -29.29 14.20
C6 NAG R . -18.81 -27.98 13.53
C7 NAG R . -22.59 -32.69 16.38
C8 NAG R . -22.75 -33.91 17.26
N2 NAG R . -21.38 -32.14 16.37
O3 NAG R . -21.60 -32.06 13.51
O4 NAG R . -19.46 -30.61 12.21
O5 NAG R . -19.71 -28.96 15.48
O6 NAG R . -17.84 -28.15 12.51
O7 NAG R . -23.52 -32.25 15.71
C1 BMA R . -20.00 -30.02 11.01
C2 BMA R . -18.98 -30.30 9.88
C3 BMA R . -19.51 -29.74 8.57
C4 BMA R . -20.92 -30.23 8.29
C5 BMA R . -21.83 -29.87 9.48
C6 BMA R . -23.27 -30.29 9.25
O2 BMA R . -18.83 -31.69 9.69
O3 BMA R . -18.66 -30.08 7.48
O4 BMA R . -21.42 -29.60 7.12
O5 BMA R . -21.29 -30.51 10.65
O6 BMA R . -23.66 -29.73 7.99
C1 MAN R . -17.79 -28.95 7.22
C2 MAN R . -17.51 -28.91 5.71
C3 MAN R . -16.72 -30.16 5.32
C4 MAN R . -15.45 -30.26 6.17
C5 MAN R . -15.83 -30.27 7.65
C6 MAN R . -14.60 -30.25 8.55
O2 MAN R . -16.66 -27.81 5.39
O3 MAN R . -16.40 -30.17 3.93
O4 MAN R . -14.77 -31.47 5.86
O5 MAN R . -16.59 -29.09 7.96
O6 MAN R . -13.81 -29.13 8.20
C1 MAN R . -17.19 -27.08 4.28
C2 MAN R . -15.99 -26.70 3.40
C3 MAN R . -15.07 -25.82 4.21
C4 MAN R . -15.83 -24.57 4.68
C5 MAN R . -17.07 -24.98 5.49
C6 MAN R . -17.96 -23.80 5.82
O2 MAN R . -16.40 -25.86 2.31
O3 MAN R . -13.90 -25.45 3.48
O4 MAN R . -14.97 -23.76 5.47
O5 MAN R . -17.87 -25.93 4.73
O6 MAN R . -19.08 -24.28 6.55
C1 MAN R . -16.74 -26.64 1.17
C2 MAN R . -16.35 -25.81 -0.07
C3 MAN R . -17.19 -24.55 -0.11
C4 MAN R . -18.69 -24.88 -0.01
C5 MAN R . -18.95 -25.75 1.23
C6 MAN R . -20.39 -26.22 1.32
O2 MAN R . -16.63 -26.51 -1.28
O3 MAN R . -16.93 -23.77 -1.28
O4 MAN R . -19.45 -23.69 0.08
O5 MAN R . -18.11 -26.92 1.17
O6 MAN R . -20.56 -26.83 2.60
C1 MAN R . -24.99 -30.12 7.61
C2 MAN R . -24.99 -31.66 7.34
C3 MAN R . -24.22 -31.96 6.04
C4 MAN R . -24.70 -31.07 4.88
C5 MAN R . -24.60 -29.59 5.29
C6 MAN R . -25.09 -28.64 4.22
O2 MAN R . -26.32 -32.13 7.13
O3 MAN R . -24.32 -33.34 5.66
O4 MAN R . -23.90 -31.29 3.73
O5 MAN R . -25.40 -29.39 6.49
O6 MAN R . -24.47 -27.37 4.45
C1 MAN R . -23.08 -34.02 5.98
C2 MAN R . -23.34 -34.89 7.23
C3 MAN R . -22.61 -34.28 8.42
C4 MAN R . -21.09 -34.25 8.14
C5 MAN R . -20.80 -33.56 6.80
C6 MAN R . -20.07 -34.46 5.79
O2 MAN R . -22.81 -36.20 7.08
O3 MAN R . -22.88 -34.98 9.63
O4 MAN R . -20.44 -33.55 9.18
O5 MAN R . -22.03 -33.08 6.17
O6 MAN R . -18.87 -34.95 6.40
C1 NAG S . -9.57 -9.15 49.58
C2 NAG S . -8.57 -10.25 49.82
C3 NAG S . -7.97 -10.10 51.22
C4 NAG S . -7.51 -8.68 51.49
C5 NAG S . -8.49 -7.63 50.98
C6 NAG S . -7.90 -6.23 50.94
C7 NAG S . -8.51 -12.62 49.21
C8 NAG S . -9.28 -13.91 49.12
N2 NAG S . -9.18 -11.56 49.67
O3 NAG S . -6.87 -11.00 51.32
O4 NAG S . -7.42 -8.47 52.89
O5 NAG S . -8.92 -7.91 49.64
O6 NAG S . -8.90 -5.22 51.02
O7 NAG S . -7.33 -12.56 48.86
C1 NAG S . -6.17 -8.90 53.45
C2 NAG S . -5.77 -7.90 54.54
C3 NAG S . -4.50 -8.35 55.25
C4 NAG S . -4.64 -9.79 55.75
C5 NAG S . -5.10 -10.71 54.62
C6 NAG S . -5.43 -12.10 55.08
C7 NAG S . -5.73 -5.45 54.68
C8 NAG S . -5.49 -4.17 53.94
N2 NAG S . -5.59 -6.57 53.97
O3 NAG S . -4.23 -7.49 56.34
O4 NAG S . -3.40 -10.24 56.25
O5 NAG S . -6.30 -10.19 54.02
O6 NAG S . -6.81 -12.24 55.40
O7 NAG S . -6.01 -5.46 55.87
C1 BMA S . -3.54 -10.54 57.66
C2 BMA S . -2.41 -11.52 58.02
C3 BMA S . -2.36 -11.75 59.53
C4 BMA S . -2.41 -10.42 60.31
C5 BMA S . -3.61 -9.57 59.84
C6 BMA S . -3.64 -8.23 60.52
O2 BMA S . -1.15 -10.97 57.67
O3 BMA S . -1.20 -12.46 59.91
O4 BMA S . -2.54 -10.68 61.70
O5 BMA S . -3.46 -9.35 58.43
O6 BMA S . -2.43 -7.55 60.23
C1 MAN S . -2.42 -6.30 60.93
C2 MAN S . -1.47 -5.34 60.17
C3 MAN S . -0.02 -5.78 60.36
C4 MAN S . 0.30 -5.94 61.85
C5 MAN S . -0.66 -6.98 62.43
C6 MAN S . -0.44 -7.28 63.90
O2 MAN S . -1.55 -4.01 60.68
O3 MAN S . 0.89 -4.87 59.75
O4 MAN S . 1.63 -6.40 62.02
O5 MAN S . -2.00 -6.49 62.27
O6 MAN S . -1.35 -8.31 64.23
C1 MAN S . 1.80 -5.63 58.92
C2 MAN S . 2.87 -4.64 58.36
C3 MAN S . 2.29 -3.82 57.21
C4 MAN S . 1.66 -4.72 56.17
C5 MAN S . 0.54 -5.52 56.84
C6 MAN S . -0.19 -6.45 55.88
O2 MAN S . 3.99 -5.33 57.81
O3 MAN S . 3.29 -3.01 56.60
O4 MAN S . 1.11 -3.95 55.11
O5 MAN S . 1.10 -6.33 57.88
O6 MAN S . -1.09 -7.24 56.63
C1 MAN S . -1.53 -8.38 65.66
C2 MAN S . -2.35 -9.66 65.93
C3 MAN S . -3.74 -9.50 65.33
C4 MAN S . -4.42 -8.23 65.88
C5 MAN S . -3.52 -7.00 65.62
C6 MAN S . -4.05 -5.74 66.27
O2 MAN S . -2.56 -9.85 67.33
O3 MAN S . -4.55 -10.63 65.58
O4 MAN S . -5.67 -8.04 65.25
O5 MAN S . -2.19 -7.23 66.14
O6 MAN S . -3.18 -4.66 65.93
C1 MAN S . -1.47 -13.89 59.90
C2 MAN S . -1.32 -14.40 61.35
C3 MAN S . 0.15 -14.32 61.77
C4 MAN S . 1.05 -15.02 60.74
C5 MAN S . 0.81 -14.42 59.36
C6 MAN S . 1.60 -15.11 58.26
O2 MAN S . -1.67 -15.78 61.47
O3 MAN S . 0.35 -14.88 63.07
O4 MAN S . 2.41 -14.85 61.09
O5 MAN S . -0.59 -14.55 59.01
O6 MAN S . 2.97 -15.06 58.62
C1 NAG T . -30.56 -30.70 18.67
C2 NAG T . -30.84 -32.20 18.83
C3 NAG T . -31.41 -32.78 17.55
C4 NAG T . -32.64 -32.00 17.12
C5 NAG T . -32.29 -30.52 16.96
C6 NAG T . -33.48 -29.65 16.63
C7 NAG T . -29.62 -33.86 20.16
C8 NAG T . -28.29 -34.50 20.44
N2 NAG T . -29.64 -32.91 19.22
O3 NAG T . -31.75 -34.15 17.74
O4 NAG T . -33.16 -32.50 15.88
O5 NAG T . -31.75 -30.03 18.20
O6 NAG T . -33.72 -28.68 17.64
O7 NAG T . -30.64 -34.19 20.77
C1 NAG T . -34.36 -33.24 16.17
C2 NAG T . -35.27 -33.21 14.94
C3 NAG T . -36.52 -34.05 15.19
C4 NAG T . -36.14 -35.45 15.65
C5 NAG T . -35.20 -35.38 16.84
C6 NAG T . -34.69 -36.74 17.28
C7 NAG T . -34.95 -31.10 13.74
C8 NAG T . -35.48 -29.71 13.50
N2 NAG T . -35.65 -31.85 14.59
O3 NAG T . -37.29 -34.12 14.00
O4 NAG T . -37.31 -36.18 16.02
O5 NAG T . -34.04 -34.60 16.51
O6 NAG T . -33.40 -37.00 16.75
O7 NAG T . -33.93 -31.51 13.18
C1 NAG U . -35.97 -11.87 26.62
C2 NAG U . -35.88 -10.42 26.14
C3 NAG U . -36.52 -9.48 27.16
C4 NAG U . -37.93 -9.95 27.50
C5 NAG U . -37.93 -11.42 27.89
C6 NAG U . -39.31 -11.98 28.10
C7 NAG U . -34.15 -8.97 25.18
C8 NAG U . -32.67 -8.72 25.04
N2 NAG U . -34.49 -10.04 25.90
O3 NAG U . -36.57 -8.16 26.63
O4 NAG U . -38.43 -9.18 28.58
O5 NAG U . -37.34 -12.20 26.85
O6 NAG U . -39.26 -13.26 28.73
O7 NAG U . -34.98 -8.23 24.67
C1 NAG U . -39.51 -8.36 28.09
C2 NAG U . -40.15 -7.67 29.28
C3 NAG U . -41.29 -6.78 28.82
C4 NAG U . -40.80 -5.80 27.76
C5 NAG U . -40.08 -6.55 26.63
C6 NAG U . -39.43 -5.61 25.64
C7 NAG U . -41.52 -9.57 30.07
C8 NAG U . -41.84 -10.45 31.25
N2 NAG U . -40.59 -8.63 30.28
O3 NAG U . -41.80 -6.08 29.95
O4 NAG U . -41.90 -5.09 27.20
O5 NAG U . -39.04 -7.38 27.17
O6 NAG U . -38.28 -6.21 25.06
O7 NAG U . -42.09 -9.70 28.99
C1 BMA U . -42.08 -3.80 27.83
C2 BMA U . -43.55 -3.75 28.38
C3 BMA U . -43.73 -2.69 29.50
C4 BMA U . -42.55 -2.68 30.46
C5 BMA U . -41.27 -2.45 29.66
C6 BMA U . -40.04 -2.28 30.53
O2 BMA U . -43.94 -5.00 28.93
O3 BMA U . -44.95 -2.90 30.21
O4 BMA U . -42.72 -1.64 31.42
O5 BMA U . -41.09 -3.60 28.84
O6 BMA U . -40.29 -1.26 31.49
C1 NAG V . -19.66 -32.56 26.33
C2 NAG V . -18.28 -33.12 26.22
C3 NAG V . -18.35 -34.63 26.14
C4 NAG V . -19.20 -35.21 27.27
C5 NAG V . -20.46 -34.35 27.60
C6 NAG V . -21.01 -34.64 28.98
C7 NAG V . -16.27 -32.62 24.89
C8 NAG V . -15.74 -32.02 23.62
N2 NAG V . -17.60 -32.58 25.05
O3 NAG V . -17.03 -35.16 26.23
O4 NAG V . -19.65 -36.50 26.87
O5 NAG V . -20.21 -32.93 27.55
O6 NAG V . -20.59 -35.93 29.43
O7 NAG V . -15.53 -33.11 25.73
C1 NAG V . -18.73 -37.60 27.17
C2 NAG V . -19.41 -38.92 26.79
C3 NAG V . -18.49 -40.09 27.15
C4 NAG V . -17.13 -39.91 26.48
C5 NAG V . -16.53 -38.55 26.78
C6 NAG V . -15.28 -38.27 25.97
C7 NAG V . -21.66 -39.87 26.97
C8 NAG V . -22.94 -39.88 27.75
N2 NAG V . -20.70 -39.06 27.43
O3 NAG V . -19.08 -41.31 26.73
O4 NAG V . -16.24 -40.93 26.94
O5 NAG V . -17.46 -37.49 26.47
O6 NAG V . -15.32 -38.94 24.72
O7 NAG V . -21.50 -40.56 25.97
C1 NAG W . 10.17 -36.03 51.10
C2 NAG W . 10.75 -37.34 50.62
C3 NAG W . 10.67 -38.37 51.72
C4 NAG W . 11.46 -37.85 52.92
C5 NAG W . 10.96 -36.46 53.32
C6 NAG W . 11.80 -35.82 54.41
C7 NAG W . 10.66 -37.86 48.22
C8 NAG W . 9.82 -38.35 47.09
N2 NAG W . 10.07 -37.81 49.42
O3 NAG W . 11.22 -39.58 51.22
O4 NAG W . 11.33 -38.77 54.01
O5 NAG W . 10.96 -35.55 52.20
O6 NAG W . 12.80 -36.71 54.88
O7 NAG W . 11.83 -37.50 48.07
C1 NAG W . 12.38 -39.77 53.99
C2 NAG W . 12.27 -40.66 55.23
C3 NAG W . 13.35 -41.74 55.23
C4 NAG W . 13.30 -42.53 53.93
C5 NAG W . 13.38 -41.59 52.73
C6 NAG W . 13.20 -42.29 51.41
C7 NAG W . 13.39 -39.10 56.81
C8 NAG W . 13.24 -38.35 58.10
N2 NAG W . 12.34 -39.86 56.46
O3 NAG W . 13.16 -42.61 56.33
O4 NAG W . 14.38 -43.45 53.86
O5 NAG W . 12.34 -40.60 52.81
O6 NAG W . 13.64 -43.63 51.47
O7 NAG W . 14.39 -39.01 56.11
C1 NAG X . -32.81 -34.39 32.11
C2 NAG X . -33.38 -35.57 31.35
C3 NAG X . -34.07 -36.53 32.32
C4 NAG X . -33.14 -36.91 33.45
C5 NAG X . -32.54 -35.67 34.11
C6 NAG X . -31.47 -35.99 35.13
C7 NAG X . -34.30 -35.65 29.08
C8 NAG X . -35.32 -35.09 28.14
N2 NAG X . -34.31 -35.14 30.31
O3 NAG X . -34.49 -37.69 31.61
O4 NAG X . -33.85 -37.64 34.45
O5 NAG X . -31.90 -34.85 33.11
O6 NAG X . -30.44 -35.02 35.13
O7 NAG X . -33.52 -36.51 28.73
C1 NAG X . -33.36 -38.99 34.49
C2 NAG X . -33.92 -39.66 35.74
C3 NAG X . -33.49 -41.11 35.79
C4 NAG X . -33.85 -41.84 34.50
C5 NAG X . -33.29 -41.07 33.30
C6 NAG X . -33.71 -41.65 31.98
C7 NAG X . -34.16 -37.90 37.43
C8 NAG X . -33.59 -37.30 38.69
N2 NAG X . -33.51 -38.95 36.95
O3 NAG X . -34.13 -41.77 36.90
O4 NAG X . -33.31 -43.15 34.51
O5 NAG X . -33.77 -39.72 33.33
O6 NAG X . -34.47 -40.72 31.22
O7 NAG X . -35.17 -37.45 36.90
C1 NAG Y . -2.01 -35.38 43.56
C2 NAG Y . -2.25 -36.42 44.65
C3 NAG Y . -2.29 -37.82 44.01
C4 NAG Y . -3.29 -37.86 42.87
C5 NAG Y . -3.04 -36.72 41.89
C6 NAG Y . -4.11 -36.61 40.82
C7 NAG Y . -1.39 -36.85 46.90
C8 NAG Y . -0.24 -36.69 47.84
N2 NAG Y . -1.23 -36.36 45.67
O3 NAG Y . -2.65 -38.77 45.01
O4 NAG Y . -3.15 -39.10 42.17
O5 NAG Y . -3.03 -35.46 42.58
O6 NAG Y . -3.56 -36.69 39.53
O7 NAG Y . -2.43 -37.41 47.25
C1 NAG Y . -4.39 -39.83 42.19
C2 NAG Y . -4.23 -41.05 41.26
C3 NAG Y . -5.51 -41.89 41.27
C4 NAG Y . -5.89 -42.25 42.69
C5 NAG Y . -5.97 -41.00 43.56
C6 NAG Y . -6.25 -41.30 45.02
C7 NAG Y . -4.64 -39.88 39.12
C8 NAG Y . -4.08 -39.58 37.76
N2 NAG Y . -3.87 -40.64 39.90
O3 NAG Y . -5.30 -43.06 40.50
O4 NAG Y . -7.15 -42.91 42.69
O5 NAG Y . -4.73 -40.28 43.51
O6 NAG Y . -7.46 -42.03 45.17
O7 NAG Y . -5.73 -39.45 39.47
C1 NAG Z . -19.95 -32.83 41.43
C2 NAG Z . -20.02 -34.19 42.12
C3 NAG Z . -21.14 -34.18 43.17
C4 NAG Z . -21.00 -32.97 44.11
C5 NAG Z . -20.89 -31.68 43.30
C6 NAG Z . -20.61 -30.47 44.18
C7 NAG Z . -19.48 -36.37 41.13
C8 NAG Z . -19.83 -37.36 40.06
N2 NAG Z . -20.23 -35.26 41.16
O3 NAG Z . -21.10 -35.37 43.94
O4 NAG Z . -22.11 -32.86 44.98
O5 NAG Z . -19.78 -31.79 42.40
O6 NAG Z . -19.67 -29.60 43.57
O7 NAG Z . -18.59 -36.58 41.94
C1 NAG Z . -21.64 -33.17 46.31
C2 NAG Z . -22.78 -33.00 47.31
C3 NAG Z . -22.32 -33.42 48.71
C4 NAG Z . -21.72 -34.82 48.69
C5 NAG Z . -20.63 -34.90 47.62
C6 NAG Z . -20.07 -36.30 47.46
C7 NAG Z . -24.56 -31.32 47.54
C8 NAG Z . -24.88 -29.85 47.50
N2 NAG Z . -23.28 -31.64 47.32
O3 NAG Z . -23.42 -33.38 49.61
O4 NAG Z . -21.18 -35.13 49.96
O5 NAG Z . -21.15 -34.52 46.35
O6 NAG Z . -20.92 -37.09 46.64
O7 NAG Z . -25.41 -32.16 47.78
C1 NAG AA . 35.61 -56.43 1.67
C2 NAG AA . 35.17 -57.51 2.66
C3 NAG AA . 34.51 -58.67 1.91
C4 NAG AA . 33.43 -58.17 0.96
C5 NAG AA . 33.92 -57.01 0.11
C6 NAG AA . 32.83 -56.35 -0.69
C7 NAG AA . 36.18 -58.47 4.68
C8 NAG AA . 37.45 -58.91 5.33
N2 NAG AA . 36.31 -57.98 3.44
O3 NAG AA . 33.95 -59.58 2.85
O4 NAG AA . 33.05 -59.23 0.08
O5 NAG AA . 34.48 -55.98 0.94
O6 NAG AA . 31.59 -56.35 0.00
O7 NAG AA . 35.10 -58.55 5.24
C1 NAG AA . 31.77 -59.78 0.43
C2 NAG AA . 30.93 -59.94 -0.85
C3 NAG AA . 29.59 -60.58 -0.51
C4 NAG AA . 29.80 -61.89 0.24
C5 NAG AA . 30.68 -61.66 1.46
C6 NAG AA . 31.04 -62.95 2.16
C7 NAG AA . 30.88 -58.52 -2.84
C8 NAG AA . 30.63 -57.13 -3.37
N2 NAG AA . 30.74 -58.67 -1.53
O3 NAG AA . 28.87 -60.82 -1.72
O4 NAG AA . 28.54 -62.41 0.66
O5 NAG AA . 31.92 -61.05 1.07
O6 NAG AA . 31.37 -63.97 1.23
O7 NAG AA . 31.19 -59.45 -3.57
C1 NAG BA . -8.36 5.27 -34.00
C2 NAG BA . -6.94 5.74 -34.32
C3 NAG BA . -6.85 7.25 -34.28
C4 NAG BA . -7.90 7.88 -35.20
C5 NAG BA . -9.28 7.35 -34.82
C6 NAG BA . -10.38 7.84 -35.73
C7 NAG BA . -4.90 4.45 -33.85
C8 NAG BA . -4.77 4.31 -35.34
N2 NAG BA . -5.96 5.15 -33.43
O3 NAG BA . -5.54 7.65 -34.69
O4 NAG BA . -7.88 9.30 -35.11
O5 NAG BA . -9.30 5.92 -34.87
O6 NAG BA . -10.22 7.32 -37.04
O7 NAG BA . -4.09 3.96 -33.08
C1 NAG BA . -7.15 9.85 -36.23
C2 NAG BA . -7.94 11.01 -36.84
C3 NAG BA . -7.17 11.62 -38.00
C4 NAG BA . -5.76 12.00 -37.57
C5 NAG BA . -5.06 10.81 -36.93
C6 NAG BA . -3.71 11.16 -36.36
C7 NAG BA . -10.32 11.40 -37.32
C8 NAG BA . -11.60 10.80 -37.80
N2 NAG BA . -9.26 10.58 -37.27
O3 NAG BA . -7.85 12.77 -38.49
O4 NAG BA . -5.00 12.44 -38.69
O5 NAG BA . -5.84 10.30 -35.84
O6 NAG BA . -3.20 12.36 -36.93
O7 NAG BA . -10.23 12.58 -37.01
C1 NAG CA . -15.86 -11.51 -17.34
C2 NAG CA . -16.61 -12.69 -16.73
C3 NAG CA . -16.44 -13.94 -17.58
C4 NAG CA . -16.86 -13.65 -19.02
C5 NAG CA . -16.10 -12.43 -19.55
C6 NAG CA . -16.56 -12.02 -20.93
C7 NAG CA . -16.62 -12.27 -14.30
C8 NAG CA . -16.05 -12.66 -12.97
N2 NAG CA . -16.15 -12.94 -15.36
O3 NAG CA . -17.22 -15.00 -17.04
O4 NAG CA . -16.59 -14.78 -19.84
O5 NAG CA . -16.32 -11.31 -18.69
O6 NAG CA . -17.09 -10.69 -20.92
O7 NAG CA . -17.49 -11.40 -14.41
C1 NAG CA . -17.83 -15.28 -20.38
C2 NAG CA . -17.59 -16.68 -20.97
C3 NAG CA . -18.89 -17.25 -21.51
C4 NAG CA . -19.99 -17.21 -20.45
C5 NAG CA . -20.12 -15.79 -19.89
C6 NAG CA . -21.11 -15.70 -18.74
C7 NAG CA . -15.79 -17.69 -22.29
C8 NAG CA . -14.79 -17.49 -23.39
N2 NAG CA . -16.57 -16.65 -22.00
O3 NAG CA . -18.69 -18.59 -21.93
O4 NAG CA . -21.23 -17.61 -21.01
O5 NAG CA . -18.86 -15.34 -19.38
O6 NAG CA . -21.39 -14.34 -18.41
O7 NAG CA . -15.88 -18.76 -21.69
C1 NAG DA . 18.69 -16.46 -23.91
C2 NAG DA . 17.74 -15.32 -23.49
C3 NAG DA . 17.93 -14.11 -24.41
C4 NAG DA . 19.40 -13.71 -24.49
C5 NAG DA . 20.24 -14.92 -24.89
C6 NAG DA . 21.73 -14.62 -24.90
C7 NAG DA . 15.35 -15.10 -22.96
C8 NAG DA . 13.99 -15.71 -23.12
N2 NAG DA . 16.36 -15.77 -23.54
O3 NAG DA . 17.17 -13.01 -23.91
O4 NAG DA . 19.57 -12.69 -25.47
O5 NAG DA . 20.03 -15.98 -23.95
O6 NAG DA . 22.27 -14.64 -23.58
O7 NAG DA . 15.53 -14.05 -22.35
C1 NAG DA . 19.93 -11.45 -24.81
C2 NAG DA . 20.05 -10.37 -25.88
C3 NAG DA . 20.42 -9.04 -25.23
C4 NAG DA . 19.43 -8.70 -24.12
C5 NAG DA . 19.29 -9.87 -23.15
C6 NAG DA . 18.21 -9.64 -22.11
C7 NAG DA . 20.99 -10.28 -28.15
C8 NAG DA . 22.08 -10.76 -29.06
N2 NAG DA . 21.03 -10.74 -26.88
O3 NAG DA . 20.42 -8.02 -26.22
O4 NAG DA . 19.91 -7.56 -23.39
O5 NAG DA . 18.95 -11.07 -23.85
O6 NAG DA . 17.24 -8.70 -22.57
O7 NAG DA . 20.11 -9.52 -28.53
C1 BMA DA . 19.22 -6.38 -23.82
C2 BMA DA . 19.01 -5.48 -22.58
C3 BMA DA . 18.52 -4.09 -22.99
C4 BMA DA . 19.37 -3.52 -24.13
C5 BMA DA . 19.39 -4.50 -25.29
C6 BMA DA . 20.22 -4.00 -26.47
O2 BMA DA . 20.24 -5.29 -21.89
O3 BMA DA . 18.50 -3.19 -21.89
O4 BMA DA . 18.84 -2.28 -24.55
O5 BMA DA . 19.98 -5.72 -24.83
O6 BMA DA . 20.03 -2.61 -26.58
C1 MAN DA . 20.57 -2.15 -27.83
C2 MAN DA . 22.12 -2.20 -27.73
C3 MAN DA . 22.62 -1.12 -26.76
C4 MAN DA . 21.99 0.25 -27.08
C5 MAN DA . 20.46 0.14 -27.12
C6 MAN DA . 19.78 1.43 -27.49
O2 MAN DA . 22.74 -1.91 -28.98
O3 MAN DA . 24.03 -1.03 -26.77
O4 MAN DA . 22.37 1.19 -26.08
O5 MAN DA . 20.11 -0.84 -28.11
O6 MAN DA . 20.12 1.74 -28.84
C1 NAG EA . 5.91 -47.35 -13.53
C2 NAG EA . 7.35 -47.88 -13.45
C3 NAG EA . 7.34 -49.40 -13.37
C4 NAG EA . 6.44 -49.87 -12.24
C5 NAG EA . 5.05 -49.26 -12.38
C6 NAG EA . 4.12 -49.60 -11.24
C7 NAG EA . 8.83 -46.29 -14.59
C8 NAG EA . 9.59 -45.99 -15.84
N2 NAG EA . 8.14 -47.44 -14.58
O3 NAG EA . 8.67 -49.87 -13.17
O4 NAG EA . 6.33 -51.28 -12.24
O5 NAG EA . 5.16 -47.83 -12.43
O6 NAG EA . 2.77 -49.44 -11.63
O7 NAG EA . 8.83 -45.53 -13.63
C1 NAG EA . 7.16 -51.80 -11.18
C2 NAG EA . 6.57 -53.11 -10.67
C3 NAG EA . 7.45 -53.72 -9.59
C4 NAG EA . 8.88 -53.86 -10.11
C5 NAG EA . 9.39 -52.52 -10.64
C6 NAG EA . 10.75 -52.62 -11.29
C7 NAG EA . 4.14 -53.44 -10.72
C8 NAG EA . 2.83 -53.13 -10.06
N2 NAG EA . 5.22 -52.90 -10.16
O3 NAG EA . 6.94 -54.99 -9.21
O4 NAG EA . 9.73 -54.30 -9.06
O5 NAG EA . 8.50 -52.04 -11.66
O6 NAG EA . 11.01 -51.52 -12.13
O7 NAG EA . 4.20 -54.15 -11.72
C1 BMA EA . 10.12 -55.66 -9.35
C2 BMA EA . 11.38 -55.98 -8.52
C3 BMA EA . 11.76 -57.44 -8.73
C4 BMA EA . 10.56 -58.37 -8.50
C5 BMA EA . 9.36 -57.91 -9.34
C6 BMA EA . 8.14 -58.74 -9.04
O2 BMA EA . 11.12 -55.82 -7.15
O3 BMA EA . 12.81 -57.84 -7.86
O4 BMA EA . 10.90 -59.70 -8.85
O5 BMA EA . 9.07 -56.56 -9.02
O6 BMA EA . 8.12 -58.98 -7.65
C1 MAN EA . 7.14 -60.01 -7.38
C2 MAN EA . 6.32 -59.54 -6.13
C3 MAN EA . 7.10 -59.77 -4.84
C4 MAN EA . 7.66 -61.19 -4.78
C5 MAN EA . 8.58 -61.35 -5.99
C6 MAN EA . 9.28 -62.70 -6.02
O2 MAN EA . 5.12 -60.29 -5.99
O3 MAN EA . 6.28 -59.49 -3.70
O4 MAN EA . 8.40 -61.41 -3.60
O5 MAN EA . 7.78 -61.27 -7.18
O6 MAN EA . 8.51 -63.58 -6.82
C1 MAN EA . 7.04 -58.73 -2.73
C2 MAN EA . 6.07 -58.40 -1.53
C3 MAN EA . 5.18 -57.20 -1.84
C4 MAN EA . 6.02 -56.03 -2.35
C5 MAN EA . 6.74 -56.46 -3.63
C6 MAN EA . 7.58 -55.35 -4.22
O2 MAN EA . 6.80 -58.03 -0.36
O3 MAN EA . 4.41 -56.80 -0.72
O4 MAN EA . 5.19 -54.92 -2.62
O5 MAN EA . 7.63 -57.56 -3.32
O6 MAN EA . 8.17 -55.84 -5.43
C1 MAN EA . 9.39 -64.21 -7.76
C2 MAN EA . 9.33 -63.39 -9.07
C3 MAN EA . 7.94 -63.51 -9.69
C4 MAN EA . 7.53 -64.98 -9.84
C5 MAN EA . 7.63 -65.68 -8.47
C6 MAN EA . 7.31 -67.16 -8.54
O2 MAN EA . 10.24 -63.91 -10.05
O3 MAN EA . 7.89 -62.85 -10.95
O4 MAN EA . 6.19 -65.06 -10.31
O5 MAN EA . 8.97 -65.55 -7.99
O6 MAN EA . 7.30 -67.65 -7.21
C1 MAN EA . 14.00 -57.07 -8.17
C2 MAN EA . 15.06 -58.06 -8.69
C3 MAN EA . 15.49 -59.00 -7.56
C4 MAN EA . 15.89 -58.19 -6.31
C5 MAN EA . 14.74 -57.27 -5.90
C6 MAN EA . 15.08 -56.39 -4.71
O2 MAN EA . 16.23 -57.38 -9.11
O3 MAN EA . 16.57 -59.85 -7.97
O4 MAN EA . 16.20 -59.07 -5.24
O5 MAN EA . 14.44 -56.40 -7.01
O6 MAN EA . 15.86 -55.29 -5.18
C1 NAG FA . 18.07 -12.39 -36.25
C2 NAG FA . 19.50 -12.16 -36.77
C3 NAG FA . 19.62 -10.74 -37.33
C4 NAG FA . 18.54 -10.49 -38.38
C5 NAG FA . 17.16 -10.81 -37.81
C6 NAG FA . 16.05 -10.72 -38.84
C7 NAG FA . 21.01 -13.56 -35.46
C8 NAG FA . 22.01 -13.61 -34.35
N2 NAG FA . 20.47 -12.37 -35.73
O3 NAG FA . 20.91 -10.57 -37.92
O4 NAG FA . 18.58 -9.13 -38.80
O5 NAG FA . 17.14 -12.15 -37.30
O6 NAG FA . 15.85 -11.98 -39.49
O7 NAG FA . 20.70 -14.57 -36.09
C1 NAG FA . 18.84 -9.07 -40.22
C2 NAG FA . 18.59 -7.64 -40.69
C3 NAG FA . 18.89 -7.52 -42.19
C4 NAG FA . 20.29 -8.02 -42.50
C5 NAG FA . 20.49 -9.42 -41.94
C6 NAG FA . 21.91 -9.92 -42.09
C7 NAG FA . 16.91 -5.94 -40.16
C8 NAG FA . 15.46 -5.68 -39.87
N2 NAG FA . 17.24 -7.21 -40.40
O3 NAG FA . 18.76 -6.15 -42.59
O4 NAG FA . 20.50 -8.03 -43.91
O5 NAG FA . 20.19 -9.45 -40.54
O6 NAG FA . 22.83 -8.84 -42.16
O7 NAG FA . 17.74 -5.04 -40.19
C1 NAG GA . -1.53 -22.43 -35.56
C2 NAG GA . -3.00 -22.11 -35.31
C3 NAG GA . -3.89 -23.16 -35.99
C4 NAG GA . -3.54 -23.27 -37.46
C5 NAG GA . -2.06 -23.60 -37.60
C6 NAG GA . -1.60 -23.66 -39.04
C7 NAG GA . -4.36 -21.39 -33.39
C8 NAG GA . -4.50 -21.43 -31.91
N2 NAG GA . -3.29 -22.04 -33.89
O3 NAG GA . -5.25 -22.78 -35.84
O4 NAG GA . -4.31 -24.30 -38.07
O5 NAG GA . -1.28 -22.57 -36.97
O6 NAG GA . -2.43 -22.89 -39.89
O7 NAG GA . -5.15 -20.82 -34.12
C1 NAG GA . -5.38 -23.72 -38.84
C2 NAG GA . -6.34 -24.84 -39.25
C3 NAG GA . -7.55 -24.27 -39.99
C4 NAG GA . -8.20 -23.16 -39.18
C5 NAG GA . -7.16 -22.11 -38.82
C6 NAG GA . -7.70 -21.02 -37.92
C7 NAG GA . -5.11 -25.63 -41.24
C8 NAG GA . -4.48 -26.83 -41.90
N2 NAG GA . -5.67 -25.86 -40.04
O3 NAG GA . -8.50 -25.32 -40.22
O4 NAG GA . -9.24 -22.55 -39.94
O5 NAG GA . -6.09 -22.72 -38.10
O6 NAG GA . -6.90 -20.84 -36.77
O7 NAG GA . -5.11 -24.53 -41.77
C1 NAG HA . 37.92 -47.47 -3.81
C2 NAG HA . 39.10 -46.67 -3.26
C3 NAG HA . 40.38 -47.02 -4.01
C4 NAG HA . 40.61 -48.53 -3.98
C5 NAG HA . 39.38 -49.25 -4.51
C6 NAG HA . 39.49 -50.76 -4.43
C7 NAG HA . 39.45 -44.34 -2.57
C8 NAG HA . 39.04 -42.91 -2.79
N2 NAG HA . 38.83 -45.24 -3.33
O3 NAG HA . 41.48 -46.34 -3.42
O4 NAG HA . 41.75 -48.86 -4.76
O5 NAG HA . 38.23 -48.87 -3.74
O6 NAG HA . 40.35 -51.27 -5.44
O7 NAG HA . 40.30 -44.64 -1.74
C1 NAG HA . 42.75 -49.39 -3.85
C2 NAG HA . 44.01 -49.76 -4.64
C3 NAG HA . 45.07 -50.28 -3.68
C4 NAG HA . 45.32 -49.29 -2.55
C5 NAG HA . 44.01 -48.90 -1.88
C6 NAG HA . 44.17 -47.80 -0.85
C7 NAG HA . 43.19 -50.42 -6.86
C8 NAG HA . 42.96 -51.57 -7.80
N2 NAG HA . 43.71 -50.75 -5.66
O3 NAG HA . 46.29 -50.50 -4.41
O4 NAG HA . 46.18 -49.86 -1.58
O5 NAG HA . 43.07 -48.42 -2.86
O6 NAG HA . 44.09 -46.51 -1.45
O7 NAG HA . 42.94 -49.26 -7.17
C1 NAG IA . 20.99 -23.88 -41.50
C2 NAG IA . 21.87 -22.71 -41.86
C3 NAG IA . 22.82 -23.11 -42.96
C4 NAG IA . 23.84 -24.12 -42.43
C5 NAG IA . 23.24 -25.07 -41.39
C6 NAG IA . 23.68 -24.79 -39.98
C7 NAG IA . 20.91 -20.48 -41.46
C8 NAG IA . 20.07 -19.38 -42.03
N2 NAG IA . 21.08 -21.56 -42.25
O3 NAG IA . 23.49 -21.96 -43.45
O4 NAG IA . 24.33 -24.90 -43.53
O5 NAG IA . 21.80 -25.12 -41.40
O6 NAG IA . 24.23 -25.95 -39.36
O7 NAG IA . 21.42 -20.41 -40.35
C1 NAG IA . 25.68 -25.30 -43.28
C2 NAG IA . 25.85 -26.74 -43.73
C3 NAG IA . 27.30 -27.19 -43.56
C4 NAG IA . 28.24 -26.22 -44.26
C5 NAG IA . 27.98 -24.80 -43.78
C6 NAG IA . 28.80 -23.77 -44.51
C7 NAG IA . 23.68 -27.82 -43.35
C8 NAG IA . 22.90 -28.76 -42.49
N2 NAG IA . 24.95 -27.63 -43.00
O3 NAG IA . 27.45 -28.50 -44.10
O4 NAG IA . 29.59 -26.58 -43.99
O5 NAG IA . 26.60 -24.46 -43.98
O6 NAG IA . 28.16 -22.50 -44.51
O7 NAG IA . 23.17 -27.26 -44.31
C1 NAG JA . 23.75 -36.13 -29.10
C2 NAG JA . 25.11 -36.25 -29.77
C3 NAG JA . 25.04 -37.18 -30.98
C4 NAG JA . 24.45 -38.52 -30.58
C5 NAG JA . 23.11 -38.33 -29.88
C6 NAG JA . 22.52 -39.61 -29.34
C7 NAG JA . 26.92 -34.63 -30.08
C8 NAG JA . 27.27 -33.23 -30.52
N2 NAG JA . 25.63 -34.95 -30.16
O3 NAG JA . 26.34 -37.35 -31.52
O4 NAG JA . 24.22 -39.33 -31.74
O5 NAG JA . 23.27 -37.44 -28.76
O6 NAG JA . 21.16 -39.75 -29.73
O7 NAG JA . 27.77 -35.41 -29.67
C1 NAG JA . 25.35 -40.20 -31.99
C2 NAG JA . 24.87 -41.51 -32.59
C3 NAG JA . 26.05 -42.39 -32.96
C4 NAG JA . 27.02 -41.65 -33.86
C5 NAG JA . 27.42 -40.32 -33.21
C6 NAG JA . 28.28 -39.46 -34.10
C7 NAG JA . 23.08 -43.12 -32.07
C8 NAG JA . 22.25 -43.75 -30.99
N2 NAG JA . 23.97 -42.21 -31.68
O3 NAG JA . 25.59 -43.57 -33.62
O4 NAG JA . 28.19 -42.43 -34.10
O5 NAG JA . 26.24 -39.55 -32.91
O6 NAG JA . 27.54 -38.37 -34.63
O7 NAG JA . 22.95 -43.43 -33.25
C1 NAG KA . -20.07 7.93 -24.42
C2 NAG KA . -20.89 6.66 -24.25
C3 NAG KA . -22.05 6.63 -25.25
C4 NAG KA . -22.88 7.89 -25.15
C5 NAG KA . -21.98 9.11 -25.32
C6 NAG KA . -22.71 10.43 -25.12
C7 NAG KA . -20.06 4.44 -23.57
C8 NAG KA . -21.01 4.55 -22.42
N2 NAG KA . -20.04 5.48 -24.42
O3 NAG KA . -22.86 5.49 -25.01
O4 NAG KA . -23.89 7.89 -26.16
O5 NAG KA . -20.94 9.07 -24.34
O6 NAG KA . -22.62 10.88 -23.78
O7 NAG KA . -19.34 3.46 -23.74
C1 NAG KA . -25.19 8.05 -25.54
C2 NAG KA . -26.18 8.55 -26.59
C3 NAG KA . -27.57 8.67 -25.98
C4 NAG KA . -27.99 7.35 -25.34
C5 NAG KA . -26.92 6.91 -24.34
C6 NAG KA . -27.21 5.55 -23.73
C7 NAG KA . -25.76 10.10 -28.45
C8 NAG KA . -26.21 9.00 -29.36
N2 NAG KA . -25.75 9.82 -27.14
O3 NAG KA . -28.50 9.03 -27.00
O4 NAG KA . -29.23 7.51 -24.66
O5 NAG KA . -25.65 6.79 -25.00
O6 NAG KA . -26.54 5.40 -22.48
O7 NAG KA . -25.39 11.20 -28.88
C1 BMA KA . -30.28 6.87 -25.40
C2 BMA KA . -31.02 5.95 -24.40
C3 BMA KA . -32.36 5.47 -24.99
C4 BMA KA . -33.14 6.61 -25.63
C5 BMA KA . -32.27 7.29 -26.68
C6 BMA KA . -33.00 8.41 -27.37
O2 BMA KA . -31.34 6.67 -23.22
O3 BMA KA . -33.15 4.86 -23.99
O4 BMA KA . -34.32 6.10 -26.24
O5 BMA KA . -31.13 7.83 -26.01
O6 BMA KA . -34.36 8.42 -26.90
C1 MAN KA . -34.80 9.80 -26.85
C2 MAN KA . -35.28 10.11 -25.38
C3 MAN KA . -36.70 9.60 -25.12
C4 MAN KA . -37.64 10.00 -26.26
C5 MAN KA . -37.10 9.41 -27.56
C6 MAN KA . -37.99 9.65 -28.76
O2 MAN KA . -35.33 11.52 -25.14
O3 MAN KA . -37.20 10.07 -23.88
O4 MAN KA . -38.95 9.50 -26.03
O5 MAN KA . -35.83 10.03 -27.82
O6 MAN KA . -37.15 9.88 -29.88
C1 MAN KA . -37.48 8.97 -30.96
C2 MAN KA . -36.98 7.57 -30.57
C3 MAN KA . -35.46 7.60 -30.48
C4 MAN KA . -34.83 8.14 -31.78
C5 MAN KA . -35.45 9.51 -32.13
C6 MAN KA . -35.00 10.02 -33.49
O2 MAN KA . -37.29 6.61 -31.58
O3 MAN KA . -34.93 6.32 -30.17
O4 MAN KA . -33.43 8.28 -31.62
O5 MAN KA . -36.90 9.40 -32.16
O6 MAN KA . -35.90 11.04 -33.90
C1 MAN KA . -32.87 3.45 -23.97
C2 MAN KA . -34.13 2.71 -24.44
C3 MAN KA . -35.25 2.88 -23.41
C4 MAN KA . -34.76 2.54 -22.00
C5 MAN KA . -33.50 3.35 -21.67
C6 MAN KA . -32.90 3.02 -20.32
O2 MAN KA . -33.90 1.30 -24.55
O3 MAN KA . -36.39 2.09 -23.73
O4 MAN KA . -35.77 2.85 -21.04
O5 MAN KA . -32.50 3.06 -22.66
O6 MAN KA . -31.77 3.87 -20.12
C1 NAG LA . -16.48 31.22 4.50
C2 NAG LA . -16.95 31.85 5.82
C3 NAG LA . -18.27 31.22 6.26
C4 NAG LA . -19.30 31.33 5.14
C5 NAG LA . -18.74 30.73 3.86
C6 NAG LA . -19.67 30.90 2.67
C7 NAG LA . -15.39 32.72 7.50
C8 NAG LA . -14.37 32.36 8.54
N2 NAG LA . -15.93 31.68 6.85
O3 NAG LA . -18.74 31.88 7.42
O4 NAG LA . -20.49 30.64 5.50
O5 NAG LA . -17.51 31.37 3.51
O6 NAG LA . -19.80 32.27 2.31
O7 NAG LA . -15.71 33.87 7.26
C1 NAG LA . -21.51 31.60 5.86
C2 NAG LA . -22.12 31.14 7.18
C3 NAG LA . -23.18 32.14 7.66
C4 NAG LA . -22.59 33.55 7.70
C5 NAG LA . -21.98 33.91 6.36
C6 NAG LA . -21.28 35.24 6.36
C7 NAG LA . -23.69 29.47 6.24
C8 NAG LA . -24.12 28.04 6.28
N2 NAG LA . -22.69 29.81 7.08
O3 NAG LA . -23.62 31.76 8.95
O4 NAG LA . -23.61 34.49 8.03
O5 NAG LA . -20.98 32.93 6.00
O6 NAG LA . -21.29 35.84 7.65
O7 NAG LA . -24.21 30.29 5.48
C1 NAG MA . 14.06 21.62 22.45
C2 NAG MA . 12.91 21.21 21.50
C3 NAG MA . 11.59 21.87 21.92
C4 NAG MA . 11.31 21.70 23.41
C5 NAG MA . 12.50 22.20 24.20
C6 NAG MA . 12.35 22.03 25.69
C7 NAG MA . 12.49 21.24 19.07
C8 NAG MA . 12.98 21.74 17.75
N2 NAG MA . 13.24 21.57 20.13
O3 NAG MA . 10.52 21.31 21.17
O4 NAG MA . 10.15 22.44 23.76
O5 NAG MA . 13.65 21.45 23.81
O6 NAG MA . 12.05 20.68 26.03
O7 NAG MA . 11.47 20.57 19.18
C1 NAG MA . 9.18 21.54 24.35
C2 NAG MA . 8.35 22.33 25.37
C3 NAG MA . 7.27 21.42 25.98
C4 NAG MA . 6.45 20.74 24.88
C5 NAG MA . 7.37 20.06 23.87
C6 NAG MA . 6.62 19.49 22.69
C7 NAG MA . 8.91 24.04 27.03
C8 NAG MA . 9.90 24.47 28.07
N2 NAG MA . 9.19 22.88 26.41
O3 NAG MA . 6.43 22.20 26.82
O4 NAG MA . 5.61 19.76 25.46
O5 NAG MA . 8.32 20.99 23.34
O6 NAG MA . 6.85 20.26 21.51
O7 NAG MA . 7.93 24.70 26.74
C1 BMA MA . 4.24 20.22 25.44
C2 BMA MA . 3.36 18.97 25.69
C3 BMA MA . 1.90 19.37 25.90
C4 BMA MA . 1.77 20.52 26.91
C5 BMA MA . 2.69 21.69 26.50
C6 BMA MA . 2.66 22.83 27.51
O2 BMA MA . 3.77 18.30 26.87
O3 BMA MA . 1.11 18.27 26.34
O4 BMA MA . 0.44 20.97 26.97
O5 BMA MA . 4.03 21.20 26.44
O6 BMA MA . 1.37 22.85 28.12
C1 MAN MA . 0.74 17.42 25.23
C2 MAN MA . -0.61 16.78 25.55
C3 MAN MA . -0.46 15.92 26.79
C4 MAN MA . 0.64 14.88 26.56
C5 MAN MA . 1.95 15.56 26.16
C6 MAN MA . 3.04 14.58 25.78
O2 MAN MA . -0.98 15.86 24.53
O3 MAN MA . -1.69 15.29 27.13
O4 MAN MA . 0.84 14.13 27.76
O5 MAN MA . 1.71 16.42 25.03
O6 MAN MA . 3.10 13.58 26.79
C1 MAN MA . -1.98 16.43 23.68
C2 MAN MA . -3.19 15.46 23.68
C3 MAN MA . -2.78 14.15 23.02
C4 MAN MA . -2.15 14.39 21.64
C5 MAN MA . -0.98 15.40 21.77
C6 MAN MA . -0.38 15.78 20.43
O2 MAN MA . -4.28 15.96 22.89
O3 MAN MA . -3.88 13.24 22.90
O4 MAN MA . -1.65 13.17 21.12
O5 MAN MA . -1.48 16.60 22.39
O6 MAN MA . 0.79 16.55 20.68
C1 MAN MA . 1.48 23.46 29.42
C2 MAN MA . 1.82 22.35 30.45
C3 MAN MA . 0.61 21.44 30.67
C4 MAN MA . -0.67 22.27 30.94
C5 MAN MA . -0.88 23.28 29.81
C6 MAN MA . -2.08 24.18 30.04
O2 MAN MA . 2.12 22.90 31.73
O3 MAN MA . 0.83 20.52 31.73
O4 MAN MA . -1.79 21.40 31.01
O5 MAN MA . 0.28 24.13 29.74
O6 MAN MA . -2.29 24.95 28.87
C1 NAG NA . 40.67 17.34 -0.04
C2 NAG NA . 41.81 17.82 -0.93
C3 NAG NA . 42.95 16.80 -0.92
C4 NAG NA . 43.40 16.53 0.50
C5 NAG NA . 42.21 16.06 1.32
C6 NAG NA . 42.54 15.83 2.79
C7 NAG NA . 41.63 19.18 -2.97
C8 NAG NA . 42.44 20.21 -2.23
N2 NAG NA . 41.36 18.06 -2.29
O3 NAG NA . 44.01 17.30 -1.73
O4 NAG NA . 44.41 15.54 0.55
O5 NAG NA . 41.17 17.05 1.27
O6 NAG NA . 41.54 15.03 3.41
O7 NAG NA . 41.25 19.35 -4.12
C1 NAG NA . 45.70 16.17 0.44
C2 NAG NA . 46.68 15.60 1.49
C3 NAG NA . 48.11 16.13 1.27
C4 NAG NA . 48.53 15.92 -0.18
C5 NAG NA . 47.50 16.54 -1.12
C6 NAG NA . 47.81 16.33 -2.58
C7 NAG NA . 46.07 16.95 3.55
C8 NAG NA . 46.35 18.25 2.83
N2 NAG NA . 46.24 15.80 2.87
O3 NAG NA . 48.99 15.45 2.14
O4 NAG NA . 49.78 16.55 -0.43
O5 NAG NA . 46.21 15.93 -0.88
O6 NAG NA . 46.67 15.86 -3.29
O7 NAG NA . 45.70 16.94 4.72
C1 BMA NA . 50.81 15.55 -0.30
C2 BMA NA . 51.95 15.86 -1.27
C3 BMA NA . 53.09 14.87 -1.02
C4 BMA NA . 53.49 14.86 0.46
C5 BMA NA . 52.26 14.52 1.30
C6 BMA NA . 52.56 14.50 2.79
O2 BMA NA . 52.48 17.15 -1.02
O3 BMA NA . 54.21 15.13 -1.85
O4 BMA NA . 54.51 13.91 0.69
O5 BMA NA . 51.28 15.51 1.05
O6 BMA NA . 53.69 13.68 3.02
C1 MAN NA . 54.47 13.92 -2.61
C2 MAN NA . 55.30 14.33 -3.86
C3 MAN NA . 55.55 13.12 -4.77
C4 MAN NA . 54.64 11.94 -4.41
C5 MAN NA . 53.22 12.47 -4.15
C6 MAN NA . 52.21 11.36 -3.96
O2 MAN NA . 56.60 14.80 -3.47
O3 MAN NA . 56.92 12.73 -4.76
O4 MAN NA . 54.61 11.00 -5.46
O5 MAN NA . 53.23 13.27 -2.96
O6 MAN NA . 52.51 10.32 -4.88
C1 NAG OA . 8.99 33.66 24.78
C2 NAG OA . 9.33 34.39 26.08
C3 NAG OA . 8.06 34.63 26.88
C4 NAG OA . 7.03 35.37 26.04
C5 NAG OA . 6.76 34.60 24.76
C6 NAG OA . 5.83 35.32 23.81
C7 NAG OA . 11.63 33.76 26.66
C8 NAG OA . 12.48 32.93 27.57
N2 NAG OA . 10.30 33.66 26.85
O3 NAG OA . 8.37 35.38 28.05
O4 NAG OA . 5.83 35.59 26.77
O5 NAG OA . 7.98 34.38 24.05
O6 NAG OA . 6.56 35.85 22.72
O7 NAG OA . 12.10 34.49 25.79
C1 NAG OA . 5.76 37.00 27.08
C2 NAG OA . 4.31 37.38 27.33
C3 NAG OA . 4.21 38.86 27.72
C4 NAG OA . 5.14 39.16 28.89
C5 NAG OA . 6.56 38.70 28.57
C6 NAG OA . 7.50 38.86 29.74
C7 NAG OA . 3.59 37.66 24.97
C8 NAG OA . 2.62 37.22 23.93
N2 NAG OA . 3.45 37.10 26.18
O3 NAG OA . 2.86 39.17 28.08
O4 NAG OA . 5.14 40.56 29.15
O5 NAG OA . 6.55 37.31 28.23
O6 NAG OA . 7.38 37.78 30.65
O7 NAG OA . 4.47 38.49 24.72
C1 NAG PA . 12.09 37.21 3.33
C2 NAG PA . 11.06 37.07 2.21
C3 NAG PA . 11.63 37.62 0.90
C4 NAG PA . 12.14 39.03 1.10
C5 NAG PA . 13.12 39.07 2.27
C6 NAG PA . 13.59 40.48 2.58
C7 NAG PA . 9.49 35.33 1.46
C8 NAG PA . 9.22 33.86 1.36
N2 NAG PA . 10.65 35.68 2.04
O3 NAG PA . 10.62 37.59 -0.10
O4 NAG PA . 12.82 39.48 -0.07
O5 NAG PA . 12.49 38.58 3.45
O6 NAG PA . 14.63 40.88 1.68
O7 NAG PA . 8.70 36.16 1.03
C1 NAG PA . 11.96 40.35 -0.84
C2 NAG PA . 12.83 41.15 -1.82
C3 NAG PA . 11.95 42.02 -2.72
C4 NAG PA . 10.88 41.17 -3.40
C5 NAG PA . 10.10 40.39 -2.35
C6 NAG PA . 9.08 39.45 -2.94
C7 NAG PA . 13.50 42.98 -0.27
C8 NAG PA . 14.67 43.70 0.33
N2 NAG PA . 13.81 41.98 -1.12
O3 NAG PA . 12.76 42.66 -3.70
O4 NAG PA . 9.99 41.99 -4.14
O5 NAG PA . 10.99 39.60 -1.57
O6 NAG PA . 7.83 40.10 -3.18
O7 NAG PA . 12.33 43.27 0.00
C1 NAG QA . 19.23 25.78 25.61
C2 NAG QA . 18.92 24.49 26.40
C3 NAG QA . 18.80 24.78 27.89
C4 NAG QA . 20.07 25.48 28.39
C5 NAG QA . 20.30 26.75 27.57
C6 NAG QA . 21.58 27.46 27.93
C7 NAG QA . 17.41 22.56 26.15
C8 NAG QA . 16.12 22.08 25.58
N2 NAG QA . 17.71 23.84 25.92
O3 NAG QA . 18.61 23.57 28.61
O4 NAG QA . 19.94 25.83 29.76
O5 NAG QA . 20.40 26.42 26.17
O6 NAG QA . 22.58 26.54 28.35
O7 NAG QA . 18.15 21.83 26.78
C1 NAG QA . 20.60 24.86 30.61
C2 NAG QA . 19.66 24.55 31.78
C3 NAG QA . 20.27 23.48 32.68
C4 NAG QA . 20.66 22.26 31.88
C5 NAG QA . 21.58 22.67 30.73
C6 NAG QA . 21.95 21.51 29.82
C7 NAG QA . 20.24 26.51 33.17
C8 NAG QA . 19.69 27.70 33.89
N2 NAG QA . 19.33 25.76 32.53
O3 NAG QA . 19.32 23.12 33.68
O4 NAG QA . 21.34 21.32 32.71
O5 NAG QA . 20.93 23.65 29.92
O6 NAG QA . 22.77 20.57 30.50
O7 NAG QA . 21.44 26.25 33.17
C1 NAG RA . 51.44 5.24 26.84
C2 NAG RA . 50.85 4.35 27.96
C3 NAG RA . 51.62 4.58 29.27
C4 NAG RA . 53.13 4.54 29.07
C5 NAG RA . 53.57 5.34 27.85
C6 NAG RA . 55.03 5.16 27.49
C7 NAG RA . 48.59 3.82 28.82
C8 NAG RA . 47.17 4.31 28.93
N2 NAG RA . 49.44 4.64 28.18
O3 NAG RA . 51.24 3.60 30.23
O4 NAG RA . 53.71 5.17 30.22
O5 NAG RA . 52.81 4.95 26.69
O6 NAG RA . 55.19 4.99 26.09
O7 NAG RA . 48.95 2.75 29.29
C1 NAG RA . 54.73 4.36 30.84
C2 NAG RA . 55.75 5.33 31.45
C3 NAG RA . 56.87 4.56 32.14
C4 NAG RA . 56.28 3.60 33.17
C5 NAG RA . 55.21 2.71 32.53
C6 NAG RA . 54.49 1.85 33.54
C7 NAG RA . 55.77 7.41 30.14
C8 NAG RA . 56.45 8.20 29.07
N2 NAG RA . 56.29 6.21 30.43
O3 NAG RA . 57.75 5.47 32.77
O4 NAG RA . 57.31 2.78 33.70
O5 NAG RA . 54.21 3.52 31.88
O6 NAG RA . 54.24 2.56 34.75
O7 NAG RA . 54.78 7.84 30.73
C1 NAG SA . 20.85 40.08 25.19
C2 NAG SA . 20.51 39.99 26.67
C3 NAG SA . 21.19 41.12 27.44
C4 NAG SA . 22.68 41.15 27.14
C5 NAG SA . 22.94 41.14 25.64
C6 NAG SA . 24.40 40.98 25.29
C7 NAG SA . 18.48 39.46 27.96
C8 NAG SA . 16.99 39.59 28.03
N2 NAG SA . 19.07 40.01 26.89
O3 NAG SA . 20.98 40.94 28.84
O4 NAG SA . 23.26 42.35 27.66
O5 NAG SA . 22.25 40.04 25.02
O6 NAG SA . 24.56 40.64 23.92
O7 NAG SA . 19.13 38.89 28.83
C1 NAG SA . 23.88 42.11 28.93
C2 NAG SA . 25.03 43.09 29.09
C3 NAG SA . 25.68 42.94 30.47
C4 NAG SA . 24.62 43.09 31.55
C5 NAG SA . 23.47 42.11 31.30
C6 NAG SA . 22.33 42.30 32.26
C7 NAG SA . 26.73 41.83 27.82
C8 NAG SA . 27.70 41.88 26.67
N2 NAG SA . 26.02 42.94 28.03
O3 NAG SA . 26.69 43.93 30.63
O4 NAG SA . 25.20 42.82 32.82
O5 NAG SA . 22.94 42.30 29.99
O6 NAG SA . 21.33 43.16 31.72
O7 NAG SA . 26.60 40.81 28.51
C1 NAG TA . 41.39 13.53 27.96
C2 NAG TA . 42.03 14.63 28.81
C3 NAG TA . 41.56 14.51 30.26
C4 NAG TA . 40.04 14.44 30.34
C5 NAG TA . 39.51 13.37 29.39
C6 NAG TA . 38.00 13.33 29.32
C7 NAG TA . 44.23 13.55 29.13
C8 NAG TA . 45.71 13.71 28.95
N2 NAG TA . 43.48 14.58 28.72
O3 NAG TA . 42.04 15.65 30.99
O4 NAG TA . 39.63 14.08 31.65
O5 NAG TA . 39.98 13.63 28.06
O6 NAG TA . 37.50 12.02 29.53
O7 NAG TA . 43.74 12.52 29.60
C1 NAG TA . 39.33 15.22 32.48
C2 NAG TA . 37.83 15.40 32.64
C3 NAG TA . 37.52 16.54 33.63
C4 NAG TA . 38.26 16.31 34.94
C5 NAG TA . 39.75 16.13 34.67
C6 NAG TA . 40.54 15.82 35.91
C7 NAG TA . 37.41 16.68 30.57
C8 NAG TA . 36.61 16.73 29.30
N2 NAG TA . 37.16 15.63 31.37
O3 NAG TA . 36.12 16.59 33.86
O4 NAG TA . 38.06 17.44 35.80
O5 NAG TA . 39.94 15.04 33.76
O6 NAG TA . 41.92 15.61 35.61
O7 NAG TA . 38.24 17.54 30.85
C1 NAG UA . 33.67 29.92 22.34
C2 NAG UA . 34.26 30.47 23.65
C3 NAG UA . 34.99 31.78 23.41
C4 NAG UA . 36.02 31.63 22.30
C5 NAG UA . 35.35 31.08 21.05
C6 NAG UA . 36.31 30.80 19.92
C7 NAG UA . 32.74 29.66 25.40
C8 NAG UA . 31.66 30.03 26.37
N2 NAG UA . 33.21 30.65 24.64
O3 NAG UA . 35.63 32.20 24.61
O4 NAG UA . 36.62 32.89 22.01
O5 NAG UA . 34.71 29.83 21.36
O6 NAG UA . 35.74 29.94 18.95
O7 NAG UA . 33.15 28.50 25.30
C1 NAG UA . 38.04 32.80 22.22
C2 NAG UA . 38.67 34.12 21.78
C3 NAG UA . 40.18 34.08 22.02
C4 NAG UA . 40.47 33.72 23.46
C5 NAG UA . 39.76 32.43 23.85
C6 NAG UA . 39.92 32.09 25.31
C7 NAG UA . 37.57 35.39 19.99
C8 NAG UA . 37.39 35.53 18.51
N2 NAG UA . 38.38 34.39 20.38
O3 NAG UA . 40.73 35.36 21.70
O4 NAG UA . 41.88 33.56 23.65
O5 NAG UA . 38.35 32.56 23.60
O6 NAG UA . 40.93 32.87 25.92
O7 NAG UA . 37.02 36.13 20.78
C1 NAG VA . -43.98 -4.31 8.61
C2 NAG VA . -45.16 -3.65 7.90
C3 NAG VA . -45.55 -2.37 8.62
C4 NAG VA . -45.83 -2.64 10.09
C5 NAG VA . -44.64 -3.34 10.73
C6 NAG VA . -44.90 -3.77 12.15
C7 NAG VA . -45.71 -2.91 5.61
C8 NAG VA . -45.18 -2.72 4.22
N2 NAG VA . -44.85 -3.39 6.51
O3 NAG VA . -46.71 -1.79 8.02
O4 NAG VA . -46.07 -1.42 10.78
O5 NAG VA . -44.32 -4.54 9.99
O6 NAG VA . -45.84 -4.83 12.22
O7 NAG VA . -46.87 -2.64 5.90
C1 NAG WA . -9.08 -20.96 48.60
C2 NAG WA . -8.84 -19.87 49.65
C3 NAG WA . -8.48 -20.48 51.01
C4 NAG WA . -9.36 -21.65 51.41
C5 NAG WA . -9.42 -22.65 50.25
C6 NAG WA . -10.36 -23.81 50.52
C7 NAG WA . -8.06 -17.74 48.73
C8 NAG WA . -6.87 -16.94 48.32
N2 NAG WA . -7.81 -18.95 49.21
O3 NAG WA . -8.58 -19.45 52.00
O4 NAG WA . -8.83 -22.29 52.56
O5 NAG WA . -9.94 -21.97 49.12
O6 NAG WA . -10.62 -24.01 51.91
O7 NAG WA . -9.20 -17.30 48.63
C1 NAG XA . -34.56 -26.59 2.88
C2 NAG XA . -35.99 -27.08 2.60
C3 NAG XA . -36.15 -27.47 1.13
C4 NAG XA . -35.27 -26.60 0.25
C5 NAG XA . -33.81 -26.95 0.53
C6 NAG XA . -32.85 -25.83 0.17
C7 NAG XA . -37.56 -28.67 3.63
C8 NAG XA . -37.70 -29.84 4.56
N2 NAG XA . -36.32 -28.19 3.46
O3 NAG XA . -37.51 -27.33 0.74
O4 NAG XA . -35.55 -26.83 -1.13
O5 NAG XA . -33.62 -27.24 1.93
O6 NAG XA . -33.54 -24.65 -0.23
O7 NAG XA . -38.53 -28.19 3.04
C1 NAG YA . -38.60 -14.06 36.02
C2 NAG YA . -38.61 -13.73 37.52
C3 NAG YA . -39.43 -12.49 37.79
C4 NAG YA . -39.00 -11.37 36.86
C5 NAG YA . -39.35 -11.74 35.42
C6 NAG YA . -38.30 -11.33 34.41
C7 NAG YA . -40.34 -15.37 38.16
C8 NAG YA . -40.67 -16.52 39.06
N2 NAG YA . -39.12 -14.86 38.30
O3 NAG YA . -39.25 -12.08 39.14
O4 NAG YA . -39.65 -10.16 37.21
O5 NAG YA . -39.55 -13.17 35.29
O6 NAG YA . -37.83 -10.02 34.66
O7 NAG YA . -41.15 -14.93 37.35
C1 NAG ZA . -46.45 -15.62 10.12
C2 NAG ZA . -47.30 -15.26 11.35
C3 NAG ZA . -48.51 -14.43 10.93
C4 NAG ZA . -48.07 -13.23 10.09
C5 NAG ZA . -47.19 -13.69 8.93
C6 NAG ZA . -46.64 -12.54 8.13
C7 NAG ZA . -48.44 -17.44 11.65
C8 NAG ZA . -48.72 -18.54 12.63
N2 NAG ZA . -47.69 -16.43 12.11
O3 NAG ZA . -49.19 -13.98 12.10
O4 NAG ZA . -49.21 -12.56 9.58
O5 NAG ZA . -46.07 -14.43 9.43
O6 NAG ZA . -46.01 -13.01 6.94
O7 NAG ZA . -48.87 -17.47 10.51
C1 NAG AB . -26.36 -18.06 60.12
C2 NAG AB . -25.52 -17.46 61.27
C3 NAG AB . -26.36 -17.31 62.54
C4 NAG AB . -26.96 -18.64 62.98
C5 NAG AB . -27.31 -19.50 61.78
C6 NAG AB . -28.56 -20.32 61.98
C7 NAG AB . -23.12 -17.98 61.08
C8 NAG AB . -22.02 -18.93 61.45
N2 NAG AB . -24.34 -18.28 61.54
O3 NAG AB . -27.40 -16.36 62.29
O4 NAG AB . -26.03 -19.34 63.81
O5 NAG AB . -27.54 -18.65 60.64
O6 NAG AB . -28.87 -20.47 63.36
O7 NAG AB . -22.90 -16.97 60.41
C1 NAG BB . -46.22 -32.70 35.59
C2 NAG BB . -47.22 -33.77 35.12
C3 NAG BB . -48.44 -33.80 36.03
C4 NAG BB . -47.97 -33.88 37.47
C5 NAG BB . -47.37 -32.53 37.86
C6 NAG BB . -46.28 -32.62 38.90
C7 NAG BB . -47.76 -34.58 32.87
C8 NAG BB . -48.20 -34.20 31.49
N2 NAG BB . -47.62 -33.58 33.74
O3 NAG BB . -49.25 -34.92 35.69
O4 NAG BB . -49.07 -34.20 38.32
O5 NAG BB . -46.81 -31.87 36.71
O6 NAG BB . -45.34 -33.65 38.62
O7 NAG BB . -47.52 -35.74 33.18
C1 NAG CB . -36.64 -24.91 38.09
C2 NAG CB . -37.88 -25.58 37.46
C3 NAG CB . -38.93 -24.53 37.12
C4 NAG CB . -39.25 -23.66 38.33
C5 NAG CB . -37.96 -23.05 38.87
C6 NAG CB . -38.17 -22.24 40.13
C7 NAG CB . -38.30 -27.29 35.75
C8 NAG CB . -37.77 -27.98 34.53
N2 NAG CB . -37.52 -26.35 36.28
O3 NAG CB . -40.12 -25.17 36.67
O4 NAG CB . -40.14 -22.62 37.96
O5 NAG CB . -37.04 -24.10 39.20
O6 NAG CB . -37.16 -22.52 41.10
O7 NAG CB . -39.40 -27.57 36.22
P PO4 DB . -4.86 -2.21 1.88
O1 PO4 DB . -3.68 -3.10 1.57
O2 PO4 DB . -5.81 -2.22 0.70
O3 PO4 DB . -4.39 -0.80 2.12
O4 PO4 DB . -5.57 -2.72 3.10
C1 NAG EB . -4.06 6.16 66.82
C2 NAG EB . -2.81 5.63 67.52
C3 NAG EB . -2.97 5.71 69.03
C4 NAG EB . -3.37 7.11 69.45
C5 NAG EB . -4.57 7.61 68.64
C6 NAG EB . -4.91 9.06 68.92
C7 NAG EB . -3.02 3.13 67.14
C8 NAG EB . -4.41 3.13 67.73
N2 NAG EB . -2.37 4.31 67.07
O3 NAG EB . -1.75 5.32 69.66
O4 NAG EB . -3.72 7.12 70.83
O5 NAG EB . -4.30 7.52 67.23
O6 NAG EB . -6.29 9.24 69.20
O7 NAG EB . -2.50 2.10 66.73
P PO4 FB . -2.94 -2.19 -1.42
O1 PO4 FB . -2.43 -1.69 -2.74
O2 PO4 FB . -1.98 -3.20 -0.84
O3 PO4 FB . -4.29 -2.85 -1.61
O4 PO4 FB . -3.09 -1.03 -0.46
P PO4 GB . -5.82 0.37 -1.62
O1 PO4 GB . -4.53 0.46 -2.41
O2 PO4 GB . -6.77 1.45 -2.07
O3 PO4 GB . -5.51 0.55 -0.14
O4 PO4 GB . -6.45 -0.98 -1.84
C1 NAG HB . -13.86 -4.58 -39.40
C2 NAG HB . -15.12 -4.28 -40.21
C3 NAG HB . -16.05 -5.48 -40.21
C4 NAG HB . -15.31 -6.73 -40.68
C5 NAG HB . -14.04 -6.93 -39.86
C6 NAG HB . -13.21 -8.08 -40.35
C7 NAG HB . -15.49 -1.85 -40.05
C8 NAG HB . -16.30 -0.77 -39.41
N2 NAG HB . -15.80 -3.11 -39.69
O3 NAG HB . -17.16 -5.23 -41.06
O4 NAG HB . -16.15 -7.87 -40.55
O5 NAG HB . -13.22 -5.76 -39.93
O6 NAG HB . -12.39 -7.70 -41.46
O7 NAG HB . -14.59 -1.61 -40.86
C1 NAG IB . 16.60 -44.80 -15.33
C2 NAG IB . 15.25 -45.52 -15.32
C3 NAG IB . 15.38 -46.87 -14.63
C4 NAG IB . 16.51 -47.68 -15.24
C5 NAG IB . 17.80 -46.87 -15.25
C6 NAG IB . 18.93 -47.57 -15.97
C7 NAG IB . 13.05 -44.44 -15.28
C8 NAG IB . 12.10 -43.59 -14.49
N2 NAG IB . 14.22 -44.71 -14.70
O3 NAG IB . 14.16 -47.58 -14.74
O4 NAG IB . 16.71 -48.88 -14.50
O5 NAG IB . 17.59 -45.63 -15.93
O6 NAG IB . 18.95 -47.25 -17.35
O7 NAG IB . 12.76 -44.87 -16.39
C1 NAG JB . 10.00 3.76 -35.06
C2 NAG JB . 9.95 4.84 -36.14
C3 NAG JB . 10.88 6.00 -35.78
C4 NAG JB . 10.56 6.51 -34.39
C5 NAG JB . 10.56 5.36 -33.37
C6 NAG JB . 10.13 5.80 -31.99
C7 NAG JB . 11.44 3.71 -37.77
C8 NAG JB . 11.58 3.22 -39.17
N2 NAG JB . 10.28 4.30 -37.45
O3 NAG JB . 10.71 7.04 -36.73
O4 NAG JB . 11.52 7.48 -33.99
O5 NAG JB . 9.65 4.34 -33.79
O6 NAG JB . 10.73 7.03 -31.62
O7 NAG JB . 12.36 3.59 -36.95
C1 NAG KB . 0.05 -32.08 -40.95
C2 NAG KB . 0.80 -33.02 -41.90
C3 NAG KB . -0.18 -33.88 -42.70
C4 NAG KB . -1.14 -34.59 -41.77
C5 NAG KB . -1.84 -33.59 -40.86
C6 NAG KB . -2.75 -34.23 -39.85
C7 NAG KB . 1.29 -31.37 -43.68
C8 NAG KB . 2.38 -30.73 -44.49
N2 NAG KB . 1.70 -32.29 -42.79
O3 NAG KB . 0.55 -34.83 -43.48
O4 NAG KB . -2.12 -35.29 -42.52
O5 NAG KB . -0.85 -32.85 -40.13
O6 NAG KB . -3.89 -34.80 -40.47
O7 NAG KB . 0.12 -31.07 -43.82
C1 NAG LB . 23.70 -20.67 -27.30
C2 NAG LB . 24.68 -20.23 -26.22
C3 NAG LB . 26.05 -19.95 -26.81
C4 NAG LB . 26.54 -21.16 -27.59
C5 NAG LB . 25.51 -21.56 -28.64
C6 NAG LB . 25.88 -22.83 -29.38
C7 NAG LB . 23.87 -19.04 -24.22
C8 NAG LB . 23.37 -17.75 -23.67
N2 NAG LB . 24.18 -19.04 -25.53
O3 NAG LB . 26.97 -19.64 -25.76
O4 NAG LB . 27.77 -20.87 -28.23
O5 NAG LB . 24.24 -21.81 -28.00
O6 NAG LB . 25.07 -23.00 -30.53
O7 NAG LB . 23.99 -20.04 -23.52
C1 NAG MB . -2.92 -6.19 -45.00
C2 NAG MB . -2.71 -5.38 -46.27
C3 NAG MB . -3.91 -5.53 -47.22
C4 NAG MB . -4.21 -7.00 -47.46
C5 NAG MB . -4.36 -7.73 -46.13
C6 NAG MB . -4.55 -9.23 -46.30
C7 NAG MB . -3.31 -3.16 -45.35
C8 NAG MB . -2.85 -1.75 -45.15
N2 NAG MB . -2.45 -3.98 -45.98
O3 NAG MB . -3.62 -4.88 -48.45
O4 NAG MB . -5.41 -7.13 -48.21
O5 NAG MB . -3.18 -7.56 -45.34
O6 NAG MB . -3.35 -9.93 -46.02
O7 NAG MB . -4.41 -3.55 -44.96
C1 NAG NB . 33.57 -38.98 -13.16
C2 NAG NB . 33.60 -39.18 -14.68
C3 NAG NB . 34.67 -38.29 -15.32
C4 NAG NB . 34.49 -36.85 -14.89
C5 NAG NB . 34.46 -36.75 -13.37
C6 NAG NB . 34.20 -35.35 -12.87
C7 NAG NB . 34.90 -41.28 -14.71
C8 NAG NB . 34.90 -42.70 -15.17
N2 NAG NB . 33.81 -40.57 -15.03
O3 NAG NB . 34.58 -38.40 -16.73
O4 NAG NB . 35.56 -36.05 -15.39
O5 NAG NB . 33.41 -37.58 -12.85
O6 NAG NB . 35.06 -34.41 -13.50
O7 NAG NB . 35.83 -40.80 -14.08
C1 NAG OB . 9.43 -56.31 -33.26
C2 NAG OB . 10.37 -56.50 -32.07
C3 NAG OB . 11.32 -57.66 -32.32
C4 NAG OB . 10.54 -58.91 -32.67
C5 NAG OB . 9.64 -58.63 -33.86
C6 NAG OB . 8.78 -59.81 -34.25
C7 NAG OB . 11.95 -54.67 -32.61
C8 NAG OB . 12.60 -53.42 -32.11
N2 NAG OB . 11.10 -55.27 -31.77
O3 NAG OB . 12.12 -57.87 -31.16
O4 NAG OB . 11.43 -59.99 -32.95
O5 NAG OB . 8.76 -57.55 -33.55
O6 NAG OB . 9.33 -61.04 -33.80
O7 NAG OB . 12.19 -55.12 -33.73
C1 NAG PB . 14.36 -27.75 -53.69
C2 NAG PB . 14.73 -26.48 -54.45
C3 NAG PB . 14.32 -26.61 -55.91
C4 NAG PB . 14.93 -27.87 -56.52
C5 NAG PB . 14.57 -29.09 -55.67
C6 NAG PB . 15.25 -30.35 -56.14
C7 NAG PB . 14.81 -24.44 -53.09
C8 NAG PB . 14.03 -23.28 -52.54
N2 NAG PB . 14.13 -25.30 -53.85
O3 NAG PB . 14.76 -25.46 -56.63
O4 NAG PB . 14.43 -28.06 -57.84
O5 NAG PB . 14.98 -28.89 -54.31
O6 NAG PB . 15.47 -30.33 -57.55
O7 NAG PB . 16.01 -24.59 -52.86
C1 NAG QB . 12.63 -31.76 -42.79
C2 NAG QB . 11.42 -32.03 -43.70
C3 NAG QB . 11.16 -30.82 -44.59
C4 NAG QB . 11.01 -29.57 -43.74
C5 NAG QB . 12.21 -29.40 -42.81
C6 NAG QB . 12.05 -28.25 -41.85
C7 NAG QB . 11.04 -34.40 -44.17
C8 NAG QB . 11.34 -35.54 -45.09
N2 NAG QB . 11.60 -33.23 -44.48
O3 NAG QB . 9.98 -31.05 -45.35
O4 NAG QB . 10.91 -28.43 -44.58
O5 NAG QB . 12.39 -30.59 -42.00
O6 NAG QB . 12.04 -27.00 -42.54
O7 NAG QB . 10.33 -34.53 -43.19
C1 NAG RB . -11.00 40.14 -1.52
C2 NAG RB . -9.87 40.84 -0.76
C3 NAG RB . -8.91 41.52 -1.74
C4 NAG RB . -8.44 40.54 -2.80
C5 NAG RB . -9.62 39.82 -3.46
C6 NAG RB . -9.18 38.72 -4.41
C7 NAG RB . -9.99 41.93 1.45
C8 NAG RB . -10.68 42.98 2.27
N2 NAG RB . -10.41 41.81 0.18
O3 NAG RB . -7.79 42.08 -1.05
O4 NAG RB . -7.69 41.23 -3.80
O5 NAG RB . -10.44 39.21 -2.47
O6 NAG RB . -10.24 37.81 -4.67
O7 NAG RB . -9.10 41.23 1.92
C1 NAG SB . -21.68 20.28 -4.49
C2 NAG SB . -22.24 19.83 -5.84
C3 NAG SB . -22.27 21.00 -6.81
C4 NAG SB . -23.00 22.19 -6.20
C5 NAG SB . -22.40 22.54 -4.84
C6 NAG SB . -23.16 23.63 -4.13
C7 NAG SB . -22.00 17.55 -6.75
C8 NAG SB . -23.49 17.43 -6.58
N2 NAG SB . -21.46 18.72 -6.38
O3 NAG SB . -22.91 20.59 -8.01
O4 NAG SB . -22.90 23.32 -7.06
O5 NAG SB . -22.44 21.39 -3.99
O6 NAG SB . -24.49 23.73 -4.59
O7 NAG SB . -21.32 16.64 -7.21
C1 NAG TB . 0.56 19.13 -10.94
C2 NAG TB . 1.28 19.34 -12.27
C3 NAG TB . 2.44 20.30 -12.10
C4 NAG TB . 1.96 21.59 -11.45
C5 NAG TB . 1.22 21.28 -10.16
C6 NAG TB . 0.65 22.50 -9.50
C7 NAG TB . 2.56 17.21 -12.28
C8 NAG TB . 2.87 15.97 -13.06
N2 NAG TB . 1.70 18.07 -12.86
O3 NAG TB . 3.03 20.56 -13.37
O4 NAG TB . 3.05 22.47 -11.21
O5 NAG TB . 0.12 20.39 -10.43
O6 NAG TB . 1.35 23.69 -9.89
O7 NAG TB . 3.07 17.44 -11.19
C1 NAG UB . 41.99 19.16 10.80
C2 NAG UB . 42.03 18.75 9.33
C3 NAG UB . 43.38 18.14 9.01
C4 NAG UB . 44.49 19.12 9.37
C5 NAG UB . 44.36 19.58 10.82
C6 NAG UB . 45.33 20.68 11.16
C7 NAG UB . 39.90 18.23 8.26
C8 NAG UB . 38.86 17.17 7.99
N2 NAG UB . 40.95 17.85 8.99
O3 NAG UB . 43.43 17.82 7.63
O4 NAG UB . 45.76 18.50 9.17
O5 NAG UB . 43.04 20.09 11.08
O6 NAG UB . 45.09 21.82 10.36
O7 NAG UB . 39.79 19.38 7.83
C1 NAG VB . -9.05 30.47 21.10
C2 NAG VB . -10.03 31.49 21.69
C3 NAG VB . -10.77 30.90 22.88
C4 NAG VB . -11.42 29.57 22.50
C5 NAG VB . -10.38 28.64 21.87
C6 NAG VB . -11.00 27.35 21.36
C7 NAG VB . -9.83 33.94 21.71
C8 NAG VB . -9.01 35.11 22.16
N2 NAG VB . -9.36 32.73 22.05
O3 NAG VB . -11.76 31.81 23.31
O4 NAG VB . -11.97 28.96 23.65
O5 NAG VB . -9.75 29.27 20.75
O6 NAG VB . -12.37 27.54 21.05
O7 NAG VB . -10.85 34.07 21.05
C1 NAG WB . 21.35 42.75 3.70
C2 NAG WB . 20.43 43.93 3.37
C3 NAG WB . 20.65 44.44 1.95
C4 NAG WB . 22.13 44.72 1.71
C5 NAG WB . 22.96 43.48 2.05
C6 NAG WB . 24.45 43.72 1.92
C7 NAG WB . 18.35 42.69 2.87
C8 NAG WB . 16.92 42.49 3.26
N2 NAG WB . 19.03 43.59 3.59
O3 NAG WB . 19.91 45.63 1.76
O4 NAG WB . 22.35 45.06 0.35
O5 NAG WB . 22.72 43.10 3.40
O6 NAG WB . 24.75 44.83 1.10
O7 NAG WB . 18.87 42.07 1.95
C1 NAG XB . -4.96 43.22 9.31
C2 NAG XB . -6.16 43.82 10.03
C3 NAG XB . -6.61 45.13 9.37
C4 NAG XB . -5.44 46.09 9.22
C5 NAG XB . -4.31 45.41 8.47
C6 NAG XB . -3.08 46.27 8.36
C7 NAG XB . -7.90 42.36 9.04
C8 NAG XB . -9.01 41.41 9.34
N2 NAG XB . -7.27 42.87 10.11
O3 NAG XB . -7.64 45.72 10.15
O4 NAG XB . -5.85 47.25 8.52
O5 NAG XB . -3.92 44.21 9.17
O6 NAG XB . -3.39 47.57 7.91
O7 NAG XB . -7.59 42.66 7.89
C1 NAG YB . 47.70 38.74 3.93
C2 NAG YB . 48.73 39.38 3.00
C3 NAG YB . 50.14 39.09 3.49
C4 NAG YB . 50.30 39.50 4.94
C5 NAG YB . 49.20 38.87 5.80
C6 NAG YB . 49.23 39.33 7.24
C7 NAG YB . 48.61 37.66 1.22
C8 NAG YB . 48.38 37.43 -0.23
N2 NAG YB . 48.55 38.94 1.63
O3 NAG YB . 51.09 39.76 2.67
O4 NAG YB . 51.56 39.09 5.45
O5 NAG YB . 47.91 39.22 5.28
O6 NAG YB . 48.24 40.33 7.52
O7 NAG YB . 48.85 36.74 2.00
C1 NAG ZB . 25.99 44.02 14.12
C2 NAG ZB . 25.24 45.34 14.05
C3 NAG ZB . 25.75 46.12 12.85
C4 NAG ZB . 27.26 46.28 12.93
C5 NAG ZB . 27.96 44.94 13.18
C6 NAG ZB . 29.43 45.08 13.48
C7 NAG ZB . 22.99 45.11 15.02
C8 NAG ZB . 21.54 44.88 14.74
N2 NAG ZB . 23.81 45.12 13.95
O3 NAG ZB . 25.12 47.40 12.82
O4 NAG ZB . 27.73 46.82 11.69
O5 NAG ZB . 27.37 44.27 14.31
O6 NAG ZB . 29.65 45.70 14.74
O7 NAG ZB . 23.43 45.27 16.16
C1 NAG AC . -4.62 -67.11 -5.58
C2 NAG AC . -5.94 -67.55 -4.92
C3 NAG AC . -6.07 -69.08 -4.89
C4 NAG AC . -5.78 -69.68 -6.26
C5 NAG AC . -4.46 -69.15 -6.81
C6 NAG AC . -4.17 -69.63 -8.22
C7 NAG AC . -5.47 -67.09 -2.48
C8 NAG AC . -4.27 -68.01 -2.50
N2 NAG AC . -6.18 -66.95 -3.61
O3 NAG AC . -7.39 -69.42 -4.49
O4 NAG AC . -5.75 -71.10 -6.18
O5 NAG AC . -4.49 -67.71 -6.87
O6 NAG AC . -4.00 -71.04 -8.25
O7 NAG AC . -5.79 -66.50 -1.45
C1 MAN BC . 15.84 -1.43 -19.72
C2 MAN BC . 16.47 -0.80 -20.99
C3 MAN BC . 17.86 -0.27 -20.67
C4 MAN BC . 17.82 0.65 -19.44
C5 MAN BC . 17.23 -0.12 -18.25
C6 MAN BC . 17.09 0.73 -17.01
O2 MAN BC . 15.72 0.32 -21.44
O3 MAN BC . 18.42 0.43 -21.78
O4 MAN BC . 19.13 1.08 -19.11
O5 MAN BC . 15.90 -0.57 -18.61
O6 MAN BC . 16.12 1.74 -17.27
C1 NAG CC . 56.37 15.64 -17.13
C2 NAG CC . 57.27 14.51 -16.61
C3 NAG CC . 58.48 14.30 -17.53
C4 NAG CC . 59.29 15.58 -17.67
C5 NAG CC . 58.38 16.80 -17.68
C6 NAG CC . 58.85 17.88 -18.63
C7 NAG CC . 57.43 13.93 -14.24
C8 NAG CC . 56.69 12.69 -14.59
N2 NAG CC . 57.69 14.76 -15.25
O3 NAG CC . 58.01 13.90 -18.82
O4 NAG CC . 60.22 15.69 -16.61
O5 NAG CC . 57.07 16.41 -18.11
O6 NAG CC . 60.25 17.86 -18.81
O7 NAG CC . 57.80 14.16 -13.09
C1 MAN DC . -34.07 11.19 -22.15
C2 MAN DC . -35.44 11.28 -21.46
C3 MAN DC . -35.28 11.35 -19.94
C4 MAN DC . -34.32 10.26 -19.43
C5 MAN DC . -32.99 10.37 -20.18
C6 MAN DC . -32.00 9.29 -19.77
O2 MAN DC . -36.22 10.11 -21.72
O3 MAN DC . -36.54 11.26 -19.28
O4 MAN DC . -34.10 10.42 -18.04
O5 MAN DC . -33.24 10.21 -21.58
O6 MAN DC . -30.82 9.46 -20.56
C1 NAG EC . 24.59 -54.42 25.71
C2 NAG EC . 23.62 -55.42 26.30
C3 NAG EC . 22.25 -55.25 25.67
C4 NAG EC . 21.78 -53.80 25.83
C5 NAG EC . 22.85 -52.84 25.31
C6 NAG EC . 22.50 -51.40 25.54
C7 NAG EC . 24.73 -57.45 27.11
C8 NAG EC . 25.17 -58.84 26.78
N2 NAG EC . 24.10 -56.78 26.14
O3 NAG EC . 21.32 -56.13 26.29
O4 NAG EC . 20.57 -53.62 25.11
O5 NAG EC . 24.11 -53.10 25.94
O6 NAG EC . 21.56 -50.92 24.60
O7 NAG EC . 24.95 -56.93 28.20
C1 NAG FC . 17.16 -51.98 12.86
C2 NAG FC . 17.16 -53.52 12.70
C3 NAG FC . 16.19 -53.96 11.59
C4 NAG FC . 14.81 -53.35 11.82
C5 NAG FC . 14.93 -51.84 11.91
C6 NAG FC . 13.61 -51.16 12.20
C7 NAG FC . 19.22 -53.77 11.37
C8 NAG FC . 20.58 -54.42 11.31
N2 NAG FC . 18.50 -54.04 12.46
O3 NAG FC . 16.10 -55.38 11.59
O4 NAG FC . 13.95 -53.68 10.72
O5 NAG FC . 15.80 -51.51 13.00
O6 NAG FC . 12.54 -51.81 11.53
O7 NAG FC . 18.82 -53.04 10.46
C1 NAG GC . 28.56 -62.51 15.14
C2 NAG GC . 27.72 -63.59 15.82
C3 NAG GC . 27.06 -64.48 14.78
C4 NAG GC . 26.26 -63.64 13.79
C5 NAG GC . 27.15 -62.55 13.18
C6 NAG GC . 26.39 -61.60 12.29
C7 NAG GC . 28.36 -64.40 18.05
C8 NAG GC . 29.29 -65.28 18.83
N2 NAG GC . 28.53 -64.39 16.73
O3 NAG GC . 26.20 -65.41 15.42
O4 NAG GC . 25.74 -64.46 12.74
O5 NAG GC . 27.73 -61.76 14.22
O6 NAG GC . 25.99 -60.44 12.99
O7 NAG GC . 27.49 -63.73 18.60
C1 NAG HC . 34.86 -13.79 52.34
C2 NAG HC . 35.66 -12.54 52.71
C3 NAG HC . 34.85 -11.30 52.38
C4 NAG HC . 34.45 -11.33 50.90
C5 NAG HC . 33.75 -12.64 50.56
C6 NAG HC . 33.46 -12.78 49.09
C7 NAG HC . 37.29 -12.50 54.54
C8 NAG HC . 37.49 -12.52 56.03
N2 NAG HC . 36.02 -12.55 54.12
O3 NAG HC . 35.62 -10.14 52.66
O4 NAG HC . 33.58 -10.24 50.62
O5 NAG HC . 34.58 -13.76 50.93
O6 NAG HC . 32.09 -12.60 48.81
O7 NAG HC . 38.22 -12.44 53.76
C1 NAG IC . 20.14 -9.86 49.94
C2 NAG IC . 20.39 -9.83 51.47
C3 NAG IC . 19.06 -9.81 52.24
C4 NAG IC . 18.11 -8.73 51.71
C5 NAG IC . 17.89 -8.98 50.23
C6 NAG IC . 16.97 -7.97 49.60
C7 NAG IC . 20.74 -12.25 51.83
C8 NAG IC . 21.70 -13.28 52.31
N2 NAG IC . 21.18 -10.98 51.88
O3 NAG IC . 19.32 -9.58 53.62
O4 NAG IC . 16.86 -8.80 52.39
O5 NAG IC . 19.15 -8.88 49.57
O6 NAG IC . 16.59 -6.96 50.53
O7 NAG IC . 19.63 -12.54 51.40
C1 NAG JC . 16.66 -29.96 58.94
C2 NAG JC . 17.06 -29.76 60.39
C3 NAG JC . 15.82 -29.45 61.23
C4 NAG JC . 15.08 -28.26 60.64
C5 NAG JC . 14.82 -28.45 59.15
C6 NAG JC . 14.26 -27.22 58.48
C7 NAG JC . 19.08 -31.07 60.89
C8 NAG JC . 19.62 -32.33 61.47
N2 NAG JC . 17.75 -30.93 60.92
O3 NAG JC . 16.20 -29.19 62.57
O4 NAG JC . 13.84 -28.07 61.31
O5 NAG JC . 16.04 -28.77 58.45
O6 NAG JC . 14.54 -27.24 57.08
O7 NAG JC . 19.80 -30.20 60.42
C1 NAG KC . 26.83 -18.55 61.28
C2 NAG KC . 26.96 -19.22 62.64
C3 NAG KC . 25.78 -18.84 63.53
C4 NAG KC . 25.62 -17.33 63.61
C5 NAG KC . 25.55 -16.73 62.20
C6 NAG KC . 25.53 -15.23 62.20
C7 NAG KC . 28.24 -21.30 62.44
C8 NAG KC . 28.17 -22.79 62.31
N2 NAG KC . 27.07 -20.65 62.52
O3 NAG KC . 25.98 -19.38 64.83
O4 NAG KC . 24.44 -17.00 64.32
O5 NAG KC . 26.70 -17.13 61.45
O6 NAG KC . 26.50 -14.69 61.32
O7 NAG KC . 29.32 -20.70 62.46
C1 NAG LC . 57.04 -21.11 8.05
C2 NAG LC . 57.76 -22.45 7.76
C3 NAG LC . 57.52 -22.88 6.31
C4 NAG LC . 56.03 -22.85 5.97
C5 NAG LC . 55.43 -21.51 6.34
C6 NAG LC . 53.93 -21.43 6.11
C7 NAG LC . 59.95 -23.41 8.29
C8 NAG LC . 61.40 -23.12 8.53
N2 NAG LC . 59.19 -22.35 8.02
O3 NAG LC . 58.03 -24.19 6.12
O4 NAG LC . 55.85 -23.09 4.58
O5 NAG LC . 55.65 -21.23 7.72
O6 NAG LC . 53.45 -20.11 6.31
O7 NAG LC . 59.50 -24.55 8.34
C1 NAG MC . 51.27 -8.67 3.81
C2 NAG MC . 52.71 -8.28 3.52
C3 NAG MC . 52.76 -7.35 2.32
C4 NAG MC . 52.03 -7.96 1.13
C5 NAG MC . 50.63 -8.44 1.53
C6 NAG MC . 49.92 -9.18 0.43
C7 NAG MC . 52.89 -6.60 5.33
C8 NAG MC . 53.70 -6.15 6.51
N2 NAG MC . 53.34 -7.68 4.68
O3 NAG MC . 54.11 -7.08 1.98
O4 NAG MC . 51.92 -7.00 0.09
O5 NAG MC . 50.70 -9.31 2.66
O6 NAG MC . 49.62 -8.34 -0.66
O7 NAG MC . 51.87 -6.00 4.98
C1 NAG NC . 60.51 -0.82 22.45
C2 NAG NC . 61.99 -0.52 22.29
C3 NAG NC . 62.24 0.94 22.59
C4 NAG NC . 61.37 1.82 21.71
C5 NAG NC . 59.89 1.41 21.77
C6 NAG NC . 59.03 2.17 20.78
C7 NAG NC . 63.91 -1.98 22.70
C8 NAG NC . 64.66 -2.80 23.71
N2 NAG NC . 62.81 -1.36 23.14
O3 NAG NC . 63.62 1.22 22.35
O4 NAG NC . 61.49 3.17 22.12
O5 NAG NC . 59.74 0.01 21.50
O6 NAG NC . 57.73 1.62 20.63
O7 NAG NC . 64.26 -1.90 21.53
#